data_1TM9
#
_entry.id   1TM9
#
_cell.length_a   1.000
_cell.length_b   1.000
_cell.length_c   1.000
_cell.angle_alpha   90.00
_cell.angle_beta   90.00
_cell.angle_gamma   90.00
#
_symmetry.space_group_name_H-M   'P 1'
#
_entity_poly.entity_id   1
_entity_poly.type   'polypeptide(L)'
_entity_poly.pdbx_seq_one_letter_code
;MEQNNIKEQLISFFNQACSTHQERLDFICSTRESDTFSSVDVPLEPIKNIIEITKDENQQIEITKIAVNNIKTLSSVGAT
GQYMASFFSTNSEPAIIFCVIYFLYHFGFLKDNNKKQIIKKAYETIADNIADYLNEN
;
_entity_poly.pdbx_strand_id   A
#
# COMPACT_ATOMS: atom_id res chain seq x y z
N MET A 1 12.96 -23.09 -5.31
CA MET A 1 13.10 -22.22 -6.46
C MET A 1 14.30 -21.28 -6.29
N GLU A 2 14.27 -20.53 -5.19
CA GLU A 2 15.34 -19.59 -4.90
C GLU A 2 15.12 -18.94 -3.53
N GLN A 3 16.07 -18.11 -3.15
CA GLN A 3 15.99 -17.42 -1.87
C GLN A 3 14.62 -16.79 -1.69
N ASN A 4 14.27 -16.54 -0.44
CA ASN A 4 12.99 -15.94 -0.11
C ASN A 4 12.81 -15.89 1.40
N ASN A 5 11.79 -15.17 1.83
CA ASN A 5 11.50 -15.03 3.25
C ASN A 5 10.31 -14.09 3.44
N ILE A 6 10.31 -13.41 4.58
CA ILE A 6 9.24 -12.48 4.89
C ILE A 6 8.80 -11.77 3.62
N LYS A 7 9.71 -10.93 3.10
CA LYS A 7 9.43 -10.18 1.90
C LYS A 7 8.62 -11.05 0.93
N GLU A 8 9.17 -12.21 0.62
CA GLU A 8 8.51 -13.13 -0.28
C GLU A 8 7.11 -13.48 0.23
N GLN A 9 7.06 -13.86 1.50
CA GLN A 9 5.79 -14.21 2.12
C GLN A 9 4.73 -13.15 1.81
N LEU A 10 5.17 -11.90 1.82
CA LEU A 10 4.27 -10.79 1.54
C LEU A 10 3.86 -10.85 0.07
N ILE A 11 4.86 -10.80 -0.80
CA ILE A 11 4.60 -10.84 -2.23
C ILE A 11 3.63 -11.97 -2.54
N SER A 12 4.07 -13.18 -2.26
CA SER A 12 3.25 -14.37 -2.51
C SER A 12 1.79 -14.05 -2.19
N PHE A 13 1.49 -13.97 -0.90
CA PHE A 13 0.14 -13.68 -0.46
C PHE A 13 -0.50 -12.60 -1.33
N PHE A 14 0.03 -11.39 -1.22
CA PHE A 14 -0.48 -10.27 -1.98
C PHE A 14 -0.73 -10.68 -3.45
N ASN A 15 0.30 -11.24 -4.06
CA ASN A 15 0.21 -11.68 -5.44
C ASN A 15 -0.91 -12.72 -5.57
N GLN A 16 -1.11 -13.47 -4.49
CA GLN A 16 -2.14 -14.49 -4.47
C GLN A 16 -3.46 -13.91 -3.96
N ALA A 17 -3.66 -12.63 -4.25
CA ALA A 17 -4.87 -11.95 -3.84
C ALA A 17 -5.40 -11.10 -5.00
N CYS A 18 -4.70 -10.01 -5.28
CA CYS A 18 -5.09 -9.13 -6.35
C CYS A 18 -5.12 -9.93 -7.66
N SER A 19 -5.13 -9.20 -8.77
CA SER A 19 -5.16 -9.83 -10.07
C SER A 19 -4.10 -9.20 -10.98
N THR A 20 -4.51 -8.16 -11.68
CA THR A 20 -3.61 -7.46 -12.59
C THR A 20 -2.71 -6.51 -11.80
N HIS A 21 -2.04 -5.64 -12.54
CA HIS A 21 -1.13 -4.68 -11.94
C HIS A 21 -1.90 -3.39 -11.61
N GLN A 22 -2.47 -2.81 -12.67
CA GLN A 22 -3.24 -1.58 -12.52
C GLN A 22 -4.10 -1.64 -11.25
N GLU A 23 -4.45 -2.86 -10.87
CA GLU A 23 -5.27 -3.07 -9.69
C GLU A 23 -4.88 -2.08 -8.60
N ARG A 24 -3.58 -2.03 -8.31
CA ARG A 24 -3.07 -1.14 -7.29
C ARG A 24 -3.68 0.26 -7.46
N LEU A 25 -3.35 0.89 -8.57
CA LEU A 25 -3.84 2.22 -8.86
C LEU A 25 -5.36 2.23 -8.69
N ASP A 26 -5.95 1.05 -8.80
CA ASP A 26 -7.39 0.92 -8.66
C ASP A 26 -7.76 0.82 -7.18
N PHE A 27 -6.87 0.18 -6.42
CA PHE A 27 -7.08 0.03 -5.00
C PHE A 27 -7.06 1.38 -4.28
N ILE A 28 -5.93 2.06 -4.38
CA ILE A 28 -5.77 3.36 -3.75
C ILE A 28 -7.11 4.08 -3.77
N CYS A 29 -7.82 3.95 -4.88
CA CYS A 29 -9.12 4.59 -5.03
C CYS A 29 -10.19 3.61 -4.54
N SER A 30 -10.40 2.56 -5.33
CA SER A 30 -11.38 1.56 -4.99
C SER A 30 -11.43 1.35 -3.48
N THR A 31 -10.26 1.19 -2.89
CA THR A 31 -10.15 0.99 -1.46
C THR A 31 -10.87 2.11 -0.71
N ARG A 32 -10.38 3.33 -0.92
CA ARG A 32 -10.95 4.49 -0.27
C ARG A 32 -12.14 5.01 -1.08
N GLU A 33 -13.00 4.09 -1.48
CA GLU A 33 -14.17 4.45 -2.27
C GLU A 33 -15.10 3.23 -2.40
N SER A 34 -15.20 2.47 -1.32
CA SER A 34 -16.05 1.30 -1.30
C SER A 34 -17.18 1.47 -0.28
N ASP A 35 -17.05 0.73 0.81
CA ASP A 35 -18.04 0.79 1.87
C ASP A 35 -17.52 0.02 3.09
N THR A 36 -17.11 -1.21 2.84
CA THR A 36 -16.59 -2.07 3.89
C THR A 36 -15.07 -2.15 3.83
N PHE A 37 -14.55 -1.80 2.65
CA PHE A 37 -13.11 -1.83 2.44
C PHE A 37 -12.57 -3.26 2.58
N SER A 38 -13.49 -4.21 2.61
CA SER A 38 -13.12 -5.61 2.74
C SER A 38 -13.69 -6.40 1.56
N SER A 39 -14.40 -5.70 0.71
CA SER A 39 -15.00 -6.33 -0.46
C SER A 39 -14.22 -5.96 -1.72
N VAL A 40 -13.18 -5.17 -1.51
CA VAL A 40 -12.34 -4.73 -2.62
C VAL A 40 -12.06 -5.93 -3.54
N ASP A 41 -11.58 -5.61 -4.73
CA ASP A 41 -11.26 -6.65 -5.70
C ASP A 41 -10.05 -7.45 -5.23
N VAL A 42 -10.24 -8.14 -4.11
CA VAL A 42 -9.17 -8.94 -3.55
C VAL A 42 -9.74 -9.84 -2.45
N PRO A 43 -9.23 -11.10 -2.40
CA PRO A 43 -9.68 -12.05 -1.42
C PRO A 43 -9.10 -11.74 -0.04
N LEU A 44 -9.91 -11.95 0.98
CA LEU A 44 -9.49 -11.70 2.35
C LEU A 44 -8.67 -12.89 2.86
N GLU A 45 -8.89 -14.03 2.22
CA GLU A 45 -8.20 -15.25 2.59
C GLU A 45 -6.69 -15.00 2.65
N PRO A 46 -6.14 -14.55 1.49
CA PRO A 46 -4.72 -14.27 1.39
C PRO A 46 -4.37 -12.97 2.10
N ILE A 47 -5.16 -11.94 1.82
CA ILE A 47 -4.94 -10.64 2.42
C ILE A 47 -4.81 -10.80 3.94
N LYS A 48 -5.55 -11.76 4.47
CA LYS A 48 -5.52 -12.02 5.90
C LYS A 48 -4.09 -12.38 6.32
N ASN A 49 -3.35 -12.94 5.37
CA ASN A 49 -1.98 -13.33 5.63
C ASN A 49 -1.09 -12.09 5.61
N ILE A 50 -1.41 -11.17 4.71
CA ILE A 50 -0.65 -9.95 4.58
C ILE A 50 -1.16 -8.93 5.60
N ILE A 51 -2.14 -9.37 6.38
CA ILE A 51 -2.73 -8.50 7.40
C ILE A 51 -2.17 -8.89 8.77
N GLU A 52 -1.91 -10.18 8.93
CA GLU A 52 -1.37 -10.69 10.17
C GLU A 52 0.16 -10.63 10.16
N ILE A 53 0.66 -9.52 9.66
CA ILE A 53 2.10 -9.31 9.58
C ILE A 53 2.50 -8.14 10.49
N THR A 54 1.62 -7.16 10.54
CA THR A 54 1.87 -5.98 11.36
C THR A 54 1.16 -6.11 12.70
N LYS A 55 0.92 -7.35 13.09
CA LYS A 55 0.26 -7.64 14.35
C LYS A 55 1.30 -7.86 15.44
N ASP A 56 2.43 -7.18 15.27
CA ASP A 56 3.52 -7.29 16.22
C ASP A 56 4.12 -5.90 16.48
N GLU A 57 4.57 -5.71 17.71
CA GLU A 57 5.16 -4.43 18.09
C GLU A 57 6.26 -4.04 17.11
N ASN A 58 7.44 -4.59 17.33
CA ASN A 58 8.59 -4.30 16.48
C ASN A 58 8.11 -4.19 15.03
N GLN A 59 7.14 -5.03 14.69
CA GLN A 59 6.60 -5.04 13.34
C GLN A 59 5.99 -3.68 13.01
N GLN A 60 4.98 -3.30 13.78
CA GLN A 60 4.32 -2.02 13.57
C GLN A 60 5.35 -0.91 13.40
N ILE A 61 6.35 -0.94 14.27
CA ILE A 61 7.40 0.06 14.23
C ILE A 61 8.17 -0.07 12.91
N GLU A 62 8.94 -1.14 12.81
CA GLU A 62 9.73 -1.39 11.62
C GLU A 62 8.92 -1.07 10.37
N ILE A 63 7.60 -1.25 10.49
CA ILE A 63 6.71 -0.98 9.39
C ILE A 63 6.57 0.54 9.19
N THR A 64 6.30 1.21 10.30
CA THR A 64 6.15 2.66 10.27
C THR A 64 7.25 3.29 9.39
N LYS A 65 8.48 3.11 9.84
CA LYS A 65 9.62 3.66 9.12
C LYS A 65 9.61 3.13 7.69
N ILE A 66 9.32 1.84 7.57
CA ILE A 66 9.28 1.20 6.26
C ILE A 66 8.36 2.00 5.35
N ALA A 67 7.20 2.36 5.87
CA ALA A 67 6.23 3.12 5.10
C ALA A 67 6.83 4.48 4.74
N VAL A 68 7.47 5.09 5.73
CA VAL A 68 8.09 6.39 5.52
C VAL A 68 9.20 6.26 4.47
N ASN A 69 9.95 5.17 4.57
CA ASN A 69 11.03 4.92 3.65
C ASN A 69 10.57 5.24 2.22
N ASN A 70 9.27 5.11 2.02
CA ASN A 70 8.69 5.38 0.71
C ASN A 70 8.25 6.84 0.64
N ILE A 71 7.58 7.27 1.70
CA ILE A 71 7.11 8.64 1.78
C ILE A 71 8.29 9.60 1.65
N LYS A 72 9.31 9.35 2.46
CA LYS A 72 10.50 10.18 2.44
C LYS A 72 11.05 10.25 1.01
N THR A 73 10.73 9.22 0.24
CA THR A 73 11.18 9.16 -1.14
C THR A 73 10.14 9.81 -2.07
N LEU A 74 8.89 9.70 -1.68
CA LEU A 74 7.80 10.27 -2.46
C LEU A 74 7.90 11.79 -2.41
N SER A 75 8.78 12.27 -1.54
CA SER A 75 8.98 13.71 -1.39
C SER A 75 10.03 14.19 -2.38
N SER A 76 9.94 13.67 -3.59
CA SER A 76 10.87 14.05 -4.65
C SER A 76 10.39 13.50 -6.00
N VAL A 77 10.30 12.18 -6.06
CA VAL A 77 9.85 11.53 -7.27
C VAL A 77 10.47 12.24 -8.48
N GLY A 78 11.72 11.90 -8.76
CA GLY A 78 12.42 12.49 -9.88
C GLY A 78 12.27 14.02 -9.87
N ALA A 79 12.57 14.61 -11.02
CA ALA A 79 12.47 16.06 -11.17
C ALA A 79 11.27 16.39 -12.05
N THR A 80 11.24 15.77 -13.22
CA THR A 80 10.17 15.99 -14.17
C THR A 80 9.08 14.94 -14.00
N GLY A 81 8.69 14.72 -12.74
CA GLY A 81 7.67 13.75 -12.43
C GLY A 81 6.31 14.43 -12.27
N GLN A 82 5.27 13.60 -12.23
CA GLN A 82 3.92 14.10 -12.08
C GLN A 82 3.09 13.16 -11.21
N TYR A 83 2.93 11.94 -11.69
CA TYR A 83 2.17 10.94 -10.96
C TYR A 83 3.09 10.08 -10.08
N MET A 84 2.59 9.75 -8.91
CA MET A 84 3.35 8.94 -7.97
C MET A 84 3.34 7.46 -8.38
N ALA A 85 2.31 7.11 -9.13
CA ALA A 85 2.15 5.74 -9.60
C ALA A 85 3.41 5.32 -10.36
N SER A 86 3.86 6.21 -11.24
CA SER A 86 5.04 5.96 -12.04
C SER A 86 6.17 5.45 -11.14
N PHE A 87 6.10 5.83 -9.88
CA PHE A 87 7.11 5.42 -8.91
C PHE A 87 6.72 4.09 -8.24
N PHE A 88 6.35 3.13 -9.08
CA PHE A 88 5.97 1.82 -8.59
C PHE A 88 5.98 0.78 -9.72
N SER A 89 5.45 1.19 -10.86
CA SER A 89 5.38 0.32 -12.02
C SER A 89 6.77 -0.27 -12.30
N THR A 90 7.78 0.53 -12.01
CA THR A 90 9.16 0.11 -12.22
C THR A 90 9.53 -1.01 -11.24
N ASN A 91 9.61 -0.63 -9.97
CA ASN A 91 9.96 -1.58 -8.93
C ASN A 91 8.68 -2.08 -8.25
N SER A 92 8.37 -3.34 -8.50
CA SER A 92 7.18 -3.94 -7.91
C SER A 92 7.49 -4.46 -6.50
N GLU A 93 8.64 -5.09 -6.38
CA GLU A 93 9.06 -5.63 -5.10
C GLU A 93 8.69 -4.66 -3.97
N PRO A 94 9.16 -3.40 -4.12
CA PRO A 94 8.88 -2.37 -3.12
C PRO A 94 7.44 -1.88 -3.22
N ALA A 95 7.04 -1.57 -4.45
CA ALA A 95 5.69 -1.09 -4.70
C ALA A 95 4.69 -2.06 -4.08
N ILE A 96 5.14 -3.29 -3.89
CA ILE A 96 4.29 -4.32 -3.31
C ILE A 96 4.23 -4.12 -1.79
N ILE A 97 5.35 -4.36 -1.14
CA ILE A 97 5.43 -4.22 0.30
C ILE A 97 4.67 -2.96 0.72
N PHE A 98 4.87 -1.90 -0.05
CA PHE A 98 4.21 -0.64 0.23
C PHE A 98 2.69 -0.77 0.10
N CYS A 99 2.27 -1.24 -1.06
CA CYS A 99 0.85 -1.43 -1.33
C CYS A 99 0.21 -2.06 -0.10
N VAL A 100 0.91 -3.05 0.44
CA VAL A 100 0.42 -3.76 1.61
C VAL A 100 0.19 -2.75 2.74
N ILE A 101 1.17 -1.89 2.95
CA ILE A 101 1.08 -0.88 3.99
C ILE A 101 -0.20 -0.07 3.80
N TYR A 102 -0.29 0.59 2.66
CA TYR A 102 -1.45 1.40 2.34
C TYR A 102 -2.74 0.67 2.71
N PHE A 103 -3.03 -0.37 1.94
CA PHE A 103 -4.22 -1.16 2.17
C PHE A 103 -4.53 -1.27 3.66
N LEU A 104 -3.58 -1.85 4.38
CA LEU A 104 -3.74 -2.02 5.82
C LEU A 104 -4.33 -0.75 6.43
N TYR A 105 -3.59 0.34 6.28
CA TYR A 105 -4.03 1.62 6.80
C TYR A 105 -5.43 1.97 6.29
N HIS A 106 -5.65 1.67 5.02
CA HIS A 106 -6.95 1.94 4.39
C HIS A 106 -8.04 1.18 5.13
N PHE A 107 -7.64 0.08 5.75
CA PHE A 107 -8.58 -0.75 6.49
C PHE A 107 -8.37 -0.61 8.00
N GLY A 108 -7.57 0.39 8.36
CA GLY A 108 -7.28 0.64 9.76
C GLY A 108 -6.76 -0.62 10.45
N PHE A 109 -5.59 -1.07 10.00
CA PHE A 109 -4.99 -2.26 10.57
C PHE A 109 -3.65 -1.93 11.23
N LEU A 110 -2.78 -1.30 10.46
CA LEU A 110 -1.47 -0.92 10.96
C LEU A 110 -1.63 -0.01 12.16
N LYS A 111 -0.63 -0.02 13.02
CA LYS A 111 -0.65 0.82 14.22
C LYS A 111 0.57 1.74 14.21
N ASP A 112 0.40 2.90 14.84
CA ASP A 112 1.47 3.88 14.90
C ASP A 112 1.08 4.97 15.91
N ASN A 113 1.69 4.90 17.08
CA ASN A 113 1.43 5.88 18.12
C ASN A 113 2.00 7.23 17.71
N ASN A 114 1.11 8.16 17.43
CA ASN A 114 1.50 9.49 17.02
C ASN A 114 0.32 10.19 16.35
N LYS A 115 -0.18 11.22 17.01
CA LYS A 115 -1.30 11.97 16.48
C LYS A 115 -0.82 12.89 15.36
N LYS A 116 -1.75 13.63 14.79
CA LYS A 116 -1.44 14.54 13.70
C LYS A 116 -1.21 13.72 12.42
N GLN A 117 -0.88 14.44 11.35
CA GLN A 117 -0.64 13.81 10.07
C GLN A 117 0.38 12.69 10.22
N ILE A 118 0.02 11.52 9.69
CA ILE A 118 0.89 10.36 9.75
C ILE A 118 0.98 9.73 8.37
N ILE A 119 1.32 8.44 8.37
CA ILE A 119 1.45 7.70 7.13
C ILE A 119 0.09 7.68 6.41
N LYS A 120 -0.85 6.97 7.02
CA LYS A 120 -2.19 6.85 6.46
C LYS A 120 -2.62 8.21 5.91
N LYS A 121 -2.10 9.25 6.53
CA LYS A 121 -2.42 10.61 6.12
C LYS A 121 -1.75 10.91 4.79
N ALA A 122 -0.43 10.77 4.78
CA ALA A 122 0.35 11.01 3.58
C ALA A 122 -0.07 10.03 2.49
N TYR A 123 0.16 8.75 2.78
CA TYR A 123 -0.19 7.71 1.84
C TYR A 123 -1.55 7.99 1.17
N GLU A 124 -2.47 8.48 1.98
CA GLU A 124 -3.80 8.80 1.50
C GLU A 124 -3.77 10.05 0.63
N THR A 125 -2.96 11.01 1.06
CA THR A 125 -2.82 12.26 0.33
C THR A 125 -2.38 11.99 -1.11
N ILE A 126 -1.69 10.88 -1.28
CA ILE A 126 -1.20 10.50 -2.60
C ILE A 126 -2.20 9.54 -3.25
N ALA A 127 -2.45 8.44 -2.56
CA ALA A 127 -3.38 7.44 -3.07
C ALA A 127 -4.63 8.15 -3.60
N ASP A 128 -4.90 9.31 -3.05
CA ASP A 128 -6.05 10.09 -3.47
C ASP A 128 -5.66 11.03 -4.61
N ASN A 129 -4.73 11.93 -4.30
CA ASN A 129 -4.25 12.88 -5.28
C ASN A 129 -3.93 12.14 -6.58
N ILE A 130 -3.28 11.00 -6.43
CA ILE A 130 -2.90 10.19 -7.58
C ILE A 130 -4.17 9.79 -8.34
N ALA A 131 -5.24 9.59 -7.59
CA ALA A 131 -6.51 9.21 -8.19
C ALA A 131 -7.16 10.43 -8.83
N ASP A 132 -6.47 11.56 -8.72
CA ASP A 132 -6.97 12.80 -9.29
C ASP A 132 -6.53 12.89 -10.75
N TYR A 133 -5.49 12.14 -11.09
CA TYR A 133 -4.98 12.13 -12.44
C TYR A 133 -5.43 10.87 -13.19
N LEU A 134 -5.75 9.84 -12.42
CA LEU A 134 -6.19 8.59 -12.99
C LEU A 134 -7.41 8.85 -13.88
N ASN A 135 -8.57 8.87 -13.24
CA ASN A 135 -9.81 9.10 -13.96
C ASN A 135 -10.99 8.94 -13.01
N GLU A 136 -10.81 9.47 -11.81
CA GLU A 136 -11.85 9.39 -10.80
C GLU A 136 -12.38 7.96 -10.68
N ASN A 137 -11.46 7.01 -10.69
CA ASN A 137 -11.82 5.61 -10.59
C ASN A 137 -10.82 4.89 -9.68
N MET A 1 8.17 -8.26 -9.37
CA MET A 1 8.37 -7.84 -8.00
C MET A 1 8.86 -9.00 -7.14
N GLU A 2 9.93 -8.73 -6.39
CA GLU A 2 10.49 -9.75 -5.52
C GLU A 2 11.80 -9.24 -4.90
N GLN A 3 11.99 -9.57 -3.63
CA GLN A 3 13.18 -9.16 -2.92
C GLN A 3 13.09 -9.59 -1.45
N ASN A 4 14.13 -10.27 -1.01
CA ASN A 4 14.19 -10.74 0.37
C ASN A 4 13.05 -11.73 0.61
N ASN A 5 13.37 -12.81 1.32
CA ASN A 5 12.39 -13.83 1.62
C ASN A 5 11.17 -13.17 2.28
N ILE A 6 11.45 -12.31 3.24
CA ILE A 6 10.38 -11.61 3.95
C ILE A 6 9.52 -10.84 2.94
N LYS A 7 10.01 -9.68 2.56
CA LYS A 7 9.30 -8.84 1.61
C LYS A 7 8.69 -9.73 0.52
N GLU A 8 9.41 -10.79 0.19
CA GLU A 8 8.96 -11.72 -0.83
C GLU A 8 7.67 -12.40 -0.39
N GLN A 9 7.72 -12.97 0.81
CA GLN A 9 6.56 -13.67 1.36
C GLN A 9 5.33 -12.76 1.31
N LEU A 10 5.60 -11.45 1.27
CA LEU A 10 4.52 -10.48 1.24
C LEU A 10 3.92 -10.45 -0.17
N ILE A 11 4.80 -10.35 -1.16
CA ILE A 11 4.37 -10.32 -2.54
C ILE A 11 3.47 -11.52 -2.83
N SER A 12 4.04 -12.70 -2.73
CA SER A 12 3.31 -13.93 -2.97
C SER A 12 1.93 -13.84 -2.31
N PHE A 13 1.93 -13.59 -1.01
CA PHE A 13 0.70 -13.49 -0.26
C PHE A 13 -0.28 -12.55 -0.96
N PHE A 14 -0.11 -11.26 -0.70
CA PHE A 14 -0.98 -10.26 -1.30
C PHE A 14 -1.22 -10.55 -2.78
N ASN A 15 -0.14 -10.96 -3.45
CA ASN A 15 -0.22 -11.27 -4.87
C ASN A 15 -1.34 -12.28 -5.11
N GLN A 16 -1.50 -13.18 -4.14
CA GLN A 16 -2.52 -14.20 -4.23
C GLN A 16 -3.89 -13.61 -3.89
N ALA A 17 -3.88 -12.33 -3.60
CA ALA A 17 -5.11 -11.63 -3.24
C ALA A 17 -5.64 -10.88 -4.48
N CYS A 18 -4.95 -9.80 -4.80
CA CYS A 18 -5.34 -8.99 -5.96
C CYS A 18 -5.27 -9.87 -7.21
N SER A 19 -5.16 -9.21 -8.35
CA SER A 19 -5.09 -9.92 -9.61
C SER A 19 -3.88 -9.43 -10.41
N THR A 20 -4.08 -8.34 -11.13
CA THR A 20 -3.01 -7.77 -11.94
C THR A 20 -2.32 -6.63 -11.18
N HIS A 21 -1.52 -5.87 -11.92
CA HIS A 21 -0.80 -4.76 -11.32
C HIS A 21 -1.73 -3.56 -11.16
N GLN A 22 -2.31 -3.16 -12.28
CA GLN A 22 -3.22 -2.02 -12.28
C GLN A 22 -4.10 -2.06 -11.03
N GLU A 23 -4.38 -3.27 -10.57
CA GLU A 23 -5.21 -3.45 -9.39
C GLU A 23 -4.77 -2.48 -8.28
N ARG A 24 -3.47 -2.36 -8.12
CA ARG A 24 -2.92 -1.47 -7.12
C ARG A 24 -3.50 -0.06 -7.27
N LEU A 25 -3.45 0.43 -8.50
CA LEU A 25 -3.97 1.75 -8.80
C LEU A 25 -5.49 1.73 -8.72
N ASP A 26 -6.04 0.52 -8.78
CA ASP A 26 -7.48 0.34 -8.72
C ASP A 26 -7.91 0.17 -7.26
N PHE A 27 -6.91 0.02 -6.40
CA PHE A 27 -7.18 -0.16 -4.98
C PHE A 27 -7.21 1.18 -4.25
N ILE A 28 -6.11 1.92 -4.36
CA ILE A 28 -6.01 3.22 -3.74
C ILE A 28 -7.34 3.97 -3.89
N CYS A 29 -8.03 3.65 -4.97
CA CYS A 29 -9.31 4.28 -5.26
C CYS A 29 -10.41 3.44 -4.61
N SER A 30 -10.30 2.13 -4.82
CA SER A 30 -11.28 1.22 -4.27
C SER A 30 -11.37 1.39 -2.74
N THR A 31 -10.21 1.53 -2.12
CA THR A 31 -10.15 1.71 -0.69
C THR A 31 -10.86 3.00 -0.28
N ARG A 32 -10.89 3.95 -1.20
CA ARG A 32 -11.54 5.22 -0.95
C ARG A 32 -12.70 5.42 -1.93
N GLU A 33 -13.48 4.38 -2.11
CA GLU A 33 -14.62 4.43 -3.00
C GLU A 33 -15.47 3.17 -2.85
N SER A 34 -15.49 2.64 -1.64
CA SER A 34 -16.26 1.44 -1.34
C SER A 34 -17.14 1.67 -0.13
N ASP A 35 -16.75 1.05 0.98
CA ASP A 35 -17.49 1.18 2.22
C ASP A 35 -16.70 0.53 3.35
N THR A 36 -16.42 -0.75 3.20
CA THR A 36 -15.68 -1.49 4.20
C THR A 36 -14.43 -2.12 3.57
N PHE A 37 -14.11 -3.31 4.05
CA PHE A 37 -12.95 -4.03 3.55
C PHE A 37 -13.37 -5.23 2.69
N SER A 38 -14.46 -5.87 3.12
CA SER A 38 -14.97 -7.03 2.41
C SER A 38 -15.63 -6.58 1.10
N SER A 39 -15.69 -5.27 0.92
CA SER A 39 -16.29 -4.71 -0.27
C SER A 39 -15.23 -4.55 -1.36
N VAL A 40 -14.02 -4.19 -0.92
CA VAL A 40 -12.92 -4.01 -1.85
C VAL A 40 -12.77 -5.25 -2.73
N ASP A 41 -12.17 -5.04 -3.90
CA ASP A 41 -11.97 -6.12 -4.84
C ASP A 41 -11.12 -7.22 -4.18
N VAL A 42 -9.90 -6.84 -3.84
CA VAL A 42 -8.98 -7.77 -3.21
C VAL A 42 -9.73 -8.63 -2.20
N PRO A 43 -9.45 -9.96 -2.24
CA PRO A 43 -10.09 -10.89 -1.34
C PRO A 43 -9.54 -10.78 0.08
N LEU A 44 -10.40 -11.02 1.05
CA LEU A 44 -10.01 -10.94 2.44
C LEU A 44 -9.32 -12.25 2.85
N GLU A 45 -9.65 -13.31 2.11
CA GLU A 45 -9.07 -14.61 2.39
C GLU A 45 -7.56 -14.51 2.52
N PRO A 46 -6.92 -13.98 1.44
CA PRO A 46 -5.48 -13.83 1.41
C PRO A 46 -5.04 -12.64 2.28
N ILE A 47 -5.77 -11.55 2.13
CA ILE A 47 -5.47 -10.35 2.90
C ILE A 47 -5.39 -10.69 4.38
N LYS A 48 -6.24 -11.62 4.79
CA LYS A 48 -6.28 -12.05 6.18
C LYS A 48 -4.96 -12.73 6.53
N ASN A 49 -4.18 -13.02 5.50
CA ASN A 49 -2.90 -13.67 5.67
C ASN A 49 -1.81 -12.60 5.84
N ILE A 50 -1.99 -11.51 5.12
CA ILE A 50 -1.03 -10.42 5.18
C ILE A 50 -1.35 -9.54 6.38
N ILE A 51 -2.64 -9.43 6.68
CA ILE A 51 -3.09 -8.62 7.80
C ILE A 51 -2.35 -9.06 9.07
N GLU A 52 -2.01 -10.35 9.10
CA GLU A 52 -1.31 -10.90 10.24
C GLU A 52 0.21 -10.77 10.05
N ILE A 53 0.60 -9.62 9.51
CA ILE A 53 2.01 -9.35 9.27
C ILE A 53 2.50 -8.26 10.22
N THR A 54 1.57 -7.39 10.58
CA THR A 54 1.88 -6.29 11.48
C THR A 54 1.36 -6.60 12.89
N LYS A 55 1.20 -7.89 13.16
CA LYS A 55 0.72 -8.32 14.47
C LYS A 55 1.78 -8.03 15.52
N ASP A 56 2.95 -8.64 15.32
CA ASP A 56 4.05 -8.46 16.25
C ASP A 56 4.34 -6.97 16.41
N GLU A 57 4.73 -6.61 17.62
CA GLU A 57 5.04 -5.22 17.92
C GLU A 57 6.31 -4.78 17.21
N ASN A 58 7.19 -5.76 16.98
CA ASN A 58 8.44 -5.50 16.29
C ASN A 58 8.17 -5.24 14.82
N GLN A 59 7.09 -5.85 14.34
CA GLN A 59 6.71 -5.70 12.94
C GLN A 59 6.06 -4.33 12.71
N GLN A 60 4.99 -4.09 13.44
CA GLN A 60 4.27 -2.83 13.33
C GLN A 60 5.24 -1.65 13.45
N ILE A 61 6.25 -1.84 14.30
CA ILE A 61 7.24 -0.81 14.51
C ILE A 61 8.09 -0.64 13.24
N GLU A 62 8.82 -1.70 12.91
CA GLU A 62 9.66 -1.68 11.73
C GLU A 62 8.86 -1.24 10.51
N ILE A 63 7.58 -1.58 10.53
CA ILE A 63 6.69 -1.24 9.43
C ILE A 63 6.54 0.29 9.37
N THR A 64 6.11 0.86 10.48
CA THR A 64 5.93 2.29 10.56
C THR A 64 7.07 3.02 9.86
N LYS A 65 8.28 2.70 10.27
CA LYS A 65 9.47 3.31 9.69
C LYS A 65 9.56 2.93 8.21
N ILE A 66 9.40 1.63 7.96
CA ILE A 66 9.46 1.13 6.60
C ILE A 66 8.56 1.97 5.70
N ALA A 67 7.36 2.21 6.18
CA ALA A 67 6.39 2.99 5.43
C ALA A 67 7.01 4.35 5.08
N VAL A 68 7.66 4.95 6.07
CA VAL A 68 8.31 6.24 5.88
C VAL A 68 9.47 6.07 4.90
N ASN A 69 10.30 5.08 5.18
CA ASN A 69 11.46 4.82 4.34
C ASN A 69 11.07 5.01 2.87
N ASN A 70 9.91 4.47 2.52
CA ASN A 70 9.42 4.57 1.16
C ASN A 70 8.76 5.94 0.97
N ILE A 71 7.77 6.20 1.80
CA ILE A 71 7.05 7.47 1.74
C ILE A 71 8.05 8.61 1.51
N LYS A 72 8.99 8.71 2.44
CA LYS A 72 10.01 9.74 2.36
C LYS A 72 10.56 9.80 0.94
N THR A 73 10.71 8.63 0.34
CA THR A 73 11.22 8.54 -1.02
C THR A 73 10.18 9.06 -2.01
N LEU A 74 8.91 8.82 -1.68
CA LEU A 74 7.82 9.25 -2.54
C LEU A 74 7.86 10.77 -2.68
N SER A 75 8.62 11.40 -1.79
CA SER A 75 8.75 12.84 -1.81
C SER A 75 9.84 13.25 -2.81
N SER A 76 9.76 12.68 -4.00
CA SER A 76 10.72 12.98 -5.04
C SER A 76 10.25 12.40 -6.38
N VAL A 77 10.11 11.08 -6.39
CA VAL A 77 9.68 10.39 -7.59
C VAL A 77 10.34 11.02 -8.82
N GLY A 78 11.53 10.53 -9.13
CA GLY A 78 12.28 11.03 -10.26
C GLY A 78 12.70 9.90 -11.19
N ALA A 79 12.03 9.81 -12.33
CA ALA A 79 12.33 8.78 -13.30
C ALA A 79 11.50 9.01 -14.56
N THR A 80 10.21 8.72 -14.45
CA THR A 80 9.28 8.90 -15.55
C THR A 80 7.96 9.47 -15.07
N GLY A 81 7.42 10.38 -15.87
CA GLY A 81 6.15 11.01 -15.53
C GLY A 81 6.16 11.52 -14.09
N GLN A 82 4.99 11.94 -13.63
CA GLN A 82 4.85 12.45 -12.28
C GLN A 82 3.51 12.02 -11.68
N TYR A 83 3.13 10.78 -11.98
CA TYR A 83 1.88 10.24 -11.48
C TYR A 83 2.11 9.37 -10.25
N MET A 84 3.34 9.42 -9.75
CA MET A 84 3.70 8.65 -8.58
C MET A 84 3.69 7.15 -8.89
N ALA A 85 2.51 6.65 -9.22
CA ALA A 85 2.36 5.24 -9.55
C ALA A 85 3.49 4.81 -10.48
N SER A 86 3.71 5.63 -11.50
CA SER A 86 4.75 5.35 -12.47
C SER A 86 6.01 4.86 -11.75
N PHE A 87 6.42 5.62 -10.75
CA PHE A 87 7.60 5.27 -9.98
C PHE A 87 7.73 3.76 -9.81
N PHE A 88 6.58 3.13 -9.60
CA PHE A 88 6.55 1.68 -9.43
C PHE A 88 7.51 0.99 -10.40
N SER A 89 7.34 1.29 -11.67
CA SER A 89 8.19 0.72 -12.70
C SER A 89 9.63 0.65 -12.22
N THR A 90 10.03 1.69 -11.51
CA THR A 90 11.39 1.77 -10.99
C THR A 90 11.43 1.25 -9.56
N ASN A 91 10.53 1.79 -8.74
CA ASN A 91 10.47 1.39 -7.34
C ASN A 91 9.13 0.67 -7.09
N SER A 92 9.08 -0.57 -7.52
CA SER A 92 7.88 -1.37 -7.35
C SER A 92 7.93 -2.12 -6.02
N GLU A 93 9.07 -2.75 -5.77
CA GLU A 93 9.26 -3.49 -4.54
C GLU A 93 8.65 -2.73 -3.35
N PRO A 94 9.03 -1.43 -3.26
CA PRO A 94 8.53 -0.59 -2.18
C PRO A 94 7.08 -0.18 -2.43
N ALA A 95 6.84 0.31 -3.64
CA ALA A 95 5.50 0.74 -4.01
C ALA A 95 4.50 -0.37 -3.70
N ILE A 96 5.01 -1.60 -3.72
CA ILE A 96 4.18 -2.75 -3.43
C ILE A 96 3.88 -2.81 -1.93
N ILE A 97 4.94 -2.84 -1.15
CA ILE A 97 4.81 -2.89 0.30
C ILE A 97 3.90 -1.75 0.76
N PHE A 98 4.07 -0.61 0.12
CA PHE A 98 3.28 0.56 0.46
C PHE A 98 1.78 0.27 0.32
N CYS A 99 1.40 -0.15 -0.88
CA CYS A 99 0.01 -0.46 -1.16
C CYS A 99 -0.52 -1.34 -0.03
N VAL A 100 0.27 -2.35 0.32
CA VAL A 100 -0.12 -3.26 1.38
C VAL A 100 -0.12 -2.51 2.71
N ILE A 101 0.90 -1.70 2.90
CA ILE A 101 1.02 -0.92 4.13
C ILE A 101 -0.21 -0.03 4.28
N TYR A 102 -0.28 0.98 3.43
CA TYR A 102 -1.39 1.91 3.46
C TYR A 102 -2.73 1.17 3.54
N PHE A 103 -2.89 0.22 2.62
CA PHE A 103 -4.11 -0.57 2.57
C PHE A 103 -4.51 -1.04 3.97
N LEU A 104 -3.50 -1.46 4.73
CA LEU A 104 -3.73 -1.95 6.08
C LEU A 104 -4.26 -0.80 6.94
N TYR A 105 -3.59 0.34 6.85
CA TYR A 105 -3.98 1.51 7.61
C TYR A 105 -5.41 1.94 7.25
N HIS A 106 -5.72 1.82 5.97
CA HIS A 106 -7.03 2.20 5.48
C HIS A 106 -8.07 1.18 5.97
N PHE A 107 -7.67 -0.08 5.98
CA PHE A 107 -8.55 -1.15 6.42
C PHE A 107 -8.63 -1.19 7.95
N GLY A 108 -7.61 -0.62 8.58
CA GLY A 108 -7.56 -0.59 10.03
C GLY A 108 -6.86 -1.83 10.58
N PHE A 109 -5.55 -1.72 10.75
CA PHE A 109 -4.76 -2.81 11.26
C PHE A 109 -3.43 -2.32 11.83
N LEU A 110 -2.62 -1.76 10.95
CA LEU A 110 -1.32 -1.24 11.35
C LEU A 110 -1.50 -0.30 12.55
N LYS A 111 -0.49 -0.31 13.41
CA LYS A 111 -0.53 0.53 14.60
C LYS A 111 -0.35 2.00 14.19
N ASP A 112 -1.05 2.87 14.89
CA ASP A 112 -0.97 4.29 14.62
C ASP A 112 -1.65 5.06 15.75
N ASN A 113 -0.83 5.71 16.56
CA ASN A 113 -1.34 6.49 17.68
C ASN A 113 -2.50 7.36 17.20
N ASN A 114 -3.28 7.85 18.16
CA ASN A 114 -4.42 8.69 17.85
C ASN A 114 -3.98 9.77 16.85
N LYS A 115 -4.34 9.55 15.60
CA LYS A 115 -4.01 10.49 14.55
C LYS A 115 -4.43 9.91 13.19
N LYS A 116 -4.09 8.66 12.99
CA LYS A 116 -4.43 7.98 11.75
C LYS A 116 -4.06 8.88 10.56
N GLN A 117 -2.89 9.49 10.67
CA GLN A 117 -2.41 10.38 9.62
C GLN A 117 -0.95 10.07 9.29
N ILE A 118 -0.08 10.98 9.70
CA ILE A 118 1.35 10.82 9.44
C ILE A 118 1.54 10.01 8.16
N ILE A 119 1.77 8.72 8.34
CA ILE A 119 1.98 7.83 7.21
C ILE A 119 0.71 7.78 6.36
N LYS A 120 -0.33 7.21 6.95
CA LYS A 120 -1.61 7.09 6.26
C LYS A 120 -1.87 8.37 5.47
N LYS A 121 -1.83 9.49 6.18
CA LYS A 121 -2.07 10.79 5.56
C LYS A 121 -1.27 10.87 4.26
N ALA A 122 -0.01 10.47 4.35
CA ALA A 122 0.87 10.51 3.20
C ALA A 122 0.31 9.58 2.12
N TYR A 123 0.32 8.29 2.41
CA TYR A 123 -0.19 7.30 1.48
C TYR A 123 -1.52 7.74 0.87
N GLU A 124 -2.28 8.45 1.69
CA GLU A 124 -3.59 8.94 1.24
C GLU A 124 -3.41 10.12 0.28
N THR A 125 -2.37 10.90 0.53
CA THR A 125 -2.08 12.06 -0.30
C THR A 125 -1.73 11.61 -1.72
N ILE A 126 -1.23 10.39 -1.82
CA ILE A 126 -0.84 9.84 -3.10
C ILE A 126 -1.99 8.98 -3.65
N ALA A 127 -2.42 8.04 -2.83
CA ALA A 127 -3.52 7.16 -3.23
C ALA A 127 -4.69 8.00 -3.74
N ASP A 128 -4.74 9.23 -3.26
CA ASP A 128 -5.80 10.15 -3.65
C ASP A 128 -5.36 10.93 -4.89
N ASN A 129 -4.28 11.67 -4.73
CA ASN A 129 -3.76 12.47 -5.82
C ASN A 129 -3.62 11.59 -7.07
N ILE A 130 -3.02 10.42 -6.87
CA ILE A 130 -2.83 9.49 -7.96
C ILE A 130 -4.18 9.19 -8.63
N ALA A 131 -5.24 9.47 -7.88
CA ALA A 131 -6.58 9.24 -8.37
C ALA A 131 -7.05 10.47 -9.17
N ASP A 132 -6.10 11.35 -9.44
CA ASP A 132 -6.39 12.55 -10.19
C ASP A 132 -6.26 12.27 -11.68
N TYR A 133 -5.18 11.58 -12.02
CA TYR A 133 -4.93 11.24 -13.41
C TYR A 133 -5.62 9.93 -13.80
N LEU A 134 -5.75 9.06 -12.80
CA LEU A 134 -6.38 7.77 -13.02
C LEU A 134 -7.68 7.97 -13.82
N ASN A 135 -8.70 8.45 -13.12
CA ASN A 135 -9.98 8.70 -13.75
C ASN A 135 -10.48 7.41 -14.41
N GLU A 136 -10.81 6.45 -13.56
CA GLU A 136 -11.30 5.16 -14.05
C GLU A 136 -10.43 4.67 -15.21
N ASN A 137 -9.22 4.24 -14.87
CA ASN A 137 -8.29 3.74 -15.86
C ASN A 137 -8.07 4.82 -16.93
N MET A 1 9.89 -10.31 -7.54
CA MET A 1 10.29 -11.39 -6.65
C MET A 1 11.57 -11.05 -5.90
N GLU A 2 11.49 -11.13 -4.57
CA GLU A 2 12.63 -10.83 -3.73
C GLU A 2 13.29 -12.13 -3.24
N GLN A 3 14.38 -11.97 -2.52
CA GLN A 3 15.12 -13.10 -2.00
C GLN A 3 15.64 -12.80 -0.59
N ASN A 4 14.69 -12.69 0.33
CA ASN A 4 15.04 -12.40 1.72
C ASN A 4 14.40 -13.45 2.63
N ASN A 5 13.07 -13.39 2.70
CA ASN A 5 12.33 -14.33 3.52
C ASN A 5 10.98 -13.70 3.89
N ILE A 6 11.01 -12.87 4.92
CA ILE A 6 9.80 -12.21 5.38
C ILE A 6 9.26 -11.32 4.26
N LYS A 7 10.12 -10.45 3.76
CA LYS A 7 9.75 -9.55 2.69
C LYS A 7 9.17 -10.34 1.52
N GLU A 8 9.91 -11.37 1.13
CA GLU A 8 9.49 -12.21 0.02
C GLU A 8 8.14 -12.86 0.34
N GLN A 9 8.02 -13.31 1.57
CA GLN A 9 6.79 -13.96 2.02
C GLN A 9 5.58 -13.06 1.69
N LEU A 10 5.78 -11.77 1.87
CA LEU A 10 4.72 -10.81 1.61
C LEU A 10 4.39 -10.83 0.12
N ILE A 11 5.41 -10.58 -0.69
CA ILE A 11 5.23 -10.57 -2.13
C ILE A 11 4.29 -11.70 -2.54
N SER A 12 4.82 -12.92 -2.47
CA SER A 12 4.04 -14.09 -2.82
C SER A 12 2.58 -13.90 -2.38
N PHE A 13 2.38 -13.97 -1.08
CA PHE A 13 1.05 -13.81 -0.53
C PHE A 13 0.27 -12.72 -1.26
N PHE A 14 0.64 -11.48 -0.99
CA PHE A 14 -0.01 -10.34 -1.62
C PHE A 14 -0.23 -10.60 -3.11
N ASN A 15 0.79 -11.15 -3.74
CA ASN A 15 0.72 -11.45 -5.17
C ASN A 15 -0.51 -12.31 -5.44
N GLN A 16 -0.78 -13.22 -4.51
CA GLN A 16 -1.92 -14.10 -4.64
C GLN A 16 -3.22 -13.35 -4.35
N ALA A 17 -3.06 -12.08 -4.01
CA ALA A 17 -4.20 -11.24 -3.70
C ALA A 17 -4.36 -10.18 -4.80
N CYS A 18 -3.68 -9.06 -4.60
CA CYS A 18 -3.74 -7.97 -5.55
C CYS A 18 -2.35 -7.83 -6.19
N SER A 19 -2.19 -8.50 -7.32
CA SER A 19 -0.92 -8.46 -8.04
C SER A 19 -0.97 -7.37 -9.10
N THR A 20 -1.95 -7.48 -9.97
CA THR A 20 -2.13 -6.51 -11.05
C THR A 20 -1.77 -5.11 -10.55
N HIS A 21 -1.39 -4.25 -11.49
CA HIS A 21 -1.03 -2.89 -11.18
C HIS A 21 -2.25 -1.98 -11.32
N GLN A 22 -2.81 -1.97 -12.52
CA GLN A 22 -3.98 -1.17 -12.80
C GLN A 22 -4.95 -1.20 -11.62
N GLU A 23 -5.26 -2.42 -11.19
CA GLU A 23 -6.17 -2.61 -10.08
C GLU A 23 -5.81 -1.68 -8.93
N ARG A 24 -4.51 -1.55 -8.69
CA ARG A 24 -4.02 -0.70 -7.63
C ARG A 24 -4.62 0.71 -7.76
N LEU A 25 -4.60 1.21 -8.99
CA LEU A 25 -5.13 2.53 -9.26
C LEU A 25 -6.64 2.54 -8.99
N ASP A 26 -7.24 1.38 -9.18
CA ASP A 26 -8.67 1.24 -8.96
C ASP A 26 -8.93 0.97 -7.47
N PHE A 27 -7.87 0.59 -6.78
CA PHE A 27 -7.96 0.29 -5.36
C PHE A 27 -7.89 1.58 -4.53
N ILE A 28 -6.76 2.26 -4.67
CA ILE A 28 -6.56 3.51 -3.94
C ILE A 28 -7.86 4.30 -3.92
N CYS A 29 -8.65 4.12 -4.96
CA CYS A 29 -9.93 4.82 -5.06
C CYS A 29 -11.00 3.94 -4.42
N SER A 30 -11.13 2.73 -4.95
CA SER A 30 -12.11 1.78 -4.44
C SER A 30 -11.99 1.68 -2.91
N THR A 31 -10.80 1.30 -2.47
CA THR A 31 -10.55 1.16 -1.06
C THR A 31 -10.97 2.41 -0.30
N ARG A 32 -11.10 3.50 -1.05
CA ARG A 32 -11.50 4.77 -0.46
C ARG A 32 -12.87 5.19 -1.01
N GLU A 33 -13.68 4.19 -1.30
CA GLU A 33 -15.01 4.44 -1.83
C GLU A 33 -15.83 3.15 -1.84
N SER A 34 -15.55 2.30 -0.87
CA SER A 34 -16.26 1.03 -0.76
C SER A 34 -17.29 1.10 0.36
N ASP A 35 -16.92 0.54 1.51
CA ASP A 35 -17.81 0.52 2.66
C ASP A 35 -17.04 0.03 3.88
N THR A 36 -16.45 -1.15 3.73
CA THR A 36 -15.68 -1.74 4.81
C THR A 36 -14.22 -1.87 4.43
N PHE A 37 -13.98 -1.83 3.12
CA PHE A 37 -12.63 -1.94 2.60
C PHE A 37 -12.13 -3.39 2.64
N SER A 38 -12.52 -4.08 3.71
CA SER A 38 -12.13 -5.47 3.87
C SER A 38 -12.89 -6.35 2.88
N SER A 39 -13.78 -5.72 2.14
CA SER A 39 -14.57 -6.43 1.14
C SER A 39 -14.56 -5.67 -0.19
N VAL A 40 -13.36 -5.22 -0.56
CA VAL A 40 -13.21 -4.48 -1.80
C VAL A 40 -13.15 -5.46 -2.97
N ASP A 41 -11.99 -5.53 -3.59
CA ASP A 41 -11.80 -6.42 -4.72
C ASP A 41 -10.78 -7.50 -4.35
N VAL A 42 -9.80 -7.09 -3.55
CA VAL A 42 -8.76 -8.01 -3.12
C VAL A 42 -9.37 -9.06 -2.18
N PRO A 43 -8.89 -10.33 -2.34
CA PRO A 43 -9.38 -11.42 -1.52
C PRO A 43 -8.81 -11.34 -0.10
N LEU A 44 -9.66 -11.70 0.87
CA LEU A 44 -9.26 -11.66 2.25
C LEU A 44 -8.47 -12.93 2.58
N GLU A 45 -8.74 -13.97 1.81
CA GLU A 45 -8.07 -15.25 2.00
C GLU A 45 -6.56 -15.03 2.12
N PRO A 46 -5.98 -14.44 1.05
CA PRO A 46 -4.55 -14.17 1.02
C PRO A 46 -4.20 -12.98 1.92
N ILE A 47 -4.96 -11.91 1.77
CA ILE A 47 -4.74 -10.71 2.56
C ILE A 47 -4.67 -11.10 4.04
N LYS A 48 -5.51 -12.05 4.41
CA LYS A 48 -5.56 -12.51 5.79
C LYS A 48 -4.20 -13.10 6.17
N ASN A 49 -3.40 -13.39 5.15
CA ASN A 49 -2.09 -13.95 5.37
C ASN A 49 -1.08 -12.83 5.58
N ILE A 50 -1.31 -11.73 4.87
CA ILE A 50 -0.43 -10.58 4.96
C ILE A 50 -0.94 -9.65 6.08
N ILE A 51 -2.13 -9.97 6.57
CA ILE A 51 -2.73 -9.18 7.63
C ILE A 51 -2.09 -9.55 8.96
N GLU A 52 -1.66 -10.80 9.06
CA GLU A 52 -1.01 -11.29 10.27
C GLU A 52 0.48 -10.93 10.26
N ILE A 53 0.75 -9.68 9.92
CA ILE A 53 2.12 -9.20 9.87
C ILE A 53 2.30 -8.08 10.90
N THR A 54 1.27 -7.26 11.02
CA THR A 54 1.31 -6.15 11.96
C THR A 54 0.71 -6.57 13.30
N LYS A 55 0.74 -7.87 13.53
CA LYS A 55 0.21 -8.42 14.77
C LYS A 55 1.33 -8.53 15.80
N ASP A 56 2.32 -7.67 15.63
CA ASP A 56 3.47 -7.65 16.54
C ASP A 56 3.95 -6.22 16.72
N GLU A 57 3.91 -5.76 17.96
CA GLU A 57 4.34 -4.41 18.28
C GLU A 57 5.65 -4.09 17.58
N ASN A 58 6.48 -5.12 17.42
CA ASN A 58 7.76 -4.95 16.77
C ASN A 58 7.54 -4.71 15.27
N GLN A 59 6.63 -5.49 14.71
CA GLN A 59 6.31 -5.37 13.29
C GLN A 59 5.74 -3.98 12.99
N GLN A 60 4.60 -3.70 13.59
CA GLN A 60 3.95 -2.41 13.39
C GLN A 60 4.98 -1.28 13.44
N ILE A 61 5.89 -1.40 14.40
CA ILE A 61 6.93 -0.40 14.57
C ILE A 61 7.75 -0.31 13.28
N GLU A 62 8.45 -1.40 12.99
CA GLU A 62 9.28 -1.45 11.80
C GLU A 62 8.46 -1.05 10.56
N ILE A 63 7.22 -1.50 10.55
CA ILE A 63 6.33 -1.19 9.43
C ILE A 63 6.24 0.33 9.27
N THR A 64 6.00 1.00 10.38
CA THR A 64 5.88 2.45 10.37
C THR A 64 7.10 3.07 9.67
N LYS A 65 8.26 2.80 10.22
CA LYS A 65 9.50 3.32 9.66
C LYS A 65 9.66 2.81 8.23
N ILE A 66 9.22 1.58 8.02
CA ILE A 66 9.31 0.96 6.70
C ILE A 66 8.51 1.79 5.70
N ALA A 67 7.29 2.12 6.10
CA ALA A 67 6.42 2.91 5.24
C ALA A 67 7.11 4.22 4.89
N VAL A 68 7.69 4.85 5.91
CA VAL A 68 8.38 6.11 5.72
C VAL A 68 9.51 5.91 4.71
N ASN A 69 10.29 4.87 4.94
CA ASN A 69 11.42 4.57 4.05
C ASN A 69 10.98 4.76 2.60
N ASN A 70 9.70 4.48 2.36
CA ASN A 70 9.15 4.62 1.03
C ASN A 70 8.71 6.07 0.80
N ILE A 71 8.02 6.61 1.80
CA ILE A 71 7.55 7.98 1.72
C ILE A 71 8.73 8.92 1.50
N LYS A 72 9.75 8.74 2.33
CA LYS A 72 10.94 9.57 2.23
C LYS A 72 11.43 9.58 0.78
N THR A 73 11.10 8.52 0.07
CA THR A 73 11.49 8.40 -1.33
C THR A 73 10.46 9.06 -2.24
N LEU A 74 9.20 8.76 -1.95
CA LEU A 74 8.11 9.33 -2.73
C LEU A 74 8.31 10.84 -2.88
N SER A 75 9.05 11.40 -1.93
CA SER A 75 9.34 12.83 -1.95
C SER A 75 10.33 13.15 -3.07
N SER A 76 9.92 12.83 -4.29
CA SER A 76 10.77 13.08 -5.45
C SER A 76 9.96 12.87 -6.74
N VAL A 77 9.14 11.83 -6.73
CA VAL A 77 8.32 11.52 -7.88
C VAL A 77 7.79 12.80 -8.49
N GLY A 78 8.19 13.05 -9.73
CA GLY A 78 7.76 14.25 -10.43
C GLY A 78 6.29 14.55 -10.15
N ALA A 79 6.06 15.75 -9.64
CA ALA A 79 4.70 16.18 -9.32
C ALA A 79 3.83 16.04 -10.57
N THR A 80 4.36 16.50 -11.69
CA THR A 80 3.65 16.43 -12.95
C THR A 80 4.35 15.48 -13.91
N GLY A 81 3.53 14.71 -14.64
CA GLY A 81 4.07 13.76 -15.59
C GLY A 81 4.63 12.52 -14.88
N GLN A 82 4.06 11.38 -15.23
CA GLN A 82 4.49 10.12 -14.62
C GLN A 82 4.14 10.09 -13.14
N TYR A 83 2.86 9.94 -12.86
CA TYR A 83 2.39 9.89 -11.50
C TYR A 83 2.96 8.68 -10.76
N MET A 84 2.62 8.59 -9.48
CA MET A 84 3.09 7.49 -8.66
C MET A 84 2.74 6.15 -9.28
N ALA A 85 1.63 6.13 -9.99
CA ALA A 85 1.17 4.92 -10.65
C ALA A 85 2.28 4.39 -11.55
N SER A 86 2.84 5.29 -12.33
CA SER A 86 3.91 4.94 -13.24
C SER A 86 5.18 4.58 -12.46
N PHE A 87 5.28 5.13 -11.26
CA PHE A 87 6.42 4.88 -10.40
C PHE A 87 6.19 3.65 -9.53
N PHE A 88 5.55 2.65 -10.13
CA PHE A 88 5.26 1.41 -9.43
C PHE A 88 5.56 0.20 -10.30
N SER A 89 5.00 0.23 -11.51
CA SER A 89 5.19 -0.86 -12.45
C SER A 89 6.68 -1.22 -12.53
N THR A 90 7.51 -0.22 -12.32
CA THR A 90 8.95 -0.42 -12.37
C THR A 90 9.41 -1.26 -11.18
N ASN A 91 9.34 -0.65 -10.00
CA ASN A 91 9.75 -1.32 -8.78
C ASN A 91 8.51 -1.87 -8.06
N SER A 92 8.24 -3.14 -8.29
CA SER A 92 7.10 -3.80 -7.69
C SER A 92 7.45 -4.25 -6.27
N GLU A 93 8.71 -4.63 -6.10
CA GLU A 93 9.19 -5.08 -4.81
C GLU A 93 8.68 -4.17 -3.69
N PRO A 94 9.00 -2.85 -3.84
CA PRO A 94 8.59 -1.87 -2.86
C PRO A 94 7.10 -1.55 -3.00
N ALA A 95 6.70 -1.30 -4.24
CA ALA A 95 5.31 -0.97 -4.53
C ALA A 95 4.41 -2.04 -3.92
N ILE A 96 4.99 -3.23 -3.76
CA ILE A 96 4.24 -4.34 -3.19
C ILE A 96 4.11 -4.16 -1.68
N ILE A 97 5.26 -4.04 -1.03
CA ILE A 97 5.29 -3.85 0.41
C ILE A 97 4.50 -2.60 0.77
N PHE A 98 4.85 -1.51 0.11
CA PHE A 98 4.19 -0.24 0.36
C PHE A 98 2.67 -0.38 0.21
N CYS A 99 2.27 -1.06 -0.85
CA CYS A 99 0.86 -1.28 -1.12
C CYS A 99 0.23 -1.95 0.10
N VAL A 100 0.88 -3.03 0.54
CA VAL A 100 0.40 -3.76 1.70
C VAL A 100 0.16 -2.79 2.86
N ILE A 101 1.15 -1.94 3.08
CA ILE A 101 1.07 -0.96 4.14
C ILE A 101 -0.25 -0.19 4.03
N TYR A 102 -0.41 0.49 2.89
CA TYR A 102 -1.60 1.26 2.64
C TYR A 102 -2.85 0.39 2.77
N PHE A 103 -2.93 -0.62 1.90
CA PHE A 103 -4.06 -1.53 1.90
C PHE A 103 -4.54 -1.80 3.34
N LEU A 104 -3.59 -1.88 4.25
CA LEU A 104 -3.89 -2.13 5.64
C LEU A 104 -4.50 -0.87 6.26
N TYR A 105 -3.66 0.14 6.40
CA TYR A 105 -4.09 1.40 6.98
C TYR A 105 -5.50 1.76 6.51
N HIS A 106 -5.77 1.46 5.25
CA HIS A 106 -7.08 1.74 4.68
C HIS A 106 -8.11 0.79 5.28
N PHE A 107 -7.80 -0.49 5.22
CA PHE A 107 -8.69 -1.51 5.75
C PHE A 107 -8.88 -1.33 7.27
N GLY A 108 -7.80 -0.96 7.93
CA GLY A 108 -7.83 -0.75 9.36
C GLY A 108 -7.08 -1.87 10.09
N PHE A 109 -5.76 -1.72 10.14
CA PHE A 109 -4.93 -2.70 10.80
C PHE A 109 -3.68 -2.04 11.41
N LEU A 110 -2.88 -1.44 10.54
CA LEU A 110 -1.67 -0.77 10.96
C LEU A 110 -2.03 0.32 11.98
N LYS A 111 -1.12 0.52 12.93
CA LYS A 111 -1.33 1.52 13.96
C LYS A 111 0.03 2.10 14.37
N ASP A 112 0.03 3.40 14.60
CA ASP A 112 1.24 4.09 15.00
C ASP A 112 0.91 5.12 16.09
N ASN A 113 0.70 4.61 17.30
CA ASN A 113 0.36 5.47 18.42
C ASN A 113 -1.04 6.05 18.22
N ASN A 114 -1.35 7.06 19.03
CA ASN A 114 -2.64 7.70 18.95
C ASN A 114 -2.53 8.96 18.09
N LYS A 115 -2.30 8.74 16.80
CA LYS A 115 -2.17 9.84 15.86
C LYS A 115 -2.38 9.32 14.44
N LYS A 116 -2.71 10.24 13.55
CA LYS A 116 -2.94 9.88 12.15
C LYS A 116 -2.77 11.14 11.28
N GLN A 117 -1.52 11.47 11.02
CA GLN A 117 -1.20 12.64 10.20
C GLN A 117 0.24 12.57 9.72
N ILE A 118 0.69 11.36 9.44
CA ILE A 118 2.04 11.15 8.96
C ILE A 118 2.01 10.35 7.67
N ILE A 119 2.17 9.04 7.82
CA ILE A 119 2.16 8.15 6.68
C ILE A 119 0.79 8.20 6.00
N LYS A 120 -0.21 7.73 6.73
CA LYS A 120 -1.57 7.73 6.21
C LYS A 120 -1.86 9.06 5.53
N LYS A 121 -1.21 10.10 6.04
CA LYS A 121 -1.40 11.43 5.50
C LYS A 121 -0.75 11.51 4.11
N ALA A 122 0.50 11.09 4.05
CA ALA A 122 1.23 11.11 2.80
C ALA A 122 0.70 10.00 1.89
N TYR A 123 0.86 8.77 2.35
CA TYR A 123 0.40 7.62 1.59
C TYR A 123 -0.95 7.90 0.93
N GLU A 124 -1.80 8.60 1.67
CA GLU A 124 -3.13 8.95 1.18
C GLU A 124 -3.03 10.10 0.18
N THR A 125 -2.16 11.05 0.50
CA THR A 125 -1.96 12.21 -0.37
C THR A 125 -1.69 11.76 -1.81
N ILE A 126 -1.17 10.54 -1.93
CA ILE A 126 -0.86 9.99 -3.24
C ILE A 126 -2.05 9.17 -3.73
N ALA A 127 -2.35 8.11 -3.00
CA ALA A 127 -3.45 7.23 -3.35
C ALA A 127 -4.65 8.09 -3.75
N ASP A 128 -4.72 9.28 -3.19
CA ASP A 128 -5.80 10.19 -3.49
C ASP A 128 -5.42 11.08 -4.67
N ASN A 129 -4.34 11.83 -4.49
CA ASN A 129 -3.87 12.71 -5.53
C ASN A 129 -3.81 11.96 -6.86
N ILE A 130 -3.27 10.74 -6.78
CA ILE A 130 -3.15 9.90 -7.96
C ILE A 130 -4.53 9.68 -8.57
N ALA A 131 -5.53 9.67 -7.69
CA ALA A 131 -6.91 9.47 -8.13
C ALA A 131 -7.46 10.79 -8.66
N ASP A 132 -6.60 11.80 -8.68
CA ASP A 132 -7.00 13.11 -9.16
C ASP A 132 -6.83 13.17 -10.68
N TYR A 133 -5.85 12.42 -11.17
CA TYR A 133 -5.56 12.38 -12.59
C TYR A 133 -6.13 11.10 -13.21
N LEU A 134 -6.69 10.25 -12.36
CA LEU A 134 -7.27 9.00 -12.83
C LEU A 134 -8.35 9.30 -13.86
N ASN A 135 -9.54 9.62 -13.36
CA ASN A 135 -10.66 9.93 -14.22
C ASN A 135 -11.02 8.69 -15.04
N GLU A 136 -11.15 7.57 -14.34
CA GLU A 136 -11.49 6.31 -14.98
C GLU A 136 -10.32 5.83 -15.84
N ASN A 137 -9.25 5.42 -15.18
CA ASN A 137 -8.08 4.93 -15.87
C ASN A 137 -7.34 3.93 -14.97
N MET A 1 18.60 -9.62 -1.16
CA MET A 1 19.26 -9.82 -2.44
C MET A 1 18.32 -9.48 -3.60
N GLU A 2 17.09 -9.96 -3.48
CA GLU A 2 16.09 -9.71 -4.50
C GLU A 2 14.79 -10.46 -4.18
N GLN A 3 14.96 -11.74 -3.85
CA GLN A 3 13.82 -12.58 -3.52
C GLN A 3 13.63 -12.63 -2.00
N ASN A 4 14.63 -13.19 -1.33
CA ASN A 4 14.59 -13.30 0.12
C ASN A 4 13.48 -14.28 0.52
N ASN A 5 13.24 -14.36 1.81
CA ASN A 5 12.21 -15.24 2.33
C ASN A 5 11.01 -14.42 2.79
N ILE A 6 11.27 -13.50 3.70
CA ILE A 6 10.22 -12.64 4.23
C ILE A 6 9.59 -11.85 3.08
N LYS A 7 10.36 -10.90 2.58
CA LYS A 7 9.89 -10.07 1.48
C LYS A 7 9.13 -10.94 0.48
N GLU A 8 9.72 -12.07 0.16
CA GLU A 8 9.10 -13.00 -0.78
C GLU A 8 7.78 -13.51 -0.23
N GLN A 9 7.83 -13.99 1.01
CA GLN A 9 6.65 -14.53 1.66
C GLN A 9 5.47 -13.57 1.48
N LEU A 10 5.78 -12.28 1.57
CA LEU A 10 4.76 -11.26 1.42
C LEU A 10 4.21 -11.29 -0.01
N ILE A 11 5.13 -11.26 -0.96
CA ILE A 11 4.76 -11.29 -2.36
C ILE A 11 3.85 -12.50 -2.62
N SER A 12 4.40 -13.67 -2.36
CA SER A 12 3.66 -14.90 -2.56
C SER A 12 2.20 -14.71 -2.12
N PHE A 13 2.05 -14.17 -0.93
CA PHE A 13 0.72 -13.93 -0.38
C PHE A 13 -0.01 -12.84 -1.18
N PHE A 14 0.32 -11.60 -0.88
CA PHE A 14 -0.30 -10.47 -1.56
C PHE A 14 -0.48 -10.77 -3.05
N ASN A 15 0.46 -11.53 -3.60
CA ASN A 15 0.41 -11.88 -5.00
C ASN A 15 -0.89 -12.65 -5.28
N GLN A 16 -1.13 -13.65 -4.45
CA GLN A 16 -2.33 -14.46 -4.59
C GLN A 16 -3.53 -13.78 -3.91
N ALA A 17 -3.66 -12.49 -4.16
CA ALA A 17 -4.74 -11.72 -3.58
C ALA A 17 -5.22 -10.67 -4.60
N CYS A 18 -4.40 -9.65 -4.77
CA CYS A 18 -4.73 -8.58 -5.70
C CYS A 18 -3.45 -7.79 -5.99
N SER A 19 -2.82 -8.12 -7.10
CA SER A 19 -1.60 -7.45 -7.50
C SER A 19 -1.84 -6.61 -8.75
N THR A 20 -2.16 -7.30 -9.84
CA THR A 20 -2.42 -6.63 -11.10
C THR A 20 -1.48 -5.43 -11.27
N HIS A 21 -1.92 -4.49 -12.09
CA HIS A 21 -1.14 -3.29 -12.35
C HIS A 21 -2.02 -2.06 -12.23
N GLN A 22 -2.87 -1.87 -13.23
CA GLN A 22 -3.78 -0.74 -13.25
C GLN A 22 -4.95 -0.98 -12.29
N GLU A 23 -5.33 -2.24 -12.19
CA GLU A 23 -6.43 -2.61 -11.32
C GLU A 23 -6.20 -2.05 -9.91
N ARG A 24 -4.94 -1.84 -9.58
CA ARG A 24 -4.57 -1.31 -8.29
C ARG A 24 -4.94 0.18 -8.20
N LEU A 25 -4.70 0.87 -9.29
CA LEU A 25 -5.00 2.30 -9.35
C LEU A 25 -6.49 2.52 -9.04
N ASP A 26 -7.30 1.57 -9.50
CA ASP A 26 -8.73 1.64 -9.28
C ASP A 26 -9.05 1.28 -7.83
N PHE A 27 -8.03 0.77 -7.15
CA PHE A 27 -8.18 0.39 -5.76
C PHE A 27 -7.95 1.58 -4.83
N ILE A 28 -6.76 2.16 -4.95
CA ILE A 28 -6.41 3.30 -4.13
C ILE A 28 -7.66 4.15 -3.86
N CYS A 29 -8.51 4.22 -4.88
CA CYS A 29 -9.74 4.99 -4.76
C CYS A 29 -10.79 4.12 -4.07
N SER A 30 -11.03 2.95 -4.66
CA SER A 30 -12.00 2.02 -4.11
C SER A 30 -11.83 1.92 -2.59
N THR A 31 -10.62 1.55 -2.19
CA THR A 31 -10.31 1.42 -0.78
C THR A 31 -10.92 2.57 0.02
N ARG A 32 -10.66 3.78 -0.46
CA ARG A 32 -11.18 4.97 0.20
C ARG A 32 -12.54 5.34 -0.38
N GLU A 33 -13.31 4.31 -0.72
CA GLU A 33 -14.63 4.51 -1.27
C GLU A 33 -15.39 3.18 -1.35
N SER A 34 -15.78 2.70 -0.19
CA SER A 34 -16.52 1.44 -0.11
C SER A 34 -17.46 1.46 1.09
N ASP A 35 -17.04 0.77 2.14
CA ASP A 35 -17.84 0.70 3.36
C ASP A 35 -17.02 0.04 4.47
N THR A 36 -16.49 -1.13 4.15
CA THR A 36 -15.68 -1.87 5.11
C THR A 36 -14.22 -1.94 4.64
N PHE A 37 -14.04 -1.72 3.35
CA PHE A 37 -12.71 -1.75 2.76
C PHE A 37 -12.10 -3.14 2.87
N SER A 38 -12.93 -4.09 3.27
CA SER A 38 -12.48 -5.47 3.43
C SER A 38 -13.26 -6.38 2.47
N SER A 39 -14.22 -5.78 1.78
CA SER A 39 -15.04 -6.51 0.83
C SER A 39 -14.83 -5.98 -0.58
N VAL A 40 -13.75 -5.21 -0.74
CA VAL A 40 -13.43 -4.62 -2.02
C VAL A 40 -13.30 -5.74 -3.06
N ASP A 41 -12.06 -5.99 -3.46
CA ASP A 41 -11.78 -7.03 -4.44
C ASP A 41 -10.83 -8.07 -3.84
N VAL A 42 -9.65 -7.59 -3.50
CA VAL A 42 -8.64 -8.47 -2.91
C VAL A 42 -9.31 -9.38 -1.88
N PRO A 43 -8.90 -10.68 -1.93
CA PRO A 43 -9.45 -11.67 -1.00
C PRO A 43 -8.86 -11.50 0.40
N LEU A 44 -9.70 -11.75 1.39
CA LEU A 44 -9.29 -11.62 2.78
C LEU A 44 -8.53 -12.89 3.19
N GLU A 45 -8.77 -13.96 2.44
CA GLU A 45 -8.12 -15.23 2.71
C GLU A 45 -6.60 -15.05 2.81
N PRO A 46 -6.02 -14.54 1.69
CA PRO A 46 -4.58 -14.32 1.64
C PRO A 46 -4.20 -13.08 2.44
N ILE A 47 -4.96 -12.01 2.24
CA ILE A 47 -4.70 -10.76 2.93
C ILE A 47 -4.62 -11.04 4.44
N LYS A 48 -5.46 -11.96 4.88
CA LYS A 48 -5.50 -12.32 6.30
C LYS A 48 -4.15 -12.92 6.69
N ASN A 49 -3.38 -13.29 5.68
CA ASN A 49 -2.07 -13.88 5.91
C ASN A 49 -1.03 -12.76 6.03
N ILE A 50 -1.24 -11.72 5.24
CA ILE A 50 -0.33 -10.59 5.23
C ILE A 50 -0.73 -9.62 6.35
N ILE A 51 -1.89 -9.88 6.93
CA ILE A 51 -2.39 -9.05 8.01
C ILE A 51 -1.70 -9.43 9.32
N GLU A 52 -1.21 -10.67 9.36
CA GLU A 52 -0.53 -11.17 10.53
C GLU A 52 0.96 -10.84 10.46
N ILE A 53 1.26 -9.65 9.97
CA ILE A 53 2.63 -9.21 9.84
C ILE A 53 2.93 -8.14 10.90
N THR A 54 1.89 -7.40 11.24
CA THR A 54 2.02 -6.35 12.24
C THR A 54 1.49 -6.82 13.58
N LYS A 55 1.42 -8.14 13.73
CA LYS A 55 0.94 -8.73 14.97
C LYS A 55 1.76 -8.20 16.14
N ASP A 56 3.07 -8.30 16.00
CA ASP A 56 3.98 -7.83 17.03
C ASP A 56 4.01 -6.30 17.02
N GLU A 57 4.30 -5.74 18.18
CA GLU A 57 4.37 -4.29 18.32
C GLU A 57 5.65 -3.76 17.68
N ASN A 58 6.65 -4.62 17.63
CA ASN A 58 7.93 -4.26 17.05
C ASN A 58 7.77 -4.09 15.53
N GLN A 59 7.00 -5.00 14.95
CA GLN A 59 6.77 -4.95 13.52
C GLN A 59 6.05 -3.66 13.13
N GLN A 60 5.04 -3.31 13.91
CA GLN A 60 4.27 -2.11 13.67
C GLN A 60 5.20 -0.89 13.66
N ILE A 61 6.07 -0.84 14.65
CA ILE A 61 7.01 0.26 14.77
C ILE A 61 7.86 0.34 13.51
N GLU A 62 8.57 -0.75 13.24
CA GLU A 62 9.42 -0.83 12.07
C GLU A 62 8.60 -0.59 10.80
N ILE A 63 7.34 -0.97 10.87
CA ILE A 63 6.44 -0.81 9.74
C ILE A 63 6.22 0.67 9.47
N THR A 64 5.94 1.40 10.56
CA THR A 64 5.71 2.83 10.46
C THR A 64 6.85 3.51 9.69
N LYS A 65 8.05 3.32 10.20
CA LYS A 65 9.24 3.90 9.59
C LYS A 65 9.40 3.32 8.18
N ILE A 66 9.15 2.03 8.08
CA ILE A 66 9.27 1.34 6.80
C ILE A 66 8.37 2.02 5.77
N ALA A 67 7.17 2.34 6.21
CA ALA A 67 6.21 3.00 5.34
C ALA A 67 6.80 4.31 4.82
N VAL A 68 7.42 5.05 5.73
CA VAL A 68 8.03 6.31 5.38
C VAL A 68 9.16 6.07 4.38
N ASN A 69 9.90 4.99 4.61
CA ASN A 69 11.01 4.64 3.74
C ASN A 69 10.62 4.93 2.29
N ASN A 70 9.33 4.79 2.02
CA ASN A 70 8.82 5.03 0.68
C ASN A 70 8.33 6.47 0.58
N ILE A 71 7.33 6.78 1.38
CA ILE A 71 6.76 8.12 1.39
C ILE A 71 7.89 9.14 1.28
N LYS A 72 8.96 8.88 2.00
CA LYS A 72 10.11 9.76 1.99
C LYS A 72 10.59 9.95 0.55
N THR A 73 10.80 8.82 -0.12
CA THR A 73 11.26 8.85 -1.49
C THR A 73 10.13 9.28 -2.44
N LEU A 74 8.92 8.90 -2.05
CA LEU A 74 7.74 9.23 -2.84
C LEU A 74 7.63 10.76 -2.95
N SER A 75 8.37 11.43 -2.09
CA SER A 75 8.36 12.89 -2.09
C SER A 75 9.34 13.42 -3.12
N SER A 76 9.25 12.86 -4.32
CA SER A 76 10.12 13.27 -5.42
C SER A 76 9.64 12.66 -6.73
N VAL A 77 9.67 11.34 -6.76
CA VAL A 77 9.23 10.62 -7.96
C VAL A 77 9.72 11.37 -9.20
N GLY A 78 11.03 11.39 -9.36
CA GLY A 78 11.63 12.06 -10.51
C GLY A 78 11.73 13.57 -10.26
N ALA A 79 11.46 14.32 -11.32
CA ALA A 79 11.51 15.77 -11.24
C ALA A 79 10.15 16.35 -11.65
N THR A 80 9.66 15.87 -12.80
CA THR A 80 8.39 16.34 -13.31
C THR A 80 7.27 15.37 -12.91
N GLY A 81 6.04 15.85 -13.00
CA GLY A 81 4.89 15.04 -12.66
C GLY A 81 5.04 14.44 -11.27
N GLN A 82 4.22 13.44 -10.99
CA GLN A 82 4.25 12.78 -9.70
C GLN A 82 3.30 11.57 -9.70
N TYR A 83 3.36 10.80 -10.77
CA TYR A 83 2.52 9.63 -10.91
C TYR A 83 3.09 8.45 -10.11
N MET A 84 2.74 8.40 -8.84
CA MET A 84 3.20 7.34 -7.97
C MET A 84 2.87 5.97 -8.56
N ALA A 85 1.94 5.97 -9.51
CA ALA A 85 1.53 4.74 -10.15
C ALA A 85 2.69 4.18 -10.98
N SER A 86 3.33 5.08 -11.72
CA SER A 86 4.45 4.70 -12.56
C SER A 86 5.56 4.08 -11.70
N PHE A 87 5.94 4.81 -10.66
CA PHE A 87 6.98 4.35 -9.76
C PHE A 87 6.60 3.01 -9.14
N PHE A 88 5.30 2.73 -9.12
CA PHE A 88 4.81 1.48 -8.56
C PHE A 88 4.81 0.38 -9.61
N SER A 89 4.93 0.78 -10.87
CA SER A 89 4.96 -0.16 -11.97
C SER A 89 6.34 -0.81 -12.07
N THR A 90 7.35 0.05 -12.08
CA THR A 90 8.72 -0.42 -12.18
C THR A 90 9.13 -1.16 -10.91
N ASN A 91 9.27 -0.39 -9.84
CA ASN A 91 9.65 -0.94 -8.55
C ASN A 91 8.43 -1.59 -7.89
N SER A 92 8.34 -2.90 -8.04
CA SER A 92 7.24 -3.64 -7.47
C SER A 92 7.57 -4.05 -6.03
N GLU A 93 8.83 -4.40 -5.82
CA GLU A 93 9.29 -4.81 -4.50
C GLU A 93 8.78 -3.83 -3.44
N PRO A 94 9.01 -2.52 -3.70
CA PRO A 94 8.58 -1.48 -2.78
C PRO A 94 7.07 -1.26 -2.86
N ALA A 95 6.59 -1.11 -4.09
CA ALA A 95 5.18 -0.89 -4.32
C ALA A 95 4.37 -1.97 -3.58
N ILE A 96 4.95 -3.15 -3.52
CA ILE A 96 4.30 -4.26 -2.84
C ILE A 96 4.22 -3.97 -1.34
N ILE A 97 5.39 -3.76 -0.75
CA ILE A 97 5.46 -3.47 0.67
C ILE A 97 4.53 -2.31 1.01
N PHE A 98 4.66 -1.24 0.23
CA PHE A 98 3.83 -0.06 0.42
C PHE A 98 2.35 -0.43 0.40
N CYS A 99 1.93 -0.99 -0.73
CA CYS A 99 0.54 -1.38 -0.89
C CYS A 99 0.10 -2.14 0.37
N VAL A 100 0.84 -3.19 0.67
CA VAL A 100 0.54 -4.01 1.84
C VAL A 100 0.31 -3.09 3.05
N ILE A 101 1.17 -2.08 3.15
CA ILE A 101 1.07 -1.12 4.24
C ILE A 101 -0.18 -0.27 4.06
N TYR A 102 -0.36 0.20 2.82
CA TYR A 102 -1.51 1.04 2.51
C TYR A 102 -2.82 0.30 2.77
N PHE A 103 -2.93 -0.88 2.17
CA PHE A 103 -4.12 -1.69 2.35
C PHE A 103 -4.48 -1.83 3.82
N LEU A 104 -3.47 -2.14 4.62
CA LEU A 104 -3.67 -2.31 6.05
C LEU A 104 -4.30 -1.05 6.62
N TYR A 105 -3.48 -0.02 6.74
CA TYR A 105 -3.94 1.25 7.27
C TYR A 105 -5.37 1.55 6.83
N HIS A 106 -5.52 1.72 5.52
CA HIS A 106 -6.83 2.01 4.94
C HIS A 106 -7.88 1.08 5.58
N PHE A 107 -7.75 -0.20 5.28
CA PHE A 107 -8.68 -1.19 5.82
C PHE A 107 -8.84 -1.02 7.33
N GLY A 108 -7.71 -1.08 8.03
CA GLY A 108 -7.73 -0.94 9.47
C GLY A 108 -7.01 -2.11 10.14
N PHE A 109 -5.74 -1.87 10.48
CA PHE A 109 -4.94 -2.91 11.13
C PHE A 109 -3.72 -2.29 11.81
N LEU A 110 -2.86 -1.70 10.99
CA LEU A 110 -1.65 -1.08 11.49
C LEU A 110 -2.02 -0.09 12.60
N LYS A 111 -1.04 0.20 13.45
CA LYS A 111 -1.25 1.13 14.54
C LYS A 111 -0.78 2.52 14.11
N ASP A 112 -1.69 3.48 14.24
CA ASP A 112 -1.38 4.86 13.88
C ASP A 112 -2.44 5.79 14.50
N ASN A 113 -2.27 6.04 15.79
CA ASN A 113 -3.19 6.90 16.50
C ASN A 113 -2.42 8.06 17.13
N ASN A 114 -2.63 9.25 16.57
CA ASN A 114 -1.95 10.44 17.07
C ASN A 114 -2.85 11.66 16.82
N LYS A 115 -2.42 12.78 17.38
CA LYS A 115 -3.16 14.02 17.24
C LYS A 115 -3.63 14.16 15.78
N LYS A 116 -2.66 14.12 14.88
CA LYS A 116 -2.96 14.23 13.46
C LYS A 116 -2.41 13.01 12.72
N GLN A 117 -3.03 12.71 11.59
CA GLN A 117 -2.62 11.57 10.79
C GLN A 117 -1.13 11.67 10.45
N ILE A 118 -0.56 10.52 10.10
CA ILE A 118 0.85 10.47 9.75
C ILE A 118 1.01 9.82 8.38
N ILE A 119 1.32 8.54 8.40
CA ILE A 119 1.51 7.79 7.16
C ILE A 119 0.19 7.77 6.39
N LYS A 120 -0.84 7.23 7.04
CA LYS A 120 -2.15 7.14 6.43
C LYS A 120 -2.46 8.46 5.72
N LYS A 121 -1.92 9.53 6.26
CA LYS A 121 -2.14 10.85 5.69
C LYS A 121 -1.47 10.92 4.31
N ALA A 122 -0.17 10.67 4.30
CA ALA A 122 0.60 10.69 3.07
C ALA A 122 0.08 9.58 2.14
N TYR A 123 0.26 8.35 2.59
CA TYR A 123 -0.17 7.20 1.81
C TYR A 123 -1.49 7.50 1.09
N GLU A 124 -2.33 8.28 1.75
CA GLU A 124 -3.62 8.64 1.20
C GLU A 124 -3.48 9.85 0.28
N THR A 125 -2.71 10.82 0.74
CA THR A 125 -2.48 12.03 -0.03
C THR A 125 -2.05 11.70 -1.45
N ILE A 126 -1.53 10.49 -1.60
CA ILE A 126 -1.08 10.03 -2.90
C ILE A 126 -2.18 9.22 -3.57
N ALA A 127 -2.54 8.12 -2.93
CA ALA A 127 -3.58 7.25 -3.45
C ALA A 127 -4.71 8.10 -4.02
N ASP A 128 -4.87 9.29 -3.44
CA ASP A 128 -5.91 10.21 -3.88
C ASP A 128 -5.35 11.11 -4.98
N ASN A 129 -4.37 11.91 -4.60
CA ASN A 129 -3.73 12.83 -5.53
C ASN A 129 -3.48 12.11 -6.85
N ILE A 130 -2.99 10.87 -6.73
CA ILE A 130 -2.70 10.07 -7.91
C ILE A 130 -3.97 9.92 -8.75
N ALA A 131 -5.08 9.71 -8.06
CA ALA A 131 -6.36 9.54 -8.71
C ALA A 131 -6.75 10.86 -9.39
N ASP A 132 -5.99 11.90 -9.07
CA ASP A 132 -6.24 13.21 -9.64
C ASP A 132 -5.76 13.23 -11.09
N TYR A 133 -4.57 12.70 -11.29
CA TYR A 133 -3.98 12.65 -12.61
C TYR A 133 -4.66 11.58 -13.48
N LEU A 134 -4.81 10.41 -12.89
CA LEU A 134 -5.45 9.30 -13.59
C LEU A 134 -6.68 9.80 -14.34
N ASN A 135 -7.70 10.14 -13.56
CA ASN A 135 -8.94 10.64 -14.14
C ASN A 135 -10.03 10.64 -13.06
N GLU A 136 -10.57 9.47 -12.80
CA GLU A 136 -11.62 9.32 -11.81
C GLU A 136 -11.81 7.85 -11.45
N ASN A 137 -10.95 7.38 -10.56
CA ASN A 137 -11.02 5.99 -10.12
C ASN A 137 -10.85 5.07 -11.34
N MET A 1 13.41 -11.86 -10.03
CA MET A 1 13.29 -12.18 -8.62
C MET A 1 14.53 -12.90 -8.12
N GLU A 2 15.39 -12.14 -7.46
CA GLU A 2 16.63 -12.70 -6.91
C GLU A 2 16.42 -13.12 -5.46
N GLN A 3 16.78 -12.21 -4.56
CA GLN A 3 16.64 -12.47 -3.14
C GLN A 3 15.17 -12.70 -2.78
N ASN A 4 14.91 -13.86 -2.21
CA ASN A 4 13.55 -14.22 -1.82
C ASN A 4 13.58 -14.92 -0.46
N ASN A 5 12.71 -14.48 0.42
CA ASN A 5 12.63 -15.06 1.74
C ASN A 5 11.41 -14.49 2.48
N ILE A 6 11.63 -13.38 3.16
CA ILE A 6 10.57 -12.72 3.89
C ILE A 6 9.65 -11.98 2.91
N LYS A 7 10.04 -10.76 2.60
CA LYS A 7 9.27 -9.94 1.67
C LYS A 7 8.67 -10.83 0.59
N GLU A 8 9.44 -11.85 0.21
CA GLU A 8 8.99 -12.78 -0.81
C GLU A 8 7.67 -13.43 -0.40
N GLN A 9 7.70 -14.05 0.77
CA GLN A 9 6.52 -14.72 1.30
C GLN A 9 5.34 -13.74 1.35
N LEU A 10 5.67 -12.48 1.58
CA LEU A 10 4.66 -11.44 1.65
C LEU A 10 4.03 -11.22 0.28
N ILE A 11 4.90 -11.24 -0.73
CA ILE A 11 4.45 -11.05 -2.10
C ILE A 11 3.42 -12.14 -2.46
N SER A 12 3.87 -13.39 -2.34
CA SER A 12 3.02 -14.51 -2.64
C SER A 12 1.61 -14.27 -2.09
N PHE A 13 1.56 -13.93 -0.81
CA PHE A 13 0.28 -13.67 -0.15
C PHE A 13 -0.55 -12.67 -0.96
N PHE A 14 -0.06 -11.44 -1.02
CA PHE A 14 -0.76 -10.40 -1.74
C PHE A 14 -1.03 -10.82 -3.18
N ASN A 15 0.00 -11.39 -3.81
CA ASN A 15 -0.11 -11.84 -5.18
C ASN A 15 -1.30 -12.78 -5.30
N GLN A 16 -1.56 -13.50 -4.22
CA GLN A 16 -2.67 -14.45 -4.19
C GLN A 16 -3.99 -13.71 -3.99
N ALA A 17 -3.89 -12.39 -3.93
CA ALA A 17 -5.07 -11.56 -3.74
C ALA A 17 -5.37 -10.80 -5.03
N CYS A 18 -4.59 -9.74 -5.24
CA CYS A 18 -4.76 -8.91 -6.42
C CYS A 18 -4.38 -9.75 -7.65
N SER A 19 -4.33 -9.08 -8.78
CA SER A 19 -3.99 -9.75 -10.03
C SER A 19 -3.49 -8.73 -11.05
N THR A 20 -4.44 -8.04 -11.67
CA THR A 20 -4.10 -7.04 -12.67
C THR A 20 -2.91 -6.21 -12.22
N HIS A 21 -2.30 -5.52 -13.17
CA HIS A 21 -1.15 -4.68 -12.89
C HIS A 21 -1.60 -3.35 -12.29
N GLN A 22 -2.70 -2.84 -12.84
CA GLN A 22 -3.25 -1.58 -12.37
C GLN A 22 -3.86 -1.74 -10.98
N GLU A 23 -3.85 -2.99 -10.50
CA GLU A 23 -4.40 -3.29 -9.19
C GLU A 23 -4.07 -2.18 -8.21
N ARG A 24 -2.89 -1.60 -8.39
CA ARG A 24 -2.44 -0.52 -7.52
C ARG A 24 -3.28 0.74 -7.78
N LEU A 25 -3.25 1.18 -9.03
CA LEU A 25 -4.00 2.36 -9.43
C LEU A 25 -5.48 2.14 -9.16
N ASP A 26 -5.87 0.87 -9.15
CA ASP A 26 -7.25 0.51 -8.91
C ASP A 26 -7.47 0.30 -7.41
N PHE A 27 -6.37 0.02 -6.72
CA PHE A 27 -6.44 -0.20 -5.28
C PHE A 27 -6.59 1.12 -4.53
N ILE A 28 -5.61 2.01 -4.72
CA ILE A 28 -5.64 3.30 -4.08
C ILE A 28 -7.07 3.84 -4.06
N CYS A 29 -7.83 3.45 -5.07
CA CYS A 29 -9.21 3.88 -5.18
C CYS A 29 -10.09 2.87 -4.44
N SER A 30 -10.00 1.62 -4.87
CA SER A 30 -10.77 0.56 -4.26
C SER A 30 -10.83 0.76 -2.75
N THR A 31 -9.69 1.14 -2.19
CA THR A 31 -9.60 1.38 -0.75
C THR A 31 -10.21 2.73 -0.39
N ARG A 32 -11.45 2.93 -0.82
CA ARG A 32 -12.15 4.17 -0.55
C ARG A 32 -13.28 4.38 -1.56
N GLU A 33 -13.12 3.74 -2.71
CA GLU A 33 -14.10 3.85 -3.77
C GLU A 33 -15.04 2.63 -3.74
N SER A 34 -15.25 2.12 -2.54
CA SER A 34 -16.11 0.96 -2.37
C SER A 34 -17.06 1.18 -1.18
N ASP A 35 -16.75 0.52 -0.08
CA ASP A 35 -17.55 0.65 1.12
C ASP A 35 -16.83 -0.04 2.29
N THR A 36 -16.47 -1.30 2.06
CA THR A 36 -15.78 -2.08 3.08
C THR A 36 -14.49 -2.67 2.50
N PHE A 37 -13.98 -3.68 3.20
CA PHE A 37 -12.76 -4.33 2.77
C PHE A 37 -13.06 -5.60 1.96
N SER A 38 -14.21 -6.19 2.27
CA SER A 38 -14.63 -7.41 1.58
C SER A 38 -15.24 -7.05 0.22
N SER A 39 -15.21 -5.75 -0.08
CA SER A 39 -15.76 -5.27 -1.34
C SER A 39 -14.63 -4.96 -2.32
N VAL A 40 -13.49 -4.58 -1.75
CA VAL A 40 -12.33 -4.26 -2.57
C VAL A 40 -12.01 -5.43 -3.50
N ASP A 41 -11.39 -5.11 -4.62
CA ASP A 41 -11.03 -6.12 -5.60
C ASP A 41 -9.86 -6.93 -5.07
N VAL A 42 -10.09 -7.57 -3.94
CA VAL A 42 -9.06 -8.40 -3.32
C VAL A 42 -9.70 -9.30 -2.26
N PRO A 43 -9.31 -10.60 -2.30
CA PRO A 43 -9.83 -11.58 -1.37
C PRO A 43 -9.21 -11.40 0.01
N LEU A 44 -9.98 -11.73 1.03
CA LEU A 44 -9.52 -11.61 2.40
C LEU A 44 -8.68 -12.84 2.76
N GLU A 45 -8.99 -13.94 2.08
CA GLU A 45 -8.27 -15.18 2.32
C GLU A 45 -6.76 -14.93 2.36
N PRO A 46 -6.24 -14.34 1.26
CA PRO A 46 -4.82 -14.05 1.17
C PRO A 46 -4.46 -12.82 2.03
N ILE A 47 -5.27 -11.78 1.88
CA ILE A 47 -5.05 -10.55 2.63
C ILE A 47 -4.86 -10.90 4.10
N LYS A 48 -5.72 -11.78 4.59
CA LYS A 48 -5.67 -12.20 5.97
C LYS A 48 -4.25 -12.67 6.30
N ASN A 49 -3.52 -13.03 5.26
CA ASN A 49 -2.16 -13.51 5.42
C ASN A 49 -1.22 -12.31 5.58
N ILE A 50 -1.47 -11.30 4.76
CA ILE A 50 -0.66 -10.09 4.80
C ILE A 50 -1.14 -9.19 5.96
N ILE A 51 -2.11 -9.70 6.68
CA ILE A 51 -2.67 -8.98 7.81
C ILE A 51 -2.03 -9.48 9.11
N GLU A 52 -1.56 -10.71 9.05
CA GLU A 52 -0.93 -11.32 10.21
C GLU A 52 0.56 -11.02 10.22
N ILE A 53 0.90 -9.83 9.77
CA ILE A 53 2.29 -9.41 9.71
C ILE A 53 2.51 -8.26 10.70
N THR A 54 1.51 -7.39 10.77
CA THR A 54 1.58 -6.24 11.66
C THR A 54 0.99 -6.59 13.02
N LYS A 55 1.00 -7.87 13.33
CA LYS A 55 0.47 -8.36 14.59
C LYS A 55 1.53 -8.21 15.68
N ASP A 56 2.78 -8.25 15.25
CA ASP A 56 3.90 -8.12 16.17
C ASP A 56 4.21 -6.64 16.39
N GLU A 57 4.34 -6.29 17.65
CA GLU A 57 4.63 -4.91 18.01
C GLU A 57 5.74 -4.35 17.12
N ASN A 58 6.97 -4.74 17.44
CA ASN A 58 8.12 -4.29 16.68
C ASN A 58 7.72 -4.13 15.21
N GLN A 59 6.94 -5.09 14.74
CA GLN A 59 6.49 -5.06 13.36
C GLN A 59 5.71 -3.77 13.07
N GLN A 60 4.64 -3.59 13.83
CA GLN A 60 3.81 -2.41 13.67
C GLN A 60 4.67 -1.14 13.68
N ILE A 61 5.65 -1.15 14.57
CA ILE A 61 6.55 -0.02 14.68
C ILE A 61 7.40 0.10 13.42
N GLU A 62 8.15 -0.96 13.16
CA GLU A 62 9.01 -0.99 11.98
C GLU A 62 8.20 -0.68 10.72
N ILE A 63 6.94 -1.08 10.75
CA ILE A 63 6.05 -0.85 9.63
C ILE A 63 5.89 0.66 9.40
N THR A 64 5.76 1.37 10.51
CA THR A 64 5.61 2.82 10.45
C THR A 64 6.80 3.45 9.74
N LYS A 65 7.99 3.09 10.19
CA LYS A 65 9.21 3.61 9.61
C LYS A 65 9.40 3.03 8.22
N ILE A 66 8.98 1.77 8.07
CA ILE A 66 9.09 1.09 6.79
C ILE A 66 8.27 1.84 5.75
N ALA A 67 7.03 2.14 6.11
CA ALA A 67 6.14 2.85 5.22
C ALA A 67 6.81 4.14 4.75
N VAL A 68 7.40 4.84 5.71
CA VAL A 68 8.08 6.09 5.40
C VAL A 68 9.25 5.82 4.46
N ASN A 69 9.91 4.70 4.69
CA ASN A 69 11.04 4.31 3.85
C ASN A 69 10.71 4.59 2.39
N ASN A 70 9.42 4.53 2.09
CA ASN A 70 8.96 4.77 0.73
C ASN A 70 8.50 6.22 0.61
N ILE A 71 7.61 6.62 1.50
CA ILE A 71 7.08 7.97 1.50
C ILE A 71 8.24 8.96 1.42
N LYS A 72 9.27 8.69 2.23
CA LYS A 72 10.44 9.55 2.26
C LYS A 72 10.98 9.72 0.84
N THR A 73 11.06 8.60 0.14
CA THR A 73 11.56 8.61 -1.22
C THR A 73 10.50 9.18 -2.17
N LEU A 74 9.26 8.85 -1.88
CA LEU A 74 8.15 9.32 -2.70
C LEU A 74 8.17 10.84 -2.74
N SER A 75 8.89 11.43 -1.80
CA SER A 75 9.00 12.87 -1.73
C SER A 75 10.16 13.36 -2.60
N SER A 76 10.24 12.78 -3.80
CA SER A 76 11.28 13.15 -4.73
C SER A 76 10.94 12.62 -6.13
N VAL A 77 9.63 12.57 -6.40
CA VAL A 77 9.16 12.10 -7.69
C VAL A 77 8.96 13.28 -8.63
N GLY A 78 10.07 13.73 -9.20
CA GLY A 78 10.03 14.86 -10.12
C GLY A 78 9.09 15.96 -9.60
N ALA A 79 8.31 16.50 -10.52
CA ALA A 79 7.36 17.55 -10.17
C ALA A 79 6.67 18.05 -11.45
N THR A 80 7.48 18.43 -12.41
CA THR A 80 6.95 18.93 -13.68
C THR A 80 6.39 17.77 -14.50
N GLY A 81 5.37 17.14 -13.97
CA GLY A 81 4.73 16.02 -14.64
C GLY A 81 5.42 14.70 -14.29
N GLN A 82 4.72 13.90 -13.49
CA GLN A 82 5.24 12.62 -13.07
C GLN A 82 4.38 12.02 -11.96
N TYR A 83 3.36 11.29 -12.37
CA TYR A 83 2.45 10.67 -11.42
C TYR A 83 3.18 9.63 -10.56
N MET A 84 2.72 9.51 -9.33
CA MET A 84 3.32 8.56 -8.40
C MET A 84 3.08 7.12 -8.86
N ALA A 85 2.24 6.99 -9.87
CA ALA A 85 1.92 5.68 -10.41
C ALA A 85 3.15 5.10 -11.10
N SER A 86 3.74 5.91 -11.96
CA SER A 86 4.92 5.50 -12.71
C SER A 86 6.00 5.03 -11.73
N PHE A 87 6.06 5.70 -10.58
CA PHE A 87 7.04 5.35 -9.57
C PHE A 87 6.54 4.20 -8.69
N PHE A 88 6.17 3.12 -9.37
CA PHE A 88 5.67 1.94 -8.67
C PHE A 88 5.47 0.77 -9.64
N SER A 89 4.91 1.09 -10.78
CA SER A 89 4.66 0.08 -11.80
C SER A 89 5.93 -0.74 -12.04
N THR A 90 7.03 -0.03 -12.17
CA THR A 90 8.32 -0.68 -12.40
C THR A 90 8.75 -1.46 -11.17
N ASN A 91 8.91 -0.73 -10.07
CA ASN A 91 9.33 -1.34 -8.81
C ASN A 91 8.09 -1.79 -8.05
N SER A 92 7.89 -3.10 -8.02
CA SER A 92 6.76 -3.67 -7.32
C SER A 92 7.10 -3.88 -5.84
N GLU A 93 8.31 -4.34 -5.60
CA GLU A 93 8.77 -4.58 -4.24
C GLU A 93 8.30 -3.45 -3.32
N PRO A 94 8.60 -2.20 -3.75
CA PRO A 94 8.23 -1.03 -2.97
C PRO A 94 6.73 -0.74 -3.11
N ALA A 95 6.27 -0.75 -4.35
CA ALA A 95 4.87 -0.50 -4.63
C ALA A 95 4.00 -1.49 -3.84
N ILE A 96 4.63 -2.58 -3.44
CA ILE A 96 3.94 -3.60 -2.68
C ILE A 96 3.82 -3.15 -1.22
N ILE A 97 4.95 -2.85 -0.63
CA ILE A 97 4.99 -2.40 0.75
C ILE A 97 3.97 -1.27 0.94
N PHE A 98 4.20 -0.19 0.20
CA PHE A 98 3.31 0.96 0.28
C PHE A 98 1.84 0.54 0.22
N CYS A 99 1.52 -0.23 -0.81
CA CYS A 99 0.16 -0.72 -0.99
C CYS A 99 -0.21 -1.55 0.24
N VAL A 100 0.38 -2.73 0.31
CA VAL A 100 0.12 -3.63 1.42
C VAL A 100 -0.02 -2.82 2.71
N ILE A 101 0.86 -1.83 2.85
CA ILE A 101 0.84 -0.98 4.02
C ILE A 101 -0.43 -0.13 4.01
N TYR A 102 -0.58 0.65 2.95
CA TYR A 102 -1.74 1.51 2.81
C TYR A 102 -2.99 0.83 3.36
N PHE A 103 -3.36 -0.27 2.73
CA PHE A 103 -4.53 -1.01 3.15
C PHE A 103 -4.49 -1.33 4.65
N LEU A 104 -3.36 -1.87 5.07
CA LEU A 104 -3.16 -2.22 6.47
C LEU A 104 -3.50 -1.01 7.34
N TYR A 105 -3.16 0.16 6.82
CA TYR A 105 -3.41 1.40 7.54
C TYR A 105 -4.85 1.86 7.34
N HIS A 106 -5.20 2.07 6.07
CA HIS A 106 -6.53 2.50 5.72
C HIS A 106 -7.56 1.83 6.64
N PHE A 107 -7.73 0.54 6.43
CA PHE A 107 -8.66 -0.23 7.24
C PHE A 107 -8.24 -1.70 7.32
N GLY A 108 -7.09 -1.91 7.95
CA GLY A 108 -6.57 -3.26 8.11
C GLY A 108 -6.33 -3.59 9.58
N PHE A 109 -5.06 -3.74 9.92
CA PHE A 109 -4.68 -4.06 11.29
C PHE A 109 -3.57 -3.12 11.79
N LEU A 110 -2.90 -2.50 10.84
CA LEU A 110 -1.82 -1.58 11.16
C LEU A 110 -2.31 -0.59 12.21
N LYS A 111 -1.46 -0.37 13.21
CA LYS A 111 -1.78 0.56 14.28
C LYS A 111 -0.75 1.68 14.32
N ASP A 112 -1.24 2.90 14.50
CA ASP A 112 -0.37 4.05 14.56
C ASP A 112 -1.11 5.22 15.22
N ASN A 113 -0.93 5.33 16.53
CA ASN A 113 -1.58 6.38 17.29
C ASN A 113 -1.23 7.74 16.67
N ASN A 114 -2.27 8.42 16.21
CA ASN A 114 -2.09 9.73 15.58
C ASN A 114 -3.42 10.18 14.96
N LYS A 115 -3.47 11.46 14.64
CA LYS A 115 -4.66 12.03 14.04
C LYS A 115 -4.29 12.71 12.72
N LYS A 116 -4.07 11.89 11.70
CA LYS A 116 -3.72 12.40 10.39
C LYS A 116 -2.31 13.00 10.45
N GLN A 117 -1.92 13.62 9.34
CA GLN A 117 -0.61 14.24 9.25
C GLN A 117 0.49 13.17 9.33
N ILE A 118 0.06 11.92 9.29
CA ILE A 118 0.99 10.81 9.35
C ILE A 118 0.99 10.08 8.00
N ILE A 119 1.58 8.89 8.01
CA ILE A 119 1.66 8.08 6.80
C ILE A 119 0.32 8.16 6.07
N LYS A 120 -0.71 7.65 6.73
CA LYS A 120 -2.04 7.66 6.14
C LYS A 120 -2.27 8.97 5.39
N LYS A 121 -1.76 10.04 5.98
CA LYS A 121 -1.90 11.36 5.38
C LYS A 121 -1.12 11.39 4.06
N ALA A 122 0.18 11.19 4.17
CA ALA A 122 1.05 11.19 3.00
C ALA A 122 0.57 10.11 2.02
N TYR A 123 0.68 8.87 2.46
CA TYR A 123 0.28 7.75 1.64
C TYR A 123 -1.03 8.06 0.90
N GLU A 124 -1.94 8.68 1.62
CA GLU A 124 -3.23 9.03 1.05
C GLU A 124 -3.08 10.24 0.12
N THR A 125 -2.21 11.16 0.53
CA THR A 125 -1.98 12.35 -0.26
C THR A 125 -1.66 11.99 -1.70
N ILE A 126 -1.11 10.80 -1.88
CA ILE A 126 -0.75 10.32 -3.20
C ILE A 126 -1.91 9.53 -3.79
N ALA A 127 -2.25 8.44 -3.13
CA ALA A 127 -3.35 7.59 -3.57
C ALA A 127 -4.53 8.48 -3.97
N ASP A 128 -4.60 9.65 -3.35
CA ASP A 128 -5.66 10.58 -3.63
C ASP A 128 -5.27 11.48 -4.81
N ASN A 129 -4.21 12.25 -4.60
CA ASN A 129 -3.72 13.14 -5.63
C ASN A 129 -3.63 12.38 -6.96
N ILE A 130 -3.10 11.17 -6.87
CA ILE A 130 -2.95 10.34 -8.05
C ILE A 130 -4.33 9.97 -8.60
N ALA A 131 -5.27 9.80 -7.67
CA ALA A 131 -6.62 9.45 -8.05
C ALA A 131 -7.28 10.66 -8.72
N ASP A 132 -6.58 11.77 -8.69
CA ASP A 132 -7.08 13.00 -9.29
C ASP A 132 -6.84 12.96 -10.80
N TYR A 133 -5.85 12.19 -11.19
CA TYR A 133 -5.50 12.05 -12.60
C TYR A 133 -6.15 10.79 -13.20
N LEU A 134 -6.23 9.76 -12.38
CA LEU A 134 -6.82 8.50 -12.81
C LEU A 134 -8.24 8.77 -13.33
N ASN A 135 -9.16 8.89 -12.39
CA ASN A 135 -10.55 9.14 -12.73
C ASN A 135 -11.25 7.81 -13.01
N GLU A 136 -10.60 6.98 -13.81
CA GLU A 136 -11.14 5.68 -14.17
C GLU A 136 -12.40 5.85 -15.01
N ASN A 137 -12.20 5.88 -16.32
CA ASN A 137 -13.30 6.03 -17.24
C ASN A 137 -13.67 4.67 -17.82
N MET A 1 15.17 -11.81 -8.62
CA MET A 1 14.69 -10.44 -8.64
C MET A 1 14.29 -9.97 -7.24
N GLU A 2 13.41 -10.74 -6.62
CA GLU A 2 12.95 -10.41 -5.29
C GLU A 2 14.05 -10.66 -4.27
N GLN A 3 13.85 -10.13 -3.07
CA GLN A 3 14.81 -10.28 -1.99
C GLN A 3 14.83 -11.73 -1.51
N ASN A 4 14.04 -11.99 -0.48
CA ASN A 4 13.97 -13.33 0.09
C ASN A 4 13.55 -13.22 1.56
N ASN A 5 12.99 -14.31 2.06
CA ASN A 5 12.54 -14.36 3.45
C ASN A 5 11.11 -13.80 3.53
N ILE A 6 10.77 -13.34 4.72
CA ILE A 6 9.45 -12.79 4.96
C ILE A 6 9.01 -12.00 3.71
N LYS A 7 9.56 -10.81 3.57
CA LYS A 7 9.24 -9.96 2.44
C LYS A 7 8.87 -10.84 1.24
N GLU A 8 9.76 -11.77 0.93
CA GLU A 8 9.54 -12.67 -0.18
C GLU A 8 8.21 -13.41 -0.02
N GLN A 9 8.11 -14.12 1.10
CA GLN A 9 6.89 -14.87 1.39
C GLN A 9 5.66 -13.99 1.21
N LEU A 10 5.83 -12.71 1.49
CA LEU A 10 4.75 -11.75 1.37
C LEU A 10 4.31 -11.68 -0.10
N ILE A 11 5.26 -11.30 -0.95
CA ILE A 11 4.98 -11.19 -2.37
C ILE A 11 4.06 -12.33 -2.80
N SER A 12 4.50 -13.55 -2.50
CA SER A 12 3.73 -14.73 -2.85
C SER A 12 2.25 -14.51 -2.50
N PHE A 13 2.03 -14.17 -1.24
CA PHE A 13 0.68 -13.93 -0.76
C PHE A 13 0.00 -12.82 -1.56
N PHE A 14 0.47 -11.60 -1.32
CA PHE A 14 -0.09 -10.44 -2.00
C PHE A 14 -0.26 -10.72 -3.50
N ASN A 15 0.83 -11.16 -4.12
CA ASN A 15 0.80 -11.47 -5.53
C ASN A 15 -0.29 -12.51 -5.81
N GLN A 16 -0.43 -13.44 -4.88
CA GLN A 16 -1.42 -14.49 -5.01
C GLN A 16 -2.76 -14.03 -4.41
N ALA A 17 -3.09 -12.77 -4.67
CA ALA A 17 -4.32 -12.20 -4.17
C ALA A 17 -4.93 -11.29 -5.25
N CYS A 18 -4.21 -10.22 -5.54
CA CYS A 18 -4.67 -9.27 -6.55
C CYS A 18 -4.81 -10.00 -7.87
N SER A 19 -5.21 -9.26 -8.89
CA SER A 19 -5.39 -9.82 -10.22
C SER A 19 -4.54 -9.06 -11.23
N THR A 20 -4.98 -7.85 -11.55
CA THR A 20 -4.27 -7.02 -12.49
C THR A 20 -3.15 -6.24 -11.79
N HIS A 21 -2.46 -5.43 -12.57
CA HIS A 21 -1.37 -4.63 -12.03
C HIS A 21 -1.90 -3.26 -11.60
N GLN A 22 -2.84 -2.74 -12.39
CA GLN A 22 -3.43 -1.46 -12.09
C GLN A 22 -4.41 -1.57 -10.92
N GLU A 23 -4.61 -2.81 -10.47
CA GLU A 23 -5.50 -3.07 -9.37
C GLU A 23 -5.25 -2.07 -8.23
N ARG A 24 -3.98 -1.72 -8.07
CA ARG A 24 -3.60 -0.78 -7.02
C ARG A 24 -4.21 0.59 -7.30
N LEU A 25 -4.02 1.05 -8.53
CA LEU A 25 -4.55 2.34 -8.93
C LEU A 25 -6.06 2.39 -8.66
N ASP A 26 -6.69 1.23 -8.79
CA ASP A 26 -8.12 1.12 -8.56
C ASP A 26 -8.38 1.01 -7.06
N PHE A 27 -7.35 0.59 -6.34
CA PHE A 27 -7.45 0.43 -4.90
C PHE A 27 -7.45 1.80 -4.20
N ILE A 28 -6.36 2.52 -4.38
CA ILE A 28 -6.21 3.83 -3.78
C ILE A 28 -7.56 4.56 -3.83
N CYS A 29 -8.33 4.24 -4.86
CA CYS A 29 -9.64 4.86 -5.04
C CYS A 29 -10.66 4.02 -4.28
N SER A 30 -10.83 2.78 -4.74
CA SER A 30 -11.76 1.87 -4.11
C SER A 30 -11.62 1.92 -2.60
N THR A 31 -10.40 1.70 -2.13
CA THR A 31 -10.11 1.72 -0.71
C THR A 31 -10.90 2.84 -0.03
N ARG A 32 -10.92 3.99 -0.68
CA ARG A 32 -11.64 5.14 -0.15
C ARG A 32 -12.79 5.53 -1.07
N GLU A 33 -13.38 4.51 -1.69
CA GLU A 33 -14.49 4.74 -2.60
C GLU A 33 -15.14 3.40 -2.98
N SER A 34 -15.64 2.70 -1.96
CA SER A 34 -16.28 1.43 -2.18
C SER A 34 -17.44 1.24 -1.19
N ASP A 35 -17.08 0.81 0.02
CA ASP A 35 -18.07 0.60 1.05
C ASP A 35 -17.36 0.35 2.38
N THR A 36 -16.80 -0.84 2.52
CA THR A 36 -16.09 -1.21 3.73
C THR A 36 -14.68 -1.70 3.40
N PHE A 37 -14.18 -2.58 4.24
CA PHE A 37 -12.84 -3.13 4.05
C PHE A 37 -12.91 -4.56 3.49
N SER A 38 -13.91 -5.29 3.95
CA SER A 38 -14.10 -6.66 3.51
C SER A 38 -14.81 -6.68 2.15
N SER A 39 -15.02 -5.49 1.62
CA SER A 39 -15.68 -5.36 0.33
C SER A 39 -14.66 -5.03 -0.76
N VAL A 40 -13.60 -4.35 -0.35
CA VAL A 40 -12.55 -3.97 -1.27
C VAL A 40 -12.19 -5.17 -2.16
N ASP A 41 -11.48 -4.88 -3.23
CA ASP A 41 -11.06 -5.93 -4.15
C ASP A 41 -10.08 -6.86 -3.45
N VAL A 42 -9.37 -7.64 -4.26
CA VAL A 42 -8.39 -8.58 -3.73
C VAL A 42 -9.08 -9.50 -2.72
N PRO A 43 -8.66 -10.79 -2.75
CA PRO A 43 -9.22 -11.78 -1.85
C PRO A 43 -8.68 -11.61 -0.44
N LEU A 44 -9.52 -11.95 0.53
CA LEU A 44 -9.13 -11.83 1.93
C LEU A 44 -8.31 -13.06 2.33
N GLU A 45 -8.72 -14.20 1.81
CA GLU A 45 -8.04 -15.45 2.10
C GLU A 45 -6.52 -15.22 2.19
N PRO A 46 -5.97 -14.66 1.09
CA PRO A 46 -4.54 -14.39 1.02
C PRO A 46 -4.19 -13.15 1.85
N ILE A 47 -4.90 -12.07 1.59
CA ILE A 47 -4.68 -10.83 2.30
C ILE A 47 -4.52 -11.12 3.79
N LYS A 48 -5.48 -11.85 4.33
CA LYS A 48 -5.46 -12.21 5.73
C LYS A 48 -4.06 -12.71 6.11
N ASN A 49 -3.39 -13.30 5.12
CA ASN A 49 -2.05 -13.81 5.34
C ASN A 49 -1.06 -12.65 5.43
N ILE A 50 -1.27 -11.67 4.55
CA ILE A 50 -0.41 -10.50 4.53
C ILE A 50 -0.88 -9.51 5.58
N ILE A 51 -1.85 -9.94 6.38
CA ILE A 51 -2.40 -9.10 7.43
C ILE A 51 -1.77 -9.49 8.76
N GLU A 52 -1.30 -10.73 8.82
CA GLU A 52 -0.69 -11.25 10.03
C GLU A 52 0.81 -10.92 10.04
N ILE A 53 1.12 -9.72 9.58
CA ILE A 53 2.50 -9.27 9.53
C ILE A 53 2.71 -8.14 10.54
N THR A 54 1.61 -7.47 10.86
CA THR A 54 1.64 -6.37 11.81
C THR A 54 0.98 -6.78 13.13
N LYS A 55 1.05 -8.07 13.40
CA LYS A 55 0.46 -8.60 14.63
C LYS A 55 1.21 -8.03 15.83
N ASP A 56 2.45 -8.45 15.97
CA ASP A 56 3.29 -7.99 17.06
C ASP A 56 3.43 -6.47 17.00
N GLU A 57 3.55 -5.87 18.18
CA GLU A 57 3.69 -4.43 18.27
C GLU A 57 5.02 -3.98 17.65
N ASN A 58 6.00 -4.88 17.70
CA ASN A 58 7.30 -4.59 17.15
C ASN A 58 7.20 -4.40 15.64
N GLN A 59 6.17 -5.03 15.07
CA GLN A 59 5.94 -4.94 13.64
C GLN A 59 5.42 -3.55 13.27
N GLN A 60 4.29 -3.20 13.87
CA GLN A 60 3.68 -1.91 13.61
C GLN A 60 4.74 -0.81 13.61
N ILE A 61 5.63 -0.89 14.58
CA ILE A 61 6.70 0.09 14.71
C ILE A 61 7.62 -0.01 13.48
N GLU A 62 8.28 -1.16 13.38
CA GLU A 62 9.19 -1.40 12.27
C GLU A 62 8.49 -1.11 10.94
N ILE A 63 7.18 -1.27 10.95
CA ILE A 63 6.39 -1.02 9.76
C ILE A 63 6.31 0.48 9.49
N THR A 64 5.86 1.20 10.51
CA THR A 64 5.73 2.64 10.40
C THR A 64 6.91 3.23 9.62
N LYS A 65 8.10 3.01 10.16
CA LYS A 65 9.31 3.51 9.53
C LYS A 65 9.41 2.94 8.11
N ILE A 66 9.00 1.68 7.99
CA ILE A 66 9.04 1.01 6.70
C ILE A 66 8.15 1.77 5.71
N ALA A 67 7.00 2.19 6.20
CA ALA A 67 6.06 2.91 5.37
C ALA A 67 6.72 4.19 4.85
N VAL A 68 7.44 4.86 5.74
CA VAL A 68 8.12 6.09 5.38
C VAL A 68 9.17 5.79 4.31
N ASN A 69 9.87 4.68 4.50
CA ASN A 69 10.89 4.26 3.57
C ASN A 69 10.41 4.52 2.13
N ASN A 70 9.10 4.45 1.96
CA ASN A 70 8.50 4.67 0.66
C ASN A 70 8.17 6.15 0.51
N ILE A 71 7.31 6.63 1.39
CA ILE A 71 6.91 8.03 1.36
C ILE A 71 8.15 8.91 1.15
N LYS A 72 9.19 8.58 1.89
CA LYS A 72 10.44 9.32 1.80
C LYS A 72 10.92 9.35 0.35
N THR A 73 10.95 8.15 -0.24
CA THR A 73 11.38 8.03 -1.62
C THR A 73 10.38 8.68 -2.56
N LEU A 74 9.12 8.62 -2.16
CA LEU A 74 8.05 9.21 -2.97
C LEU A 74 8.25 10.72 -3.05
N SER A 75 9.14 11.20 -2.19
CA SER A 75 9.44 12.63 -2.17
C SER A 75 10.59 12.94 -3.13
N SER A 76 10.57 12.26 -4.26
CA SER A 76 11.60 12.45 -5.27
C SER A 76 11.19 11.75 -6.57
N VAL A 77 9.89 11.69 -6.80
CA VAL A 77 9.36 11.06 -7.99
C VAL A 77 9.21 12.11 -9.10
N GLY A 78 9.56 13.34 -8.76
CA GLY A 78 9.47 14.43 -9.71
C GLY A 78 8.46 15.48 -9.24
N ALA A 79 8.93 16.72 -9.17
CA ALA A 79 8.08 17.82 -8.74
C ALA A 79 6.98 18.03 -9.77
N THR A 80 7.41 18.31 -10.99
CA THR A 80 6.47 18.55 -12.08
C THR A 80 5.52 17.35 -12.24
N GLY A 81 4.60 17.50 -13.17
CA GLY A 81 3.63 16.44 -13.43
C GLY A 81 4.32 15.10 -13.65
N GLN A 82 3.86 14.10 -12.91
CA GLN A 82 4.44 12.77 -13.02
C GLN A 82 3.73 11.81 -12.05
N TYR A 83 2.64 11.24 -12.53
CA TYR A 83 1.86 10.31 -11.72
C TYR A 83 2.78 9.37 -10.94
N MET A 84 2.54 9.30 -9.64
CA MET A 84 3.33 8.43 -8.78
C MET A 84 3.02 6.96 -9.04
N ALA A 85 2.05 6.74 -9.93
CA ALA A 85 1.64 5.39 -10.27
C ALA A 85 2.72 4.74 -11.14
N SER A 86 3.16 5.50 -12.14
CA SER A 86 4.19 5.02 -13.05
C SER A 86 5.28 4.28 -12.27
N PHE A 87 5.65 4.86 -11.14
CA PHE A 87 6.67 4.26 -10.30
C PHE A 87 6.09 3.13 -9.45
N PHE A 88 5.49 2.17 -10.14
CA PHE A 88 4.90 1.03 -9.47
C PHE A 88 4.97 -0.23 -10.34
N SER A 89 4.56 -0.06 -11.58
CA SER A 89 4.58 -1.17 -12.53
C SER A 89 6.00 -1.72 -12.67
N THR A 90 6.95 -0.80 -12.73
CA THR A 90 8.35 -1.16 -12.86
C THR A 90 8.86 -1.80 -11.57
N ASN A 91 8.88 -0.98 -10.52
CA ASN A 91 9.34 -1.45 -9.22
C ASN A 91 8.14 -1.92 -8.40
N SER A 92 8.01 -3.24 -8.33
CA SER A 92 6.91 -3.84 -7.58
C SER A 92 7.32 -4.02 -6.12
N GLU A 93 8.55 -4.45 -5.92
CA GLU A 93 9.07 -4.65 -4.58
C GLU A 93 8.63 -3.52 -3.66
N PRO A 94 8.88 -2.26 -4.14
CA PRO A 94 8.51 -1.09 -3.37
C PRO A 94 7.01 -0.85 -3.41
N ALA A 95 6.47 -0.87 -4.62
CA ALA A 95 5.04 -0.65 -4.82
C ALA A 95 4.26 -1.62 -3.94
N ILE A 96 4.91 -2.74 -3.63
CA ILE A 96 4.29 -3.76 -2.80
C ILE A 96 4.26 -3.27 -1.34
N ILE A 97 5.43 -2.92 -0.84
CA ILE A 97 5.55 -2.45 0.53
C ILE A 97 4.58 -1.28 0.73
N PHE A 98 4.53 -0.41 -0.26
CA PHE A 98 3.66 0.75 -0.21
C PHE A 98 2.18 0.35 -0.33
N CYS A 99 1.98 -0.81 -0.94
CA CYS A 99 0.64 -1.32 -1.13
C CYS A 99 0.21 -2.05 0.14
N VAL A 100 0.86 -3.18 0.39
CA VAL A 100 0.55 -3.98 1.56
C VAL A 100 0.33 -3.05 2.76
N ILE A 101 1.14 -1.99 2.80
CA ILE A 101 1.04 -1.02 3.89
C ILE A 101 -0.21 -0.16 3.68
N TYR A 102 -0.34 0.36 2.47
CA TYR A 102 -1.47 1.20 2.14
C TYR A 102 -2.76 0.62 2.72
N PHE A 103 -3.23 -0.44 2.09
CA PHE A 103 -4.45 -1.10 2.52
C PHE A 103 -4.41 -1.38 4.04
N LEU A 104 -3.26 -1.88 4.48
CA LEU A 104 -3.09 -2.21 5.88
C LEU A 104 -3.51 -1.01 6.73
N TYR A 105 -3.10 0.17 6.28
CA TYR A 105 -3.43 1.40 6.99
C TYR A 105 -4.84 1.87 6.65
N HIS A 106 -5.09 2.03 5.36
CA HIS A 106 -6.39 2.47 4.88
C HIS A 106 -7.48 1.82 5.74
N PHE A 107 -7.51 0.50 5.72
CA PHE A 107 -8.49 -0.25 6.47
C PHE A 107 -8.08 -1.72 6.63
N GLY A 108 -6.97 -1.91 7.33
CA GLY A 108 -6.46 -3.25 7.56
C GLY A 108 -6.24 -3.50 9.05
N PHE A 109 -4.97 -3.56 9.43
CA PHE A 109 -4.60 -3.80 10.82
C PHE A 109 -3.66 -2.71 11.34
N LEU A 110 -2.81 -2.24 10.44
CA LEU A 110 -1.85 -1.20 10.79
C LEU A 110 -2.58 -0.08 11.52
N LYS A 111 -1.85 0.59 12.41
CA LYS A 111 -2.40 1.68 13.18
C LYS A 111 -1.47 2.90 13.07
N ASP A 112 -2.08 4.07 13.09
CA ASP A 112 -1.31 5.31 13.00
C ASP A 112 -1.71 6.23 14.17
N ASN A 113 -0.70 6.59 14.95
CA ASN A 113 -0.93 7.46 16.09
C ASN A 113 -1.57 8.76 15.62
N ASN A 114 -2.04 9.54 16.58
CA ASN A 114 -2.67 10.82 16.27
C ASN A 114 -3.88 10.57 15.37
N LYS A 115 -4.51 11.66 14.95
CA LYS A 115 -5.67 11.58 14.08
C LYS A 115 -5.23 11.85 12.64
N LYS A 116 -4.95 10.77 11.94
CA LYS A 116 -4.53 10.86 10.55
C LYS A 116 -3.66 12.11 10.37
N GLN A 117 -2.38 11.94 10.63
CA GLN A 117 -1.43 13.04 10.50
C GLN A 117 -0.01 12.51 10.34
N ILE A 118 0.08 11.30 9.81
CA ILE A 118 1.37 10.66 9.61
C ILE A 118 1.38 9.95 8.25
N ILE A 119 2.10 8.84 8.20
CA ILE A 119 2.20 8.06 6.98
C ILE A 119 0.83 8.06 6.27
N LYS A 120 -0.17 7.59 7.00
CA LYS A 120 -1.52 7.53 6.46
C LYS A 120 -1.81 8.81 5.68
N LYS A 121 -1.58 9.94 6.35
CA LYS A 121 -1.82 11.23 5.73
C LYS A 121 -1.08 11.29 4.39
N ALA A 122 0.23 11.03 4.46
CA ALA A 122 1.05 11.06 3.26
C ALA A 122 0.50 10.06 2.24
N TYR A 123 0.55 8.79 2.61
CA TYR A 123 0.06 7.73 1.74
C TYR A 123 -1.25 8.14 1.08
N GLU A 124 -2.14 8.71 1.87
CA GLU A 124 -3.43 9.14 1.37
C GLU A 124 -3.26 10.35 0.46
N THR A 125 -2.29 11.19 0.81
CA THR A 125 -2.02 12.39 0.03
C THR A 125 -1.72 12.02 -1.42
N ILE A 126 -1.20 10.82 -1.60
CA ILE A 126 -0.87 10.34 -2.92
C ILE A 126 -2.05 9.55 -3.50
N ALA A 127 -2.42 8.50 -2.80
CA ALA A 127 -3.53 7.66 -3.21
C ALA A 127 -4.67 8.56 -3.72
N ASP A 128 -4.72 9.76 -3.17
CA ASP A 128 -5.75 10.71 -3.55
C ASP A 128 -5.28 11.50 -4.78
N ASN A 129 -4.17 12.20 -4.60
CA ASN A 129 -3.61 12.98 -5.68
C ASN A 129 -3.50 12.13 -6.94
N ILE A 130 -2.93 10.94 -6.76
CA ILE A 130 -2.77 10.02 -7.88
C ILE A 130 -4.13 9.78 -8.53
N ALA A 131 -5.18 10.09 -7.79
CA ALA A 131 -6.53 9.90 -8.28
C ALA A 131 -6.99 11.18 -8.97
N ASP A 132 -6.02 11.99 -9.36
CA ASP A 132 -6.32 13.25 -10.03
C ASP A 132 -6.40 13.01 -11.53
N TYR A 133 -5.72 11.96 -11.98
CA TYR A 133 -5.72 11.61 -13.39
C TYR A 133 -6.44 10.29 -13.63
N LEU A 134 -6.36 9.41 -12.63
CA LEU A 134 -6.99 8.11 -12.72
C LEU A 134 -8.42 8.29 -13.25
N ASN A 135 -9.30 8.73 -12.37
CA ASN A 135 -10.69 8.94 -12.74
C ASN A 135 -11.31 7.61 -13.16
N GLU A 136 -11.45 6.72 -12.18
CA GLU A 136 -12.03 5.41 -12.43
C GLU A 136 -11.17 4.64 -13.45
N ASN A 137 -9.98 4.26 -13.00
CA ASN A 137 -9.07 3.52 -13.85
C ASN A 137 -8.71 4.38 -15.08
N MET A 1 12.87 -14.43 -9.55
CA MET A 1 12.89 -15.52 -8.58
C MET A 1 14.19 -15.48 -7.76
N GLU A 2 14.39 -16.53 -6.98
CA GLU A 2 15.57 -16.62 -6.14
C GLU A 2 15.54 -15.55 -5.06
N GLN A 3 16.50 -15.66 -4.14
CA GLN A 3 16.59 -14.70 -3.04
C GLN A 3 15.19 -14.34 -2.54
N ASN A 4 14.49 -15.36 -2.05
CA ASN A 4 13.14 -15.15 -1.54
C ASN A 4 13.14 -15.42 -0.04
N ASN A 5 12.19 -14.80 0.64
CA ASN A 5 12.05 -14.97 2.08
C ASN A 5 10.72 -14.36 2.54
N ILE A 6 10.69 -13.99 3.81
CA ILE A 6 9.49 -13.40 4.39
C ILE A 6 8.87 -12.43 3.37
N LYS A 7 9.65 -11.43 3.01
CA LYS A 7 9.19 -10.44 2.06
C LYS A 7 8.53 -11.15 0.87
N GLU A 8 9.29 -12.03 0.26
CA GLU A 8 8.80 -12.78 -0.89
C GLU A 8 7.48 -13.48 -0.54
N GLN A 9 7.47 -14.12 0.62
CA GLN A 9 6.29 -14.83 1.08
C GLN A 9 5.07 -13.90 1.07
N LEU A 10 5.36 -12.60 1.24
CA LEU A 10 4.30 -11.61 1.25
C LEU A 10 3.69 -11.49 -0.16
N ILE A 11 4.57 -11.19 -1.11
CA ILE A 11 4.13 -11.05 -2.50
C ILE A 11 3.13 -12.16 -2.83
N SER A 12 3.58 -13.39 -2.66
CA SER A 12 2.73 -14.54 -2.93
C SER A 12 1.33 -14.31 -2.37
N PHE A 13 1.27 -14.20 -1.05
CA PHE A 13 0.00 -13.97 -0.37
C PHE A 13 -0.84 -12.93 -1.11
N PHE A 14 -0.40 -11.68 -1.00
CA PHE A 14 -1.10 -10.59 -1.66
C PHE A 14 -1.46 -10.95 -3.10
N ASN A 15 -0.48 -11.53 -3.79
CA ASN A 15 -0.68 -11.92 -5.17
C ASN A 15 -1.77 -13.00 -5.24
N GLN A 16 -1.84 -13.80 -4.19
CA GLN A 16 -2.82 -14.86 -4.12
C GLN A 16 -4.21 -14.28 -3.85
N ALA A 17 -4.24 -12.99 -3.53
CA ALA A 17 -5.48 -12.31 -3.25
C ALA A 17 -6.04 -11.73 -4.55
N CYS A 18 -5.42 -10.65 -5.00
CA CYS A 18 -5.85 -9.99 -6.22
C CYS A 18 -5.19 -10.71 -7.40
N SER A 19 -5.26 -10.06 -8.56
CA SER A 19 -4.68 -10.62 -9.77
C SER A 19 -4.25 -9.49 -10.71
N THR A 20 -5.20 -8.61 -10.99
CA THR A 20 -4.94 -7.49 -11.87
C THR A 20 -3.60 -6.83 -11.53
N HIS A 21 -3.18 -5.93 -12.39
CA HIS A 21 -1.92 -5.23 -12.20
C HIS A 21 -2.20 -3.84 -11.61
N GLN A 22 -3.38 -3.34 -11.89
CA GLN A 22 -3.78 -2.03 -11.40
C GLN A 22 -4.15 -2.11 -9.92
N GLU A 23 -4.01 -3.30 -9.37
CA GLU A 23 -4.33 -3.53 -7.97
C GLU A 23 -3.99 -2.28 -7.14
N ARG A 24 -2.79 -1.75 -7.39
CA ARG A 24 -2.34 -0.56 -6.69
C ARG A 24 -3.25 0.62 -6.98
N LEU A 25 -3.39 0.91 -8.27
CA LEU A 25 -4.23 2.01 -8.70
C LEU A 25 -5.70 1.67 -8.40
N ASP A 26 -5.93 0.42 -8.04
CA ASP A 26 -7.27 -0.04 -7.72
C ASP A 26 -7.52 0.15 -6.22
N PHE A 27 -6.46 -0.03 -5.44
CA PHE A 27 -6.56 0.12 -4.00
C PHE A 27 -6.83 1.58 -3.61
N ILE A 28 -5.84 2.42 -3.88
CA ILE A 28 -5.96 3.84 -3.57
C ILE A 28 -7.39 4.30 -3.87
N CYS A 29 -7.98 3.67 -4.87
CA CYS A 29 -9.35 4.01 -5.26
C CYS A 29 -10.31 3.12 -4.46
N SER A 30 -10.45 1.89 -4.93
CA SER A 30 -11.33 0.95 -4.27
C SER A 30 -11.25 1.11 -2.75
N THR A 31 -10.04 0.96 -2.24
CA THR A 31 -9.81 1.09 -0.81
C THR A 31 -10.69 2.19 -0.23
N ARG A 32 -10.76 3.29 -0.95
CA ARG A 32 -11.57 4.42 -0.51
C ARG A 32 -12.62 4.76 -1.58
N GLU A 33 -13.07 3.72 -2.27
CA GLU A 33 -14.08 3.90 -3.31
C GLU A 33 -15.08 2.74 -3.27
N SER A 34 -15.32 2.26 -2.07
CA SER A 34 -16.27 1.15 -1.88
C SER A 34 -17.20 1.45 -0.71
N ASP A 35 -16.88 0.82 0.42
CA ASP A 35 -17.68 1.01 1.62
C ASP A 35 -16.96 0.36 2.80
N THR A 36 -16.62 -0.91 2.63
CA THR A 36 -15.94 -1.66 3.68
C THR A 36 -14.63 -2.25 3.13
N PHE A 37 -14.24 -3.37 3.73
CA PHE A 37 -13.02 -4.04 3.33
C PHE A 37 -13.33 -5.30 2.50
N SER A 38 -14.32 -6.05 2.99
CA SER A 38 -14.73 -7.27 2.31
C SER A 38 -15.41 -6.93 0.99
N SER A 39 -15.63 -5.64 0.78
CA SER A 39 -16.27 -5.17 -0.44
C SER A 39 -15.24 -5.01 -1.55
N VAL A 40 -14.01 -4.75 -1.14
CA VAL A 40 -12.92 -4.57 -2.09
C VAL A 40 -12.83 -5.81 -2.99
N ASP A 41 -12.16 -5.64 -4.11
CA ASP A 41 -12.00 -6.73 -5.06
C ASP A 41 -10.79 -7.56 -4.66
N VAL A 42 -10.89 -8.17 -3.49
CA VAL A 42 -9.81 -9.01 -2.99
C VAL A 42 -10.33 -9.85 -1.81
N PRO A 43 -9.87 -11.13 -1.78
CA PRO A 43 -10.27 -12.04 -0.73
C PRO A 43 -9.57 -11.72 0.58
N LEU A 44 -10.30 -11.93 1.68
CA LEU A 44 -9.75 -11.66 3.00
C LEU A 44 -8.89 -12.85 3.44
N GLU A 45 -9.31 -14.03 3.01
CA GLU A 45 -8.59 -15.24 3.37
C GLU A 45 -7.08 -15.02 3.28
N PRO A 46 -6.64 -14.56 2.07
CA PRO A 46 -5.24 -14.30 1.83
C PRO A 46 -4.80 -12.99 2.53
N ILE A 47 -5.56 -11.95 2.27
CA ILE A 47 -5.26 -10.65 2.85
C ILE A 47 -5.00 -10.81 4.35
N LYS A 48 -5.93 -11.51 5.01
CA LYS A 48 -5.80 -11.74 6.44
C LYS A 48 -4.40 -12.30 6.74
N ASN A 49 -3.80 -12.89 5.72
CA ASN A 49 -2.48 -13.47 5.86
C ASN A 49 -1.43 -12.35 5.81
N ILE A 50 -1.69 -11.39 4.93
CA ILE A 50 -0.78 -10.26 4.78
C ILE A 50 -1.11 -9.19 5.82
N ILE A 51 -2.11 -9.50 6.62
CA ILE A 51 -2.54 -8.58 7.66
C ILE A 51 -1.91 -8.99 9.00
N GLU A 52 -1.54 -10.26 9.07
CA GLU A 52 -0.93 -10.79 10.27
C GLU A 52 0.60 -10.64 10.21
N ILE A 53 1.02 -9.52 9.65
CA ILE A 53 2.44 -9.23 9.52
C ILE A 53 2.82 -8.09 10.46
N THR A 54 1.87 -7.17 10.63
CA THR A 54 2.09 -6.03 11.49
C THR A 54 1.50 -6.28 12.88
N LYS A 55 1.38 -7.56 13.21
CA LYS A 55 0.84 -7.95 14.50
C LYS A 55 1.81 -7.54 15.61
N ASP A 56 2.95 -8.22 15.65
CA ASP A 56 3.96 -7.94 16.64
C ASP A 56 4.27 -6.44 16.64
N GLU A 57 4.34 -5.89 17.85
CA GLU A 57 4.62 -4.47 18.01
C GLU A 57 5.93 -4.11 17.30
N ASN A 58 6.75 -5.12 17.10
CA ASN A 58 8.04 -4.92 16.44
C ASN A 58 7.82 -4.74 14.94
N GLN A 59 7.01 -5.62 14.37
CA GLN A 59 6.72 -5.56 12.95
C GLN A 59 6.12 -4.20 12.60
N GLN A 60 5.04 -3.86 13.30
CA GLN A 60 4.37 -2.59 13.07
C GLN A 60 5.37 -1.44 13.16
N ILE A 61 6.26 -1.54 14.14
CA ILE A 61 7.27 -0.51 14.34
C ILE A 61 8.15 -0.42 13.09
N GLU A 62 8.79 -1.53 12.78
CA GLU A 62 9.66 -1.59 11.62
C GLU A 62 8.91 -1.16 10.36
N ILE A 63 7.61 -1.40 10.38
CA ILE A 63 6.76 -1.04 9.26
C ILE A 63 6.58 0.48 9.21
N THR A 64 6.19 1.02 10.36
CA THR A 64 5.97 2.46 10.48
C THR A 64 7.09 3.22 9.76
N LYS A 65 8.30 3.05 10.27
CA LYS A 65 9.45 3.71 9.70
C LYS A 65 9.55 3.37 8.21
N ILE A 66 9.32 2.09 7.92
CA ILE A 66 9.37 1.63 6.54
C ILE A 66 8.45 2.48 5.68
N ALA A 67 7.22 2.65 6.16
CA ALA A 67 6.24 3.45 5.45
C ALA A 67 6.78 4.86 5.24
N VAL A 68 7.39 5.38 6.29
CA VAL A 68 7.96 6.72 6.24
C VAL A 68 9.12 6.74 5.25
N ASN A 69 9.99 5.76 5.38
CA ASN A 69 11.14 5.66 4.51
C ASN A 69 10.73 5.99 3.08
N ASN A 70 9.67 5.33 2.63
CA ASN A 70 9.17 5.57 1.28
C ASN A 70 8.43 6.91 1.24
N ILE A 71 7.44 7.03 2.11
CA ILE A 71 6.65 8.24 2.18
C ILE A 71 7.58 9.45 2.05
N LYS A 72 8.52 9.54 2.97
CA LYS A 72 9.48 10.64 2.97
C LYS A 72 10.05 10.81 1.55
N THR A 73 10.32 9.68 0.91
CA THR A 73 10.86 9.70 -0.43
C THR A 73 9.77 10.11 -1.43
N LEU A 74 8.55 9.76 -1.11
CA LEU A 74 7.42 10.08 -1.96
C LEU A 74 7.31 11.61 -2.10
N SER A 75 8.04 12.30 -1.23
CA SER A 75 8.04 13.75 -1.25
C SER A 75 9.03 14.27 -2.29
N SER A 76 9.04 13.61 -3.44
CA SER A 76 9.94 13.99 -4.51
C SER A 76 9.57 13.24 -5.79
N VAL A 77 9.68 11.92 -5.71
CA VAL A 77 9.37 11.07 -6.85
C VAL A 77 9.88 11.74 -8.13
N GLY A 78 11.19 11.71 -8.31
CA GLY A 78 11.81 12.30 -9.48
C GLY A 78 11.58 13.82 -9.50
N ALA A 79 11.98 14.42 -10.61
CA ALA A 79 11.82 15.85 -10.78
C ALA A 79 10.61 16.13 -11.68
N THR A 80 10.70 15.64 -12.90
CA THR A 80 9.62 15.83 -13.86
C THR A 80 8.60 14.71 -13.74
N GLY A 81 7.57 14.96 -12.94
CA GLY A 81 6.53 13.98 -12.73
C GLY A 81 5.93 14.10 -11.33
N GLN A 82 5.08 13.14 -10.99
CA GLN A 82 4.45 13.12 -9.68
C GLN A 82 3.75 11.78 -9.45
N TYR A 83 2.92 11.41 -10.42
CA TYR A 83 2.19 10.16 -10.33
C TYR A 83 3.07 9.04 -9.75
N MET A 84 2.71 8.61 -8.55
CA MET A 84 3.46 7.56 -7.88
C MET A 84 3.19 6.20 -8.54
N ALA A 85 2.28 6.21 -9.50
CA ALA A 85 1.93 4.99 -10.21
C ALA A 85 3.06 4.60 -11.15
N SER A 86 3.46 5.55 -11.99
CA SER A 86 4.53 5.32 -12.93
C SER A 86 5.77 4.81 -12.21
N PHE A 87 5.87 5.17 -10.93
CA PHE A 87 6.99 4.75 -10.12
C PHE A 87 6.77 3.34 -9.55
N PHE A 88 6.35 2.45 -10.43
CA PHE A 88 6.10 1.08 -10.03
C PHE A 88 6.88 0.10 -10.92
N SER A 89 6.87 0.38 -12.21
CA SER A 89 7.57 -0.46 -13.17
C SER A 89 9.05 -0.59 -12.77
N THR A 90 9.55 0.48 -12.18
CA THR A 90 10.94 0.50 -11.74
C THR A 90 11.27 -0.75 -10.93
N ASN A 91 10.36 -1.08 -10.02
CA ASN A 91 10.53 -2.25 -9.18
C ASN A 91 9.23 -2.57 -8.47
N SER A 92 8.87 -3.85 -8.48
CA SER A 92 7.64 -4.29 -7.85
C SER A 92 7.88 -4.53 -6.35
N GLU A 93 9.00 -5.17 -6.05
CA GLU A 93 9.35 -5.46 -4.68
C GLU A 93 8.97 -4.30 -3.77
N PRO A 94 9.44 -3.08 -4.16
CA PRO A 94 9.14 -1.89 -3.39
C PRO A 94 7.69 -1.44 -3.61
N ALA A 95 7.32 -1.34 -4.87
CA ALA A 95 5.98 -0.92 -5.23
C ALA A 95 4.96 -1.81 -4.49
N ILE A 96 5.39 -3.03 -4.20
CA ILE A 96 4.55 -3.97 -3.51
C ILE A 96 4.35 -3.52 -2.06
N ILE A 97 5.47 -3.34 -1.37
CA ILE A 97 5.44 -2.90 0.01
C ILE A 97 4.56 -1.66 0.13
N PHE A 98 4.74 -0.75 -0.82
CA PHE A 98 3.98 0.49 -0.83
C PHE A 98 2.48 0.21 -0.96
N CYS A 99 2.17 -0.88 -1.67
CA CYS A 99 0.79 -1.27 -1.87
C CYS A 99 0.26 -1.86 -0.58
N VAL A 100 0.79 -3.04 -0.24
CA VAL A 100 0.37 -3.72 0.98
C VAL A 100 0.25 -2.70 2.11
N ILE A 101 1.34 -1.98 2.33
CA ILE A 101 1.37 -0.97 3.38
C ILE A 101 0.15 -0.07 3.26
N TYR A 102 0.08 0.62 2.13
CA TYR A 102 -1.03 1.52 1.86
C TYR A 102 -2.36 0.93 2.38
N PHE A 103 -2.77 -0.14 1.72
CA PHE A 103 -4.01 -0.80 2.11
C PHE A 103 -4.16 -0.87 3.63
N LEU A 104 -3.20 -1.54 4.24
CA LEU A 104 -3.20 -1.69 5.69
C LEU A 104 -3.69 -0.37 6.33
N TYR A 105 -2.81 0.61 6.29
CA TYR A 105 -3.13 1.92 6.86
C TYR A 105 -4.51 2.39 6.41
N HIS A 106 -4.73 2.34 5.10
CA HIS A 106 -6.00 2.75 4.53
C HIS A 106 -7.14 2.15 5.34
N PHE A 107 -7.29 0.84 5.20
CA PHE A 107 -8.34 0.14 5.92
C PHE A 107 -8.32 0.47 7.41
N GLY A 108 -7.11 0.73 7.90
CA GLY A 108 -6.93 1.06 9.30
C GLY A 108 -6.45 -0.15 10.10
N PHE A 109 -5.25 -0.62 9.74
CA PHE A 109 -4.67 -1.78 10.40
C PHE A 109 -3.28 -1.43 10.96
N LEU A 110 -2.49 -0.78 10.13
CA LEU A 110 -1.14 -0.39 10.52
C LEU A 110 -1.22 0.69 11.60
N LYS A 111 -0.38 0.53 12.61
CA LYS A 111 -0.34 1.49 13.71
C LYS A 111 0.04 2.86 13.16
N ASP A 112 -0.46 3.88 13.84
CA ASP A 112 -0.19 5.26 13.44
C ASP A 112 -0.61 6.20 14.57
N ASN A 113 0.36 7.03 14.99
CA ASN A 113 0.11 7.97 16.05
C ASN A 113 -0.92 9.01 15.58
N ASN A 114 -1.04 10.08 16.36
CA ASN A 114 -1.98 11.14 16.04
C ASN A 114 -1.21 12.44 15.80
N LYS A 115 -1.76 13.27 14.93
CA LYS A 115 -1.14 14.55 14.62
C LYS A 115 -1.90 15.20 13.46
N LYS A 116 -1.31 16.26 12.93
CA LYS A 116 -1.91 16.98 11.82
C LYS A 116 -1.55 16.28 10.51
N GLN A 117 -0.83 15.18 10.65
CA GLN A 117 -0.41 14.41 9.48
C GLN A 117 0.19 13.08 9.92
N ILE A 118 -0.42 12.00 9.45
CA ILE A 118 0.05 10.67 9.78
C ILE A 118 0.26 9.87 8.50
N ILE A 119 0.93 8.74 8.64
CA ILE A 119 1.20 7.88 7.49
C ILE A 119 -0.02 7.86 6.58
N LYS A 120 -1.08 7.24 7.08
CA LYS A 120 -2.32 7.15 6.32
C LYS A 120 -2.58 8.47 5.59
N LYS A 121 -2.44 9.55 6.34
CA LYS A 121 -2.66 10.87 5.78
C LYS A 121 -1.83 11.02 4.50
N ALA A 122 -0.55 10.66 4.61
CA ALA A 122 0.35 10.76 3.48
C ALA A 122 -0.16 9.86 2.35
N TYR A 123 -0.14 8.57 2.60
CA TYR A 123 -0.61 7.61 1.61
C TYR A 123 -1.94 8.04 1.01
N GLU A 124 -2.66 8.86 1.77
CA GLU A 124 -3.95 9.36 1.32
C GLU A 124 -3.76 10.59 0.43
N THR A 125 -2.78 11.41 0.80
CA THR A 125 -2.49 12.62 0.05
C THR A 125 -2.05 12.27 -1.37
N ILE A 126 -1.46 11.09 -1.52
CA ILE A 126 -1.00 10.64 -2.81
C ILE A 126 -2.12 9.84 -3.50
N ALA A 127 -2.61 8.84 -2.78
CA ALA A 127 -3.68 8.01 -3.31
C ALA A 127 -4.68 8.88 -4.07
N ASP A 128 -4.79 10.12 -3.62
CA ASP A 128 -5.71 11.06 -4.23
C ASP A 128 -4.99 11.77 -5.40
N ASN A 129 -3.83 12.32 -5.09
CA ASN A 129 -3.05 13.02 -6.08
C ASN A 129 -2.82 12.09 -7.30
N ILE A 130 -2.73 10.81 -7.00
CA ILE A 130 -2.52 9.81 -8.04
C ILE A 130 -3.85 9.47 -8.69
N ALA A 131 -4.91 9.63 -7.91
CA ALA A 131 -6.25 9.34 -8.40
C ALA A 131 -6.81 10.58 -9.10
N ASP A 132 -5.98 11.60 -9.20
CA ASP A 132 -6.38 12.83 -9.84
C ASP A 132 -6.18 12.70 -11.36
N TYR A 133 -5.31 11.78 -11.73
CA TYR A 133 -5.03 11.55 -13.14
C TYR A 133 -5.70 10.26 -13.63
N LEU A 134 -5.97 9.38 -12.69
CA LEU A 134 -6.60 8.11 -13.01
C LEU A 134 -7.83 8.37 -13.88
N ASN A 135 -8.92 8.77 -13.23
CA ASN A 135 -10.16 9.05 -13.93
C ASN A 135 -10.67 7.76 -14.58
N GLU A 136 -11.41 7.00 -13.79
CA GLU A 136 -11.96 5.75 -14.28
C GLU A 136 -13.50 5.83 -14.33
N ASN A 137 -13.98 7.00 -14.70
CA ASN A 137 -15.41 7.22 -14.80
C ASN A 137 -16.09 6.62 -13.56
N MET A 1 10.78 -12.75 -8.21
CA MET A 1 9.91 -13.81 -8.69
C MET A 1 10.64 -15.15 -8.72
N GLU A 2 11.87 -15.11 -9.21
CA GLU A 2 12.67 -16.31 -9.31
C GLU A 2 13.25 -16.67 -7.93
N GLN A 3 14.07 -15.77 -7.41
CA GLN A 3 14.68 -15.97 -6.11
C GLN A 3 13.63 -15.98 -5.02
N ASN A 4 12.95 -14.85 -4.87
CA ASN A 4 11.91 -14.71 -3.87
C ASN A 4 12.55 -14.60 -2.48
N ASN A 5 11.70 -14.55 -1.47
CA ASN A 5 12.17 -14.44 -0.11
C ASN A 5 11.09 -13.76 0.74
N ILE A 6 11.47 -13.44 1.98
CA ILE A 6 10.55 -12.80 2.90
C ILE A 6 9.69 -11.79 2.13
N LYS A 7 10.36 -10.91 1.42
CA LYS A 7 9.67 -9.89 0.64
C LYS A 7 8.69 -10.57 -0.31
N GLU A 8 9.20 -11.51 -1.09
CA GLU A 8 8.37 -12.24 -2.03
C GLU A 8 7.20 -12.92 -1.31
N GLN A 9 7.52 -13.50 -0.16
CA GLN A 9 6.51 -14.17 0.64
C GLN A 9 5.30 -13.27 0.85
N LEU A 10 5.58 -11.99 1.05
CA LEU A 10 4.53 -11.01 1.26
C LEU A 10 3.68 -10.90 -0.01
N ILE A 11 4.35 -10.64 -1.11
CA ILE A 11 3.67 -10.51 -2.38
C ILE A 11 2.75 -11.71 -2.60
N SER A 12 3.38 -12.88 -2.72
CA SER A 12 2.62 -14.12 -2.92
C SER A 12 1.28 -14.03 -2.19
N PHE A 13 1.36 -13.75 -0.90
CA PHE A 13 0.17 -13.64 -0.09
C PHE A 13 -0.82 -12.64 -0.68
N PHE A 14 -0.39 -11.39 -0.74
CA PHE A 14 -1.22 -10.33 -1.29
C PHE A 14 -1.51 -10.57 -2.77
N ASN A 15 -0.81 -11.56 -3.32
CA ASN A 15 -0.98 -11.90 -4.73
C ASN A 15 -2.20 -12.82 -4.88
N GLN A 16 -2.39 -13.67 -3.88
CA GLN A 16 -3.49 -14.60 -3.90
C GLN A 16 -4.78 -13.92 -3.41
N ALA A 17 -4.67 -12.61 -3.23
CA ALA A 17 -5.80 -11.83 -2.77
C ALA A 17 -6.32 -10.96 -3.92
N CYS A 18 -5.49 -10.01 -4.32
CA CYS A 18 -5.85 -9.11 -5.41
C CYS A 18 -6.17 -9.96 -6.64
N SER A 19 -6.22 -9.29 -7.79
CA SER A 19 -6.52 -9.96 -9.04
C SER A 19 -5.70 -9.34 -10.17
N THR A 20 -6.15 -8.17 -10.62
CA THR A 20 -5.47 -7.47 -11.69
C THR A 20 -4.17 -6.86 -11.19
N HIS A 21 -3.33 -6.45 -12.14
CA HIS A 21 -2.06 -5.85 -11.80
C HIS A 21 -2.27 -4.40 -11.35
N GLN A 22 -3.43 -3.86 -11.70
CA GLN A 22 -3.77 -2.51 -11.34
C GLN A 22 -4.46 -2.47 -9.97
N GLU A 23 -4.59 -3.65 -9.39
CA GLU A 23 -5.22 -3.77 -8.08
C GLU A 23 -4.74 -2.65 -7.16
N ARG A 24 -3.45 -2.36 -7.26
CA ARG A 24 -2.85 -1.32 -6.44
C ARG A 24 -3.47 0.03 -6.76
N LEU A 25 -3.47 0.36 -8.05
CA LEU A 25 -4.02 1.62 -8.51
C LEU A 25 -5.53 1.64 -8.22
N ASP A 26 -6.11 0.46 -8.18
CA ASP A 26 -7.53 0.32 -7.93
C ASP A 26 -7.77 0.37 -6.42
N PHE A 27 -6.75 0.00 -5.67
CA PHE A 27 -6.83 -0.01 -4.22
C PHE A 27 -6.91 1.41 -3.67
N ILE A 28 -5.84 2.16 -3.92
CA ILE A 28 -5.77 3.54 -3.45
C ILE A 28 -7.15 4.18 -3.56
N CYS A 29 -7.88 3.78 -4.59
CA CYS A 29 -9.20 4.31 -4.83
C CYS A 29 -10.22 3.39 -4.13
N SER A 30 -10.45 2.24 -4.76
CA SER A 30 -11.38 1.27 -4.21
C SER A 30 -11.34 1.30 -2.68
N THR A 31 -10.13 1.48 -2.16
CA THR A 31 -9.95 1.54 -0.71
C THR A 31 -10.36 2.91 -0.17
N ARG A 32 -11.56 3.32 -0.57
CA ARG A 32 -12.08 4.60 -0.12
C ARG A 32 -13.52 4.79 -0.64
N GLU A 33 -13.75 4.30 -1.85
CA GLU A 33 -15.06 4.41 -2.46
C GLU A 33 -15.91 3.18 -2.12
N SER A 34 -15.61 2.59 -0.98
CA SER A 34 -16.32 1.42 -0.53
C SER A 34 -16.98 1.69 0.83
N ASP A 35 -16.44 1.04 1.85
CA ASP A 35 -16.96 1.21 3.20
C ASP A 35 -16.02 0.52 4.19
N THR A 36 -15.83 -0.78 3.99
CA THR A 36 -14.96 -1.56 4.84
C THR A 36 -13.77 -2.08 4.06
N PHE A 37 -13.32 -3.28 4.44
CA PHE A 37 -12.19 -3.90 3.78
C PHE A 37 -12.62 -5.17 3.04
N SER A 38 -13.69 -5.78 3.55
CA SER A 38 -14.20 -6.99 2.94
C SER A 38 -14.98 -6.66 1.67
N SER A 39 -15.11 -5.37 1.42
CA SER A 39 -15.82 -4.91 0.23
C SER A 39 -14.85 -4.68 -0.92
N VAL A 40 -13.63 -4.30 -0.55
CA VAL A 40 -12.60 -4.04 -1.54
C VAL A 40 -12.36 -5.31 -2.35
N ASP A 41 -11.92 -5.12 -3.59
CA ASP A 41 -11.65 -6.23 -4.48
C ASP A 41 -10.45 -7.01 -3.96
N VAL A 42 -10.67 -7.73 -2.87
CA VAL A 42 -9.61 -8.51 -2.26
C VAL A 42 -10.18 -9.33 -1.09
N PRO A 43 -9.86 -10.64 -1.10
CA PRO A 43 -10.33 -11.53 -0.05
C PRO A 43 -9.56 -11.31 1.25
N LEU A 44 -10.24 -11.56 2.36
CA LEU A 44 -9.63 -11.39 3.67
C LEU A 44 -8.78 -12.62 3.99
N GLU A 45 -9.22 -13.76 3.47
CA GLU A 45 -8.52 -15.01 3.71
C GLU A 45 -7.00 -14.79 3.57
N PRO A 46 -6.59 -14.32 2.36
CA PRO A 46 -5.20 -14.06 2.09
C PRO A 46 -4.71 -12.80 2.80
N ILE A 47 -5.48 -11.73 2.59
CA ILE A 47 -5.14 -10.45 3.20
C ILE A 47 -4.78 -10.66 4.67
N LYS A 48 -5.63 -11.40 5.36
CA LYS A 48 -5.41 -11.70 6.77
C LYS A 48 -3.97 -12.13 6.97
N ASN A 49 -3.39 -12.70 5.92
CA ASN A 49 -2.02 -13.17 5.96
C ASN A 49 -1.08 -11.96 5.85
N ILE A 50 -1.42 -11.06 4.94
CA ILE A 50 -0.63 -9.87 4.72
C ILE A 50 -0.92 -8.85 5.82
N ILE A 51 -1.79 -9.25 6.74
CA ILE A 51 -2.17 -8.38 7.84
C ILE A 51 -1.43 -8.84 9.11
N GLU A 52 -1.33 -10.15 9.25
CA GLU A 52 -0.66 -10.72 10.40
C GLU A 52 0.80 -10.25 10.46
N ILE A 53 1.25 -9.70 9.35
CA ILE A 53 2.62 -9.20 9.26
C ILE A 53 2.78 -7.99 10.18
N THR A 54 1.67 -7.28 10.36
CA THR A 54 1.68 -6.09 11.21
C THR A 54 0.94 -6.39 12.52
N LYS A 55 0.80 -7.66 12.81
CA LYS A 55 0.12 -8.09 14.03
C LYS A 55 1.16 -8.32 15.12
N ASP A 56 2.29 -7.64 14.98
CA ASP A 56 3.36 -7.76 15.96
C ASP A 56 4.02 -6.39 16.16
N GLU A 57 4.31 -6.08 17.42
CA GLU A 57 4.93 -4.82 17.75
C GLU A 57 6.12 -4.55 16.84
N ASN A 58 7.23 -5.19 17.16
CA ASN A 58 8.45 -5.03 16.37
C ASN A 58 8.08 -4.80 14.91
N GLN A 59 7.14 -5.62 14.44
CA GLN A 59 6.69 -5.52 13.06
C GLN A 59 6.01 -4.17 12.82
N GLN A 60 4.87 -4.00 13.46
CA GLN A 60 4.11 -2.76 13.33
C GLN A 60 5.03 -1.55 13.51
N ILE A 61 6.03 -1.73 14.36
CA ILE A 61 6.99 -0.67 14.61
C ILE A 61 7.86 -0.45 13.38
N GLU A 62 8.61 -1.49 13.03
CA GLU A 62 9.48 -1.42 11.87
C GLU A 62 8.70 -0.98 10.63
N ILE A 63 7.41 -1.29 10.65
CA ILE A 63 6.54 -0.92 9.54
C ILE A 63 6.31 0.58 9.55
N THR A 64 5.84 1.08 10.69
CA THR A 64 5.58 2.49 10.85
C THR A 64 6.67 3.32 10.17
N LYS A 65 7.90 3.09 10.62
CA LYS A 65 9.05 3.80 10.07
C LYS A 65 9.20 3.45 8.59
N ILE A 66 9.19 2.15 8.32
CA ILE A 66 9.32 1.67 6.95
C ILE A 66 8.39 2.46 6.04
N ALA A 67 7.16 2.66 6.52
CA ALA A 67 6.17 3.40 5.75
C ALA A 67 6.71 4.81 5.46
N VAL A 68 7.26 5.42 6.51
CA VAL A 68 7.80 6.76 6.39
C VAL A 68 9.05 6.72 5.49
N ASN A 69 9.87 5.70 5.72
CA ASN A 69 11.08 5.53 4.95
C ASN A 69 10.74 5.47 3.46
N ASN A 70 9.54 4.98 3.19
CA ASN A 70 9.08 4.86 1.81
C ASN A 70 8.30 6.13 1.43
N ILE A 71 7.57 6.65 2.41
CA ILE A 71 6.78 7.85 2.18
C ILE A 71 7.72 9.03 1.94
N LYS A 72 8.69 9.17 2.84
CA LYS A 72 9.66 10.25 2.74
C LYS A 72 10.18 10.32 1.30
N THR A 73 10.38 9.15 0.73
CA THR A 73 10.88 9.07 -0.64
C THR A 73 9.80 9.46 -1.63
N LEU A 74 8.57 9.10 -1.30
CA LEU A 74 7.43 9.41 -2.14
C LEU A 74 7.35 10.93 -2.35
N SER A 75 8.03 11.64 -1.46
CA SER A 75 8.04 13.09 -1.53
C SER A 75 9.20 13.57 -2.41
N SER A 76 9.50 12.78 -3.43
CA SER A 76 10.56 13.11 -4.35
C SER A 76 10.41 12.31 -5.65
N VAL A 77 9.16 12.00 -5.96
CA VAL A 77 8.87 11.25 -7.17
C VAL A 77 8.54 12.22 -8.31
N GLY A 78 8.49 13.50 -7.95
CA GLY A 78 8.20 14.53 -8.93
C GLY A 78 9.45 14.90 -9.73
N ALA A 79 10.48 15.29 -9.00
CA ALA A 79 11.74 15.67 -9.63
C ALA A 79 12.03 14.72 -10.79
N THR A 80 12.03 13.44 -10.48
CA THR A 80 12.29 12.42 -11.49
C THR A 80 11.02 11.64 -11.80
N GLY A 81 10.17 12.27 -12.61
CA GLY A 81 8.92 11.66 -13.00
C GLY A 81 7.74 12.63 -12.82
N GLN A 82 6.55 12.07 -12.87
CA GLN A 82 5.34 12.87 -12.71
C GLN A 82 4.35 12.17 -11.78
N TYR A 83 3.74 11.12 -12.31
CA TYR A 83 2.76 10.35 -11.54
C TYR A 83 3.46 9.39 -10.59
N MET A 84 2.83 9.20 -9.43
CA MET A 84 3.38 8.31 -8.42
C MET A 84 3.25 6.84 -8.85
N ALA A 85 2.12 6.54 -9.46
CA ALA A 85 1.86 5.18 -9.92
C ALA A 85 2.95 4.77 -10.91
N SER A 86 3.25 5.68 -11.83
CA SER A 86 4.26 5.42 -12.84
C SER A 86 5.46 4.72 -12.20
N PHE A 87 5.99 5.36 -11.17
CA PHE A 87 7.13 4.81 -10.46
C PHE A 87 6.95 3.32 -10.18
N PHE A 88 5.72 2.97 -9.83
CA PHE A 88 5.39 1.58 -9.52
C PHE A 88 5.75 0.67 -10.69
N SER A 89 5.86 1.28 -11.87
CA SER A 89 6.20 0.53 -13.06
C SER A 89 7.58 -0.10 -12.92
N THR A 90 8.56 0.74 -12.65
CA THR A 90 9.93 0.28 -12.49
C THR A 90 10.10 -0.41 -11.13
N ASN A 91 10.07 0.40 -10.08
CA ASN A 91 10.22 -0.11 -8.74
C ASN A 91 8.87 -0.63 -8.24
N SER A 92 8.55 -1.85 -8.63
CA SER A 92 7.29 -2.46 -8.24
C SER A 92 7.47 -3.20 -6.91
N GLU A 93 8.53 -4.00 -6.87
CA GLU A 93 8.81 -4.78 -5.67
C GLU A 93 8.60 -3.93 -4.41
N PRO A 94 9.21 -2.72 -4.43
CA PRO A 94 9.11 -1.80 -3.31
C PRO A 94 7.72 -1.13 -3.29
N ALA A 95 7.34 -0.59 -4.44
CA ALA A 95 6.06 0.08 -4.56
C ALA A 95 4.95 -0.88 -4.13
N ILE A 96 5.27 -2.16 -4.16
CA ILE A 96 4.31 -3.19 -3.77
C ILE A 96 4.19 -3.21 -2.24
N ILE A 97 5.31 -3.48 -1.60
CA ILE A 97 5.34 -3.55 -0.14
C ILE A 97 4.49 -2.41 0.42
N PHE A 98 4.49 -1.29 -0.30
CA PHE A 98 3.73 -0.13 0.13
C PHE A 98 2.22 -0.36 -0.07
N CYS A 99 1.88 -0.86 -1.25
CA CYS A 99 0.50 -1.13 -1.58
C CYS A 99 -0.15 -1.82 -0.38
N VAL A 100 0.60 -2.73 0.21
CA VAL A 100 0.12 -3.47 1.37
C VAL A 100 0.02 -2.53 2.57
N ILE A 101 1.04 -1.69 2.71
CA ILE A 101 1.08 -0.75 3.81
C ILE A 101 -0.09 0.23 3.67
N TYR A 102 -0.43 0.54 2.44
CA TYR A 102 -1.52 1.45 2.15
C TYR A 102 -2.85 0.90 2.68
N PHE A 103 -3.36 -0.10 1.98
CA PHE A 103 -4.61 -0.72 2.36
C PHE A 103 -4.74 -0.80 3.89
N LEU A 104 -3.70 -1.31 4.52
CA LEU A 104 -3.68 -1.44 5.96
C LEU A 104 -4.08 -0.10 6.60
N TYR A 105 -3.14 0.83 6.58
CA TYR A 105 -3.39 2.14 7.14
C TYR A 105 -4.67 2.75 6.58
N HIS A 106 -5.02 2.30 5.39
CA HIS A 106 -6.22 2.79 4.72
C HIS A 106 -7.45 2.47 5.57
N PHE A 107 -7.38 1.34 6.25
CA PHE A 107 -8.48 0.91 7.10
C PHE A 107 -8.04 0.85 8.57
N GLY A 108 -7.24 1.83 8.95
CA GLY A 108 -6.75 1.91 10.32
C GLY A 108 -6.46 0.51 10.87
N PHE A 109 -5.56 -0.18 10.19
CA PHE A 109 -5.19 -1.52 10.60
C PHE A 109 -3.78 -1.54 11.20
N LEU A 110 -2.87 -0.88 10.50
CA LEU A 110 -1.48 -0.81 10.94
C LEU A 110 -1.42 -0.07 12.28
N LYS A 111 -0.60 -0.60 13.17
CA LYS A 111 -0.45 0.00 14.49
C LYS A 111 0.87 0.78 14.54
N ASP A 112 0.75 2.05 14.90
CA ASP A 112 1.92 2.91 14.98
C ASP A 112 1.96 3.57 16.37
N ASN A 113 3.01 4.35 16.59
CA ASN A 113 3.18 5.04 17.85
C ASN A 113 2.57 6.44 17.75
N ASN A 114 1.49 6.52 16.99
CA ASN A 114 0.81 7.80 16.79
C ASN A 114 -0.49 7.56 16.03
N LYS A 115 -1.31 6.66 16.57
CA LYS A 115 -2.58 6.34 15.95
C LYS A 115 -3.23 7.62 15.43
N LYS A 116 -3.04 7.84 14.13
CA LYS A 116 -3.60 9.02 13.48
C LYS A 116 -3.34 8.94 11.98
N GLN A 117 -3.71 10.01 11.29
CA GLN A 117 -3.51 10.08 9.86
C GLN A 117 -2.04 9.90 9.50
N ILE A 118 -1.22 10.77 10.08
CA ILE A 118 0.21 10.71 9.84
C ILE A 118 0.48 10.00 8.51
N ILE A 119 0.89 8.75 8.61
CA ILE A 119 1.17 7.95 7.43
C ILE A 119 -0.07 7.91 6.54
N LYS A 120 -1.12 7.30 7.06
CA LYS A 120 -2.37 7.18 6.33
C LYS A 120 -2.60 8.47 5.53
N LYS A 121 -2.13 9.58 6.09
CA LYS A 121 -2.29 10.87 5.45
C LYS A 121 -1.51 10.88 4.14
N ALA A 122 -0.21 10.67 4.26
CA ALA A 122 0.65 10.65 3.09
C ALA A 122 0.07 9.70 2.05
N TYR A 123 0.13 8.40 2.36
CA TYR A 123 -0.39 7.39 1.46
C TYR A 123 -1.75 7.80 0.89
N GLU A 124 -2.50 8.54 1.69
CA GLU A 124 -3.80 9.01 1.27
C GLU A 124 -3.66 10.22 0.34
N THR A 125 -2.69 11.07 0.66
CA THR A 125 -2.44 12.25 -0.14
C THR A 125 -2.07 11.87 -1.57
N ILE A 126 -1.53 10.66 -1.70
CA ILE A 126 -1.13 10.17 -3.01
C ILE A 126 -2.26 9.32 -3.59
N ALA A 127 -2.64 8.30 -2.85
CA ALA A 127 -3.71 7.41 -3.27
C ALA A 127 -4.82 8.23 -3.93
N ASP A 128 -4.95 9.46 -3.47
CA ASP A 128 -5.97 10.36 -4.00
C ASP A 128 -5.39 11.15 -5.18
N ASN A 129 -4.32 11.88 -4.88
CA ASN A 129 -3.66 12.68 -5.90
C ASN A 129 -3.45 11.84 -7.15
N ILE A 130 -2.99 10.61 -6.93
CA ILE A 130 -2.74 9.70 -8.03
C ILE A 130 -4.02 9.51 -8.84
N ALA A 131 -5.14 9.57 -8.12
CA ALA A 131 -6.44 9.42 -8.76
C ALA A 131 -6.79 10.69 -9.54
N ASP A 132 -5.85 11.63 -9.51
CA ASP A 132 -6.04 12.89 -10.20
C ASP A 132 -5.60 12.75 -11.66
N TYR A 133 -4.61 11.89 -11.85
CA TYR A 133 -4.08 11.65 -13.18
C TYR A 133 -3.95 10.15 -13.46
N LEU A 134 -4.92 9.40 -12.95
CA LEU A 134 -4.93 7.97 -13.13
C LEU A 134 -5.71 7.62 -14.40
N ASN A 135 -7.03 7.63 -14.27
CA ASN A 135 -7.90 7.32 -15.38
C ASN A 135 -9.37 7.44 -14.94
N GLU A 136 -9.80 6.43 -14.20
CA GLU A 136 -11.17 6.41 -13.70
C GLU A 136 -11.28 5.50 -12.49
N ASN A 137 -10.91 6.05 -11.33
CA ASN A 137 -10.97 5.30 -10.09
C ASN A 137 -10.31 3.94 -10.30
N MET A 1 7.23 -15.12 9.23
CA MET A 1 7.30 -16.44 9.84
C MET A 1 8.37 -16.49 10.94
N GLU A 2 9.50 -15.85 10.65
CA GLU A 2 10.60 -15.80 11.60
C GLU A 2 11.84 -15.21 10.94
N GLN A 3 12.16 -13.99 11.35
CA GLN A 3 13.32 -13.29 10.81
C GLN A 3 13.09 -12.93 9.33
N ASN A 4 14.18 -12.94 8.58
CA ASN A 4 14.11 -12.61 7.17
C ASN A 4 13.05 -13.49 6.50
N ASN A 5 12.97 -13.37 5.18
CA ASN A 5 12.01 -14.14 4.42
C ASN A 5 10.64 -13.46 4.47
N ILE A 6 10.56 -12.44 5.31
CA ILE A 6 9.32 -11.69 5.46
C ILE A 6 9.03 -10.94 4.17
N LYS A 7 9.87 -9.97 3.86
CA LYS A 7 9.71 -9.17 2.65
C LYS A 7 9.27 -10.09 1.51
N GLU A 8 10.04 -11.14 1.31
CA GLU A 8 9.75 -12.10 0.25
C GLU A 8 8.35 -12.69 0.45
N GLN A 9 8.10 -13.17 1.65
CA GLN A 9 6.83 -13.75 1.98
C GLN A 9 5.69 -12.80 1.62
N LEU A 10 5.94 -11.52 1.80
CA LEU A 10 4.96 -10.50 1.49
C LEU A 10 4.56 -10.60 0.02
N ILE A 11 5.57 -10.52 -0.84
CA ILE A 11 5.34 -10.61 -2.27
C ILE A 11 4.42 -11.80 -2.57
N SER A 12 4.96 -12.98 -2.37
CA SER A 12 4.20 -14.20 -2.60
C SER A 12 2.75 -14.01 -2.14
N PHE A 13 2.60 -13.89 -0.83
CA PHE A 13 1.28 -13.70 -0.25
C PHE A 13 0.41 -12.81 -1.14
N PHE A 14 0.65 -11.51 -1.03
CA PHE A 14 -0.10 -10.54 -1.82
C PHE A 14 -0.27 -11.02 -3.26
N ASN A 15 0.78 -11.66 -3.77
CA ASN A 15 0.76 -12.18 -5.12
C ASN A 15 -0.51 -13.01 -5.34
N GLN A 16 -0.87 -13.74 -4.29
CA GLN A 16 -2.06 -14.59 -4.35
C GLN A 16 -3.30 -13.78 -3.96
N ALA A 17 -3.35 -12.55 -4.46
CA ALA A 17 -4.48 -11.67 -4.17
C ALA A 17 -4.74 -10.79 -5.39
N CYS A 18 -3.83 -9.85 -5.63
CA CYS A 18 -3.96 -8.95 -6.76
C CYS A 18 -3.50 -9.68 -8.02
N SER A 19 -3.31 -8.90 -9.08
CA SER A 19 -2.86 -9.46 -10.35
C SER A 19 -2.33 -8.35 -11.24
N THR A 20 -3.25 -7.71 -11.95
CA THR A 20 -2.89 -6.62 -12.85
C THR A 20 -2.20 -5.50 -12.07
N HIS A 21 -1.81 -4.47 -12.82
CA HIS A 21 -1.14 -3.32 -12.21
C HIS A 21 -2.19 -2.29 -11.79
N GLN A 22 -3.18 -2.10 -12.65
CA GLN A 22 -4.24 -1.15 -12.38
C GLN A 22 -4.85 -1.40 -11.00
N GLU A 23 -4.79 -2.66 -10.59
CA GLU A 23 -5.33 -3.06 -9.31
C GLU A 23 -4.97 -2.02 -8.24
N ARG A 24 -3.69 -1.67 -8.20
CA ARG A 24 -3.20 -0.70 -7.24
C ARG A 24 -3.99 0.60 -7.38
N LEU A 25 -3.90 1.19 -8.55
CA LEU A 25 -4.59 2.45 -8.81
C LEU A 25 -6.10 2.24 -8.63
N ASP A 26 -6.50 0.99 -8.71
CA ASP A 26 -7.90 0.65 -8.54
C ASP A 26 -8.24 0.54 -7.05
N PHE A 27 -7.24 0.13 -6.29
CA PHE A 27 -7.41 -0.02 -4.85
C PHE A 27 -7.56 1.35 -4.17
N ILE A 28 -6.53 2.16 -4.32
CA ILE A 28 -6.53 3.49 -3.74
C ILE A 28 -7.93 4.10 -3.87
N CYS A 29 -8.60 3.69 -4.94
CA CYS A 29 -9.94 4.19 -5.20
C CYS A 29 -10.95 3.29 -4.45
N SER A 30 -10.93 2.02 -4.81
CA SER A 30 -11.82 1.06 -4.19
C SER A 30 -11.74 1.18 -2.67
N THR A 31 -10.55 0.90 -2.14
CA THR A 31 -10.34 0.97 -0.71
C THR A 31 -10.87 2.30 -0.15
N ARG A 32 -10.98 3.27 -1.04
CA ARG A 32 -11.47 4.58 -0.66
C ARG A 32 -12.87 4.82 -1.25
N GLU A 33 -13.63 3.74 -1.35
CA GLU A 33 -14.98 3.82 -1.89
C GLU A 33 -15.71 2.50 -1.65
N SER A 34 -15.54 1.97 -0.45
CA SER A 34 -16.18 0.72 -0.08
C SER A 34 -16.14 0.53 1.43
N ASP A 35 -17.14 1.08 2.10
CA ASP A 35 -17.23 0.97 3.55
C ASP A 35 -17.08 -0.49 3.96
N THR A 36 -17.62 -1.37 3.12
CA THR A 36 -17.56 -2.78 3.39
C THR A 36 -16.13 -3.29 3.28
N PHE A 37 -15.31 -2.52 2.56
CA PHE A 37 -13.92 -2.87 2.38
C PHE A 37 -13.77 -4.34 1.94
N SER A 38 -14.86 -4.87 1.40
CA SER A 38 -14.88 -6.24 0.94
C SER A 38 -15.23 -6.30 -0.55
N SER A 39 -15.57 -5.14 -1.08
CA SER A 39 -15.94 -5.05 -2.49
C SER A 39 -14.70 -4.78 -3.33
N VAL A 40 -13.61 -4.47 -2.64
CA VAL A 40 -12.34 -4.19 -3.31
C VAL A 40 -12.00 -5.35 -4.24
N ASP A 41 -11.18 -5.06 -5.24
CA ASP A 41 -10.77 -6.06 -6.20
C ASP A 41 -10.03 -7.18 -5.47
N VAL A 42 -8.87 -6.82 -4.92
CA VAL A 42 -8.06 -7.79 -4.19
C VAL A 42 -8.92 -8.50 -3.16
N PRO A 43 -8.72 -9.84 -3.07
CA PRO A 43 -9.49 -10.65 -2.14
C PRO A 43 -8.97 -10.45 -0.70
N LEU A 44 -9.89 -10.59 0.24
CA LEU A 44 -9.55 -10.43 1.64
C LEU A 44 -8.92 -11.73 2.16
N GLU A 45 -9.26 -12.82 1.50
CA GLU A 45 -8.73 -14.12 1.88
C GLU A 45 -7.22 -14.06 2.05
N PRO A 46 -6.52 -13.66 0.96
CA PRO A 46 -5.08 -13.54 0.99
C PRO A 46 -4.64 -12.30 1.76
N ILE A 47 -5.31 -11.20 1.48
CA ILE A 47 -5.01 -9.94 2.14
C ILE A 47 -5.01 -10.15 3.65
N LYS A 48 -5.92 -11.00 4.11
CA LYS A 48 -6.03 -11.29 5.52
C LYS A 48 -4.75 -11.97 6.00
N ASN A 49 -3.94 -12.39 5.04
CA ASN A 49 -2.69 -13.05 5.35
C ASN A 49 -1.58 -12.00 5.48
N ILE A 50 -1.68 -10.98 4.63
CA ILE A 50 -0.70 -9.91 4.65
C ILE A 50 -1.10 -8.87 5.70
N ILE A 51 -2.22 -9.13 6.34
CA ILE A 51 -2.73 -8.24 7.37
C ILE A 51 -2.13 -8.63 8.72
N GLU A 52 -2.06 -9.93 8.93
CA GLU A 52 -1.51 -10.45 10.17
C GLU A 52 -0.04 -10.05 10.32
N ILE A 53 0.51 -9.58 9.23
CA ILE A 53 1.91 -9.15 9.22
C ILE A 53 2.14 -8.15 10.35
N THR A 54 1.09 -7.39 10.65
CA THR A 54 1.17 -6.40 11.70
C THR A 54 0.52 -6.93 12.99
N LYS A 55 0.43 -8.25 13.06
CA LYS A 55 -0.17 -8.90 14.22
C LYS A 55 0.66 -8.56 15.46
N ASP A 56 1.97 -8.55 15.27
CA ASP A 56 2.88 -8.25 16.37
C ASP A 56 3.19 -6.75 16.37
N GLU A 57 3.35 -6.21 17.57
CA GLU A 57 3.65 -4.81 17.72
C GLU A 57 5.02 -4.48 17.14
N ASN A 58 5.92 -5.46 17.25
CA ASN A 58 7.27 -5.30 16.75
C ASN A 58 7.22 -5.04 15.24
N GLN A 59 6.39 -5.83 14.57
CA GLN A 59 6.23 -5.70 13.13
C GLN A 59 5.76 -4.29 12.77
N GLN A 60 4.78 -3.82 13.51
CA GLN A 60 4.22 -2.49 13.29
C GLN A 60 5.35 -1.44 13.32
N ILE A 61 6.10 -1.45 14.40
CA ILE A 61 7.20 -0.51 14.56
C ILE A 61 8.07 -0.56 13.31
N GLU A 62 8.70 -1.71 13.11
CA GLU A 62 9.58 -1.89 11.96
C GLU A 62 8.84 -1.52 10.67
N ILE A 63 7.53 -1.68 10.71
CA ILE A 63 6.70 -1.38 9.55
C ILE A 63 6.61 0.14 9.39
N THR A 64 6.22 0.80 10.48
CA THR A 64 6.08 2.24 10.48
C THR A 64 7.23 2.88 9.69
N LYS A 65 8.44 2.62 10.17
CA LYS A 65 9.63 3.17 9.53
C LYS A 65 9.68 2.69 8.07
N ILE A 66 9.47 1.39 7.91
CA ILE A 66 9.49 0.80 6.58
C ILE A 66 8.57 1.59 5.65
N ALA A 67 7.42 1.98 6.20
CA ALA A 67 6.44 2.74 5.44
C ALA A 67 7.08 4.05 4.97
N VAL A 68 7.81 4.68 5.88
CA VAL A 68 8.47 5.93 5.57
C VAL A 68 9.54 5.69 4.51
N ASN A 69 10.34 4.66 4.74
CA ASN A 69 11.40 4.31 3.81
C ASN A 69 10.88 4.45 2.38
N ASN A 70 9.58 4.23 2.23
CA ASN A 70 8.95 4.32 0.92
C ASN A 70 8.35 5.72 0.75
N ILE A 71 7.53 6.10 1.72
CA ILE A 71 6.88 7.40 1.69
C ILE A 71 7.93 8.48 1.40
N LYS A 72 9.01 8.41 2.15
CA LYS A 72 10.09 9.37 1.98
C LYS A 72 10.42 9.52 0.49
N THR A 73 10.45 8.38 -0.19
CA THR A 73 10.74 8.37 -1.61
C THR A 73 9.75 9.23 -2.37
N LEU A 74 8.54 9.31 -1.83
CA LEU A 74 7.49 10.10 -2.44
C LEU A 74 7.67 11.57 -2.05
N SER A 75 8.89 12.05 -2.19
CA SER A 75 9.20 13.43 -1.86
C SER A 75 8.99 14.33 -3.09
N SER A 76 8.73 13.68 -4.21
CA SER A 76 8.52 14.40 -5.45
C SER A 76 7.99 13.45 -6.53
N VAL A 77 8.87 12.55 -6.96
CA VAL A 77 8.52 11.59 -7.99
C VAL A 77 8.09 12.33 -9.25
N GLY A 78 9.08 12.77 -10.01
CA GLY A 78 8.82 13.48 -11.24
C GLY A 78 10.04 13.45 -12.17
N ALA A 79 9.86 14.00 -13.36
CA ALA A 79 10.93 14.05 -14.33
C ALA A 79 10.94 12.74 -15.14
N THR A 80 10.87 11.64 -14.40
CA THR A 80 10.87 10.32 -15.03
C THR A 80 9.49 9.67 -14.89
N GLY A 81 8.49 10.34 -15.43
CA GLY A 81 7.13 9.84 -15.38
C GLY A 81 6.11 10.99 -15.36
N GLN A 82 5.16 10.88 -14.45
CA GLN A 82 4.14 11.91 -14.32
C GLN A 82 3.45 11.80 -12.96
N TYR A 83 2.89 10.63 -12.71
CA TYR A 83 2.19 10.38 -11.45
C TYR A 83 2.94 9.35 -10.61
N MET A 84 2.66 9.36 -9.31
CA MET A 84 3.29 8.43 -8.39
C MET A 84 3.03 6.99 -8.82
N ALA A 85 2.00 6.82 -9.64
CA ALA A 85 1.64 5.50 -10.13
C ALA A 85 2.79 4.93 -10.96
N SER A 86 3.30 5.77 -11.84
CA SER A 86 4.40 5.37 -12.71
C SER A 86 5.52 4.74 -11.87
N PHE A 87 5.55 5.12 -10.60
CA PHE A 87 6.56 4.62 -9.69
C PHE A 87 6.10 3.31 -9.04
N PHE A 88 5.65 2.39 -9.89
CA PHE A 88 5.18 1.09 -9.41
C PHE A 88 5.57 -0.02 -10.38
N SER A 89 5.38 0.26 -11.66
CA SER A 89 5.70 -0.70 -12.70
C SER A 89 7.22 -0.90 -12.78
N THR A 90 7.93 0.22 -12.76
CA THR A 90 9.38 0.20 -12.83
C THR A 90 9.94 -0.75 -11.77
N ASN A 91 9.35 -0.68 -10.59
CA ASN A 91 9.78 -1.52 -9.49
C ASN A 91 8.55 -2.08 -8.75
N SER A 92 8.32 -3.36 -8.94
CA SER A 92 7.19 -4.03 -8.31
C SER A 92 7.56 -4.44 -6.88
N GLU A 93 8.75 -5.00 -6.75
CA GLU A 93 9.23 -5.45 -5.45
C GLU A 93 8.80 -4.47 -4.36
N PRO A 94 9.11 -3.17 -4.59
CA PRO A 94 8.76 -2.12 -3.64
C PRO A 94 7.28 -1.81 -3.71
N ALA A 95 6.80 -1.59 -4.92
CA ALA A 95 5.40 -1.27 -5.15
C ALA A 95 4.53 -2.27 -4.38
N ILE A 96 5.05 -3.47 -4.25
CA ILE A 96 4.33 -4.53 -3.55
C ILE A 96 4.35 -4.23 -2.04
N ILE A 97 5.55 -4.10 -1.51
CA ILE A 97 5.72 -3.82 -0.10
C ILE A 97 5.04 -2.48 0.23
N PHE A 98 5.12 -1.57 -0.72
CA PHE A 98 4.52 -0.25 -0.54
C PHE A 98 3.00 -0.33 -0.60
N CYS A 99 2.51 -1.34 -1.33
CA CYS A 99 1.09 -1.53 -1.47
C CYS A 99 0.55 -2.12 -0.17
N VAL A 100 1.09 -3.28 0.19
CA VAL A 100 0.67 -3.96 1.41
C VAL A 100 0.46 -2.92 2.51
N ILE A 101 1.50 -2.13 2.74
CA ILE A 101 1.44 -1.11 3.77
C ILE A 101 0.18 -0.26 3.57
N TYR A 102 0.09 0.33 2.38
CA TYR A 102 -1.04 1.16 2.05
C TYR A 102 -2.36 0.51 2.50
N PHE A 103 -2.73 -0.53 1.78
CA PHE A 103 -3.96 -1.25 2.09
C PHE A 103 -4.21 -1.28 3.59
N LEU A 104 -3.25 -1.85 4.31
CA LEU A 104 -3.36 -1.95 5.75
C LEU A 104 -3.86 -0.61 6.32
N TYR A 105 -3.00 0.39 6.20
CA TYR A 105 -3.33 1.72 6.69
C TYR A 105 -4.66 2.20 6.10
N HIS A 106 -4.77 2.08 4.79
CA HIS A 106 -5.97 2.50 4.09
C HIS A 106 -7.19 1.85 4.74
N PHE A 107 -7.12 0.54 4.89
CA PHE A 107 -8.20 -0.21 5.50
C PHE A 107 -8.34 0.12 6.99
N GLY A 108 -7.19 0.32 7.63
CA GLY A 108 -7.16 0.64 9.04
C GLY A 108 -6.69 -0.56 9.86
N PHE A 109 -5.39 -0.77 9.85
CA PHE A 109 -4.80 -1.87 10.59
C PHE A 109 -3.47 -1.45 11.23
N LEU A 110 -2.59 -0.93 10.40
CA LEU A 110 -1.28 -0.50 10.87
C LEU A 110 -1.47 0.58 11.94
N LYS A 111 -0.51 0.65 12.84
CA LYS A 111 -0.55 1.64 13.91
C LYS A 111 0.43 2.77 13.60
N ASP A 112 0.00 3.99 13.92
CA ASP A 112 0.82 5.16 13.68
C ASP A 112 0.55 6.19 14.78
N ASN A 113 1.63 6.58 15.45
CA ASN A 113 1.52 7.57 16.52
C ASN A 113 1.42 8.96 15.92
N ASN A 114 0.73 9.83 16.64
CA ASN A 114 0.55 11.20 16.19
C ASN A 114 -0.40 11.22 14.99
N LYS A 115 -1.40 12.07 15.08
CA LYS A 115 -2.38 12.20 14.01
C LYS A 115 -2.20 13.55 13.32
N LYS A 116 -1.26 13.58 12.40
CA LYS A 116 -0.97 14.79 11.66
C LYS A 116 0.12 14.52 10.62
N GLN A 117 -0.22 14.77 9.37
CA GLN A 117 0.71 14.55 8.28
C GLN A 117 1.53 13.28 8.53
N ILE A 118 0.86 12.29 9.11
CA ILE A 118 1.51 11.02 9.40
C ILE A 118 1.53 10.16 8.13
N ILE A 119 1.96 8.92 8.31
CA ILE A 119 2.05 7.99 7.20
C ILE A 119 0.73 8.04 6.40
N LYS A 120 -0.30 7.50 7.02
CA LYS A 120 -1.61 7.46 6.38
C LYS A 120 -1.87 8.81 5.70
N LYS A 121 -1.61 9.88 6.45
CA LYS A 121 -1.81 11.22 5.93
C LYS A 121 -1.11 11.36 4.58
N ALA A 122 0.11 10.84 4.53
CA ALA A 122 0.90 10.89 3.31
C ALA A 122 0.33 9.91 2.30
N TYR A 123 0.41 8.63 2.63
CA TYR A 123 -0.09 7.58 1.77
C TYR A 123 -1.42 7.98 1.13
N GLU A 124 -2.18 8.77 1.88
CA GLU A 124 -3.47 9.23 1.40
C GLU A 124 -3.29 10.43 0.45
N THR A 125 -2.39 11.33 0.86
CA THR A 125 -2.13 12.51 0.07
C THR A 125 -1.81 12.13 -1.38
N ILE A 126 -1.29 10.92 -1.54
CA ILE A 126 -0.96 10.42 -2.87
C ILE A 126 -2.15 9.67 -3.45
N ALA A 127 -2.53 8.60 -2.76
CA ALA A 127 -3.65 7.79 -3.20
C ALA A 127 -4.77 8.70 -3.71
N ASP A 128 -4.81 9.90 -3.14
CA ASP A 128 -5.82 10.88 -3.52
C ASP A 128 -5.37 11.60 -4.79
N ASN A 129 -4.27 12.34 -4.65
CA ASN A 129 -3.73 13.07 -5.77
C ASN A 129 -3.61 12.16 -6.99
N ILE A 130 -3.02 10.99 -6.75
CA ILE A 130 -2.84 10.01 -7.81
C ILE A 130 -4.20 9.69 -8.44
N ALA A 131 -5.25 9.94 -7.66
CA ALA A 131 -6.60 9.68 -8.12
C ALA A 131 -7.11 10.90 -8.89
N ASP A 132 -6.21 11.82 -9.15
CA ASP A 132 -6.55 13.04 -9.87
C ASP A 132 -6.76 12.71 -11.35
N TYR A 133 -5.74 12.11 -11.94
CA TYR A 133 -5.81 11.74 -13.34
C TYR A 133 -6.68 10.49 -13.54
N LEU A 134 -6.86 9.75 -12.46
CA LEU A 134 -7.65 8.54 -12.49
C LEU A 134 -9.00 8.85 -13.16
N ASN A 135 -9.89 9.41 -12.36
CA ASN A 135 -11.21 9.76 -12.85
C ASN A 135 -11.99 8.48 -13.16
N GLU A 136 -12.63 7.94 -12.13
CA GLU A 136 -13.41 6.72 -12.27
C GLU A 136 -14.59 6.73 -11.31
N ASN A 137 -15.56 7.57 -11.60
CA ASN A 137 -16.74 7.68 -10.77
C ASN A 137 -17.99 7.63 -11.66
N MET A 1 8.39 -10.90 -6.45
CA MET A 1 9.10 -11.44 -7.59
C MET A 1 10.61 -11.37 -7.38
N GLU A 2 11.01 -11.47 -6.12
CA GLU A 2 12.42 -11.41 -5.78
C GLU A 2 12.58 -11.25 -4.26
N GLN A 3 13.82 -10.97 -3.87
CA GLN A 3 14.12 -10.79 -2.46
C GLN A 3 14.00 -12.13 -1.71
N ASN A 4 14.02 -12.03 -0.39
CA ASN A 4 13.91 -13.22 0.44
C ASN A 4 13.47 -12.81 1.85
N ASN A 5 12.85 -13.75 2.55
CA ASN A 5 12.38 -13.50 3.90
C ASN A 5 10.99 -12.87 3.83
N ILE A 6 10.65 -12.14 4.89
CA ILE A 6 9.35 -11.50 4.97
C ILE A 6 8.99 -10.92 3.60
N LYS A 7 9.69 -9.85 3.24
CA LYS A 7 9.46 -9.20 1.96
C LYS A 7 9.01 -10.25 0.94
N GLU A 8 9.75 -11.35 0.91
CA GLU A 8 9.44 -12.43 -0.02
C GLU A 8 8.08 -13.04 0.31
N GLN A 9 7.96 -13.50 1.54
CA GLN A 9 6.73 -14.12 2.00
C GLN A 9 5.53 -13.24 1.63
N LEU A 10 5.72 -11.94 1.79
CA LEU A 10 4.67 -10.98 1.48
C LEU A 10 4.26 -11.14 0.01
N ILE A 11 5.23 -10.92 -0.87
CA ILE A 11 4.99 -11.03 -2.30
C ILE A 11 4.08 -12.24 -2.56
N SER A 12 4.56 -13.40 -2.19
CA SER A 12 3.79 -14.63 -2.37
C SER A 12 2.32 -14.37 -2.08
N PHE A 13 2.06 -14.01 -0.83
CA PHE A 13 0.69 -13.73 -0.40
C PHE A 13 0.03 -12.70 -1.32
N PHE A 14 0.48 -11.46 -1.18
CA PHE A 14 -0.06 -10.38 -1.99
C PHE A 14 -0.24 -10.81 -3.45
N ASN A 15 0.71 -11.62 -3.91
CA ASN A 15 0.68 -12.11 -5.27
C ASN A 15 -0.55 -13.00 -5.47
N GLN A 16 -0.81 -13.81 -4.46
CA GLN A 16 -1.95 -14.72 -4.49
C GLN A 16 -3.26 -13.94 -4.31
N ALA A 17 -3.10 -12.65 -4.08
CA ALA A 17 -4.25 -11.77 -3.88
C ALA A 17 -4.44 -10.90 -5.12
N CYS A 18 -3.77 -9.75 -5.10
CA CYS A 18 -3.86 -8.82 -6.21
C CYS A 18 -2.63 -9.03 -7.12
N SER A 19 -2.91 -9.57 -8.30
CA SER A 19 -1.86 -9.83 -9.26
C SER A 19 -1.66 -8.61 -10.17
N THR A 20 -2.62 -8.42 -11.05
CA THR A 20 -2.57 -7.30 -11.98
C THR A 20 -2.07 -6.04 -11.28
N HIS A 21 -1.45 -5.17 -12.05
CA HIS A 21 -0.93 -3.92 -11.52
C HIS A 21 -2.08 -2.95 -11.26
N GLN A 22 -2.94 -2.82 -12.26
CA GLN A 22 -4.08 -1.92 -12.16
C GLN A 22 -4.72 -2.03 -10.77
N GLU A 23 -4.69 -3.24 -10.23
CA GLU A 23 -5.25 -3.49 -8.92
C GLU A 23 -4.85 -2.38 -7.95
N ARG A 24 -3.63 -1.88 -8.13
CA ARG A 24 -3.12 -0.82 -7.28
C ARG A 24 -3.96 0.45 -7.46
N LEU A 25 -4.12 0.85 -8.70
CA LEU A 25 -4.90 2.03 -9.02
C LEU A 25 -6.37 1.78 -8.67
N ASP A 26 -6.71 0.51 -8.60
CA ASP A 26 -8.08 0.12 -8.27
C ASP A 26 -8.28 0.18 -6.76
N PHE A 27 -7.18 -0.01 -6.05
CA PHE A 27 -7.21 0.02 -4.59
C PHE A 27 -7.41 1.45 -4.07
N ILE A 28 -6.41 2.28 -4.31
CA ILE A 28 -6.47 3.66 -3.88
C ILE A 28 -7.89 4.19 -4.07
N CYS A 29 -8.54 3.68 -5.10
CA CYS A 29 -9.90 4.10 -5.41
C CYS A 29 -10.87 3.17 -4.67
N SER A 30 -11.01 1.97 -5.21
CA SER A 30 -11.90 0.99 -4.61
C SER A 30 -11.76 1.01 -3.09
N THR A 31 -10.55 0.72 -2.63
CA THR A 31 -10.28 0.71 -1.20
C THR A 31 -11.00 1.87 -0.51
N ARG A 32 -10.80 3.06 -1.05
CA ARG A 32 -11.43 4.25 -0.50
C ARG A 32 -12.63 4.66 -1.36
N GLU A 33 -13.31 3.66 -1.89
CA GLU A 33 -14.47 3.90 -2.73
C GLU A 33 -15.24 2.61 -2.97
N SER A 34 -15.51 1.90 -1.86
CA SER A 34 -16.24 0.66 -1.94
C SER A 34 -17.28 0.59 -0.83
N ASP A 35 -16.96 -0.16 0.21
CA ASP A 35 -17.85 -0.31 1.35
C ASP A 35 -17.12 -1.03 2.49
N THR A 36 -16.79 -2.29 2.23
CA THR A 36 -16.09 -3.09 3.21
C THR A 36 -14.89 -3.80 2.57
N PHE A 37 -14.07 -4.40 3.42
CA PHE A 37 -12.89 -5.10 2.96
C PHE A 37 -13.27 -6.30 2.09
N SER A 38 -14.34 -6.97 2.50
CA SER A 38 -14.82 -8.13 1.78
C SER A 38 -15.61 -7.69 0.54
N SER A 39 -15.62 -6.39 0.32
CA SER A 39 -16.32 -5.83 -0.81
C SER A 39 -15.33 -5.51 -1.95
N VAL A 40 -14.07 -5.43 -1.57
CA VAL A 40 -13.02 -5.14 -2.54
C VAL A 40 -12.80 -6.36 -3.43
N ASP A 41 -12.10 -6.13 -4.53
CA ASP A 41 -11.82 -7.20 -5.47
C ASP A 41 -10.84 -8.19 -4.84
N VAL A 42 -9.70 -7.66 -4.43
CA VAL A 42 -8.68 -8.49 -3.81
C VAL A 42 -9.33 -9.43 -2.80
N PRO A 43 -8.85 -10.70 -2.80
CA PRO A 43 -9.38 -11.70 -1.88
C PRO A 43 -8.87 -11.48 -0.46
N LEU A 44 -9.73 -11.77 0.50
CA LEU A 44 -9.38 -11.61 1.89
C LEU A 44 -8.58 -12.83 2.36
N GLU A 45 -8.85 -13.95 1.72
CA GLU A 45 -8.16 -15.18 2.06
C GLU A 45 -6.66 -14.94 2.19
N PRO A 46 -6.06 -14.41 1.09
CA PRO A 46 -4.64 -14.12 1.07
C PRO A 46 -4.32 -12.87 1.89
N ILE A 47 -5.08 -11.82 1.62
CA ILE A 47 -4.90 -10.56 2.31
C ILE A 47 -4.75 -10.83 3.81
N LYS A 48 -5.69 -11.60 4.34
CA LYS A 48 -5.68 -11.93 5.75
C LYS A 48 -4.27 -12.39 6.15
N ASN A 49 -3.55 -12.91 5.18
CA ASN A 49 -2.20 -13.39 5.41
C ASN A 49 -1.26 -12.18 5.52
N ILE A 50 -1.47 -11.22 4.62
CA ILE A 50 -0.65 -10.03 4.61
C ILE A 50 -1.18 -9.04 5.65
N ILE A 51 -2.18 -9.48 6.39
CA ILE A 51 -2.78 -8.66 7.42
C ILE A 51 -2.26 -9.10 8.80
N GLU A 52 -1.94 -10.37 8.89
CA GLU A 52 -1.43 -10.93 10.13
C GLU A 52 0.10 -10.82 10.18
N ILE A 53 0.59 -9.71 9.63
CA ILE A 53 2.02 -9.48 9.60
C ILE A 53 2.37 -8.36 10.58
N THR A 54 1.49 -7.37 10.63
CA THR A 54 1.69 -6.24 11.53
C THR A 54 1.06 -6.52 12.89
N LYS A 55 0.72 -7.78 13.11
CA LYS A 55 0.10 -8.19 14.36
C LYS A 55 1.18 -8.25 15.45
N ASP A 56 2.42 -8.07 15.03
CA ASP A 56 3.53 -8.10 15.96
C ASP A 56 4.03 -6.67 16.20
N GLU A 57 4.36 -6.40 17.45
CA GLU A 57 4.83 -5.08 17.83
C GLU A 57 5.98 -4.66 16.91
N ASN A 58 7.17 -5.15 17.22
CA ASN A 58 8.34 -4.84 16.43
C ASN A 58 7.95 -4.70 14.96
N GLN A 59 7.01 -5.55 14.55
CA GLN A 59 6.55 -5.55 13.18
C GLN A 59 5.84 -4.22 12.87
N GLN A 60 4.80 -3.94 13.63
CA GLN A 60 4.03 -2.72 13.45
C GLN A 60 4.95 -1.50 13.59
N ILE A 61 6.00 -1.68 14.37
CA ILE A 61 6.96 -0.61 14.59
C ILE A 61 7.85 -0.46 13.36
N GLU A 62 8.50 -1.56 13.00
CA GLU A 62 9.39 -1.57 11.85
C GLU A 62 8.62 -1.14 10.60
N ILE A 63 7.34 -1.45 10.57
CA ILE A 63 6.49 -1.10 9.45
C ILE A 63 6.37 0.42 9.37
N THR A 64 6.01 1.02 10.49
CA THR A 64 5.85 2.46 10.56
C THR A 64 7.05 3.16 9.89
N LYS A 65 8.22 2.87 10.41
CA LYS A 65 9.44 3.46 9.87
C LYS A 65 9.60 3.05 8.41
N ILE A 66 9.35 1.77 8.16
CA ILE A 66 9.46 1.24 6.81
C ILE A 66 8.62 2.09 5.86
N ALA A 67 7.35 2.24 6.22
CA ALA A 67 6.44 3.03 5.41
C ALA A 67 7.08 4.38 5.08
N VAL A 68 7.66 4.98 6.10
CA VAL A 68 8.30 6.28 5.93
C VAL A 68 9.52 6.12 5.00
N ASN A 69 10.36 5.15 5.33
CA ASN A 69 11.54 4.89 4.54
C ASN A 69 11.19 5.02 3.05
N ASN A 70 9.95 4.68 2.74
CA ASN A 70 9.49 4.75 1.36
C ASN A 70 8.72 6.06 1.16
N ILE A 71 7.72 6.27 2.00
CA ILE A 71 6.92 7.47 1.93
C ILE A 71 7.82 8.69 1.78
N LYS A 72 8.74 8.83 2.74
CA LYS A 72 9.67 9.94 2.74
C LYS A 72 10.27 10.09 1.34
N THR A 73 10.49 8.94 0.70
CA THR A 73 11.06 8.92 -0.64
C THR A 73 10.00 9.30 -1.67
N LEU A 74 8.76 8.92 -1.37
CA LEU A 74 7.65 9.21 -2.26
C LEU A 74 7.52 10.73 -2.44
N SER A 75 8.19 11.45 -1.55
CA SER A 75 8.16 12.90 -1.60
C SER A 75 8.84 13.40 -2.88
N SER A 76 9.50 12.47 -3.56
CA SER A 76 10.20 12.80 -4.79
C SER A 76 9.34 12.40 -5.99
N VAL A 77 8.25 11.70 -5.71
CA VAL A 77 7.34 11.26 -6.74
C VAL A 77 6.21 12.28 -6.90
N GLY A 78 6.59 13.50 -7.24
CA GLY A 78 5.63 14.56 -7.41
C GLY A 78 6.16 15.63 -8.37
N ALA A 79 6.54 16.76 -7.80
CA ALA A 79 7.07 17.85 -8.60
C ALA A 79 7.98 17.30 -9.70
N THR A 80 8.94 16.50 -9.26
CA THR A 80 9.89 15.90 -10.19
C THR A 80 9.67 14.38 -10.26
N GLY A 81 8.42 13.98 -10.04
CA GLY A 81 8.06 12.58 -10.09
C GLY A 81 7.42 12.22 -11.43
N GLN A 82 6.40 11.37 -11.34
CA GLN A 82 5.69 10.93 -12.53
C GLN A 82 4.61 9.93 -12.16
N TYR A 83 3.48 10.45 -11.68
CA TYR A 83 2.36 9.61 -11.29
C TYR A 83 2.86 8.31 -10.67
N MET A 84 2.96 8.33 -9.34
CA MET A 84 3.42 7.16 -8.60
C MET A 84 2.91 5.87 -9.25
N ALA A 85 1.72 5.96 -9.83
CA ALA A 85 1.12 4.82 -10.48
C ALA A 85 2.14 4.17 -11.41
N SER A 86 2.84 5.01 -12.17
CA SER A 86 3.84 4.52 -13.10
C SER A 86 5.02 3.92 -12.32
N PHE A 87 5.19 4.41 -11.10
CA PHE A 87 6.27 3.93 -10.25
C PHE A 87 5.85 2.68 -9.49
N PHE A 88 5.22 1.77 -10.21
CA PHE A 88 4.76 0.52 -9.62
C PHE A 88 5.15 -0.68 -10.49
N SER A 89 4.93 -0.52 -11.79
CA SER A 89 5.25 -1.57 -12.73
C SER A 89 6.77 -1.82 -12.75
N THR A 90 7.51 -0.73 -12.87
CA THR A 90 8.95 -0.80 -12.90
C THR A 90 9.48 -1.52 -11.66
N ASN A 91 9.10 -0.98 -10.50
CA ASN A 91 9.53 -1.55 -9.23
C ASN A 91 8.30 -2.12 -8.51
N SER A 92 8.17 -3.44 -8.57
CA SER A 92 7.07 -4.11 -7.93
C SER A 92 7.39 -4.37 -6.45
N GLU A 93 8.63 -4.79 -6.22
CA GLU A 93 9.08 -5.08 -4.88
C GLU A 93 8.50 -4.06 -3.90
N PRO A 94 8.71 -2.76 -4.21
CA PRO A 94 8.20 -1.69 -3.37
C PRO A 94 6.69 -1.52 -3.54
N ALA A 95 6.27 -1.44 -4.79
CA ALA A 95 4.86 -1.29 -5.10
C ALA A 95 4.05 -2.29 -4.29
N ILE A 96 4.69 -3.40 -3.95
CA ILE A 96 4.04 -4.43 -3.17
C ILE A 96 3.97 -3.99 -1.70
N ILE A 97 5.14 -3.76 -1.14
CA ILE A 97 5.23 -3.33 0.26
C ILE A 97 4.31 -2.13 0.47
N PHE A 98 4.22 -1.30 -0.56
CA PHE A 98 3.38 -0.12 -0.48
C PHE A 98 1.91 -0.49 -0.33
N CYS A 99 1.40 -1.16 -1.35
CA CYS A 99 0.01 -1.60 -1.34
C CYS A 99 -0.31 -2.17 0.04
N VAL A 100 0.44 -3.20 0.40
CA VAL A 100 0.24 -3.86 1.68
C VAL A 100 0.07 -2.79 2.77
N ILE A 101 1.11 -1.98 2.93
CA ILE A 101 1.10 -0.93 3.93
C ILE A 101 -0.15 -0.06 3.71
N TYR A 102 -0.38 0.29 2.46
CA TYR A 102 -1.53 1.12 2.11
C TYR A 102 -2.83 0.47 2.56
N PHE A 103 -3.22 -0.56 1.81
CA PHE A 103 -4.45 -1.28 2.12
C PHE A 103 -4.65 -1.39 3.64
N LEU A 104 -3.61 -1.86 4.30
CA LEU A 104 -3.66 -2.02 5.74
C LEU A 104 -4.10 -0.71 6.39
N TYR A 105 -3.43 0.37 5.99
CA TYR A 105 -3.73 1.68 6.51
C TYR A 105 -5.10 2.17 6.03
N HIS A 106 -5.34 1.96 4.74
CA HIS A 106 -6.60 2.36 4.14
C HIS A 106 -7.76 2.03 5.09
N PHE A 107 -7.88 0.74 5.38
CA PHE A 107 -8.93 0.28 6.27
C PHE A 107 -8.70 0.78 7.71
N GLY A 108 -7.60 0.33 8.29
CA GLY A 108 -7.25 0.72 9.63
C GLY A 108 -6.65 -0.45 10.42
N PHE A 109 -5.73 -1.14 9.75
CA PHE A 109 -5.07 -2.29 10.37
C PHE A 109 -3.79 -1.87 11.08
N LEU A 110 -2.90 -1.27 10.31
CA LEU A 110 -1.63 -0.82 10.86
C LEU A 110 -1.89 0.12 12.05
N LYS A 111 -0.99 0.06 13.01
CA LYS A 111 -1.11 0.89 14.20
C LYS A 111 -1.21 2.37 13.77
N ASP A 112 -2.42 2.90 13.90
CA ASP A 112 -2.66 4.28 13.54
C ASP A 112 -4.06 4.69 14.01
N ASN A 113 -4.12 5.15 15.26
CA ASN A 113 -5.38 5.57 15.84
C ASN A 113 -6.19 6.34 14.80
N ASN A 114 -7.50 6.33 14.98
CA ASN A 114 -8.39 7.02 14.06
C ASN A 114 -8.22 8.53 14.23
N LYS A 115 -7.01 8.99 13.96
CA LYS A 115 -6.69 10.41 14.09
C LYS A 115 -5.32 10.67 13.50
N LYS A 116 -4.38 9.80 13.84
CA LYS A 116 -3.01 9.93 13.35
C LYS A 116 -3.02 9.95 11.83
N GLN A 117 -2.14 10.76 11.27
CA GLN A 117 -2.04 10.88 9.82
C GLN A 117 -0.63 10.51 9.36
N ILE A 118 0.32 11.38 9.67
CA ILE A 118 1.70 11.15 9.29
C ILE A 118 1.74 10.34 7.99
N ILE A 119 1.91 9.04 8.15
CA ILE A 119 1.98 8.15 7.01
C ILE A 119 0.67 8.26 6.21
N LYS A 120 -0.42 7.85 6.85
CA LYS A 120 -1.72 7.89 6.22
C LYS A 120 -1.91 9.26 5.54
N LYS A 121 -1.20 10.24 6.07
CA LYS A 121 -1.28 11.60 5.54
C LYS A 121 -0.55 11.66 4.20
N ALA A 122 0.61 11.02 4.17
CA ALA A 122 1.42 10.99 2.96
C ALA A 122 0.78 10.04 1.94
N TYR A 123 0.73 8.77 2.31
CA TYR A 123 0.14 7.77 1.44
C TYR A 123 -1.14 8.28 0.80
N GLU A 124 -1.92 8.99 1.59
CA GLU A 124 -3.18 9.54 1.13
C GLU A 124 -2.92 10.69 0.15
N THR A 125 -1.90 11.47 0.47
CA THR A 125 -1.54 12.60 -0.37
C THR A 125 -1.25 12.14 -1.80
N ILE A 126 -0.81 10.89 -1.91
CA ILE A 126 -0.50 10.32 -3.21
C ILE A 126 -1.72 9.56 -3.73
N ALA A 127 -2.18 8.61 -2.93
CA ALA A 127 -3.33 7.81 -3.30
C ALA A 127 -4.43 8.73 -3.82
N ASP A 128 -4.38 9.98 -3.36
CA ASP A 128 -5.38 10.95 -3.76
C ASP A 128 -4.90 11.67 -5.04
N ASN A 129 -3.76 12.31 -4.91
CA ASN A 129 -3.18 13.03 -6.04
C ASN A 129 -3.14 12.12 -7.26
N ILE A 130 -2.92 10.84 -7.00
CA ILE A 130 -2.86 9.85 -8.07
C ILE A 130 -4.26 9.66 -8.65
N ALA A 131 -5.25 9.83 -7.78
CA ALA A 131 -6.64 9.67 -8.19
C ALA A 131 -7.11 10.95 -8.89
N ASP A 132 -6.18 11.89 -9.03
CA ASP A 132 -6.47 13.15 -9.68
C ASP A 132 -6.41 12.98 -11.20
N TYR A 133 -5.53 12.07 -11.61
CA TYR A 133 -5.36 11.80 -13.03
C TYR A 133 -6.25 10.64 -13.48
N LEU A 134 -6.71 9.87 -12.50
CA LEU A 134 -7.57 8.73 -12.79
C LEU A 134 -8.84 9.22 -13.49
N ASN A 135 -9.82 9.59 -12.68
CA ASN A 135 -11.08 10.08 -13.21
C ASN A 135 -11.95 10.59 -12.05
N GLU A 136 -11.93 9.84 -10.96
CA GLU A 136 -12.71 10.19 -9.79
C GLU A 136 -14.17 10.38 -10.17
N ASN A 137 -14.84 9.27 -10.42
CA ASN A 137 -16.25 9.30 -10.79
C ASN A 137 -16.93 8.03 -10.31
N MET A 1 14.55 -6.29 -3.22
CA MET A 1 13.58 -6.57 -2.18
C MET A 1 13.80 -5.65 -0.97
N GLU A 2 14.63 -6.13 -0.05
CA GLU A 2 14.93 -5.36 1.15
C GLU A 2 15.82 -6.18 2.08
N GLN A 3 15.23 -7.21 2.66
CA GLN A 3 15.95 -8.07 3.58
C GLN A 3 16.61 -9.22 2.82
N ASN A 4 15.78 -10.16 2.38
CA ASN A 4 16.27 -11.31 1.65
C ASN A 4 15.11 -12.28 1.40
N ASN A 5 14.65 -12.88 2.49
CA ASN A 5 13.55 -13.83 2.42
C ASN A 5 12.27 -13.17 2.93
N ILE A 6 12.46 -12.21 3.82
CA ILE A 6 11.33 -11.50 4.40
C ILE A 6 10.50 -10.87 3.27
N LYS A 7 10.92 -9.67 2.88
CA LYS A 7 10.22 -8.95 1.83
C LYS A 7 9.82 -9.93 0.74
N GLU A 8 10.60 -10.99 0.60
CA GLU A 8 10.34 -12.00 -0.41
C GLU A 8 9.03 -12.72 -0.11
N GLN A 9 8.91 -13.19 1.13
CA GLN A 9 7.71 -13.89 1.57
C GLN A 9 6.49 -12.98 1.42
N LEU A 10 6.74 -11.69 1.53
CA LEU A 10 5.68 -10.70 1.41
C LEU A 10 5.07 -10.78 0.01
N ILE A 11 5.95 -10.78 -0.98
CA ILE A 11 5.52 -10.85 -2.37
C ILE A 11 4.60 -12.05 -2.55
N SER A 12 5.13 -13.23 -2.25
CA SER A 12 4.38 -14.45 -2.37
C SER A 12 2.95 -14.24 -1.88
N PHE A 13 2.84 -13.94 -0.60
CA PHE A 13 1.54 -13.72 0.01
C PHE A 13 0.61 -13.00 -0.95
N PHE A 14 0.62 -11.68 -0.86
CA PHE A 14 -0.23 -10.86 -1.72
C PHE A 14 -0.46 -11.55 -3.07
N ASN A 15 0.62 -12.02 -3.66
CA ASN A 15 0.55 -12.70 -4.94
C ASN A 15 -0.71 -13.56 -4.99
N GLN A 16 -0.93 -14.29 -3.91
CA GLN A 16 -2.09 -15.16 -3.82
C GLN A 16 -3.32 -14.35 -3.40
N ALA A 17 -3.51 -13.23 -4.08
CA ALA A 17 -4.64 -12.36 -3.80
C ALA A 17 -4.88 -11.44 -5.00
N CYS A 18 -4.00 -10.47 -5.14
CA CYS A 18 -4.11 -9.52 -6.24
C CYS A 18 -2.74 -9.39 -6.91
N SER A 19 -2.63 -9.98 -8.09
CA SER A 19 -1.39 -9.94 -8.84
C SER A 19 -1.62 -9.29 -10.21
N THR A 20 -2.62 -8.42 -10.25
CA THR A 20 -2.95 -7.73 -11.48
C THR A 20 -1.96 -6.59 -11.74
N HIS A 21 -2.39 -5.65 -12.56
CA HIS A 21 -1.56 -4.50 -12.90
C HIS A 21 -2.06 -3.26 -12.15
N GLN A 22 -3.34 -2.99 -12.32
CA GLN A 22 -3.96 -1.84 -11.68
C GLN A 22 -4.17 -2.13 -10.19
N GLU A 23 -3.81 -3.34 -9.80
CA GLU A 23 -3.95 -3.74 -8.41
C GLU A 23 -3.63 -2.57 -7.47
N ARG A 24 -2.67 -1.77 -7.90
CA ARG A 24 -2.25 -0.62 -7.12
C ARG A 24 -3.25 0.53 -7.28
N LEU A 25 -3.55 0.82 -8.53
CA LEU A 25 -4.50 1.90 -8.83
C LEU A 25 -5.90 1.47 -8.39
N ASP A 26 -6.01 0.20 -8.00
CA ASP A 26 -7.28 -0.34 -7.56
C ASP A 26 -7.45 -0.09 -6.06
N PHE A 27 -6.34 -0.22 -5.34
CA PHE A 27 -6.34 -0.01 -3.90
C PHE A 27 -6.62 1.45 -3.56
N ILE A 28 -5.71 2.30 -4.02
CA ILE A 28 -5.84 3.73 -3.77
C ILE A 28 -7.25 4.19 -4.14
N CYS A 29 -7.86 3.44 -5.05
CA CYS A 29 -9.21 3.75 -5.49
C CYS A 29 -10.19 3.08 -4.53
N SER A 30 -10.30 1.78 -4.66
CA SER A 30 -11.20 1.00 -3.81
C SER A 30 -11.13 1.52 -2.37
N THR A 31 -9.90 1.66 -1.88
CA THR A 31 -9.68 2.13 -0.54
C THR A 31 -10.51 3.39 -0.26
N ARG A 32 -10.55 4.26 -1.27
CA ARG A 32 -11.30 5.50 -1.16
C ARG A 32 -12.67 5.36 -1.83
N GLU A 33 -13.06 4.11 -2.01
CA GLU A 33 -14.34 3.81 -2.64
C GLU A 33 -14.92 2.52 -2.08
N SER A 34 -14.93 2.43 -0.76
CA SER A 34 -15.44 1.25 -0.08
C SER A 34 -15.58 1.52 1.42
N ASP A 35 -16.77 1.99 1.79
CA ASP A 35 -17.03 2.30 3.19
C ASP A 35 -16.61 1.11 4.06
N THR A 36 -16.70 -0.06 3.47
CA THR A 36 -16.33 -1.29 4.18
C THR A 36 -14.96 -1.78 3.70
N PHE A 37 -14.75 -3.08 3.86
CA PHE A 37 -13.50 -3.69 3.46
C PHE A 37 -13.73 -4.83 2.47
N SER A 38 -14.81 -5.58 2.73
CA SER A 38 -15.16 -6.71 1.88
C SER A 38 -15.43 -6.22 0.46
N SER A 39 -15.57 -4.90 0.34
CA SER A 39 -15.85 -4.30 -0.96
C SER A 39 -14.54 -4.17 -1.76
N VAL A 40 -13.53 -3.63 -1.10
CA VAL A 40 -12.23 -3.45 -1.73
C VAL A 40 -11.88 -4.70 -2.52
N ASP A 41 -11.18 -4.49 -3.62
CA ASP A 41 -10.76 -5.60 -4.48
C ASP A 41 -9.95 -6.60 -3.66
N VAL A 42 -9.30 -7.50 -4.36
CA VAL A 42 -8.48 -8.52 -3.71
C VAL A 42 -9.34 -9.31 -2.73
N PRO A 43 -9.07 -10.63 -2.66
CA PRO A 43 -9.82 -11.50 -1.76
C PRO A 43 -9.38 -11.30 -0.30
N LEU A 44 -10.34 -11.46 0.59
CA LEU A 44 -10.07 -11.30 2.01
C LEU A 44 -9.44 -12.59 2.56
N GLU A 45 -9.51 -13.63 1.74
CA GLU A 45 -8.95 -14.91 2.13
C GLU A 45 -7.45 -14.80 2.36
N PRO A 46 -6.73 -14.39 1.30
CA PRO A 46 -5.28 -14.23 1.38
C PRO A 46 -4.92 -12.97 2.15
N ILE A 47 -5.69 -11.92 1.92
CA ILE A 47 -5.45 -10.66 2.59
C ILE A 47 -5.35 -10.89 4.11
N LYS A 48 -6.23 -11.76 4.60
CA LYS A 48 -6.25 -12.08 6.01
C LYS A 48 -4.93 -12.74 6.40
N ASN A 49 -4.17 -13.11 5.38
CA ASN A 49 -2.88 -13.75 5.60
C ASN A 49 -1.81 -12.67 5.81
N ILE A 50 -1.96 -11.59 5.06
CA ILE A 50 -1.01 -10.49 5.14
C ILE A 50 -1.44 -9.55 6.27
N ILE A 51 -2.61 -9.82 6.82
CA ILE A 51 -3.14 -9.01 7.90
C ILE A 51 -2.45 -9.40 9.21
N GLU A 52 -1.93 -10.62 9.22
CA GLU A 52 -1.24 -11.13 10.39
C GLU A 52 0.25 -10.80 10.33
N ILE A 53 0.55 -9.72 9.61
CA ILE A 53 1.92 -9.28 9.45
C ILE A 53 2.20 -8.11 10.41
N THR A 54 1.14 -7.37 10.70
CA THR A 54 1.24 -6.23 11.59
C THR A 54 0.79 -6.61 13.00
N LYS A 55 0.07 -7.72 13.07
CA LYS A 55 -0.43 -8.20 14.36
C LYS A 55 0.68 -8.10 15.40
N ASP A 56 1.87 -8.51 15.00
CA ASP A 56 3.03 -8.48 15.89
C ASP A 56 3.33 -7.02 16.25
N GLU A 57 3.76 -6.83 17.49
CA GLU A 57 4.10 -5.50 17.97
C GLU A 57 5.19 -4.88 17.09
N ASN A 58 6.42 -5.27 17.36
CA ASN A 58 7.55 -4.76 16.62
C ASN A 58 7.16 -4.60 15.15
N GLN A 59 6.32 -5.52 14.69
CA GLN A 59 5.86 -5.48 13.31
C GLN A 59 5.16 -4.15 13.02
N GLN A 60 4.17 -3.83 13.85
CA GLN A 60 3.43 -2.60 13.69
C GLN A 60 4.38 -1.41 13.59
N ILE A 61 5.27 -1.32 14.56
CA ILE A 61 6.25 -0.24 14.60
C ILE A 61 7.16 -0.35 13.38
N GLU A 62 7.74 -1.53 13.21
CA GLU A 62 8.63 -1.78 12.09
C GLU A 62 7.94 -1.45 10.77
N ILE A 63 6.62 -1.62 10.77
CA ILE A 63 5.83 -1.34 9.59
C ILE A 63 5.85 0.17 9.31
N THR A 64 5.62 0.93 10.37
CA THR A 64 5.60 2.38 10.25
C THR A 64 6.84 2.87 9.49
N LYS A 65 8.00 2.50 10.02
CA LYS A 65 9.26 2.89 9.41
C LYS A 65 9.33 2.31 7.99
N ILE A 66 8.80 1.11 7.85
CA ILE A 66 8.80 0.43 6.57
C ILE A 66 7.99 1.26 5.56
N ALA A 67 6.81 1.67 5.99
CA ALA A 67 5.94 2.46 5.15
C ALA A 67 6.67 3.73 4.71
N VAL A 68 7.32 4.35 5.68
CA VAL A 68 8.07 5.58 5.41
C VAL A 68 9.15 5.29 4.37
N ASN A 69 9.76 4.12 4.49
CA ASN A 69 10.81 3.72 3.58
C ASN A 69 10.31 3.87 2.14
N ASN A 70 8.99 3.86 2.00
CA ASN A 70 8.38 4.01 0.69
C ASN A 70 8.08 5.48 0.43
N ILE A 71 7.67 6.17 1.48
CA ILE A 71 7.35 7.58 1.37
C ILE A 71 8.64 8.38 1.16
N LYS A 72 9.63 8.08 2.00
CA LYS A 72 10.91 8.77 1.91
C LYS A 72 11.42 8.66 0.47
N THR A 73 11.00 7.62 -0.21
CA THR A 73 11.41 7.39 -1.59
C THR A 73 10.48 8.14 -2.56
N LEU A 74 9.19 8.09 -2.25
CA LEU A 74 8.20 8.76 -3.07
C LEU A 74 8.64 10.20 -3.33
N SER A 75 9.43 10.72 -2.39
CA SER A 75 9.93 12.08 -2.50
C SER A 75 11.01 12.16 -3.59
N SER A 76 10.60 11.84 -4.81
CA SER A 76 11.52 11.87 -5.93
C SER A 76 10.75 11.70 -7.24
N VAL A 77 9.76 10.83 -7.21
CA VAL A 77 8.94 10.57 -8.38
C VAL A 77 8.71 11.89 -9.13
N GLY A 78 9.51 12.07 -10.18
CA GLY A 78 9.40 13.28 -10.98
C GLY A 78 8.50 13.05 -12.20
N ALA A 79 8.88 13.67 -13.30
CA ALA A 79 8.11 13.54 -14.54
C ALA A 79 7.77 12.06 -14.76
N THR A 80 8.82 11.25 -14.87
CA THR A 80 8.64 9.83 -15.08
C THR A 80 7.47 9.58 -16.03
N GLY A 81 6.90 8.38 -15.91
CA GLY A 81 5.76 8.01 -16.74
C GLY A 81 4.73 9.13 -16.80
N GLN A 82 4.40 9.65 -15.63
CA GLN A 82 3.42 10.72 -15.53
C GLN A 82 3.14 11.04 -14.07
N TYR A 83 2.44 10.13 -13.42
CA TYR A 83 2.09 10.30 -12.02
C TYR A 83 2.75 9.23 -11.15
N MET A 84 2.25 9.11 -9.93
CA MET A 84 2.78 8.13 -8.99
C MET A 84 2.27 6.73 -9.32
N ALA A 85 1.47 6.65 -10.38
CA ALA A 85 0.92 5.38 -10.81
C ALA A 85 1.96 4.63 -11.66
N SER A 86 2.58 5.39 -12.56
CA SER A 86 3.58 4.82 -13.44
C SER A 86 4.78 4.31 -12.61
N PHE A 87 5.21 5.15 -11.69
CA PHE A 87 6.34 4.81 -10.83
C PHE A 87 6.15 3.41 -10.23
N PHE A 88 5.03 3.24 -9.55
CA PHE A 88 4.72 1.96 -8.92
C PHE A 88 4.63 0.85 -9.97
N SER A 89 4.50 1.26 -11.21
CA SER A 89 4.41 0.31 -12.31
C SER A 89 5.70 -0.50 -12.42
N THR A 90 6.78 0.22 -12.68
CA THR A 90 8.08 -0.42 -12.81
C THR A 90 8.57 -0.93 -11.45
N ASN A 91 8.36 -0.09 -10.44
CA ASN A 91 8.77 -0.44 -9.10
C ASN A 91 7.60 -1.10 -8.36
N SER A 92 7.54 -2.41 -8.49
CA SER A 92 6.47 -3.17 -7.85
C SER A 92 6.88 -3.53 -6.42
N GLU A 93 8.10 -4.04 -6.29
CA GLU A 93 8.61 -4.42 -4.99
C GLU A 93 8.14 -3.44 -3.92
N PRO A 94 8.40 -2.13 -4.18
CA PRO A 94 8.01 -1.08 -3.25
C PRO A 94 6.51 -0.84 -3.32
N ALA A 95 6.01 -0.72 -4.54
CA ALA A 95 4.59 -0.47 -4.75
C ALA A 95 3.78 -1.54 -4.02
N ILE A 96 4.43 -2.66 -3.77
CA ILE A 96 3.78 -3.76 -3.08
C ILE A 96 3.75 -3.48 -1.58
N ILE A 97 4.93 -3.26 -1.02
CA ILE A 97 5.05 -2.97 0.39
C ILE A 97 4.16 -1.78 0.75
N PHE A 98 4.09 -0.84 -0.19
CA PHE A 98 3.27 0.35 0.01
C PHE A 98 1.78 0.01 -0.08
N CYS A 99 1.39 -0.51 -1.24
CA CYS A 99 0.00 -0.88 -1.46
C CYS A 99 -0.51 -1.60 -0.22
N VAL A 100 0.07 -2.77 0.02
CA VAL A 100 -0.32 -3.58 1.17
C VAL A 100 -0.50 -2.66 2.39
N ILE A 101 0.58 -1.98 2.74
CA ILE A 101 0.56 -1.08 3.88
C ILE A 101 -0.63 -0.12 3.74
N TYR A 102 -0.54 0.73 2.72
CA TYR A 102 -1.60 1.70 2.48
C TYR A 102 -2.98 1.11 2.79
N PHE A 103 -3.34 0.09 2.03
CA PHE A 103 -4.61 -0.57 2.21
C PHE A 103 -4.88 -0.84 3.69
N LEU A 104 -3.85 -1.34 4.37
CA LEU A 104 -3.96 -1.65 5.78
C LEU A 104 -4.26 -0.37 6.56
N TYR A 105 -3.24 0.48 6.67
CA TYR A 105 -3.38 1.73 7.38
C TYR A 105 -4.74 2.37 7.10
N HIS A 106 -4.97 2.66 5.83
CA HIS A 106 -6.21 3.27 5.41
C HIS A 106 -7.37 2.67 6.21
N PHE A 107 -7.67 1.42 5.90
CA PHE A 107 -8.75 0.72 6.59
C PHE A 107 -8.47 -0.78 6.67
N GLY A 108 -7.57 -1.14 7.58
CA GLY A 108 -7.22 -2.53 7.77
C GLY A 108 -7.01 -2.84 9.25
N PHE A 109 -5.74 -3.00 9.62
CA PHE A 109 -5.39 -3.31 11.00
C PHE A 109 -4.28 -2.39 11.50
N LEU A 110 -3.43 -1.99 10.57
CA LEU A 110 -2.32 -1.11 10.91
C LEU A 110 -2.83 0.06 11.75
N LYS A 111 -1.93 0.62 12.54
CA LYS A 111 -2.29 1.74 13.40
C LYS A 111 -1.46 2.96 12.99
N ASP A 112 -2.17 4.02 12.64
CA ASP A 112 -1.52 5.25 12.23
C ASP A 112 -2.22 6.44 12.90
N ASN A 113 -1.67 6.82 14.06
CA ASN A 113 -2.22 7.93 14.82
C ASN A 113 -1.12 8.55 15.67
N ASN A 114 -0.57 9.65 15.16
CA ASN A 114 0.50 10.34 15.88
C ASN A 114 0.87 11.60 15.09
N LYS A 115 0.17 12.68 15.41
CA LYS A 115 0.43 13.96 14.75
C LYS A 115 -0.04 13.87 13.29
N LYS A 116 0.13 14.98 12.59
CA LYS A 116 -0.27 15.04 11.19
C LYS A 116 0.89 14.57 10.32
N GLN A 117 0.79 14.91 9.03
CA GLN A 117 1.82 14.52 8.08
C GLN A 117 2.26 13.07 8.32
N ILE A 118 1.32 12.28 8.84
CA ILE A 118 1.59 10.89 9.12
C ILE A 118 1.50 10.08 7.82
N ILE A 119 1.90 8.82 7.92
CA ILE A 119 1.86 7.93 6.76
C ILE A 119 0.56 8.15 6.00
N LYS A 120 -0.53 7.72 6.62
CA LYS A 120 -1.85 7.86 6.01
C LYS A 120 -1.96 9.25 5.38
N LYS A 121 -1.30 10.21 6.01
CA LYS A 121 -1.33 11.57 5.52
C LYS A 121 -0.68 11.63 4.13
N ALA A 122 0.54 11.12 4.06
CA ALA A 122 1.28 11.10 2.80
C ALA A 122 0.68 10.03 1.89
N TYR A 123 0.77 8.79 2.35
CA TYR A 123 0.25 7.67 1.58
C TYR A 123 -1.05 8.05 0.88
N GLU A 124 -1.84 8.86 1.56
CA GLU A 124 -3.11 9.30 1.01
C GLU A 124 -2.90 10.48 0.06
N THR A 125 -2.05 11.40 0.48
CA THR A 125 -1.75 12.57 -0.32
C THR A 125 -1.53 12.18 -1.78
N ILE A 126 -1.07 10.94 -1.96
CA ILE A 126 -0.81 10.44 -3.30
C ILE A 126 -2.08 9.75 -3.83
N ALA A 127 -2.46 8.68 -3.15
CA ALA A 127 -3.65 7.94 -3.54
C ALA A 127 -4.76 8.91 -3.94
N ASP A 128 -4.71 10.09 -3.34
CA ASP A 128 -5.70 11.12 -3.63
C ASP A 128 -5.29 11.87 -4.89
N ASN A 129 -4.13 12.51 -4.80
CA ASN A 129 -3.61 13.27 -5.94
C ASN A 129 -3.66 12.40 -7.19
N ILE A 130 -3.24 11.16 -7.04
CA ILE A 130 -3.23 10.23 -8.15
C ILE A 130 -4.66 10.01 -8.65
N ALA A 131 -5.60 10.15 -7.71
CA ALA A 131 -7.00 9.97 -8.04
C ALA A 131 -7.56 11.29 -8.60
N ASP A 132 -6.67 12.26 -8.74
CA ASP A 132 -7.06 13.56 -9.26
C ASP A 132 -6.98 13.54 -10.79
N TYR A 133 -6.10 12.68 -11.29
CA TYR A 133 -5.92 12.56 -12.73
C TYR A 133 -6.65 11.33 -13.27
N LEU A 134 -6.95 10.41 -12.36
CA LEU A 134 -7.65 9.19 -12.73
C LEU A 134 -8.92 9.55 -13.52
N ASN A 135 -9.96 9.89 -12.77
CA ASN A 135 -11.23 10.26 -13.38
C ASN A 135 -12.00 8.99 -13.75
N GLU A 136 -12.67 8.43 -12.77
CA GLU A 136 -13.44 7.22 -12.98
C GLU A 136 -14.76 7.28 -12.18
N ASN A 137 -15.55 8.28 -12.51
CA ASN A 137 -16.83 8.45 -11.83
C ASN A 137 -16.61 8.43 -10.32
N MET A 1 8.38 -14.93 -5.86
CA MET A 1 8.43 -14.60 -7.28
C MET A 1 9.81 -14.91 -7.86
N GLU A 2 10.83 -14.38 -7.21
CA GLU A 2 12.19 -14.60 -7.67
C GLU A 2 13.18 -13.95 -6.70
N GLN A 3 13.98 -14.80 -6.06
CA GLN A 3 14.98 -14.32 -5.11
C GLN A 3 14.29 -13.78 -3.85
N ASN A 4 15.10 -13.51 -2.84
CA ASN A 4 14.59 -12.99 -1.59
C ASN A 4 13.70 -14.05 -0.94
N ASN A 5 13.57 -13.94 0.38
CA ASN A 5 12.76 -14.88 1.13
C ASN A 5 11.66 -14.12 1.88
N ILE A 6 12.10 -13.31 2.85
CA ILE A 6 11.17 -12.53 3.64
C ILE A 6 10.32 -11.66 2.71
N LYS A 7 10.91 -10.55 2.29
CA LYS A 7 10.22 -9.62 1.40
C LYS A 7 9.48 -10.42 0.32
N GLU A 8 10.15 -11.48 -0.14
CA GLU A 8 9.56 -12.32 -1.18
C GLU A 8 8.28 -12.96 -0.67
N GLN A 9 8.34 -13.47 0.56
CA GLN A 9 7.18 -14.10 1.17
C GLN A 9 5.98 -13.16 1.15
N LEU A 10 6.27 -11.88 1.29
CA LEU A 10 5.22 -10.87 1.29
C LEU A 10 4.59 -10.80 -0.10
N ILE A 11 5.44 -10.86 -1.11
CA ILE A 11 4.98 -10.80 -2.49
C ILE A 11 4.04 -11.99 -2.75
N SER A 12 4.60 -13.17 -2.61
CA SER A 12 3.83 -14.39 -2.84
C SER A 12 2.43 -14.22 -2.27
N PHE A 13 2.36 -13.94 -0.98
CA PHE A 13 1.09 -13.76 -0.31
C PHE A 13 0.13 -12.93 -1.16
N PHE A 14 0.19 -11.62 -0.96
CA PHE A 14 -0.66 -10.71 -1.70
C PHE A 14 -0.70 -11.08 -3.18
N ASN A 15 0.45 -11.52 -3.67
CA ASN A 15 0.57 -11.91 -5.07
C ASN A 15 -0.42 -13.03 -5.37
N GLN A 16 -0.57 -13.92 -4.41
CA GLN A 16 -1.48 -15.05 -4.55
C GLN A 16 -2.88 -14.66 -4.06
N ALA A 17 -3.17 -13.37 -4.15
CA ALA A 17 -4.46 -12.87 -3.72
C ALA A 17 -5.19 -12.24 -4.92
N CYS A 18 -4.61 -11.17 -5.42
CA CYS A 18 -5.20 -10.47 -6.56
C CYS A 18 -4.09 -10.21 -7.58
N SER A 19 -4.50 -10.05 -8.83
CA SER A 19 -3.55 -9.79 -9.90
C SER A 19 -2.77 -8.51 -9.61
N THR A 20 -3.29 -7.73 -8.68
CA THR A 20 -2.65 -6.49 -8.30
C THR A 20 -2.14 -5.75 -9.54
N HIS A 21 -1.31 -4.75 -9.30
CA HIS A 21 -0.75 -3.96 -10.37
C HIS A 21 -1.77 -2.91 -10.84
N GLN A 22 -2.93 -3.40 -11.22
CA GLN A 22 -4.01 -2.53 -11.68
C GLN A 22 -4.96 -2.21 -10.53
N GLU A 23 -5.14 -3.21 -9.67
CA GLU A 23 -6.02 -3.05 -8.52
C GLU A 23 -5.59 -1.85 -7.67
N ARG A 24 -4.29 -1.82 -7.38
CA ARG A 24 -3.73 -0.74 -6.58
C ARG A 24 -4.32 0.60 -7.02
N LEU A 25 -4.32 0.82 -8.33
CA LEU A 25 -4.84 2.05 -8.89
C LEU A 25 -6.34 2.15 -8.59
N ASP A 26 -6.98 1.00 -8.62
CA ASP A 26 -8.41 0.93 -8.35
C ASP A 26 -8.65 0.86 -6.84
N PHE A 27 -7.54 0.72 -6.11
CA PHE A 27 -7.62 0.63 -4.66
C PHE A 27 -7.53 2.02 -4.02
N ILE A 28 -6.44 2.70 -4.32
CA ILE A 28 -6.22 4.04 -3.79
C ILE A 28 -7.55 4.80 -3.77
N CYS A 29 -8.39 4.48 -4.73
CA CYS A 29 -9.69 5.12 -4.83
C CYS A 29 -10.71 4.26 -4.07
N SER A 30 -10.86 3.03 -4.53
CA SER A 30 -11.79 2.10 -3.89
C SER A 30 -11.61 2.14 -2.37
N THR A 31 -10.35 2.03 -1.96
CA THR A 31 -10.03 2.04 -0.54
C THR A 31 -10.59 3.29 0.12
N ARG A 32 -10.92 4.27 -0.72
CA ARG A 32 -11.47 5.53 -0.22
C ARG A 32 -12.62 5.99 -1.12
N GLU A 33 -13.33 5.01 -1.67
CA GLU A 33 -14.46 5.31 -2.54
C GLU A 33 -15.22 4.03 -2.86
N SER A 34 -15.21 3.11 -1.91
CA SER A 34 -15.90 1.84 -2.07
C SER A 34 -17.00 1.70 -1.02
N ASP A 35 -16.65 1.06 0.09
CA ASP A 35 -17.59 0.85 1.17
C ASP A 35 -16.82 0.44 2.43
N THR A 36 -16.48 -0.84 2.48
CA THR A 36 -15.76 -1.37 3.62
C THR A 36 -14.37 -1.87 3.19
N PHE A 37 -13.88 -2.86 3.92
CA PHE A 37 -12.57 -3.43 3.62
C PHE A 37 -12.72 -4.79 2.93
N SER A 38 -13.68 -5.56 3.43
CA SER A 38 -13.93 -6.88 2.88
C SER A 38 -14.56 -6.76 1.49
N SER A 39 -14.85 -5.52 1.12
CA SER A 39 -15.46 -5.26 -0.17
C SER A 39 -14.37 -5.06 -1.24
N VAL A 40 -13.26 -4.50 -0.79
CA VAL A 40 -12.14 -4.25 -1.69
C VAL A 40 -11.71 -5.56 -2.34
N ASP A 41 -11.23 -5.45 -3.57
CA ASP A 41 -10.78 -6.62 -4.31
C ASP A 41 -9.76 -7.38 -3.48
N VAL A 42 -9.52 -8.62 -3.88
CA VAL A 42 -8.57 -9.48 -3.17
C VAL A 42 -9.30 -10.27 -2.09
N PRO A 43 -8.97 -11.59 -2.03
CA PRO A 43 -9.58 -12.47 -1.05
C PRO A 43 -9.02 -12.22 0.35
N LEU A 44 -9.78 -12.63 1.35
CA LEU A 44 -9.37 -12.46 2.73
C LEU A 44 -8.46 -13.61 3.14
N GLU A 45 -8.49 -14.67 2.33
CA GLU A 45 -7.68 -15.83 2.60
C GLU A 45 -6.20 -15.44 2.69
N PRO A 46 -5.70 -14.79 1.61
CA PRO A 46 -4.32 -14.35 1.57
C PRO A 46 -4.10 -13.13 2.46
N ILE A 47 -5.01 -12.17 2.33
CA ILE A 47 -4.94 -10.95 3.11
C ILE A 47 -4.70 -11.29 4.57
N LYS A 48 -5.53 -12.20 5.07
CA LYS A 48 -5.41 -12.63 6.46
C LYS A 48 -4.01 -13.18 6.71
N ASN A 49 -3.33 -13.46 5.61
CA ASN A 49 -1.97 -14.00 5.70
C ASN A 49 -0.98 -12.84 5.86
N ILE A 50 -1.30 -11.74 5.21
CA ILE A 50 -0.45 -10.57 5.27
C ILE A 50 -0.84 -9.72 6.49
N ILE A 51 -2.07 -9.93 6.94
CA ILE A 51 -2.57 -9.20 8.09
C ILE A 51 -1.78 -9.62 9.35
N GLU A 52 -1.19 -10.80 9.26
CA GLU A 52 -0.40 -11.32 10.36
C GLU A 52 1.05 -10.85 10.26
N ILE A 53 1.21 -9.69 9.66
CA ILE A 53 2.55 -9.12 9.49
C ILE A 53 2.70 -7.90 10.41
N THR A 54 1.56 -7.32 10.75
CA THR A 54 1.56 -6.15 11.62
C THR A 54 0.94 -6.49 12.98
N LYS A 55 0.93 -7.79 13.28
CA LYS A 55 0.37 -8.26 14.53
C LYS A 55 1.31 -7.87 15.68
N ASP A 56 2.56 -8.30 15.55
CA ASP A 56 3.55 -8.00 16.57
C ASP A 56 3.73 -6.48 16.67
N GLU A 57 3.70 -6.00 17.91
CA GLU A 57 3.85 -4.58 18.16
C GLU A 57 5.16 -4.07 17.54
N ASN A 58 6.14 -4.96 17.47
CA ASN A 58 7.43 -4.61 16.90
C ASN A 58 7.27 -4.37 15.40
N GLN A 59 6.37 -5.14 14.80
CA GLN A 59 6.12 -5.01 13.37
C GLN A 59 5.41 -3.68 13.07
N GLN A 60 4.39 -3.41 13.86
CA GLN A 60 3.62 -2.18 13.70
C GLN A 60 4.55 -0.96 13.76
N ILE A 61 5.54 -1.06 14.64
CA ILE A 61 6.49 0.02 14.81
C ILE A 61 7.41 0.09 13.58
N GLU A 62 8.07 -1.03 13.32
CA GLU A 62 8.97 -1.11 12.17
C GLU A 62 8.22 -0.79 10.88
N ILE A 63 6.97 -1.21 10.84
CA ILE A 63 6.15 -0.98 9.67
C ILE A 63 6.03 0.53 9.43
N THR A 64 5.79 1.25 10.51
CA THR A 64 5.66 2.70 10.43
C THR A 64 6.88 3.31 9.73
N LYS A 65 8.04 3.02 10.29
CA LYS A 65 9.29 3.53 9.74
C LYS A 65 9.48 2.96 8.34
N ILE A 66 9.07 1.72 8.17
CA ILE A 66 9.19 1.05 6.88
C ILE A 66 8.42 1.85 5.82
N ALA A 67 7.17 2.14 6.14
CA ALA A 67 6.32 2.90 5.23
C ALA A 67 7.02 4.20 4.86
N VAL A 68 7.64 4.81 5.86
CA VAL A 68 8.34 6.06 5.65
C VAL A 68 9.53 5.83 4.72
N ASN A 69 10.36 4.87 5.11
CA ASN A 69 11.54 4.54 4.32
C ASN A 69 11.19 4.61 2.84
N ASN A 70 9.93 4.31 2.54
CA ASN A 70 9.45 4.33 1.17
C ASN A 70 8.76 5.66 0.89
N ILE A 71 7.78 5.97 1.74
CA ILE A 71 7.04 7.21 1.60
C ILE A 71 8.02 8.37 1.38
N LYS A 72 9.01 8.43 2.26
CA LYS A 72 10.00 9.48 2.18
C LYS A 72 10.46 9.64 0.73
N THR A 73 10.84 8.51 0.14
CA THR A 73 11.30 8.51 -1.24
C THR A 73 10.19 8.99 -2.17
N LEU A 74 8.95 8.67 -1.79
CA LEU A 74 7.80 9.06 -2.59
C LEU A 74 7.74 10.59 -2.66
N SER A 75 8.51 11.22 -1.79
CA SER A 75 8.54 12.67 -1.74
C SER A 75 9.55 13.20 -2.77
N SER A 76 9.45 12.67 -3.98
CA SER A 76 10.34 13.08 -5.05
C SER A 76 9.84 12.50 -6.38
N VAL A 77 9.91 11.18 -6.49
CA VAL A 77 9.49 10.50 -7.69
C VAL A 77 9.94 11.30 -8.91
N GLY A 78 11.23 11.22 -9.18
CA GLY A 78 11.80 11.93 -10.32
C GLY A 78 11.85 13.43 -10.06
N ALA A 79 10.92 14.14 -10.70
CA ALA A 79 10.85 15.59 -10.54
C ALA A 79 9.57 16.10 -11.21
N THR A 80 9.40 15.72 -12.47
CA THR A 80 8.23 16.13 -13.22
C THR A 80 7.01 15.33 -12.79
N GLY A 81 5.85 15.96 -12.90
CA GLY A 81 4.60 15.32 -12.52
C GLY A 81 4.70 14.68 -11.13
N GLN A 82 3.79 13.79 -10.86
CA GLN A 82 3.76 13.10 -9.57
C GLN A 82 2.83 11.88 -9.63
N TYR A 83 3.16 10.99 -10.55
CA TYR A 83 2.36 9.78 -10.72
C TYR A 83 3.08 8.57 -10.10
N MET A 84 2.71 8.28 -8.86
CA MET A 84 3.30 7.16 -8.15
C MET A 84 2.95 5.84 -8.83
N ALA A 85 1.87 5.86 -9.59
CA ALA A 85 1.42 4.68 -10.30
C ALA A 85 2.48 4.26 -11.32
N SER A 86 3.02 5.26 -12.00
CA SER A 86 4.04 5.00 -13.00
C SER A 86 5.35 4.57 -12.33
N PHE A 87 5.55 5.10 -11.13
CA PHE A 87 6.75 4.77 -10.37
C PHE A 87 6.51 3.56 -9.48
N PHE A 88 5.53 2.75 -9.87
CA PHE A 88 5.20 1.55 -9.11
C PHE A 88 5.44 0.29 -9.93
N SER A 89 5.25 0.43 -11.24
CA SER A 89 5.44 -0.69 -12.15
C SER A 89 6.91 -1.12 -12.14
N THR A 90 7.78 -0.13 -12.29
CA THR A 90 9.22 -0.39 -12.31
C THR A 90 9.65 -1.02 -10.99
N ASN A 91 9.24 -0.39 -9.90
CA ASN A 91 9.58 -0.88 -8.58
C ASN A 91 8.39 -1.62 -7.99
N SER A 92 8.45 -2.94 -8.07
CA SER A 92 7.38 -3.77 -7.55
C SER A 92 7.61 -4.05 -6.06
N GLU A 93 8.84 -4.44 -5.75
CA GLU A 93 9.20 -4.74 -4.38
C GLU A 93 8.51 -3.77 -3.43
N PRO A 94 8.71 -2.45 -3.71
CA PRO A 94 8.12 -1.41 -2.88
C PRO A 94 6.62 -1.27 -3.16
N ALA A 95 6.29 -1.19 -4.44
CA ALA A 95 4.90 -1.07 -4.85
C ALA A 95 4.07 -2.14 -4.15
N ILE A 96 4.73 -3.25 -3.85
CA ILE A 96 4.05 -4.36 -3.17
C ILE A 96 3.78 -3.97 -1.72
N ILE A 97 4.87 -3.81 -0.98
CA ILE A 97 4.77 -3.45 0.43
C ILE A 97 3.89 -2.20 0.57
N PHE A 98 4.08 -1.27 -0.35
CA PHE A 98 3.32 -0.04 -0.35
C PHE A 98 1.83 -0.32 -0.19
N CYS A 99 1.26 -0.88 -1.26
CA CYS A 99 -0.16 -1.21 -1.25
C CYS A 99 -0.49 -1.92 0.07
N VAL A 100 0.09 -3.11 0.22
CA VAL A 100 -0.14 -3.90 1.41
C VAL A 100 -0.16 -2.97 2.63
N ILE A 101 0.89 -2.18 2.76
CA ILE A 101 1.00 -1.25 3.87
C ILE A 101 -0.23 -0.34 3.90
N TYR A 102 -0.30 0.55 2.93
CA TYR A 102 -1.40 1.48 2.83
C TYR A 102 -2.73 0.78 3.14
N PHE A 103 -3.01 -0.26 2.36
CA PHE A 103 -4.23 -1.02 2.55
C PHE A 103 -4.58 -1.16 4.04
N LEU A 104 -3.70 -1.85 4.75
CA LEU A 104 -3.90 -2.07 6.17
C LEU A 104 -4.20 -0.72 6.84
N TYR A 105 -3.20 0.14 6.83
CA TYR A 105 -3.34 1.46 7.44
C TYR A 105 -4.77 1.99 7.26
N HIS A 106 -5.18 2.10 6.01
CA HIS A 106 -6.51 2.59 5.69
C HIS A 106 -7.52 2.01 6.70
N PHE A 107 -7.62 0.69 6.69
CA PHE A 107 -8.54 0.02 7.59
C PHE A 107 -8.24 -1.49 7.66
N GLY A 108 -7.18 -1.81 8.39
CA GLY A 108 -6.78 -3.19 8.53
C GLY A 108 -6.26 -3.46 9.95
N PHE A 109 -4.94 -3.56 10.05
CA PHE A 109 -4.31 -3.82 11.34
C PHE A 109 -3.32 -2.70 11.69
N LEU A 110 -2.62 -2.24 10.67
CA LEU A 110 -1.64 -1.18 10.85
C LEU A 110 -2.28 -0.03 11.64
N LYS A 111 -1.53 0.48 12.60
CA LYS A 111 -2.00 1.58 13.43
C LYS A 111 -0.80 2.41 13.90
N ASP A 112 -0.98 3.72 13.82
CA ASP A 112 0.07 4.64 14.23
C ASP A 112 -0.48 6.06 14.27
N ASN A 113 -1.42 6.28 15.19
CA ASN A 113 -2.04 7.58 15.33
C ASN A 113 -2.38 8.14 13.94
N ASN A 114 -3.61 7.89 13.52
CA ASN A 114 -4.07 8.36 12.23
C ASN A 114 -4.79 9.70 12.40
N LYS A 115 -5.02 10.36 11.28
CA LYS A 115 -5.68 11.64 11.29
C LYS A 115 -4.79 12.68 11.97
N LYS A 116 -3.60 12.86 11.39
CA LYS A 116 -2.65 13.81 11.93
C LYS A 116 -1.43 13.87 11.01
N GLN A 117 -1.68 14.14 9.74
CA GLN A 117 -0.61 14.23 8.76
C GLN A 117 0.35 13.05 8.92
N ILE A 118 -0.22 11.89 9.24
CA ILE A 118 0.57 10.69 9.42
C ILE A 118 0.63 9.91 8.11
N ILE A 119 1.29 8.77 8.16
CA ILE A 119 1.42 7.93 6.99
C ILE A 119 0.10 7.89 6.24
N LYS A 120 -0.92 7.36 6.90
CA LYS A 120 -2.24 7.27 6.31
C LYS A 120 -2.57 8.58 5.59
N LYS A 121 -2.13 9.67 6.19
CA LYS A 121 -2.36 10.99 5.62
C LYS A 121 -1.53 11.14 4.35
N ALA A 122 -0.28 10.71 4.43
CA ALA A 122 0.62 10.81 3.30
C ALA A 122 0.14 9.87 2.20
N TYR A 123 0.18 8.58 2.49
CA TYR A 123 -0.25 7.58 1.53
C TYR A 123 -1.54 8.01 0.83
N GLU A 124 -2.40 8.69 1.59
CA GLU A 124 -3.65 9.16 1.05
C GLU A 124 -3.43 10.37 0.14
N THR A 125 -2.50 11.22 0.56
CA THR A 125 -2.18 12.41 -0.21
C THR A 125 -1.82 12.03 -1.65
N ILE A 126 -1.30 10.82 -1.80
CA ILE A 126 -0.90 10.32 -3.11
C ILE A 126 -2.06 9.54 -3.73
N ALA A 127 -2.48 8.51 -3.01
CA ALA A 127 -3.58 7.69 -3.47
C ALA A 127 -4.66 8.57 -4.10
N ASP A 128 -4.73 9.79 -3.60
CA ASP A 128 -5.72 10.74 -4.11
C ASP A 128 -5.13 11.50 -5.31
N ASN A 129 -3.99 12.14 -5.06
CA ASN A 129 -3.32 12.89 -6.10
C ASN A 129 -3.20 12.02 -7.35
N ILE A 130 -2.79 10.77 -7.14
CA ILE A 130 -2.63 9.84 -8.23
C ILE A 130 -3.97 9.68 -8.96
N ALA A 131 -5.04 9.83 -8.20
CA ALA A 131 -6.38 9.71 -8.76
C ALA A 131 -6.77 11.01 -9.45
N ASP A 132 -5.82 11.95 -9.45
CA ASP A 132 -6.05 13.24 -10.06
C ASP A 132 -5.68 13.16 -11.55
N TYR A 133 -4.82 12.19 -11.86
CA TYR A 133 -4.38 12.00 -13.23
C TYR A 133 -5.12 10.83 -13.88
N LEU A 134 -5.57 9.92 -13.05
CA LEU A 134 -6.29 8.74 -13.53
C LEU A 134 -7.41 9.19 -14.48
N ASN A 135 -8.52 9.61 -13.88
CA ASN A 135 -9.66 10.07 -14.64
C ASN A 135 -10.52 8.86 -15.04
N GLU A 136 -9.85 7.84 -15.54
CA GLU A 136 -10.54 6.62 -15.95
C GLU A 136 -11.34 6.89 -17.23
N ASN A 137 -10.63 6.84 -18.35
CA ASN A 137 -11.26 7.07 -19.64
C ASN A 137 -11.61 5.72 -20.27
N MET A 1 10.10 -7.03 6.17
CA MET A 1 10.21 -7.38 7.58
C MET A 1 11.65 -7.74 7.94
N GLU A 2 12.51 -7.70 6.93
CA GLU A 2 13.91 -8.01 7.13
C GLU A 2 14.74 -7.54 5.93
N GLN A 3 14.59 -8.26 4.83
CA GLN A 3 15.31 -7.94 3.62
C GLN A 3 15.15 -9.06 2.58
N ASN A 4 15.96 -10.09 2.75
CA ASN A 4 15.93 -11.23 1.85
C ASN A 4 15.04 -12.32 2.44
N ASN A 5 14.48 -13.13 1.57
CA ASN A 5 13.60 -14.21 1.98
C ASN A 5 12.31 -13.62 2.56
N ILE A 6 12.45 -12.97 3.70
CA ILE A 6 11.30 -12.36 4.36
C ILE A 6 10.53 -11.51 3.34
N LYS A 7 11.06 -10.32 3.10
CA LYS A 7 10.43 -9.40 2.16
C LYS A 7 9.93 -10.18 0.95
N GLU A 8 10.77 -11.09 0.48
CA GLU A 8 10.43 -11.90 -0.67
C GLU A 8 9.14 -12.69 -0.41
N GLN A 9 9.10 -13.32 0.77
CA GLN A 9 7.94 -14.10 1.15
C GLN A 9 6.68 -13.22 1.14
N LEU A 10 6.87 -11.98 1.55
CA LEU A 10 5.76 -11.03 1.59
C LEU A 10 5.15 -10.93 0.19
N ILE A 11 6.02 -10.80 -0.81
CA ILE A 11 5.57 -10.69 -2.18
C ILE A 11 4.63 -11.85 -2.51
N SER A 12 5.13 -13.06 -2.31
CA SER A 12 4.35 -14.25 -2.58
C SER A 12 2.92 -14.06 -2.07
N PHE A 13 2.81 -13.90 -0.75
CA PHE A 13 1.52 -13.71 -0.13
C PHE A 13 0.61 -12.85 -1.01
N PHE A 14 0.68 -11.55 -0.79
CA PHE A 14 -0.13 -10.61 -1.56
C PHE A 14 -0.37 -11.13 -2.98
N ASN A 15 0.71 -11.59 -3.60
CA ASN A 15 0.62 -12.12 -4.96
C ASN A 15 -0.68 -12.92 -5.10
N GLN A 16 -0.93 -13.75 -4.11
CA GLN A 16 -2.13 -14.58 -4.11
C GLN A 16 -3.34 -13.77 -3.64
N ALA A 17 -3.46 -12.57 -4.19
CA ALA A 17 -4.56 -11.69 -3.84
C ALA A 17 -4.74 -10.64 -4.94
N CYS A 18 -3.85 -9.66 -4.93
CA CYS A 18 -3.89 -8.59 -5.91
C CYS A 18 -2.52 -7.92 -5.97
N SER A 19 -1.93 -7.96 -7.14
CA SER A 19 -0.62 -7.36 -7.34
C SER A 19 -0.51 -6.78 -8.76
N THR A 20 -1.67 -6.53 -9.34
CA THR A 20 -1.72 -5.98 -10.68
C THR A 20 -1.42 -4.47 -10.66
N HIS A 21 -1.74 -3.82 -11.77
CA HIS A 21 -1.51 -2.39 -11.89
C HIS A 21 -2.85 -1.67 -12.05
N GLN A 22 -3.68 -2.23 -12.89
CA GLN A 22 -5.00 -1.66 -13.16
C GLN A 22 -5.85 -1.70 -11.88
N GLU A 23 -5.93 -2.89 -11.30
CA GLU A 23 -6.70 -3.07 -10.09
C GLU A 23 -6.25 -2.09 -9.01
N ARG A 24 -4.95 -1.84 -9.00
CA ARG A 24 -4.38 -0.91 -8.03
C ARG A 24 -5.01 0.47 -8.17
N LEU A 25 -4.94 0.98 -9.40
CA LEU A 25 -5.49 2.30 -9.69
C LEU A 25 -6.97 2.31 -9.30
N ASP A 26 -7.61 1.16 -9.45
CA ASP A 26 -9.01 1.04 -9.12
C ASP A 26 -9.17 0.89 -7.60
N PHE A 27 -8.10 0.46 -6.96
CA PHE A 27 -8.10 0.27 -5.53
C PHE A 27 -8.09 1.62 -4.80
N ILE A 28 -7.04 2.39 -5.05
CA ILE A 28 -6.90 3.70 -4.44
C ILE A 28 -8.27 4.38 -4.40
N CYS A 29 -9.08 4.06 -5.38
CA CYS A 29 -10.42 4.63 -5.48
C CYS A 29 -11.36 3.79 -4.63
N SER A 30 -11.70 2.63 -5.16
CA SER A 30 -12.61 1.72 -4.47
C SER A 30 -12.29 1.72 -2.97
N THR A 31 -11.03 1.47 -2.66
CA THR A 31 -10.59 1.43 -1.28
C THR A 31 -11.29 2.53 -0.47
N ARG A 32 -11.14 3.75 -0.94
CA ARG A 32 -11.75 4.89 -0.27
C ARG A 32 -13.01 5.33 -1.01
N GLU A 33 -13.65 4.35 -1.66
CA GLU A 33 -14.87 4.62 -2.40
C GLU A 33 -15.52 3.31 -2.83
N SER A 34 -15.93 2.53 -1.84
CA SER A 34 -16.56 1.25 -2.10
C SER A 34 -17.89 1.17 -1.35
N ASP A 35 -17.88 0.41 -0.27
CA ASP A 35 -19.07 0.24 0.55
C ASP A 35 -18.70 -0.48 1.84
N THR A 36 -18.25 -1.72 1.69
CA THR A 36 -17.86 -2.52 2.84
C THR A 36 -16.34 -2.49 3.02
N PHE A 37 -15.66 -2.12 1.94
CA PHE A 37 -14.21 -2.05 1.96
C PHE A 37 -13.59 -3.43 2.19
N SER A 38 -14.45 -4.44 2.10
CA SER A 38 -14.01 -5.82 2.29
C SER A 38 -14.41 -6.67 1.09
N SER A 39 -15.05 -6.01 0.13
CA SER A 39 -15.51 -6.70 -1.07
C SER A 39 -14.98 -5.98 -2.31
N VAL A 40 -13.95 -5.16 -2.10
CA VAL A 40 -13.35 -4.41 -3.19
C VAL A 40 -13.09 -5.35 -4.36
N ASP A 41 -11.85 -5.84 -4.43
CA ASP A 41 -11.46 -6.74 -5.49
C ASP A 41 -10.58 -7.85 -4.91
N VAL A 42 -9.52 -7.43 -4.22
CA VAL A 42 -8.60 -8.37 -3.62
C VAL A 42 -9.36 -9.26 -2.64
N PRO A 43 -8.99 -10.57 -2.64
CA PRO A 43 -9.62 -11.53 -1.76
C PRO A 43 -9.14 -11.36 -0.31
N LEU A 44 -10.04 -11.64 0.62
CA LEU A 44 -9.71 -11.53 2.04
C LEU A 44 -8.97 -12.78 2.48
N GLU A 45 -9.33 -13.90 1.86
CA GLU A 45 -8.70 -15.17 2.19
C GLU A 45 -7.19 -15.00 2.36
N PRO A 46 -6.55 -14.49 1.27
CA PRO A 46 -5.11 -14.27 1.28
C PRO A 46 -4.75 -13.04 2.11
N ILE A 47 -5.50 -11.97 1.88
CA ILE A 47 -5.28 -10.72 2.59
C ILE A 47 -5.19 -11.00 4.09
N LYS A 48 -6.18 -11.75 4.57
CA LYS A 48 -6.24 -12.09 5.98
C LYS A 48 -4.98 -12.87 6.36
N ASN A 49 -4.29 -13.36 5.34
CA ASN A 49 -3.07 -14.11 5.55
C ASN A 49 -1.91 -13.14 5.84
N ILE A 50 -1.98 -12.00 5.20
CA ILE A 50 -0.94 -10.98 5.38
C ILE A 50 -1.30 -10.12 6.59
N ILE A 51 -2.59 -9.89 6.76
CA ILE A 51 -3.07 -9.09 7.87
C ILE A 51 -2.38 -9.54 9.16
N GLU A 52 -1.95 -10.79 9.15
CA GLU A 52 -1.28 -11.36 10.30
C GLU A 52 0.22 -11.10 10.22
N ILE A 53 0.57 -9.92 9.71
CA ILE A 53 1.96 -9.54 9.58
C ILE A 53 2.27 -8.42 10.57
N THR A 54 1.29 -7.55 10.77
CA THR A 54 1.45 -6.43 11.70
C THR A 54 0.70 -6.70 12.99
N LYS A 55 0.49 -7.99 13.26
CA LYS A 55 -0.22 -8.39 14.47
C LYS A 55 0.70 -8.19 15.68
N ASP A 56 1.98 -8.42 15.46
CA ASP A 56 2.96 -8.25 16.52
C ASP A 56 3.11 -6.77 16.84
N GLU A 57 3.81 -6.51 17.95
CA GLU A 57 4.04 -5.14 18.38
C GLU A 57 5.30 -4.58 17.73
N ASN A 58 6.38 -5.35 17.86
CA ASN A 58 7.66 -4.94 17.29
C ASN A 58 7.51 -4.76 15.78
N GLN A 59 6.44 -5.34 15.26
CA GLN A 59 6.17 -5.25 13.83
C GLN A 59 5.58 -3.88 13.48
N GLN A 60 4.48 -3.57 14.16
CA GLN A 60 3.80 -2.30 13.94
C GLN A 60 4.81 -1.14 14.00
N ILE A 61 5.71 -1.24 14.97
CA ILE A 61 6.72 -0.22 15.15
C ILE A 61 7.63 -0.18 13.91
N GLU A 62 8.30 -1.29 13.67
CA GLU A 62 9.20 -1.39 12.53
C GLU A 62 8.46 -1.01 11.24
N ILE A 63 7.19 -1.38 11.21
CA ILE A 63 6.37 -1.07 10.05
C ILE A 63 6.27 0.44 9.87
N THR A 64 5.91 1.11 10.95
CA THR A 64 5.77 2.56 10.93
C THR A 64 6.96 3.19 10.20
N LYS A 65 8.15 2.91 10.72
CA LYS A 65 9.37 3.45 10.13
C LYS A 65 9.51 2.93 8.70
N ILE A 66 9.26 1.64 8.55
CA ILE A 66 9.35 1.01 7.24
C ILE A 66 8.56 1.83 6.22
N ALA A 67 7.34 2.18 6.62
CA ALA A 67 6.48 2.96 5.74
C ALA A 67 7.20 4.25 5.33
N VAL A 68 7.83 4.87 6.31
CA VAL A 68 8.57 6.11 6.07
C VAL A 68 9.80 5.80 5.21
N ASN A 69 10.35 4.62 5.43
CA ASN A 69 11.52 4.18 4.70
C ASN A 69 11.19 4.12 3.20
N ASN A 70 9.94 3.79 2.92
CA ASN A 70 9.48 3.70 1.55
C ASN A 70 8.89 5.05 1.11
N ILE A 71 8.22 5.69 2.06
CA ILE A 71 7.61 6.97 1.79
C ILE A 71 8.70 8.01 1.48
N LYS A 72 9.72 8.01 2.34
CA LYS A 72 10.82 8.93 2.18
C LYS A 72 11.30 8.92 0.73
N THR A 73 11.02 7.80 0.06
CA THR A 73 11.42 7.64 -1.33
C THR A 73 10.32 8.18 -2.25
N LEU A 74 9.08 8.02 -1.80
CA LEU A 74 7.94 8.48 -2.58
C LEU A 74 8.11 9.97 -2.90
N SER A 75 8.98 10.61 -2.13
CA SER A 75 9.25 12.03 -2.32
C SER A 75 10.39 12.21 -3.32
N SER A 76 10.36 11.38 -4.35
CA SER A 76 11.38 11.45 -5.38
C SER A 76 10.90 10.69 -6.64
N VAL A 77 9.59 10.67 -6.80
CA VAL A 77 9.00 9.99 -7.95
C VAL A 77 9.24 10.83 -9.21
N GLY A 78 9.14 10.16 -10.35
CA GLY A 78 9.33 10.82 -11.63
C GLY A 78 8.66 12.19 -11.64
N ALA A 79 9.41 13.18 -12.10
CA ALA A 79 8.91 14.53 -12.18
C ALA A 79 7.72 14.59 -13.15
N THR A 80 8.04 14.43 -14.42
CA THR A 80 7.01 14.45 -15.45
C THR A 80 5.76 13.72 -14.97
N GLY A 81 4.79 14.50 -14.52
CA GLY A 81 3.54 13.93 -14.03
C GLY A 81 3.75 13.18 -12.72
N GLN A 82 2.81 13.38 -11.81
CA GLN A 82 2.89 12.72 -10.51
C GLN A 82 2.15 11.38 -10.55
N TYR A 83 2.03 10.84 -11.75
CA TYR A 83 1.35 9.57 -11.94
C TYR A 83 2.11 8.43 -11.25
N MET A 84 2.04 8.43 -9.93
CA MET A 84 2.71 7.42 -9.14
C MET A 84 2.36 6.01 -9.65
N ALA A 85 1.25 5.94 -10.36
CA ALA A 85 0.79 4.66 -10.90
C ALA A 85 1.95 3.98 -11.62
N SER A 86 2.70 4.78 -12.37
CA SER A 86 3.84 4.25 -13.11
C SER A 86 4.90 3.72 -12.13
N PHE A 87 5.02 4.41 -11.00
CA PHE A 87 5.98 4.02 -9.99
C PHE A 87 5.81 2.54 -9.62
N PHE A 88 4.55 2.11 -9.58
CA PHE A 88 4.24 0.74 -9.23
C PHE A 88 4.89 -0.23 -10.22
N SER A 89 4.88 0.15 -11.48
CA SER A 89 5.45 -0.66 -12.53
C SER A 89 6.98 -0.62 -12.45
N THR A 90 7.50 0.60 -12.38
CA THR A 90 8.94 0.81 -12.30
C THR A 90 9.54 -0.08 -11.21
N ASN A 91 8.92 -0.01 -10.04
CA ASN A 91 9.40 -0.78 -8.91
C ASN A 91 8.19 -1.35 -8.15
N SER A 92 7.99 -2.66 -8.29
CA SER A 92 6.89 -3.32 -7.63
C SER A 92 7.29 -3.71 -6.21
N GLU A 93 8.55 -4.07 -6.05
CA GLU A 93 9.07 -4.46 -4.75
C GLU A 93 8.63 -3.46 -3.68
N PRO A 94 8.94 -2.17 -3.95
CA PRO A 94 8.59 -1.11 -3.01
C PRO A 94 7.08 -0.80 -3.08
N ALA A 95 6.59 -0.72 -4.31
CA ALA A 95 5.18 -0.44 -4.53
C ALA A 95 4.33 -1.48 -3.81
N ILE A 96 4.95 -2.62 -3.54
CA ILE A 96 4.28 -3.71 -2.85
C ILE A 96 4.22 -3.41 -1.36
N ILE A 97 5.40 -3.34 -0.75
CA ILE A 97 5.49 -3.06 0.67
C ILE A 97 4.52 -1.94 1.03
N PHE A 98 4.73 -0.79 0.40
CA PHE A 98 3.89 0.36 0.65
C PHE A 98 2.40 0.00 0.53
N CYS A 99 2.08 -0.69 -0.56
CA CYS A 99 0.70 -1.10 -0.80
C CYS A 99 0.19 -1.81 0.46
N VAL A 100 0.80 -2.95 0.74
CA VAL A 100 0.42 -3.73 1.91
C VAL A 100 0.29 -2.81 3.12
N ILE A 101 1.18 -1.82 3.16
CA ILE A 101 1.18 -0.87 4.27
C ILE A 101 -0.06 0.02 4.15
N TYR A 102 0.02 0.98 3.24
CA TYR A 102 -1.08 1.90 3.01
C TYR A 102 -2.43 1.17 3.02
N PHE A 103 -2.36 -0.10 2.64
CA PHE A 103 -3.57 -0.91 2.59
C PHE A 103 -4.19 -1.06 3.99
N LEU A 104 -3.40 -1.63 4.90
CA LEU A 104 -3.86 -1.83 6.26
C LEU A 104 -4.29 -0.48 6.85
N TYR A 105 -3.82 0.58 6.22
CA TYR A 105 -4.13 1.93 6.67
C TYR A 105 -5.40 2.46 5.98
N HIS A 106 -5.51 2.13 4.70
CA HIS A 106 -6.66 2.57 3.92
C HIS A 106 -7.86 1.67 4.23
N PHE A 107 -7.62 0.73 5.14
CA PHE A 107 -8.67 -0.20 5.53
C PHE A 107 -8.81 -0.26 7.05
N GLY A 108 -7.66 -0.26 7.72
CA GLY A 108 -7.65 -0.31 9.17
C GLY A 108 -7.15 -1.68 9.67
N PHE A 109 -5.92 -1.68 10.14
CA PHE A 109 -5.31 -2.90 10.65
C PHE A 109 -3.93 -2.63 11.24
N LEU A 110 -3.18 -1.80 10.52
CA LEU A 110 -1.83 -1.45 10.96
C LEU A 110 -1.92 -0.68 12.28
N LYS A 111 -1.06 -1.08 13.22
CA LYS A 111 -1.03 -0.43 14.51
C LYS A 111 -0.10 0.79 14.45
N ASP A 112 -0.54 1.86 15.09
CA ASP A 112 0.24 3.08 15.12
C ASP A 112 -0.36 4.05 16.13
N ASN A 113 0.28 5.20 16.27
CA ASN A 113 -0.18 6.22 17.20
C ASN A 113 -1.63 6.56 16.89
N ASN A 114 -2.11 7.62 17.51
CA ASN A 114 -3.47 8.08 17.32
C ASN A 114 -3.77 8.12 15.81
N LYS A 115 -5.03 8.42 15.50
CA LYS A 115 -5.45 8.49 14.11
C LYS A 115 -4.36 9.20 13.29
N LYS A 116 -4.26 10.50 13.49
CA LYS A 116 -3.28 11.30 12.78
C LYS A 116 -3.29 10.91 11.30
N GLN A 117 -2.28 11.39 10.59
CA GLN A 117 -2.17 11.10 9.16
C GLN A 117 -0.72 10.72 8.81
N ILE A 118 0.18 11.64 9.12
CA ILE A 118 1.60 11.42 8.84
C ILE A 118 1.74 10.50 7.63
N ILE A 119 1.94 9.23 7.91
CA ILE A 119 2.10 8.25 6.86
C ILE A 119 0.84 8.23 6.00
N LYS A 120 -0.25 7.80 6.61
CA LYS A 120 -1.53 7.73 5.90
C LYS A 120 -1.69 8.98 5.03
N LYS A 121 -1.11 10.08 5.50
CA LYS A 121 -1.17 11.33 4.78
C LYS A 121 -0.49 11.17 3.41
N ALA A 122 0.75 10.72 3.46
CA ALA A 122 1.52 10.51 2.24
C ALA A 122 0.79 9.51 1.34
N TYR A 123 0.78 8.27 1.78
CA TYR A 123 0.12 7.21 1.03
C TYR A 123 -1.19 7.71 0.43
N GLU A 124 -1.82 8.63 1.15
CA GLU A 124 -3.08 9.19 0.69
C GLU A 124 -2.83 10.34 -0.30
N THR A 125 -1.85 11.16 0.04
CA THR A 125 -1.51 12.29 -0.81
C THR A 125 -1.25 11.83 -2.25
N ILE A 126 -0.92 10.55 -2.36
CA ILE A 126 -0.65 9.97 -3.67
C ILE A 126 -1.91 9.26 -4.19
N ALA A 127 -2.32 8.25 -3.45
CA ALA A 127 -3.50 7.49 -3.80
C ALA A 127 -4.62 8.45 -4.18
N ASP A 128 -4.54 9.65 -3.64
CA ASP A 128 -5.54 10.67 -3.92
C ASP A 128 -5.10 11.49 -5.13
N ASN A 129 -3.94 12.11 -5.00
CA ASN A 129 -3.40 12.93 -6.08
C ASN A 129 -3.49 12.17 -7.40
N ILE A 130 -3.26 10.86 -7.30
CA ILE A 130 -3.32 10.00 -8.48
C ILE A 130 -4.76 9.93 -8.97
N ALA A 131 -5.69 9.89 -8.01
CA ALA A 131 -7.10 9.82 -8.34
C ALA A 131 -7.52 11.10 -9.06
N ASP A 132 -6.63 12.08 -9.03
CA ASP A 132 -6.90 13.35 -9.67
C ASP A 132 -6.69 13.23 -11.17
N TYR A 133 -5.79 12.31 -11.54
CA TYR A 133 -5.48 12.08 -12.94
C TYR A 133 -6.39 10.99 -13.52
N LEU A 134 -6.72 10.03 -12.67
CA LEU A 134 -7.57 8.92 -13.09
C LEU A 134 -8.92 9.48 -13.55
N ASN A 135 -9.69 9.96 -12.59
CA ASN A 135 -11.00 10.52 -12.87
C ASN A 135 -11.78 10.69 -11.57
N GLU A 136 -11.70 11.89 -11.02
CA GLU A 136 -12.39 12.20 -9.78
C GLU A 136 -13.72 12.91 -10.07
N ASN A 137 -14.35 12.49 -11.16
CA ASN A 137 -15.62 13.08 -11.56
C ASN A 137 -16.53 13.19 -10.34
N MET A 1 11.16 -6.29 -10.16
CA MET A 1 9.89 -6.75 -9.62
C MET A 1 10.06 -8.10 -8.91
N GLU A 2 11.24 -8.69 -9.10
CA GLU A 2 11.54 -9.97 -8.51
C GLU A 2 11.28 -9.93 -6.99
N GLN A 3 11.65 -11.01 -6.34
CA GLN A 3 11.47 -11.11 -4.90
C GLN A 3 12.04 -12.44 -4.39
N ASN A 4 12.33 -12.45 -3.09
CA ASN A 4 12.88 -13.64 -2.46
C ASN A 4 12.93 -13.43 -0.95
N ASN A 5 12.47 -14.44 -0.22
CA ASN A 5 12.46 -14.37 1.23
C ASN A 5 11.21 -13.63 1.70
N ILE A 6 11.34 -13.00 2.86
CA ILE A 6 10.22 -12.25 3.43
C ILE A 6 9.41 -11.60 2.30
N LYS A 7 10.03 -10.59 1.69
CA LYS A 7 9.37 -9.89 0.59
C LYS A 7 8.55 -10.89 -0.23
N GLU A 8 9.25 -11.87 -0.76
CA GLU A 8 8.61 -12.89 -1.57
C GLU A 8 7.37 -13.44 -0.86
N GLN A 9 7.58 -13.86 0.38
CA GLN A 9 6.51 -14.41 1.19
C GLN A 9 5.30 -13.48 1.16
N LEU A 10 5.59 -12.18 1.23
CA LEU A 10 4.53 -11.18 1.21
C LEU A 10 3.85 -11.18 -0.16
N ILE A 11 4.65 -10.87 -1.18
CA ILE A 11 4.13 -10.84 -2.54
C ILE A 11 3.16 -12.00 -2.74
N SER A 12 3.68 -13.21 -2.61
CA SER A 12 2.87 -14.40 -2.78
C SER A 12 1.48 -14.18 -2.17
N PHE A 13 1.46 -14.07 -0.85
CA PHE A 13 0.22 -13.85 -0.14
C PHE A 13 -0.65 -12.80 -0.85
N PHE A 14 -0.12 -11.58 -0.88
CA PHE A 14 -0.83 -10.49 -1.51
C PHE A 14 -1.13 -10.80 -2.98
N ASN A 15 -0.45 -11.83 -3.48
CA ASN A 15 -0.63 -12.24 -4.86
C ASN A 15 -1.95 -13.00 -5.00
N GLN A 16 -2.26 -13.77 -3.97
CA GLN A 16 -3.48 -14.55 -3.96
C GLN A 16 -4.70 -13.63 -3.75
N ALA A 17 -4.40 -12.36 -3.54
CA ALA A 17 -5.45 -11.37 -3.32
C ALA A 17 -5.61 -10.53 -4.58
N CYS A 18 -4.74 -9.54 -4.71
CA CYS A 18 -4.78 -8.65 -5.86
C CYS A 18 -3.38 -8.09 -6.07
N SER A 19 -2.79 -8.47 -7.20
CA SER A 19 -1.46 -8.00 -7.55
C SER A 19 -1.50 -7.22 -8.86
N THR A 20 -1.26 -7.94 -9.95
CA THR A 20 -1.27 -7.34 -11.27
C THR A 20 -0.70 -5.92 -11.19
N HIS A 21 -1.15 -5.08 -12.13
CA HIS A 21 -0.70 -3.70 -12.17
C HIS A 21 -1.86 -2.77 -11.80
N GLN A 22 -2.74 -2.57 -12.76
CA GLN A 22 -3.89 -1.70 -12.54
C GLN A 22 -4.40 -1.84 -11.10
N GLU A 23 -4.50 -3.09 -10.66
CA GLU A 23 -4.97 -3.37 -9.32
C GLU A 23 -4.46 -2.30 -8.35
N ARG A 24 -3.20 -1.94 -8.50
CA ARG A 24 -2.59 -0.94 -7.65
C ARG A 24 -3.39 0.36 -7.72
N LEU A 25 -3.33 1.00 -8.88
CA LEU A 25 -4.04 2.25 -9.08
C LEU A 25 -5.53 2.05 -8.78
N ASP A 26 -5.98 0.82 -9.02
CA ASP A 26 -7.38 0.48 -8.77
C ASP A 26 -7.61 0.38 -7.27
N PHE A 27 -6.55 0.05 -6.55
CA PHE A 27 -6.63 -0.09 -5.11
C PHE A 27 -6.82 1.27 -4.44
N ILE A 28 -5.82 2.13 -4.61
CA ILE A 28 -5.87 3.46 -4.03
C ILE A 28 -7.30 4.02 -4.15
N CYS A 29 -7.98 3.58 -5.20
CA CYS A 29 -9.34 4.02 -5.43
C CYS A 29 -10.29 3.08 -4.68
N SER A 30 -10.22 1.80 -5.05
CA SER A 30 -11.07 0.81 -4.42
C SER A 30 -11.05 0.98 -2.90
N THR A 31 -9.84 1.13 -2.37
CA THR A 31 -9.68 1.31 -0.93
C THR A 31 -10.05 2.74 -0.54
N ARG A 32 -11.25 3.14 -0.92
CA ARG A 32 -11.73 4.47 -0.60
C ARG A 32 -13.09 4.71 -1.26
N GLU A 33 -13.25 4.14 -2.45
CA GLU A 33 -14.49 4.28 -3.19
C GLU A 33 -15.44 3.12 -2.85
N SER A 34 -15.32 2.63 -1.63
CA SER A 34 -16.17 1.54 -1.18
C SER A 34 -16.94 1.95 0.07
N ASP A 35 -16.45 1.48 1.21
CA ASP A 35 -17.09 1.79 2.48
C ASP A 35 -16.18 1.31 3.62
N THR A 36 -15.84 0.03 3.55
CA THR A 36 -14.99 -0.58 4.57
C THR A 36 -13.81 -1.29 3.92
N PHE A 37 -13.23 -2.22 4.67
CA PHE A 37 -12.09 -2.97 4.19
C PHE A 37 -12.52 -4.36 3.71
N SER A 38 -13.56 -4.89 4.35
CA SER A 38 -14.07 -6.20 3.99
C SER A 38 -15.02 -6.09 2.80
N SER A 39 -15.07 -4.89 2.24
CA SER A 39 -15.93 -4.64 1.09
C SER A 39 -15.09 -4.59 -0.19
N VAL A 40 -13.83 -4.24 -0.02
CA VAL A 40 -12.91 -4.14 -1.14
C VAL A 40 -12.97 -5.44 -1.95
N ASP A 41 -12.55 -5.34 -3.21
CA ASP A 41 -12.55 -6.49 -4.09
C ASP A 41 -11.60 -7.56 -3.53
N VAL A 42 -10.35 -7.16 -3.33
CA VAL A 42 -9.35 -8.07 -2.81
C VAL A 42 -9.99 -8.95 -1.73
N PRO A 43 -9.64 -10.26 -1.79
CA PRO A 43 -10.16 -11.22 -0.84
C PRO A 43 -9.48 -11.06 0.52
N LEU A 44 -10.25 -11.32 1.57
CA LEU A 44 -9.74 -11.22 2.93
C LEU A 44 -9.00 -12.50 3.29
N GLU A 45 -9.34 -13.56 2.57
CA GLU A 45 -8.71 -14.85 2.81
C GLU A 45 -7.19 -14.71 2.79
N PRO A 46 -6.66 -14.20 1.66
CA PRO A 46 -5.23 -14.02 1.51
C PRO A 46 -4.75 -12.81 2.33
N ILE A 47 -5.47 -11.72 2.19
CA ILE A 47 -5.14 -10.50 2.90
C ILE A 47 -4.87 -10.83 4.37
N LYS A 48 -5.73 -11.69 4.91
CA LYS A 48 -5.60 -12.08 6.31
C LYS A 48 -4.17 -12.57 6.56
N ASN A 49 -3.55 -13.06 5.50
CA ASN A 49 -2.19 -13.56 5.59
C ASN A 49 -1.22 -12.38 5.67
N ILE A 50 -1.49 -11.38 4.84
CA ILE A 50 -0.66 -10.19 4.81
C ILE A 50 -1.08 -9.24 5.93
N ILE A 51 -2.01 -9.72 6.74
CA ILE A 51 -2.51 -8.93 7.84
C ILE A 51 -1.81 -9.36 9.13
N GLU A 52 -1.34 -10.60 9.13
CA GLU A 52 -0.65 -11.15 10.29
C GLU A 52 0.84 -10.85 10.20
N ILE A 53 1.15 -9.66 9.70
CA ILE A 53 2.54 -9.26 9.55
C ILE A 53 2.84 -8.13 10.55
N THR A 54 1.79 -7.38 10.86
CA THR A 54 1.92 -6.27 11.80
C THR A 54 1.33 -6.65 13.16
N LYS A 55 1.22 -7.95 13.39
CA LYS A 55 0.69 -8.45 14.63
C LYS A 55 1.57 -8.01 15.79
N ASP A 56 2.85 -8.36 15.69
CA ASP A 56 3.82 -8.01 16.71
C ASP A 56 3.94 -6.48 16.78
N GLU A 57 4.22 -6.00 17.98
CA GLU A 57 4.38 -4.57 18.19
C GLU A 57 5.59 -4.05 17.42
N ASN A 58 6.70 -4.74 17.59
CA ASN A 58 7.93 -4.36 16.92
C ASN A 58 7.65 -4.13 15.43
N GLN A 59 6.74 -4.94 14.91
CA GLN A 59 6.37 -4.83 13.51
C GLN A 59 5.67 -3.49 13.24
N GLN A 60 4.58 -3.27 13.95
CA GLN A 60 3.82 -2.04 13.81
C GLN A 60 4.77 -0.84 13.77
N ILE A 61 5.72 -0.85 14.69
CA ILE A 61 6.69 0.23 14.79
C ILE A 61 7.59 0.21 13.55
N GLU A 62 8.32 -0.88 13.41
CA GLU A 62 9.23 -1.04 12.28
C GLU A 62 8.49 -0.72 10.97
N ILE A 63 7.19 -0.93 11.00
CA ILE A 63 6.36 -0.68 9.83
C ILE A 63 6.24 0.83 9.61
N THR A 64 5.96 1.53 10.70
CA THR A 64 5.82 2.98 10.64
C THR A 64 7.00 3.60 9.89
N LYS A 65 8.19 3.25 10.33
CA LYS A 65 9.40 3.77 9.72
C LYS A 65 9.52 3.20 8.29
N ILE A 66 9.26 1.91 8.19
CA ILE A 66 9.33 1.24 6.90
C ILE A 66 8.49 2.01 5.88
N ALA A 67 7.24 2.24 6.23
CA ALA A 67 6.33 2.97 5.36
C ALA A 67 6.97 4.28 4.95
N VAL A 68 7.56 4.96 5.93
CA VAL A 68 8.21 6.23 5.68
C VAL A 68 9.43 6.01 4.78
N ASN A 69 10.24 5.03 5.15
CA ASN A 69 11.43 4.70 4.39
C ASN A 69 11.14 4.87 2.90
N ASN A 70 9.95 4.46 2.51
CA ASN A 70 9.53 4.56 1.13
C ASN A 70 8.88 5.93 0.89
N ILE A 71 7.82 6.18 1.63
CA ILE A 71 7.10 7.44 1.51
C ILE A 71 8.10 8.58 1.37
N LYS A 72 9.05 8.62 2.28
CA LYS A 72 10.07 9.65 2.27
C LYS A 72 10.59 9.82 0.84
N THR A 73 10.86 8.68 0.21
CA THR A 73 11.36 8.69 -1.15
C THR A 73 10.30 9.22 -2.12
N LEU A 74 9.05 8.91 -1.80
CA LEU A 74 7.94 9.36 -2.63
C LEU A 74 7.92 10.89 -2.66
N SER A 75 8.66 11.49 -1.73
CA SER A 75 8.74 12.93 -1.65
C SER A 75 9.71 13.47 -2.70
N SER A 76 9.47 13.06 -3.94
CA SER A 76 10.32 13.48 -5.04
C SER A 76 9.69 13.06 -6.38
N VAL A 77 9.61 11.74 -6.56
CA VAL A 77 9.05 11.19 -7.78
C VAL A 77 9.51 12.04 -8.97
N GLY A 78 10.71 11.76 -9.42
CA GLY A 78 11.29 12.48 -10.55
C GLY A 78 12.35 11.64 -11.25
N ALA A 79 11.98 11.16 -12.44
CA ALA A 79 12.90 10.34 -13.23
C ALA A 79 12.37 10.24 -14.66
N THR A 80 11.39 9.37 -14.83
CA THR A 80 10.80 9.16 -16.13
C THR A 80 9.28 9.03 -16.02
N GLY A 81 8.64 10.14 -15.68
CA GLY A 81 7.20 10.16 -15.52
C GLY A 81 6.75 11.36 -14.66
N GLN A 82 5.45 11.48 -14.51
CA GLN A 82 4.88 12.56 -13.73
C GLN A 82 4.14 12.00 -12.51
N TYR A 83 3.05 11.31 -12.79
CA TYR A 83 2.24 10.73 -11.73
C TYR A 83 3.08 9.78 -10.86
N MET A 84 2.66 9.64 -9.62
CA MET A 84 3.36 8.77 -8.69
C MET A 84 3.04 7.30 -8.97
N ALA A 85 2.23 7.09 -10.00
CA ALA A 85 1.85 5.73 -10.38
C ALA A 85 2.97 5.12 -11.22
N SER A 86 3.46 5.90 -12.16
CA SER A 86 4.53 5.44 -13.04
C SER A 86 5.76 5.06 -12.20
N PHE A 87 5.84 5.64 -11.01
CA PHE A 87 6.95 5.36 -10.12
C PHE A 87 6.66 4.14 -9.25
N PHE A 88 6.19 3.09 -9.90
CA PHE A 88 5.89 1.86 -9.20
C PHE A 88 5.99 0.65 -10.13
N SER A 89 5.46 0.82 -11.33
CA SER A 89 5.49 -0.24 -12.33
C SER A 89 6.85 -0.94 -12.29
N THR A 90 7.89 -0.14 -12.13
CA THR A 90 9.25 -0.68 -12.08
C THR A 90 9.58 -1.15 -10.67
N ASN A 91 9.51 -0.22 -9.73
CA ASN A 91 9.80 -0.52 -8.34
C ASN A 91 8.58 -1.17 -7.69
N SER A 92 8.53 -2.49 -7.79
CA SER A 92 7.42 -3.24 -7.23
C SER A 92 7.71 -3.58 -5.76
N GLU A 93 8.90 -4.09 -5.52
CA GLU A 93 9.31 -4.45 -4.18
C GLU A 93 8.77 -3.42 -3.18
N PRO A 94 9.08 -2.13 -3.45
CA PRO A 94 8.64 -1.06 -2.58
C PRO A 94 7.15 -0.77 -2.77
N ALA A 95 6.75 -0.65 -4.03
CA ALA A 95 5.37 -0.39 -4.36
C ALA A 95 4.48 -1.45 -3.70
N ILE A 96 5.09 -2.57 -3.38
CA ILE A 96 4.38 -3.66 -2.75
C ILE A 96 4.19 -3.36 -1.26
N ILE A 97 5.31 -3.06 -0.61
CA ILE A 97 5.29 -2.75 0.81
C ILE A 97 4.31 -1.60 1.06
N PHE A 98 4.40 -0.60 0.21
CA PHE A 98 3.53 0.56 0.33
C PHE A 98 2.06 0.18 0.13
N CYS A 99 1.85 -0.77 -0.77
CA CYS A 99 0.51 -1.25 -1.06
C CYS A 99 -0.01 -1.99 0.17
N VAL A 100 0.72 -3.04 0.54
CA VAL A 100 0.34 -3.84 1.69
C VAL A 100 0.15 -2.93 2.90
N ILE A 101 1.03 -1.95 3.01
CA ILE A 101 0.98 -1.00 4.11
C ILE A 101 -0.24 -0.09 3.93
N TYR A 102 -0.29 0.55 2.77
CA TYR A 102 -1.38 1.45 2.47
C TYR A 102 -2.71 0.90 2.99
N PHE A 103 -3.18 -0.15 2.34
CA PHE A 103 -4.43 -0.78 2.73
C PHE A 103 -4.47 -1.02 4.24
N LEU A 104 -3.44 -1.69 4.74
CA LEU A 104 -3.35 -1.98 6.16
C LEU A 104 -3.71 -0.73 6.97
N TYR A 105 -3.05 0.36 6.62
CA TYR A 105 -3.29 1.63 7.30
C TYR A 105 -4.70 2.15 7.02
N HIS A 106 -5.06 2.11 5.74
CA HIS A 106 -6.38 2.56 5.33
C HIS A 106 -7.42 2.10 6.35
N PHE A 107 -7.52 0.78 6.49
CA PHE A 107 -8.47 0.21 7.43
C PHE A 107 -8.23 -1.29 7.60
N GLY A 108 -7.03 -1.61 8.07
CA GLY A 108 -6.65 -3.00 8.28
C GLY A 108 -6.32 -3.26 9.75
N PHE A 109 -5.04 -3.45 10.02
CA PHE A 109 -4.58 -3.71 11.37
C PHE A 109 -3.58 -2.63 11.82
N LEU A 110 -2.83 -2.14 10.86
CA LEU A 110 -1.83 -1.12 11.14
C LEU A 110 -2.47 0.01 11.96
N LYS A 111 -1.65 0.67 12.75
CA LYS A 111 -2.12 1.76 13.59
C LYS A 111 -0.95 2.68 13.93
N ASP A 112 -1.27 3.96 14.06
CA ASP A 112 -0.26 4.95 14.39
C ASP A 112 -0.93 6.26 14.79
N ASN A 113 -1.47 6.26 16.00
CA ASN A 113 -2.16 7.45 16.51
C ASN A 113 -3.21 7.89 15.50
N ASN A 114 -4.46 7.55 15.80
CA ASN A 114 -5.57 7.91 14.93
C ASN A 114 -5.22 7.54 13.50
N LYS A 115 -6.05 8.02 12.58
CA LYS A 115 -5.84 7.75 11.16
C LYS A 115 -5.94 9.05 10.38
N LYS A 116 -5.49 8.99 9.13
CA LYS A 116 -5.51 10.15 8.26
C LYS A 116 -4.77 11.31 8.94
N GLN A 117 -3.67 10.96 9.58
CA GLN A 117 -2.87 11.95 10.27
C GLN A 117 -1.38 11.69 10.01
N ILE A 118 -0.99 10.43 10.14
CA ILE A 118 0.40 10.05 9.93
C ILE A 118 0.53 9.42 8.54
N ILE A 119 1.31 8.36 8.47
CA ILE A 119 1.53 7.65 7.22
C ILE A 119 0.23 7.61 6.43
N LYS A 120 -0.78 7.02 7.04
CA LYS A 120 -2.08 6.92 6.41
C LYS A 120 -2.39 8.20 5.65
N LYS A 121 -2.12 9.32 6.31
CA LYS A 121 -2.37 10.61 5.70
C LYS A 121 -1.55 10.74 4.41
N ALA A 122 -0.23 10.66 4.57
CA ALA A 122 0.66 10.76 3.43
C ALA A 122 0.22 9.76 2.36
N TYR A 123 0.35 8.48 2.70
CA TYR A 123 -0.03 7.42 1.78
C TYR A 123 -1.34 7.76 1.06
N GLU A 124 -2.18 8.51 1.76
CA GLU A 124 -3.47 8.90 1.21
C GLU A 124 -3.30 10.12 0.31
N THR A 125 -2.46 11.03 0.75
CA THR A 125 -2.20 12.25 -0.01
C THR A 125 -1.88 11.91 -1.47
N ILE A 126 -1.23 10.77 -1.64
CA ILE A 126 -0.86 10.31 -2.97
C ILE A 126 -2.03 9.56 -3.60
N ALA A 127 -2.42 8.47 -2.95
CA ALA A 127 -3.52 7.66 -3.43
C ALA A 127 -4.65 8.57 -3.91
N ASP A 128 -4.72 9.75 -3.30
CA ASP A 128 -5.74 10.72 -3.66
C ASP A 128 -5.29 11.50 -4.90
N ASN A 129 -4.21 12.25 -4.72
CA ASN A 129 -3.68 13.04 -5.82
C ASN A 129 -3.53 12.16 -7.05
N ILE A 130 -2.86 11.03 -6.86
CA ILE A 130 -2.63 10.09 -7.95
C ILE A 130 -3.98 9.74 -8.59
N ALA A 131 -5.04 9.97 -7.84
CA ALA A 131 -6.38 9.68 -8.32
C ALA A 131 -6.95 10.92 -9.01
N ASP A 132 -6.04 11.78 -9.44
CA ASP A 132 -6.44 13.01 -10.11
C ASP A 132 -6.55 12.75 -11.61
N TYR A 133 -5.45 12.25 -12.18
CA TYR A 133 -5.42 11.95 -13.60
C TYR A 133 -6.10 10.61 -13.90
N LEU A 134 -6.23 9.81 -12.87
CA LEU A 134 -6.85 8.50 -13.00
C LEU A 134 -8.25 8.68 -13.58
N ASN A 135 -9.19 8.99 -12.70
CA ASN A 135 -10.57 9.19 -13.11
C ASN A 135 -11.14 7.86 -13.61
N GLU A 136 -11.52 7.02 -12.66
CA GLU A 136 -12.08 5.72 -12.98
C GLU A 136 -11.33 5.09 -14.16
N ASN A 137 -10.04 4.88 -13.95
CA ASN A 137 -9.20 4.29 -14.97
C ASN A 137 -9.16 2.77 -14.79
N MET A 1 15.03 -18.06 -10.80
CA MET A 1 14.16 -17.01 -11.31
C MET A 1 14.21 -15.79 -10.40
N GLU A 2 14.16 -16.05 -9.10
CA GLU A 2 14.20 -14.97 -8.12
C GLU A 2 14.24 -15.54 -6.70
N GLN A 3 15.08 -14.92 -5.88
CA GLN A 3 15.23 -15.37 -4.50
C GLN A 3 15.68 -14.20 -3.62
N ASN A 4 15.16 -14.18 -2.40
CA ASN A 4 15.49 -13.13 -1.45
C ASN A 4 15.29 -13.65 -0.04
N ASN A 5 14.09 -13.42 0.49
CA ASN A 5 13.76 -13.86 1.83
C ASN A 5 12.37 -13.32 2.21
N ILE A 6 12.23 -13.01 3.48
CA ILE A 6 10.96 -12.50 3.98
C ILE A 6 10.27 -11.68 2.88
N LYS A 7 11.03 -10.78 2.30
CA LYS A 7 10.51 -9.93 1.24
C LYS A 7 9.77 -10.80 0.21
N GLU A 8 10.53 -11.68 -0.42
CA GLU A 8 9.97 -12.57 -1.42
C GLU A 8 8.70 -13.24 -0.87
N GLN A 9 8.80 -13.68 0.38
CA GLN A 9 7.68 -14.35 1.02
C GLN A 9 6.46 -13.43 1.03
N LEU A 10 6.73 -12.16 1.33
CA LEU A 10 5.65 -11.18 1.38
C LEU A 10 4.86 -11.22 0.07
N ILE A 11 5.57 -11.02 -1.02
CA ILE A 11 4.94 -11.04 -2.33
C ILE A 11 3.93 -12.18 -2.40
N SER A 12 4.42 -13.38 -2.12
CA SER A 12 3.58 -14.56 -2.13
C SER A 12 2.22 -14.24 -1.53
N PHE A 13 2.22 -14.00 -0.23
CA PHE A 13 1.00 -13.68 0.49
C PHE A 13 0.02 -12.93 -0.42
N PHE A 14 0.13 -11.60 -0.38
CA PHE A 14 -0.73 -10.75 -1.17
C PHE A 14 -1.09 -11.44 -2.50
N ASN A 15 -0.05 -11.89 -3.19
CA ASN A 15 -0.24 -12.55 -4.47
C ASN A 15 -1.48 -13.46 -4.39
N GLN A 16 -1.56 -14.20 -3.30
CA GLN A 16 -2.68 -15.11 -3.08
C GLN A 16 -3.89 -14.34 -2.55
N ALA A 17 -4.16 -13.21 -3.17
CA ALA A 17 -5.28 -12.38 -2.78
C ALA A 17 -5.70 -11.48 -3.95
N CYS A 18 -4.89 -10.47 -4.20
CA CYS A 18 -5.16 -9.55 -5.29
C CYS A 18 -3.88 -8.77 -5.61
N SER A 19 -3.04 -9.40 -6.41
CA SER A 19 -1.77 -8.78 -6.80
C SER A 19 -1.99 -7.82 -7.97
N THR A 20 -2.31 -8.41 -9.12
CA THR A 20 -2.54 -7.62 -10.32
C THR A 20 -1.58 -6.44 -10.38
N HIS A 21 -1.96 -5.44 -11.15
CA HIS A 21 -1.14 -4.25 -11.30
C HIS A 21 -2.03 -3.00 -11.26
N GLN A 22 -2.33 -2.48 -12.43
CA GLN A 22 -3.17 -1.29 -12.54
C GLN A 22 -4.24 -1.30 -11.44
N GLU A 23 -4.71 -2.49 -11.13
CA GLU A 23 -5.73 -2.65 -10.10
C GLU A 23 -5.45 -1.71 -8.94
N ARG A 24 -4.18 -1.57 -8.61
CA ARG A 24 -3.77 -0.71 -7.52
C ARG A 24 -4.33 0.70 -7.72
N LEU A 25 -4.15 1.20 -8.94
CA LEU A 25 -4.64 2.54 -9.27
C LEU A 25 -6.16 2.57 -9.12
N ASP A 26 -6.77 1.40 -9.30
CA ASP A 26 -8.22 1.30 -9.19
C ASP A 26 -8.59 1.01 -7.74
N PHE A 27 -7.57 0.74 -6.94
CA PHE A 27 -7.78 0.45 -5.52
C PHE A 27 -7.74 1.74 -4.69
N ILE A 28 -6.61 2.43 -4.78
CA ILE A 28 -6.42 3.67 -4.05
C ILE A 28 -7.74 4.45 -4.06
N CYS A 29 -8.50 4.28 -5.13
CA CYS A 29 -9.77 4.96 -5.26
C CYS A 29 -10.86 4.08 -4.66
N SER A 30 -11.00 2.89 -5.23
CA SER A 30 -12.01 1.95 -4.76
C SER A 30 -11.94 1.84 -3.24
N THR A 31 -10.76 1.52 -2.75
CA THR A 31 -10.55 1.38 -1.32
C THR A 31 -11.26 2.50 -0.56
N ARG A 32 -11.03 3.72 -1.02
CA ARG A 32 -11.65 4.88 -0.40
C ARG A 32 -12.85 5.34 -1.22
N GLU A 33 -13.45 4.39 -1.92
CA GLU A 33 -14.61 4.69 -2.74
C GLU A 33 -15.40 3.41 -3.03
N SER A 34 -15.59 2.63 -1.98
CA SER A 34 -16.33 1.38 -2.11
C SER A 34 -17.44 1.31 -1.06
N ASP A 35 -17.16 0.60 0.02
CA ASP A 35 -18.11 0.45 1.10
C ASP A 35 -17.44 -0.22 2.29
N THR A 36 -16.84 -1.38 2.04
CA THR A 36 -16.15 -2.12 3.08
C THR A 36 -14.83 -2.67 2.54
N PHE A 37 -14.23 -3.53 3.35
CA PHE A 37 -12.96 -4.15 2.98
C PHE A 37 -13.17 -5.46 2.23
N SER A 38 -14.06 -6.28 2.78
CA SER A 38 -14.37 -7.56 2.18
C SER A 38 -14.98 -7.36 0.79
N SER A 39 -15.35 -6.11 0.51
CA SER A 39 -15.94 -5.76 -0.76
C SER A 39 -14.86 -5.64 -1.83
N VAL A 40 -13.79 -4.95 -1.46
CA VAL A 40 -12.67 -4.74 -2.37
C VAL A 40 -12.40 -6.05 -3.13
N ASP A 41 -11.73 -5.91 -4.26
CA ASP A 41 -11.40 -7.06 -5.09
C ASP A 41 -10.20 -7.79 -4.47
N VAL A 42 -10.46 -8.50 -3.40
CA VAL A 42 -9.41 -9.25 -2.72
C VAL A 42 -10.03 -10.06 -1.58
N PRO A 43 -9.59 -11.35 -1.49
CA PRO A 43 -10.10 -12.24 -0.46
C PRO A 43 -9.49 -11.90 0.90
N LEU A 44 -10.28 -12.14 1.94
CA LEU A 44 -9.83 -11.87 3.29
C LEU A 44 -8.97 -13.04 3.79
N GLU A 45 -9.36 -14.23 3.36
CA GLU A 45 -8.64 -15.44 3.75
C GLU A 45 -7.14 -15.18 3.74
N PRO A 46 -6.63 -14.76 2.55
CA PRO A 46 -5.21 -14.48 2.40
C PRO A 46 -4.84 -13.16 3.08
N ILE A 47 -5.61 -12.13 2.77
CA ILE A 47 -5.38 -10.81 3.34
C ILE A 47 -5.20 -10.94 4.85
N LYS A 48 -5.93 -11.88 5.42
CA LYS A 48 -5.86 -12.11 6.85
C LYS A 48 -4.43 -12.52 7.24
N ASN A 49 -3.71 -12.99 6.23
CA ASN A 49 -2.32 -13.40 6.44
C ASN A 49 -1.41 -12.18 6.39
N ILE A 50 -1.71 -11.30 5.45
CA ILE A 50 -0.93 -10.09 5.27
C ILE A 50 -1.30 -9.09 6.37
N ILE A 51 -2.29 -9.46 7.16
CA ILE A 51 -2.75 -8.61 8.24
C ILE A 51 -1.96 -8.93 9.51
N GLU A 52 -1.60 -10.19 9.63
CA GLU A 52 -0.84 -10.65 10.79
C GLU A 52 0.58 -10.07 10.76
N ILE A 53 1.01 -9.75 9.55
CA ILE A 53 2.35 -9.19 9.36
C ILE A 53 2.50 -7.95 10.24
N THR A 54 1.36 -7.36 10.59
CA THR A 54 1.36 -6.17 11.43
C THR A 54 0.71 -6.48 12.78
N LYS A 55 0.58 -7.77 13.06
CA LYS A 55 -0.02 -8.20 14.31
C LYS A 55 1.08 -8.47 15.34
N ASP A 56 2.16 -7.72 15.21
CA ASP A 56 3.29 -7.87 16.12
C ASP A 56 3.85 -6.49 16.46
N GLU A 57 4.12 -6.31 17.75
CA GLU A 57 4.66 -5.04 18.22
C GLU A 57 5.73 -4.54 17.27
N ASN A 58 6.93 -5.08 17.44
CA ASN A 58 8.07 -4.70 16.61
C ASN A 58 7.57 -4.49 15.17
N GLN A 59 6.82 -5.48 14.68
CA GLN A 59 6.30 -5.41 13.33
C GLN A 59 5.58 -4.08 13.10
N GLN A 60 4.68 -3.76 14.03
CA GLN A 60 3.92 -2.52 13.94
C GLN A 60 4.87 -1.33 13.83
N ILE A 61 5.83 -1.29 14.74
CA ILE A 61 6.80 -0.21 14.77
C ILE A 61 7.62 -0.23 13.47
N GLU A 62 8.19 -1.40 13.20
CA GLU A 62 9.00 -1.57 12.01
C GLU A 62 8.20 -1.18 10.76
N ILE A 63 6.92 -1.53 10.79
CA ILE A 63 6.05 -1.22 9.68
C ILE A 63 6.01 0.29 9.46
N THR A 64 5.73 1.00 10.54
CA THR A 64 5.66 2.45 10.49
C THR A 64 6.84 3.02 9.69
N LYS A 65 8.04 2.72 10.17
CA LYS A 65 9.24 3.18 9.51
C LYS A 65 9.30 2.61 8.10
N ILE A 66 9.05 1.32 8.01
CA ILE A 66 9.07 0.63 6.72
C ILE A 66 8.23 1.44 5.72
N ALA A 67 7.10 1.92 6.19
CA ALA A 67 6.20 2.69 5.34
C ALA A 67 6.91 3.97 4.91
N VAL A 68 7.57 4.61 5.87
CA VAL A 68 8.29 5.84 5.60
C VAL A 68 9.43 5.54 4.62
N ASN A 69 10.13 4.46 4.88
CA ASN A 69 11.25 4.06 4.03
C ASN A 69 10.88 4.32 2.56
N ASN A 70 9.60 4.19 2.27
CA ASN A 70 9.11 4.41 0.92
C ASN A 70 8.67 5.87 0.77
N ILE A 71 7.73 6.26 1.61
CA ILE A 71 7.22 7.61 1.58
C ILE A 71 8.39 8.60 1.46
N LYS A 72 9.34 8.43 2.36
CA LYS A 72 10.52 9.29 2.37
C LYS A 72 10.96 9.55 0.93
N THR A 73 10.93 8.49 0.13
CA THR A 73 11.33 8.59 -1.26
C THR A 73 10.13 8.94 -2.14
N LEU A 74 8.97 8.44 -1.73
CA LEU A 74 7.74 8.69 -2.47
C LEU A 74 7.45 10.20 -2.45
N SER A 75 8.11 10.89 -1.54
CA SER A 75 7.94 12.33 -1.41
C SER A 75 8.95 13.06 -2.30
N SER A 76 9.22 12.45 -3.45
CA SER A 76 10.17 13.04 -4.39
C SER A 76 10.11 12.28 -5.73
N VAL A 77 10.53 11.03 -5.67
CA VAL A 77 10.53 10.19 -6.86
C VAL A 77 10.99 11.02 -8.07
N GLY A 78 12.30 11.05 -8.26
CA GLY A 78 12.87 11.80 -9.36
C GLY A 78 12.87 13.30 -9.07
N ALA A 79 11.86 13.98 -9.62
CA ALA A 79 11.73 15.41 -9.42
C ALA A 79 10.33 15.85 -9.83
N THR A 80 10.10 15.85 -11.13
CA THR A 80 8.80 16.24 -11.67
C THR A 80 8.29 15.20 -12.66
N GLY A 81 7.03 15.35 -13.03
CA GLY A 81 6.42 14.41 -13.97
C GLY A 81 6.44 12.99 -13.42
N GLN A 82 5.83 12.09 -14.19
CA GLN A 82 5.78 10.70 -13.79
C GLN A 82 5.02 10.55 -12.47
N TYR A 83 3.71 10.38 -12.59
CA TYR A 83 2.87 10.22 -11.42
C TYR A 83 3.46 9.20 -10.45
N MET A 84 2.79 9.06 -9.31
CA MET A 84 3.24 8.12 -8.30
C MET A 84 2.84 6.69 -8.65
N ALA A 85 2.26 6.54 -9.83
CA ALA A 85 1.83 5.24 -10.31
C ALA A 85 2.95 4.62 -11.14
N SER A 86 3.51 5.42 -12.03
CA SER A 86 4.59 4.96 -12.89
C SER A 86 5.68 4.30 -12.05
N PHE A 87 6.02 4.97 -10.96
CA PHE A 87 7.04 4.46 -10.07
C PHE A 87 6.82 2.99 -9.75
N PHE A 88 5.56 2.64 -9.58
CA PHE A 88 5.20 1.26 -9.27
C PHE A 88 5.65 0.31 -10.39
N SER A 89 5.84 0.89 -11.57
CA SER A 89 6.27 0.11 -12.72
C SER A 89 7.63 -0.53 -12.44
N THR A 90 8.62 0.33 -12.25
CA THR A 90 9.97 -0.15 -11.98
C THR A 90 10.11 -0.52 -10.51
N ASN A 91 9.61 0.36 -9.65
CA ASN A 91 9.68 0.12 -8.22
C ASN A 91 8.46 -0.70 -7.77
N SER A 92 8.52 -1.98 -8.06
CA SER A 92 7.44 -2.88 -7.69
C SER A 92 7.68 -3.46 -6.30
N GLU A 93 8.88 -3.99 -6.11
CA GLU A 93 9.24 -4.57 -4.83
C GLU A 93 8.86 -3.63 -3.68
N PRO A 94 9.24 -2.34 -3.85
CA PRO A 94 8.93 -1.34 -2.84
C PRO A 94 7.45 -0.94 -2.89
N ALA A 95 6.98 -0.69 -4.10
CA ALA A 95 5.59 -0.31 -4.30
C ALA A 95 4.68 -1.41 -3.75
N ILE A 96 5.23 -2.61 -3.68
CA ILE A 96 4.49 -3.75 -3.17
C ILE A 96 4.30 -3.61 -1.66
N ILE A 97 5.43 -3.55 -0.97
CA ILE A 97 5.42 -3.41 0.48
C ILE A 97 4.51 -2.25 0.87
N PHE A 98 4.75 -1.11 0.23
CA PHE A 98 3.98 0.08 0.50
C PHE A 98 2.48 -0.16 0.23
N CYS A 99 2.21 -0.70 -0.95
CA CYS A 99 0.84 -0.99 -1.34
C CYS A 99 0.12 -1.58 -0.13
N VAL A 100 0.59 -2.73 0.30
CA VAL A 100 0.00 -3.41 1.45
C VAL A 100 -0.20 -2.42 2.58
N ILE A 101 0.91 -1.80 2.99
CA ILE A 101 0.87 -0.83 4.07
C ILE A 101 -0.35 0.09 3.87
N TYR A 102 -0.45 0.63 2.66
CA TYR A 102 -1.55 1.51 2.34
C TYR A 102 -2.90 0.83 2.56
N PHE A 103 -3.05 -0.34 1.96
CA PHE A 103 -4.28 -1.10 2.09
C PHE A 103 -4.66 -1.27 3.56
N LEU A 104 -3.81 -1.97 4.29
CA LEU A 104 -4.05 -2.21 5.69
C LEU A 104 -4.52 -0.90 6.36
N TYR A 105 -3.78 0.16 6.09
CA TYR A 105 -4.12 1.46 6.64
C TYR A 105 -5.51 1.90 6.21
N HIS A 106 -5.80 1.69 4.94
CA HIS A 106 -7.09 2.07 4.39
C HIS A 106 -8.12 0.99 4.74
N PHE A 107 -7.64 -0.06 5.40
CA PHE A 107 -8.50 -1.15 5.79
C PHE A 107 -8.69 -1.19 7.32
N GLY A 108 -8.00 -0.27 7.98
CA GLY A 108 -8.07 -0.18 9.43
C GLY A 108 -7.39 -1.39 10.08
N PHE A 109 -6.11 -1.22 10.35
CA PHE A 109 -5.33 -2.29 10.97
C PHE A 109 -4.05 -1.75 11.60
N LEU A 110 -3.21 -1.16 10.74
CA LEU A 110 -1.96 -0.60 11.18
C LEU A 110 -2.23 0.47 12.25
N LYS A 111 -1.27 0.63 13.14
CA LYS A 111 -1.39 1.61 14.20
C LYS A 111 -0.90 2.97 13.70
N ASP A 112 -1.80 3.93 13.74
CA ASP A 112 -1.48 5.28 13.29
C ASP A 112 -2.50 6.27 13.87
N ASN A 113 -2.38 7.51 13.43
CA ASN A 113 -3.28 8.55 13.90
C ASN A 113 -3.07 8.78 15.39
N ASN A 114 -2.26 9.79 15.70
CA ASN A 114 -1.98 10.12 17.08
C ASN A 114 -1.78 11.63 17.21
N LYS A 115 -0.94 12.17 16.33
CA LYS A 115 -0.64 13.59 16.34
C LYS A 115 -0.14 14.00 14.95
N LYS A 116 -0.61 15.16 14.51
CA LYS A 116 -0.22 15.68 13.21
C LYS A 116 -0.49 14.63 12.14
N GLN A 117 -0.13 14.97 10.92
CA GLN A 117 -0.33 14.06 9.79
C GLN A 117 0.46 12.77 10.02
N ILE A 118 -0.19 11.66 9.71
CA ILE A 118 0.45 10.35 9.87
C ILE A 118 0.66 9.74 8.49
N ILE A 119 1.35 8.59 8.49
CA ILE A 119 1.63 7.89 7.25
C ILE A 119 0.40 7.95 6.35
N LYS A 120 -0.69 7.37 6.84
CA LYS A 120 -1.93 7.35 6.09
C LYS A 120 -2.18 8.72 5.47
N LYS A 121 -2.03 9.75 6.29
CA LYS A 121 -2.23 11.11 5.84
C LYS A 121 -1.42 11.34 4.55
N ALA A 122 -0.21 10.82 4.55
CA ALA A 122 0.66 10.95 3.39
C ALA A 122 0.25 9.93 2.33
N TYR A 123 0.39 8.66 2.68
CA TYR A 123 0.04 7.59 1.77
C TYR A 123 -1.28 7.88 1.05
N GLU A 124 -2.18 8.55 1.77
CA GLU A 124 -3.46 8.91 1.21
C GLU A 124 -3.33 10.12 0.29
N THR A 125 -2.48 11.05 0.69
CA THR A 125 -2.25 12.25 -0.10
C THR A 125 -1.89 11.87 -1.54
N ILE A 126 -1.24 10.73 -1.68
CA ILE A 126 -0.83 10.26 -2.99
C ILE A 126 -1.98 9.46 -3.61
N ALA A 127 -2.36 8.39 -2.94
CA ALA A 127 -3.43 7.54 -3.41
C ALA A 127 -4.58 8.41 -3.91
N ASP A 128 -4.67 9.61 -3.33
CA ASP A 128 -5.71 10.54 -3.71
C ASP A 128 -5.26 11.35 -4.93
N ASN A 129 -4.20 12.10 -4.72
CA ASN A 129 -3.65 12.93 -5.80
C ASN A 129 -3.48 12.07 -7.05
N ILE A 130 -2.90 10.90 -6.85
CA ILE A 130 -2.67 9.99 -7.96
C ILE A 130 -4.00 9.68 -8.65
N ALA A 131 -5.08 9.87 -7.90
CA ALA A 131 -6.41 9.62 -8.42
C ALA A 131 -6.91 10.87 -9.15
N ASP A 132 -6.00 11.83 -9.29
CA ASP A 132 -6.34 13.08 -9.96
C ASP A 132 -6.34 12.85 -11.47
N TYR A 133 -5.21 12.37 -11.97
CA TYR A 133 -5.07 12.11 -13.40
C TYR A 133 -5.89 10.87 -13.81
N LEU A 134 -6.29 10.10 -12.79
CA LEU A 134 -7.07 8.90 -13.04
C LEU A 134 -8.35 9.28 -13.78
N ASN A 135 -9.33 9.72 -13.02
CA ASN A 135 -10.61 10.11 -13.58
C ASN A 135 -11.31 8.88 -14.13
N GLU A 136 -12.11 8.26 -13.26
CA GLU A 136 -12.85 7.06 -13.63
C GLU A 136 -12.00 6.17 -14.55
N ASN A 137 -10.94 5.60 -13.96
CA ASN A 137 -10.06 4.74 -14.71
C ASN A 137 -10.45 3.28 -14.47
N MET A 1 6.91 -10.04 -8.73
CA MET A 1 8.34 -10.33 -8.78
C MET A 1 8.71 -11.46 -7.81
N GLU A 2 10.00 -11.67 -7.68
CA GLU A 2 10.50 -12.71 -6.78
C GLU A 2 11.86 -12.30 -6.20
N GLN A 3 11.82 -11.82 -4.97
CA GLN A 3 13.04 -11.40 -4.29
C GLN A 3 13.69 -12.60 -3.60
N ASN A 4 13.31 -12.80 -2.34
CA ASN A 4 13.86 -13.88 -1.55
C ASN A 4 13.73 -13.55 -0.07
N ASN A 5 13.26 -14.53 0.69
CA ASN A 5 13.10 -14.35 2.12
C ASN A 5 11.86 -13.49 2.38
N ILE A 6 11.91 -12.75 3.47
CA ILE A 6 10.81 -11.88 3.85
C ILE A 6 10.15 -11.33 2.59
N LYS A 7 10.88 -10.46 1.91
CA LYS A 7 10.38 -9.86 0.68
C LYS A 7 9.61 -10.91 -0.12
N GLU A 8 10.32 -11.97 -0.49
CA GLU A 8 9.73 -13.04 -1.26
C GLU A 8 8.36 -13.42 -0.67
N GLN A 9 8.35 -13.57 0.65
CA GLN A 9 7.12 -13.93 1.35
C GLN A 9 6.08 -12.81 1.21
N LEU A 10 6.58 -11.58 1.28
CA LEU A 10 5.71 -10.43 1.17
C LEU A 10 4.97 -10.47 -0.17
N ILE A 11 5.72 -10.71 -1.22
CA ILE A 11 5.15 -10.79 -2.56
C ILE A 11 3.93 -11.72 -2.53
N SER A 12 4.20 -12.98 -2.20
CA SER A 12 3.14 -13.97 -2.13
C SER A 12 1.87 -13.35 -1.56
N PHE A 13 2.06 -12.53 -0.53
CA PHE A 13 0.94 -11.87 0.12
C PHE A 13 0.48 -10.65 -0.70
N PHE A 14 -0.84 -10.47 -0.75
CA PHE A 14 -1.41 -9.37 -1.49
C PHE A 14 -1.37 -9.63 -2.99
N ASN A 15 -0.20 -10.04 -3.46
CA ASN A 15 -0.03 -10.32 -4.87
C ASN A 15 -0.88 -11.53 -5.26
N GLN A 16 -1.00 -12.45 -4.31
CA GLN A 16 -1.79 -13.66 -4.53
C GLN A 16 -3.25 -13.40 -4.18
N ALA A 17 -3.56 -12.16 -3.86
CA ALA A 17 -4.91 -11.78 -3.51
C ALA A 17 -5.58 -11.11 -4.72
N CYS A 18 -5.22 -9.84 -4.92
CA CYS A 18 -5.78 -9.08 -6.03
C CYS A 18 -5.60 -9.90 -7.31
N SER A 19 -6.16 -9.38 -8.40
CA SER A 19 -6.08 -10.04 -9.68
C SER A 19 -5.38 -9.14 -10.69
N THR A 20 -6.18 -8.29 -11.32
CA THR A 20 -5.65 -7.37 -12.31
C THR A 20 -4.37 -6.69 -11.79
N HIS A 21 -3.68 -6.03 -12.70
CA HIS A 21 -2.45 -5.34 -12.35
C HIS A 21 -2.77 -3.93 -11.85
N GLN A 22 -3.87 -3.39 -12.36
CA GLN A 22 -4.31 -2.06 -11.98
C GLN A 22 -5.03 -2.11 -10.64
N GLU A 23 -5.22 -3.33 -10.13
CA GLU A 23 -5.90 -3.51 -8.87
C GLU A 23 -5.49 -2.42 -7.88
N ARG A 24 -4.22 -2.07 -7.91
CA ARG A 24 -3.69 -1.05 -7.02
C ARG A 24 -4.27 0.31 -7.41
N LEU A 25 -3.91 0.76 -8.59
CA LEU A 25 -4.38 2.05 -9.09
C LEU A 25 -5.87 2.17 -8.84
N ASP A 26 -6.53 1.02 -8.82
CA ASP A 26 -7.97 0.99 -8.60
C ASP A 26 -8.24 1.00 -7.08
N PHE A 27 -7.41 0.26 -6.36
CA PHE A 27 -7.56 0.18 -4.91
C PHE A 27 -7.47 1.58 -4.28
N ILE A 28 -6.30 2.17 -4.40
CA ILE A 28 -6.06 3.49 -3.84
C ILE A 28 -7.34 4.33 -3.99
N CYS A 29 -8.06 4.07 -5.07
CA CYS A 29 -9.28 4.78 -5.34
C CYS A 29 -10.40 4.17 -4.49
N SER A 30 -10.83 2.99 -4.91
CA SER A 30 -11.88 2.28 -4.19
C SER A 30 -11.78 2.55 -2.69
N THR A 31 -10.54 2.65 -2.23
CA THR A 31 -10.29 2.90 -0.82
C THR A 31 -11.18 4.05 -0.32
N ARG A 32 -11.24 5.09 -1.12
CA ARG A 32 -12.05 6.25 -0.78
C ARG A 32 -13.18 6.43 -1.80
N GLU A 33 -13.65 5.32 -2.33
CA GLU A 33 -14.71 5.34 -3.31
C GLU A 33 -15.20 3.92 -3.61
N SER A 34 -15.93 3.37 -2.65
CA SER A 34 -16.45 2.02 -2.80
C SER A 34 -17.75 1.88 -1.98
N ASP A 35 -17.60 1.31 -0.80
CA ASP A 35 -18.75 1.10 0.08
C ASP A 35 -18.25 0.63 1.45
N THR A 36 -17.51 -0.46 1.43
CA THR A 36 -16.96 -1.02 2.65
C THR A 36 -15.54 -1.52 2.44
N PHE A 37 -15.01 -2.17 3.46
CA PHE A 37 -13.66 -2.70 3.39
C PHE A 37 -13.63 -4.05 2.67
N SER A 38 -14.60 -4.88 3.01
CA SER A 38 -14.70 -6.21 2.39
C SER A 38 -15.19 -6.08 0.95
N SER A 39 -15.46 -4.84 0.56
CA SER A 39 -15.93 -4.57 -0.78
C SER A 39 -14.75 -4.24 -1.70
N VAL A 40 -13.78 -3.55 -1.12
CA VAL A 40 -12.59 -3.16 -1.87
C VAL A 40 -12.16 -4.32 -2.77
N ASP A 41 -11.50 -3.97 -3.86
CA ASP A 41 -11.02 -4.97 -4.81
C ASP A 41 -10.36 -6.12 -4.05
N VAL A 42 -9.16 -5.84 -3.56
CA VAL A 42 -8.40 -6.83 -2.81
C VAL A 42 -9.30 -7.43 -1.73
N PRO A 43 -9.36 -8.78 -1.70
CA PRO A 43 -10.15 -9.49 -0.72
C PRO A 43 -9.50 -9.46 0.66
N LEU A 44 -10.33 -9.52 1.68
CA LEU A 44 -9.84 -9.50 3.05
C LEU A 44 -9.38 -10.91 3.45
N GLU A 45 -10.03 -11.89 2.83
CA GLU A 45 -9.69 -13.29 3.11
C GLU A 45 -8.18 -13.47 3.17
N PRO A 46 -7.51 -13.09 2.05
CA PRO A 46 -6.07 -13.21 1.96
C PRO A 46 -5.37 -12.11 2.78
N ILE A 47 -5.86 -10.90 2.60
CA ILE A 47 -5.31 -9.76 3.31
C ILE A 47 -5.23 -10.08 4.80
N LYS A 48 -6.23 -10.82 5.27
CA LYS A 48 -6.29 -11.21 6.67
C LYS A 48 -5.11 -12.12 6.99
N ASN A 49 -4.56 -12.71 5.94
CA ASN A 49 -3.43 -13.61 6.10
C ASN A 49 -2.13 -12.81 6.07
N ILE A 50 -2.20 -11.67 5.39
CA ILE A 50 -1.04 -10.79 5.28
C ILE A 50 -1.02 -9.83 6.47
N ILE A 51 -2.20 -9.59 7.01
CA ILE A 51 -2.33 -8.68 8.15
C ILE A 51 -1.51 -9.22 9.32
N GLU A 52 -1.28 -10.53 9.28
CA GLU A 52 -0.52 -11.19 10.33
C GLU A 52 0.89 -10.58 10.42
N ILE A 53 1.33 -10.02 9.31
CA ILE A 53 2.64 -9.40 9.25
C ILE A 53 2.77 -8.39 10.39
N THR A 54 1.65 -7.77 10.73
CA THR A 54 1.62 -6.78 11.79
C THR A 54 0.91 -7.34 13.02
N LYS A 55 0.99 -8.66 13.17
CA LYS A 55 0.36 -9.33 14.29
C LYS A 55 0.81 -8.66 15.60
N ASP A 56 2.12 -8.61 15.77
CA ASP A 56 2.69 -8.00 16.97
C ASP A 56 2.98 -6.53 16.69
N GLU A 57 3.55 -5.88 17.70
CA GLU A 57 3.88 -4.46 17.58
C GLU A 57 5.19 -4.28 16.80
N ASN A 58 6.20 -5.02 17.25
CA ASN A 58 7.51 -4.95 16.61
C ASN A 58 7.32 -4.80 15.09
N GLN A 59 6.26 -5.41 14.60
CA GLN A 59 5.96 -5.35 13.18
C GLN A 59 5.41 -3.96 12.81
N GLN A 60 4.24 -3.67 13.36
CA GLN A 60 3.60 -2.40 13.10
C GLN A 60 4.58 -1.25 13.33
N ILE A 61 5.39 -1.40 14.37
CA ILE A 61 6.39 -0.38 14.70
C ILE A 61 7.35 -0.22 13.53
N GLU A 62 8.10 -1.29 13.28
CA GLU A 62 9.07 -1.28 12.19
C GLU A 62 8.39 -0.91 10.88
N ILE A 63 7.17 -1.40 10.72
CA ILE A 63 6.40 -1.13 9.51
C ILE A 63 6.24 0.38 9.34
N THR A 64 5.76 1.01 10.40
CA THR A 64 5.56 2.45 10.37
C THR A 64 6.77 3.16 9.77
N LYS A 65 7.91 2.95 10.40
CA LYS A 65 9.15 3.55 9.94
C LYS A 65 9.45 3.05 8.52
N ILE A 66 9.11 1.81 8.28
CA ILE A 66 9.33 1.21 6.97
C ILE A 66 8.53 1.96 5.91
N ALA A 67 7.29 2.25 6.27
CA ALA A 67 6.40 2.97 5.36
C ALA A 67 7.03 4.33 5.01
N VAL A 68 7.60 4.95 6.03
CA VAL A 68 8.23 6.24 5.84
C VAL A 68 9.45 6.08 4.91
N ASN A 69 10.28 5.11 5.24
CA ASN A 69 11.47 4.84 4.46
C ASN A 69 11.13 4.95 2.97
N ASN A 70 9.89 4.61 2.65
CA ASN A 70 9.42 4.69 1.27
C ASN A 70 8.75 6.03 1.03
N ILE A 71 7.77 6.34 1.88
CA ILE A 71 7.04 7.59 1.76
C ILE A 71 8.05 8.73 1.59
N LYS A 72 9.02 8.76 2.47
CA LYS A 72 10.05 9.80 2.43
C LYS A 72 10.59 9.91 1.00
N THR A 73 10.98 8.76 0.46
CA THR A 73 11.52 8.71 -0.88
C THR A 73 10.48 9.21 -1.89
N LEU A 74 9.25 8.80 -1.67
CA LEU A 74 8.16 9.19 -2.56
C LEU A 74 8.33 10.66 -2.94
N SER A 75 8.85 11.43 -1.99
CA SER A 75 9.06 12.85 -2.23
C SER A 75 10.20 13.04 -3.23
N SER A 76 9.97 12.55 -4.44
CA SER A 76 10.96 12.67 -5.50
C SER A 76 10.35 12.25 -6.84
N VAL A 77 9.55 11.20 -6.78
CA VAL A 77 8.90 10.69 -7.97
C VAL A 77 8.52 11.85 -8.88
N GLY A 78 9.20 11.94 -10.01
CA GLY A 78 8.95 13.00 -10.97
C GLY A 78 10.08 13.09 -12.00
N ALA A 79 10.43 11.93 -12.54
CA ALA A 79 11.49 11.86 -13.54
C ALA A 79 11.03 11.01 -14.72
N THR A 80 10.84 9.74 -14.45
CA THR A 80 10.40 8.80 -15.48
C THR A 80 8.92 8.47 -15.29
N GLY A 81 8.11 9.52 -15.25
CA GLY A 81 6.68 9.35 -15.07
C GLY A 81 6.02 10.67 -14.66
N GLN A 82 5.31 10.62 -13.55
CA GLN A 82 4.63 11.80 -13.04
C GLN A 82 3.92 11.48 -11.72
N TYR A 83 3.21 10.36 -11.73
CA TYR A 83 2.49 9.92 -10.55
C TYR A 83 3.14 8.70 -9.91
N MET A 84 2.84 8.50 -8.64
CA MET A 84 3.40 7.38 -7.90
C MET A 84 3.20 6.07 -8.68
N ALA A 85 2.09 6.01 -9.41
CA ALA A 85 1.77 4.84 -10.19
C ALA A 85 2.98 4.44 -11.04
N SER A 86 3.44 5.40 -11.83
CA SER A 86 4.58 5.17 -12.69
C SER A 86 5.73 4.53 -11.90
N PHE A 87 5.72 4.81 -10.60
CA PHE A 87 6.74 4.27 -9.72
C PHE A 87 6.38 2.86 -9.26
N PHE A 88 5.99 2.04 -10.22
CA PHE A 88 5.62 0.66 -9.93
C PHE A 88 6.12 -0.29 -11.03
N SER A 89 5.95 0.14 -12.27
CA SER A 89 6.37 -0.65 -13.40
C SER A 89 7.79 -1.20 -13.16
N THR A 90 8.68 -0.28 -12.81
CA THR A 90 10.07 -0.65 -12.55
C THR A 90 10.27 -0.92 -11.06
N ASN A 91 9.68 -0.06 -10.25
CA ASN A 91 9.79 -0.20 -8.80
C ASN A 91 8.64 -1.08 -8.29
N SER A 92 8.82 -2.39 -8.47
CA SER A 92 7.82 -3.34 -8.04
C SER A 92 8.11 -3.79 -6.60
N GLU A 93 9.35 -4.22 -6.39
CA GLU A 93 9.77 -4.69 -5.08
C GLU A 93 9.33 -3.69 -4.00
N PRO A 94 9.60 -2.39 -4.28
CA PRO A 94 9.24 -1.32 -3.35
C PRO A 94 7.73 -1.05 -3.39
N ALA A 95 7.23 -0.91 -4.61
CA ALA A 95 5.81 -0.65 -4.79
C ALA A 95 4.99 -1.79 -4.17
N ILE A 96 5.66 -2.91 -3.98
CA ILE A 96 5.01 -4.08 -3.41
C ILE A 96 4.88 -3.88 -1.90
N ILE A 97 6.01 -3.55 -1.27
CA ILE A 97 6.03 -3.33 0.17
C ILE A 97 5.01 -2.25 0.53
N PHE A 98 4.97 -1.23 -0.32
CA PHE A 98 4.05 -0.12 -0.10
C PHE A 98 2.60 -0.56 -0.33
N CYS A 99 2.43 -1.44 -1.29
CA CYS A 99 1.10 -1.94 -1.61
C CYS A 99 0.50 -2.57 -0.36
N VAL A 100 1.21 -3.55 0.17
CA VAL A 100 0.76 -4.23 1.38
C VAL A 100 0.49 -3.21 2.48
N ILE A 101 1.46 -2.32 2.66
CA ILE A 101 1.35 -1.29 3.67
C ILE A 101 0.11 -0.44 3.39
N TYR A 102 0.03 0.04 2.16
CA TYR A 102 -1.09 0.87 1.75
C TYR A 102 -2.39 0.41 2.43
N PHE A 103 -2.81 -0.79 2.06
CA PHE A 103 -4.03 -1.36 2.62
C PHE A 103 -3.95 -1.40 4.16
N LEU A 104 -2.97 -2.13 4.65
CA LEU A 104 -2.78 -2.26 6.09
C LEU A 104 -3.16 -0.94 6.77
N TYR A 105 -2.85 0.14 6.07
CA TYR A 105 -3.15 1.48 6.60
C TYR A 105 -4.55 1.94 6.16
N HIS A 106 -4.81 1.78 4.87
CA HIS A 106 -6.09 2.18 4.31
C HIS A 106 -7.20 1.86 5.32
N PHE A 107 -7.28 0.59 5.67
CA PHE A 107 -8.30 0.14 6.61
C PHE A 107 -8.01 -1.29 7.09
N GLY A 108 -6.76 -1.49 7.52
CA GLY A 108 -6.35 -2.80 7.99
C GLY A 108 -6.17 -2.79 9.51
N PHE A 109 -4.92 -2.91 9.93
CA PHE A 109 -4.60 -2.92 11.35
C PHE A 109 -3.49 -1.91 11.66
N LEU A 110 -2.67 -1.64 10.65
CA LEU A 110 -1.57 -0.70 10.81
C LEU A 110 -2.09 0.57 11.47
N LYS A 111 -1.28 1.11 12.38
CA LYS A 111 -1.63 2.33 13.08
C LYS A 111 -0.36 3.09 13.44
N ASP A 112 -0.55 4.37 13.74
CA ASP A 112 0.57 5.22 14.11
C ASP A 112 0.04 6.47 14.81
N ASN A 113 0.34 6.56 16.10
CA ASN A 113 -0.10 7.69 16.89
C ASN A 113 1.11 8.56 17.23
N ASN A 114 0.90 9.87 17.20
CA ASN A 114 1.95 10.82 17.51
C ASN A 114 1.42 12.24 17.34
N LYS A 115 0.88 12.51 16.16
CA LYS A 115 0.34 13.82 15.87
C LYS A 115 -0.31 13.81 14.48
N LYS A 116 -0.90 14.94 14.13
CA LYS A 116 -1.55 15.06 12.83
C LYS A 116 -0.60 14.58 11.73
N GLN A 117 -1.15 14.45 10.53
CA GLN A 117 -0.37 14.00 9.40
C GLN A 117 0.35 12.69 9.74
N ILE A 118 -0.29 11.59 9.37
CA ILE A 118 0.28 10.28 9.63
C ILE A 118 0.48 9.54 8.30
N ILE A 119 1.20 8.43 8.38
CA ILE A 119 1.47 7.63 7.19
C ILE A 119 0.20 7.53 6.35
N LYS A 120 -0.79 6.84 6.92
CA LYS A 120 -2.05 6.66 6.24
C LYS A 120 -2.48 7.97 5.60
N LYS A 121 -2.34 9.05 6.37
CA LYS A 121 -2.71 10.37 5.89
C LYS A 121 -1.95 10.67 4.60
N ALA A 122 -0.64 10.47 4.66
CA ALA A 122 0.21 10.72 3.51
C ALA A 122 -0.14 9.72 2.39
N TYR A 123 0.08 8.45 2.70
CA TYR A 123 -0.20 7.39 1.75
C TYR A 123 -1.53 7.65 1.02
N GLU A 124 -2.45 8.26 1.75
CA GLU A 124 -3.75 8.58 1.18
C GLU A 124 -3.66 9.82 0.29
N THR A 125 -2.91 10.80 0.76
CA THR A 125 -2.73 12.04 0.01
C THR A 125 -2.31 11.73 -1.43
N ILE A 126 -1.65 10.59 -1.59
CA ILE A 126 -1.19 10.18 -2.90
C ILE A 126 -2.25 9.29 -3.56
N ALA A 127 -2.52 8.17 -2.89
CA ALA A 127 -3.52 7.23 -3.40
C ALA A 127 -4.69 8.00 -4.00
N ASP A 128 -4.93 9.18 -3.43
CA ASP A 128 -6.02 10.02 -3.90
C ASP A 128 -5.53 10.87 -5.07
N ASN A 129 -4.48 11.64 -4.82
CA ASN A 129 -3.92 12.49 -5.85
C ASN A 129 -3.66 11.67 -7.11
N ILE A 130 -3.02 10.52 -6.91
CA ILE A 130 -2.70 9.63 -8.01
C ILE A 130 -3.99 9.29 -8.77
N ALA A 131 -5.09 9.26 -8.03
CA ALA A 131 -6.38 8.96 -8.62
C ALA A 131 -6.89 10.18 -9.40
N ASP A 132 -6.10 11.25 -9.34
CA ASP A 132 -6.45 12.48 -10.02
C ASP A 132 -6.21 12.31 -11.52
N TYR A 133 -5.27 11.43 -11.83
CA TYR A 133 -4.93 11.16 -13.23
C TYR A 133 -5.65 9.90 -13.74
N LEU A 134 -5.93 9.01 -12.81
CA LEU A 134 -6.61 7.77 -13.15
C LEU A 134 -8.06 8.08 -13.54
N ASN A 135 -8.81 8.58 -12.57
CA ASN A 135 -10.20 8.91 -12.80
C ASN A 135 -10.30 10.37 -13.24
N GLU A 136 -9.48 10.72 -14.22
CA GLU A 136 -9.46 12.08 -14.73
C GLU A 136 -10.47 12.22 -15.89
N ASN A 137 -11.59 11.53 -15.74
CA ASN A 137 -12.64 11.58 -16.74
C ASN A 137 -13.70 12.60 -16.33
N MET A 1 9.25 -16.69 -6.40
CA MET A 1 9.71 -15.53 -7.13
C MET A 1 11.20 -15.67 -7.48
N GLU A 2 12.03 -15.40 -6.48
CA GLU A 2 13.47 -15.48 -6.66
C GLU A 2 14.19 -14.88 -5.45
N GLN A 3 15.01 -15.71 -4.83
CA GLN A 3 15.77 -15.28 -3.66
C GLN A 3 14.83 -14.72 -2.60
N ASN A 4 15.42 -14.27 -1.50
CA ASN A 4 14.65 -13.72 -0.40
C ASN A 4 13.67 -14.77 0.11
N ASN A 5 13.17 -14.55 1.32
CA ASN A 5 12.22 -15.47 1.92
C ASN A 5 11.10 -14.67 2.59
N ILE A 6 11.49 -13.86 3.57
CA ILE A 6 10.53 -13.05 4.30
C ILE A 6 9.77 -12.17 3.30
N LYS A 7 10.41 -11.07 2.91
CA LYS A 7 9.80 -10.14 1.97
C LYS A 7 9.14 -10.94 0.84
N GLU A 8 9.83 -11.98 0.42
CA GLU A 8 9.33 -12.83 -0.66
C GLU A 8 7.99 -13.46 -0.25
N GLN A 9 7.94 -13.91 0.99
CA GLN A 9 6.73 -14.53 1.51
C GLN A 9 5.54 -13.59 1.38
N LEU A 10 5.83 -12.30 1.56
CA LEU A 10 4.80 -11.29 1.46
C LEU A 10 4.29 -11.21 0.03
N ILE A 11 5.23 -11.25 -0.90
CA ILE A 11 4.90 -11.20 -2.32
C ILE A 11 3.80 -12.23 -2.62
N SER A 12 4.19 -13.49 -2.54
CA SER A 12 3.26 -14.58 -2.80
C SER A 12 1.90 -14.26 -2.16
N PHE A 13 1.92 -14.07 -0.86
CA PHE A 13 0.70 -13.77 -0.13
C PHE A 13 -0.12 -12.69 -0.84
N PHE A 14 0.27 -11.45 -0.62
CA PHE A 14 -0.41 -10.33 -1.24
C PHE A 14 -0.68 -10.60 -2.73
N ASN A 15 0.33 -11.18 -3.37
CA ASN A 15 0.22 -11.49 -4.79
C ASN A 15 -0.97 -12.42 -5.02
N GLN A 16 -1.23 -13.26 -4.03
CA GLN A 16 -2.33 -14.20 -4.11
C GLN A 16 -3.66 -13.46 -3.90
N ALA A 17 -3.55 -12.17 -3.63
CA ALA A 17 -4.73 -11.35 -3.42
C ALA A 17 -5.05 -10.58 -4.69
N CYS A 18 -4.23 -9.57 -4.96
CA CYS A 18 -4.41 -8.75 -6.15
C CYS A 18 -3.87 -9.53 -7.36
N SER A 19 -3.68 -8.81 -8.45
CA SER A 19 -3.18 -9.41 -9.68
C SER A 19 -2.64 -8.33 -10.61
N THR A 20 -3.56 -7.70 -11.32
CA THR A 20 -3.19 -6.65 -12.26
C THR A 20 -2.11 -5.75 -11.64
N HIS A 21 -1.38 -5.08 -12.52
CA HIS A 21 -0.32 -4.17 -12.08
C HIS A 21 -0.92 -2.83 -11.67
N GLN A 22 -1.96 -2.44 -12.40
CA GLN A 22 -2.63 -1.19 -12.13
C GLN A 22 -3.73 -1.39 -11.08
N GLU A 23 -3.66 -2.53 -10.42
CA GLU A 23 -4.63 -2.86 -9.38
C GLU A 23 -4.67 -1.75 -8.33
N ARG A 24 -3.49 -1.26 -7.98
CA ARG A 24 -3.38 -0.21 -6.98
C ARG A 24 -4.11 1.05 -7.45
N LEU A 25 -4.13 1.23 -8.77
CA LEU A 25 -4.78 2.38 -9.36
C LEU A 25 -6.30 2.22 -9.21
N ASP A 26 -6.76 1.00 -9.43
CA ASP A 26 -8.18 0.70 -9.33
C ASP A 26 -8.55 0.49 -7.86
N PHE A 27 -7.51 0.40 -7.03
CA PHE A 27 -7.71 0.19 -5.60
C PHE A 27 -7.84 1.53 -4.87
N ILE A 28 -6.77 2.32 -4.95
CA ILE A 28 -6.75 3.62 -4.31
C ILE A 28 -8.12 4.28 -4.44
N CYS A 29 -8.80 3.95 -5.55
CA CYS A 29 -10.11 4.50 -5.80
C CYS A 29 -11.14 3.66 -5.05
N SER A 30 -11.31 2.43 -5.52
CA SER A 30 -12.26 1.52 -4.89
C SER A 30 -12.12 1.58 -3.38
N THR A 31 -10.88 1.46 -2.92
CA THR A 31 -10.61 1.49 -1.49
C THR A 31 -11.50 2.52 -0.80
N ARG A 32 -11.84 3.56 -1.54
CA ARG A 32 -12.70 4.61 -1.01
C ARG A 32 -13.76 4.99 -2.04
N GLU A 33 -14.17 4.00 -2.82
CA GLU A 33 -15.18 4.23 -3.84
C GLU A 33 -16.01 2.95 -4.06
N SER A 34 -16.23 2.23 -2.97
CA SER A 34 -16.99 1.01 -3.02
C SER A 34 -18.04 0.98 -1.91
N ASP A 35 -17.74 0.20 -0.88
CA ASP A 35 -18.65 0.09 0.26
C ASP A 35 -17.95 -0.68 1.38
N THR A 36 -17.42 -1.84 1.01
CA THR A 36 -16.73 -2.68 1.97
C THR A 36 -15.24 -2.77 1.63
N PHE A 37 -14.57 -3.69 2.30
CA PHE A 37 -13.15 -3.89 2.08
C PHE A 37 -12.85 -5.33 1.67
N SER A 38 -13.92 -6.12 1.58
CA SER A 38 -13.79 -7.51 1.19
C SER A 38 -14.05 -7.67 -0.31
N SER A 39 -14.44 -6.56 -0.93
CA SER A 39 -14.72 -6.57 -2.35
C SER A 39 -13.63 -5.81 -3.11
N VAL A 40 -13.67 -4.49 -2.97
CA VAL A 40 -12.69 -3.65 -3.63
C VAL A 40 -12.11 -4.40 -4.83
N ASP A 41 -10.85 -4.79 -4.69
CA ASP A 41 -10.17 -5.51 -5.76
C ASP A 41 -9.09 -6.41 -5.16
N VAL A 42 -9.39 -6.91 -3.96
CA VAL A 42 -8.46 -7.79 -3.27
C VAL A 42 -9.23 -8.61 -2.24
N PRO A 43 -8.96 -9.95 -2.26
CA PRO A 43 -9.62 -10.86 -1.33
C PRO A 43 -9.03 -10.72 0.07
N LEU A 44 -9.87 -11.01 1.06
CA LEU A 44 -9.45 -10.93 2.45
C LEU A 44 -8.70 -12.20 2.82
N GLU A 45 -9.07 -13.28 2.16
CA GLU A 45 -8.44 -14.58 2.41
C GLU A 45 -6.92 -14.41 2.51
N PRO A 46 -6.33 -13.88 1.41
CA PRO A 46 -4.88 -13.67 1.37
C PRO A 46 -4.48 -12.45 2.21
N ILE A 47 -5.19 -11.36 1.98
CA ILE A 47 -4.92 -10.12 2.70
C ILE A 47 -4.81 -10.44 4.19
N LYS A 48 -5.80 -11.16 4.69
CA LYS A 48 -5.82 -11.53 6.09
C LYS A 48 -4.46 -12.11 6.49
N ASN A 49 -3.79 -12.65 5.50
CA ASN A 49 -2.47 -13.25 5.73
C ASN A 49 -1.43 -12.14 5.83
N ILE A 50 -1.59 -11.13 5.00
CA ILE A 50 -0.67 -10.01 4.98
C ILE A 50 -1.08 -9.01 6.08
N ILE A 51 -2.13 -9.36 6.79
CA ILE A 51 -2.63 -8.52 7.86
C ILE A 51 -2.02 -8.97 9.20
N GLU A 52 -1.67 -10.25 9.24
CA GLU A 52 -1.08 -10.82 10.44
C GLU A 52 0.44 -10.66 10.41
N ILE A 53 0.87 -9.48 9.97
CA ILE A 53 2.29 -9.18 9.89
C ILE A 53 2.65 -8.15 10.95
N THR A 54 1.71 -7.25 11.22
CA THR A 54 1.92 -6.21 12.21
C THR A 54 1.34 -6.63 13.55
N LYS A 55 1.33 -7.94 13.78
CA LYS A 55 0.81 -8.49 15.01
C LYS A 55 1.67 -8.00 16.19
N ASP A 56 2.91 -8.48 16.21
CA ASP A 56 3.83 -8.10 17.27
C ASP A 56 4.04 -6.58 17.24
N GLU A 57 4.57 -6.07 18.34
CA GLU A 57 4.83 -4.65 18.45
C GLU A 57 6.11 -4.28 17.70
N ASN A 58 7.00 -5.25 17.60
CA ASN A 58 8.27 -5.03 16.92
C ASN A 58 8.00 -4.68 15.46
N GLN A 59 7.09 -5.44 14.85
CA GLN A 59 6.73 -5.20 13.46
C GLN A 59 6.11 -3.82 13.29
N GLN A 60 5.08 -3.57 14.09
CA GLN A 60 4.39 -2.29 14.04
C GLN A 60 5.40 -1.14 13.96
N ILE A 61 6.46 -1.28 14.74
CA ILE A 61 7.50 -0.27 14.78
C ILE A 61 8.15 -0.17 13.40
N GLU A 62 8.97 -1.17 13.09
CA GLU A 62 9.66 -1.20 11.81
C GLU A 62 8.75 -0.68 10.70
N ILE A 63 7.59 -1.33 10.58
CA ILE A 63 6.62 -0.93 9.57
C ILE A 63 6.56 0.59 9.48
N THR A 64 6.10 1.19 10.56
CA THR A 64 5.98 2.64 10.63
C THR A 64 7.13 3.30 9.86
N LYS A 65 8.30 2.67 9.92
CA LYS A 65 9.47 3.17 9.23
C LYS A 65 9.44 2.71 7.78
N ILE A 66 9.20 1.42 7.60
CA ILE A 66 9.15 0.84 6.27
C ILE A 66 8.21 1.68 5.39
N ALA A 67 7.26 2.33 6.05
CA ALA A 67 6.29 3.16 5.34
C ALA A 67 6.94 4.52 5.05
N VAL A 68 7.56 5.09 6.07
CA VAL A 68 8.21 6.38 5.93
C VAL A 68 9.35 6.26 4.90
N ASN A 69 10.23 5.31 5.14
CA ASN A 69 11.35 5.08 4.24
C ASN A 69 10.88 5.21 2.79
N ASN A 70 9.63 4.82 2.59
CA ASN A 70 9.04 4.88 1.26
C ASN A 70 8.51 6.30 1.00
N ILE A 71 7.81 6.82 2.00
CA ILE A 71 7.25 8.15 1.91
C ILE A 71 8.37 9.17 1.67
N LYS A 72 9.40 9.07 2.50
CA LYS A 72 10.54 9.96 2.40
C LYS A 72 11.08 9.93 0.97
N THR A 73 10.86 8.80 0.31
CA THR A 73 11.32 8.62 -1.06
C THR A 73 10.26 9.12 -2.04
N LEU A 74 9.01 8.94 -1.65
CA LEU A 74 7.90 9.37 -2.48
C LEU A 74 7.95 10.89 -2.66
N SER A 75 8.77 11.52 -1.84
CA SER A 75 8.92 12.97 -1.90
C SER A 75 9.86 13.35 -3.04
N SER A 76 9.55 12.84 -4.22
CA SER A 76 10.36 13.12 -5.40
C SER A 76 9.65 12.61 -6.65
N VAL A 77 9.87 11.33 -6.95
CA VAL A 77 9.26 10.71 -8.11
C VAL A 77 9.62 11.52 -9.35
N GLY A 78 9.34 10.94 -10.50
CA GLY A 78 9.61 11.60 -11.78
C GLY A 78 8.93 12.96 -11.85
N ALA A 79 9.69 13.95 -12.29
CA ALA A 79 9.18 15.30 -12.42
C ALA A 79 8.38 15.42 -13.71
N THR A 80 9.03 15.04 -14.80
CA THR A 80 8.40 15.10 -16.11
C THR A 80 7.24 14.09 -16.19
N GLY A 81 6.13 14.46 -15.59
CA GLY A 81 4.96 13.60 -15.59
C GLY A 81 5.31 12.19 -15.10
N GLN A 82 5.03 11.95 -13.83
CA GLN A 82 5.32 10.67 -13.23
C GLN A 82 4.68 10.57 -11.84
N TYR A 83 3.44 10.11 -11.83
CA TYR A 83 2.70 9.97 -10.58
C TYR A 83 3.20 8.76 -9.79
N MET A 84 2.69 8.64 -8.57
CA MET A 84 3.08 7.54 -7.70
C MET A 84 2.83 6.20 -8.38
N ALA A 85 1.90 6.21 -9.33
CA ALA A 85 1.55 5.00 -10.05
C ALA A 85 2.78 4.50 -10.82
N SER A 86 3.44 5.44 -11.48
CA SER A 86 4.62 5.12 -12.28
C SER A 86 5.66 4.43 -11.38
N PHE A 87 5.83 4.99 -10.19
CA PHE A 87 6.79 4.45 -9.25
C PHE A 87 6.24 3.20 -8.55
N PHE A 88 5.79 2.26 -9.37
CA PHE A 88 5.24 1.02 -8.85
C PHE A 88 5.43 -0.12 -9.85
N SER A 89 5.17 0.18 -11.11
CA SER A 89 5.30 -0.81 -12.17
C SER A 89 6.78 -1.17 -12.35
N THR A 90 7.62 -0.15 -12.26
CA THR A 90 9.05 -0.35 -12.42
C THR A 90 9.58 -1.32 -11.36
N ASN A 91 9.43 -0.92 -10.11
CA ASN A 91 9.89 -1.74 -9.01
C ASN A 91 8.67 -2.35 -8.29
N SER A 92 8.61 -3.68 -8.33
CA SER A 92 7.52 -4.40 -7.70
C SER A 92 7.83 -4.65 -6.23
N GLU A 93 9.09 -4.99 -5.98
CA GLU A 93 9.52 -5.27 -4.62
C GLU A 93 8.95 -4.23 -3.66
N PRO A 94 9.12 -2.93 -4.02
CA PRO A 94 8.63 -1.84 -3.20
C PRO A 94 7.11 -1.70 -3.34
N ALA A 95 6.67 -1.66 -4.58
CA ALA A 95 5.25 -1.52 -4.88
C ALA A 95 4.47 -2.59 -4.09
N ILE A 96 5.15 -3.69 -3.83
CA ILE A 96 4.54 -4.79 -3.10
C ILE A 96 4.39 -4.39 -1.62
N ILE A 97 5.52 -4.04 -1.02
CA ILE A 97 5.53 -3.64 0.37
C ILE A 97 4.55 -2.48 0.57
N PHE A 98 4.71 -1.46 -0.26
CA PHE A 98 3.85 -0.29 -0.18
C PHE A 98 2.38 -0.70 -0.05
N CYS A 99 1.88 -1.36 -1.09
CA CYS A 99 0.51 -1.80 -1.10
C CYS A 99 0.16 -2.34 0.29
N VAL A 100 0.84 -3.43 0.66
CA VAL A 100 0.62 -4.05 1.95
C VAL A 100 0.45 -2.96 3.00
N ILE A 101 1.38 -2.02 2.99
CA ILE A 101 1.35 -0.92 3.95
C ILE A 101 0.08 -0.08 3.71
N TYR A 102 -0.05 0.39 2.48
CA TYR A 102 -1.20 1.20 2.12
C TYR A 102 -2.51 0.51 2.54
N PHE A 103 -2.80 -0.60 1.86
CA PHE A 103 -4.00 -1.35 2.15
C PHE A 103 -4.32 -1.33 3.65
N LEU A 104 -3.33 -1.71 4.45
CA LEU A 104 -3.50 -1.73 5.89
C LEU A 104 -4.10 -0.41 6.35
N TYR A 105 -3.45 0.67 5.95
CA TYR A 105 -3.90 2.00 6.32
C TYR A 105 -5.25 2.32 5.67
N HIS A 106 -5.32 2.04 4.38
CA HIS A 106 -6.55 2.29 3.62
C HIS A 106 -7.74 1.75 4.41
N PHE A 107 -7.62 0.49 4.81
CA PHE A 107 -8.68 -0.15 5.56
C PHE A 107 -8.65 0.26 7.04
N GLY A 108 -7.55 -0.08 7.69
CA GLY A 108 -7.38 0.25 9.09
C GLY A 108 -6.77 -0.92 9.86
N PHE A 109 -5.45 -0.90 9.96
CA PHE A 109 -4.74 -1.96 10.66
C PHE A 109 -3.46 -1.41 11.31
N LEU A 110 -2.56 -0.94 10.47
CA LEU A 110 -1.30 -0.38 10.95
C LEU A 110 -1.59 0.68 12.00
N LYS A 111 -0.73 0.73 13.00
CA LYS A 111 -0.87 1.70 14.07
C LYS A 111 -0.34 3.06 13.61
N ASP A 112 -1.21 4.05 13.68
CA ASP A 112 -0.84 5.40 13.27
C ASP A 112 -1.94 6.38 13.70
N ASN A 113 -1.76 6.93 14.89
CA ASN A 113 -2.72 7.88 15.43
C ASN A 113 -1.98 9.15 15.88
N ASN A 114 -2.47 10.28 15.39
CA ASN A 114 -1.87 11.56 15.73
C ASN A 114 -2.57 12.66 14.93
N LYS A 115 -2.75 13.79 15.60
CA LYS A 115 -3.39 14.93 14.96
C LYS A 115 -2.37 15.70 14.13
N LYS A 116 -1.74 14.98 13.22
CA LYS A 116 -0.73 15.58 12.35
C LYS A 116 -0.55 14.70 11.11
N GLN A 117 0.17 15.26 10.14
CA GLN A 117 0.43 14.53 8.91
C GLN A 117 1.22 13.26 9.19
N ILE A 118 0.49 12.16 9.25
CA ILE A 118 1.11 10.87 9.51
C ILE A 118 1.19 10.06 8.20
N ILE A 119 1.57 8.81 8.35
CA ILE A 119 1.69 7.93 7.19
C ILE A 119 0.38 7.96 6.40
N LYS A 120 -0.62 7.29 6.95
CA LYS A 120 -1.92 7.23 6.31
C LYS A 120 -2.26 8.60 5.73
N LYS A 121 -1.96 9.63 6.51
CA LYS A 121 -2.23 11.00 6.08
C LYS A 121 -1.52 11.26 4.75
N ALA A 122 -0.25 10.92 4.72
CA ALA A 122 0.54 11.12 3.51
C ALA A 122 0.09 10.11 2.44
N TYR A 123 0.27 8.84 2.76
CA TYR A 123 -0.11 7.78 1.85
C TYR A 123 -1.42 8.12 1.13
N GLU A 124 -2.40 8.53 1.92
CA GLU A 124 -3.70 8.89 1.37
C GLU A 124 -3.58 10.14 0.49
N THR A 125 -2.75 11.05 0.95
CA THR A 125 -2.53 12.29 0.22
C THR A 125 -2.15 12.00 -1.23
N ILE A 126 -1.53 10.85 -1.42
CA ILE A 126 -1.11 10.45 -2.76
C ILE A 126 -2.23 9.64 -3.41
N ALA A 127 -2.55 8.51 -2.80
CA ALA A 127 -3.59 7.64 -3.31
C ALA A 127 -4.77 8.49 -3.77
N ASP A 128 -4.92 9.64 -3.13
CA ASP A 128 -6.01 10.55 -3.47
C ASP A 128 -5.59 11.40 -4.67
N ASN A 129 -4.44 12.04 -4.54
CA ASN A 129 -3.92 12.88 -5.60
C ASN A 129 -3.79 12.06 -6.88
N ILE A 130 -3.21 10.88 -6.74
CA ILE A 130 -3.02 9.99 -7.87
C ILE A 130 -4.38 9.67 -8.51
N ALA A 131 -5.41 9.86 -7.71
CA ALA A 131 -6.78 9.61 -8.18
C ALA A 131 -7.31 10.87 -8.87
N ASP A 132 -6.45 11.87 -8.96
CA ASP A 132 -6.83 13.12 -9.59
C ASP A 132 -6.56 13.04 -11.09
N TYR A 133 -5.57 12.22 -11.43
CA TYR A 133 -5.21 12.03 -12.82
C TYR A 133 -5.83 10.75 -13.39
N LEU A 134 -6.33 9.93 -12.50
CA LEU A 134 -6.95 8.67 -12.89
C LEU A 134 -8.03 8.96 -13.94
N ASN A 135 -9.18 9.39 -13.47
CA ASN A 135 -10.30 9.69 -14.35
C ASN A 135 -10.70 8.42 -15.11
N GLU A 136 -11.37 7.53 -14.39
CA GLU A 136 -11.82 6.28 -14.98
C GLU A 136 -12.73 5.53 -14.01
N ASN A 137 -13.73 6.24 -13.53
CA ASN A 137 -14.68 5.65 -12.60
C ASN A 137 -15.13 4.29 -13.12
N MET A 1 7.39 -4.97 3.95
CA MET A 1 6.42 -5.35 4.95
C MET A 1 7.11 -5.92 6.19
N GLU A 2 8.38 -6.29 6.01
CA GLU A 2 9.15 -6.84 7.10
C GLU A 2 10.49 -7.37 6.58
N GLN A 3 11.55 -6.66 6.91
CA GLN A 3 12.88 -7.04 6.48
C GLN A 3 13.04 -8.56 6.54
N ASN A 4 14.00 -9.06 5.76
CA ASN A 4 14.26 -10.48 5.72
C ASN A 4 13.41 -11.12 4.61
N ASN A 5 13.76 -12.35 4.28
CA ASN A 5 13.04 -13.08 3.24
C ASN A 5 11.55 -12.78 3.35
N ILE A 6 11.12 -12.54 4.58
CA ILE A 6 9.72 -12.23 4.83
C ILE A 6 9.19 -11.31 3.73
N LYS A 7 9.62 -10.07 3.79
CA LYS A 7 9.20 -9.08 2.80
C LYS A 7 9.00 -9.77 1.45
N GLU A 8 10.10 -10.22 0.88
CA GLU A 8 10.05 -10.89 -0.41
C GLU A 8 8.93 -11.93 -0.42
N GLN A 9 8.89 -12.72 0.65
CA GLN A 9 7.87 -13.75 0.78
C GLN A 9 6.47 -13.12 0.78
N LEU A 10 6.36 -12.01 1.49
CA LEU A 10 5.08 -11.31 1.57
C LEU A 10 4.67 -10.84 0.17
N ILE A 11 5.58 -10.13 -0.47
CA ILE A 11 5.34 -9.62 -1.81
C ILE A 11 4.55 -10.66 -2.60
N SER A 12 5.08 -11.87 -2.62
CA SER A 12 4.44 -12.96 -3.35
C SER A 12 2.99 -13.11 -2.89
N PHE A 13 2.83 -13.42 -1.62
CA PHE A 13 1.50 -13.59 -1.04
C PHE A 13 0.54 -12.55 -1.59
N PHE A 14 0.70 -11.33 -1.11
CA PHE A 14 -0.16 -10.23 -1.54
C PHE A 14 -0.33 -10.24 -3.06
N ASN A 15 0.66 -10.80 -3.74
CA ASN A 15 0.62 -10.88 -5.18
C ASN A 15 -0.48 -11.85 -5.61
N GLN A 16 -0.58 -12.95 -4.87
CA GLN A 16 -1.58 -13.96 -5.15
C GLN A 16 -2.98 -13.44 -4.80
N ALA A 17 -3.00 -12.33 -4.06
CA ALA A 17 -4.26 -11.73 -3.65
C ALA A 17 -4.82 -10.90 -4.81
N CYS A 18 -4.17 -9.78 -5.06
CA CYS A 18 -4.58 -8.89 -6.13
C CYS A 18 -4.74 -9.72 -7.41
N SER A 19 -5.25 -9.07 -8.45
CA SER A 19 -5.45 -9.73 -9.71
C SER A 19 -4.55 -9.09 -10.78
N THR A 20 -5.06 -8.03 -11.37
CA THR A 20 -4.31 -7.32 -12.41
C THR A 20 -3.53 -6.16 -11.80
N HIS A 21 -3.11 -5.24 -12.65
CA HIS A 21 -2.35 -4.09 -12.22
C HIS A 21 -3.31 -2.95 -11.85
N GLN A 22 -4.16 -2.61 -12.79
CA GLN A 22 -5.13 -1.55 -12.58
C GLN A 22 -5.77 -1.68 -11.20
N GLU A 23 -5.95 -2.92 -10.78
CA GLU A 23 -6.54 -3.20 -9.48
C GLU A 23 -5.97 -2.25 -8.43
N ARG A 24 -4.66 -2.08 -8.48
CA ARG A 24 -3.98 -1.20 -7.54
C ARG A 24 -4.65 0.17 -7.52
N LEU A 25 -4.76 0.76 -8.70
CA LEU A 25 -5.38 2.07 -8.83
C LEU A 25 -6.84 1.98 -8.39
N ASP A 26 -7.35 0.76 -8.35
CA ASP A 26 -8.72 0.53 -7.96
C ASP A 26 -8.82 0.52 -6.43
N PHE A 27 -7.72 0.16 -5.81
CA PHE A 27 -7.66 0.10 -4.35
C PHE A 27 -7.62 1.51 -3.75
N ILE A 28 -6.53 2.21 -4.07
CA ILE A 28 -6.36 3.57 -3.56
C ILE A 28 -7.70 4.29 -3.57
N CYS A 29 -8.54 3.91 -4.53
CA CYS A 29 -9.85 4.51 -4.67
C CYS A 29 -10.85 3.69 -3.83
N SER A 30 -10.83 2.38 -4.07
CA SER A 30 -11.72 1.49 -3.36
C SER A 30 -11.49 1.61 -1.86
N THR A 31 -10.27 1.27 -1.45
CA THR A 31 -9.91 1.33 -0.04
C THR A 31 -10.51 2.56 0.61
N ARG A 32 -10.14 3.72 0.09
CA ARG A 32 -10.64 4.98 0.61
C ARG A 32 -12.17 4.97 0.63
N GLU A 33 -12.75 4.33 -0.36
CA GLU A 33 -14.19 4.24 -0.46
C GLU A 33 -14.67 2.90 0.09
N SER A 34 -13.96 2.42 1.09
CA SER A 34 -14.31 1.14 1.72
C SER A 34 -13.80 1.12 3.16
N ASP A 35 -14.59 1.70 4.05
CA ASP A 35 -14.24 1.74 5.45
C ASP A 35 -13.86 0.34 5.93
N THR A 36 -14.42 -0.65 5.25
CA THR A 36 -14.15 -2.03 5.59
C THR A 36 -13.03 -2.59 4.70
N PHE A 37 -12.85 -3.90 4.78
CA PHE A 37 -11.82 -4.56 3.99
C PHE A 37 -12.41 -5.69 3.15
N SER A 38 -13.71 -5.87 3.30
CA SER A 38 -14.41 -6.92 2.57
C SER A 38 -15.12 -6.32 1.34
N SER A 39 -14.97 -5.01 1.21
CA SER A 39 -15.59 -4.30 0.10
C SER A 39 -14.56 -4.10 -1.03
N VAL A 40 -13.31 -4.32 -0.68
CA VAL A 40 -12.23 -4.18 -1.64
C VAL A 40 -12.24 -5.36 -2.61
N ASP A 41 -11.60 -5.16 -3.75
CA ASP A 41 -11.54 -6.20 -4.77
C ASP A 41 -10.63 -7.33 -4.27
N VAL A 42 -9.42 -6.95 -3.88
CA VAL A 42 -8.45 -7.92 -3.39
C VAL A 42 -9.16 -8.92 -2.48
N PRO A 43 -8.78 -10.21 -2.63
CA PRO A 43 -9.36 -11.27 -1.83
C PRO A 43 -8.83 -11.25 -0.40
N LEU A 44 -9.66 -11.65 0.53
CA LEU A 44 -9.29 -11.68 1.93
C LEU A 44 -8.49 -12.96 2.21
N GLU A 45 -8.94 -14.05 1.60
CA GLU A 45 -8.29 -15.34 1.77
C GLU A 45 -6.77 -15.15 1.88
N PRO A 46 -6.20 -14.51 0.82
CA PRO A 46 -4.77 -14.28 0.79
C PRO A 46 -4.38 -13.13 1.72
N ILE A 47 -5.06 -12.01 1.55
CA ILE A 47 -4.80 -10.84 2.38
C ILE A 47 -4.67 -11.27 3.84
N LYS A 48 -5.70 -11.95 4.31
CA LYS A 48 -5.71 -12.43 5.69
C LYS A 48 -4.36 -13.03 6.03
N ASN A 49 -3.68 -13.52 4.99
CA ASN A 49 -2.37 -14.12 5.16
C ASN A 49 -1.33 -13.02 5.39
N ILE A 50 -1.43 -11.98 4.57
CA ILE A 50 -0.51 -10.86 4.67
C ILE A 50 -0.92 -9.97 5.84
N ILE A 51 -1.98 -10.38 6.51
CA ILE A 51 -2.49 -9.62 7.65
C ILE A 51 -1.82 -10.13 8.92
N GLU A 52 -1.49 -11.41 8.92
CA GLU A 52 -0.84 -12.02 10.07
C GLU A 52 0.65 -11.71 10.07
N ILE A 53 0.95 -10.44 9.84
CA ILE A 53 2.34 -9.99 9.81
C ILE A 53 2.47 -8.74 10.68
N THR A 54 1.57 -7.79 10.47
CA THR A 54 1.60 -6.56 11.22
C THR A 54 0.81 -6.72 12.53
N LYS A 55 0.53 -7.97 12.86
CA LYS A 55 -0.20 -8.27 14.08
C LYS A 55 0.61 -7.81 15.28
N ASP A 56 1.76 -8.45 15.46
CA ASP A 56 2.64 -8.12 16.57
C ASP A 56 2.85 -6.60 16.61
N GLU A 57 2.76 -6.05 17.81
CA GLU A 57 2.93 -4.62 18.00
C GLU A 57 4.34 -4.21 17.59
N ASN A 58 5.27 -5.14 17.73
CA ASN A 58 6.66 -4.90 17.39
C ASN A 58 6.80 -4.77 15.87
N GLN A 59 5.79 -5.31 15.18
CA GLN A 59 5.78 -5.27 13.73
C GLN A 59 5.19 -3.95 13.24
N GLN A 60 4.10 -3.55 13.88
CA GLN A 60 3.44 -2.30 13.52
C GLN A 60 4.40 -1.12 13.67
N ILE A 61 5.25 -1.21 14.67
CA ILE A 61 6.22 -0.16 14.94
C ILE A 61 7.21 -0.09 13.78
N GLU A 62 7.97 -1.17 13.62
CA GLU A 62 8.95 -1.25 12.56
C GLU A 62 8.30 -0.95 11.21
N ILE A 63 7.05 -1.35 11.08
CA ILE A 63 6.30 -1.14 9.86
C ILE A 63 6.16 0.37 9.61
N THR A 64 5.80 1.08 10.67
CA THR A 64 5.63 2.51 10.58
C THR A 64 6.85 3.16 9.94
N LYS A 65 8.01 2.87 10.52
CA LYS A 65 9.26 3.41 10.01
C LYS A 65 9.50 2.89 8.59
N ILE A 66 9.09 1.64 8.38
CA ILE A 66 9.26 1.01 7.09
C ILE A 66 8.46 1.80 6.03
N ALA A 67 7.21 2.06 6.37
CA ALA A 67 6.33 2.79 5.47
C ALA A 67 7.02 4.09 5.05
N VAL A 68 7.62 4.75 6.03
CA VAL A 68 8.31 6.01 5.77
C VAL A 68 9.43 5.76 4.76
N ASN A 69 10.14 4.66 4.96
CA ASN A 69 11.24 4.31 4.09
C ASN A 69 10.82 4.50 2.64
N ASN A 70 9.89 3.67 2.21
CA ASN A 70 9.39 3.74 0.85
C ASN A 70 8.79 5.13 0.60
N ILE A 71 7.91 5.53 1.50
CA ILE A 71 7.27 6.82 1.40
C ILE A 71 8.32 7.89 1.07
N LYS A 72 9.17 8.15 2.04
CA LYS A 72 10.23 9.13 1.86
C LYS A 72 10.81 9.01 0.45
N THR A 73 10.96 7.77 0.01
CA THR A 73 11.49 7.50 -1.31
C THR A 73 10.52 7.98 -2.39
N LEU A 74 9.26 7.62 -2.20
CA LEU A 74 8.22 8.01 -3.14
C LEU A 74 8.43 9.47 -3.55
N SER A 75 9.03 10.22 -2.64
CA SER A 75 9.29 11.63 -2.90
C SER A 75 10.35 11.78 -4.00
N SER A 76 9.98 11.33 -5.19
CA SER A 76 10.89 11.41 -6.32
C SER A 76 10.13 11.07 -7.62
N VAL A 77 9.27 10.07 -7.51
CA VAL A 77 8.49 9.63 -8.66
C VAL A 77 8.01 10.87 -9.44
N GLY A 78 8.63 11.09 -10.58
CA GLY A 78 8.29 12.22 -11.41
C GLY A 78 9.30 13.35 -11.26
N ALA A 79 8.78 14.56 -11.10
CA ALA A 79 9.63 15.73 -10.93
C ALA A 79 9.27 16.44 -9.62
N THR A 80 7.99 16.73 -9.47
CA THR A 80 7.51 17.39 -8.27
C THR A 80 6.28 16.68 -7.72
N GLY A 81 6.19 15.40 -8.02
CA GLY A 81 5.07 14.59 -7.57
C GLY A 81 3.84 14.80 -8.46
N GLN A 82 3.63 13.84 -9.35
CA GLN A 82 2.50 13.92 -10.27
C GLN A 82 1.71 12.61 -10.22
N TYR A 83 2.31 11.55 -10.75
CA TYR A 83 1.67 10.25 -10.78
C TYR A 83 2.64 9.16 -10.34
N MET A 84 2.16 8.30 -9.45
CA MET A 84 2.96 7.21 -8.95
C MET A 84 2.54 5.87 -9.56
N ALA A 85 1.46 5.94 -10.33
CA ALA A 85 0.93 4.75 -10.99
C ALA A 85 1.82 4.39 -12.18
N SER A 86 2.20 5.42 -12.93
CA SER A 86 3.04 5.23 -14.09
C SER A 86 4.18 4.27 -13.75
N PHE A 87 4.92 4.61 -12.70
CA PHE A 87 6.04 3.80 -12.28
C PHE A 87 5.59 2.36 -11.98
N PHE A 88 5.42 2.07 -10.70
CA PHE A 88 5.00 0.75 -10.28
C PHE A 88 5.79 -0.34 -11.00
N SER A 89 5.35 -0.65 -12.21
CA SER A 89 6.01 -1.67 -13.01
C SER A 89 7.54 -1.55 -12.85
N THR A 90 8.03 -0.33 -13.03
CA THR A 90 9.45 -0.08 -12.92
C THR A 90 9.98 -0.61 -11.59
N ASN A 91 9.19 -0.41 -10.55
CA ASN A 91 9.57 -0.87 -9.22
C ASN A 91 8.32 -1.33 -8.47
N SER A 92 8.06 -2.63 -8.55
CA SER A 92 6.91 -3.21 -7.88
C SER A 92 7.22 -3.44 -6.41
N GLU A 93 8.40 -3.99 -6.17
CA GLU A 93 8.84 -4.27 -4.80
C GLU A 93 8.32 -3.20 -3.84
N PRO A 94 8.65 -1.92 -4.18
CA PRO A 94 8.22 -0.80 -3.37
C PRO A 94 6.73 -0.51 -3.57
N ALA A 95 6.35 -0.40 -4.84
CA ALA A 95 4.97 -0.12 -5.18
C ALA A 95 4.06 -1.09 -4.43
N ILE A 96 4.61 -2.25 -4.12
CA ILE A 96 3.85 -3.27 -3.41
C ILE A 96 3.72 -2.86 -1.94
N ILE A 97 4.86 -2.82 -1.26
CA ILE A 97 4.89 -2.44 0.14
C ILE A 97 4.00 -1.22 0.35
N PHE A 98 3.93 -0.39 -0.68
CA PHE A 98 3.13 0.82 -0.62
C PHE A 98 1.63 0.48 -0.62
N CYS A 99 1.28 -0.49 -1.45
CA CYS A 99 -0.11 -0.91 -1.55
C CYS A 99 -0.48 -1.64 -0.25
N VAL A 100 0.20 -2.75 -0.01
CA VAL A 100 -0.05 -3.54 1.18
C VAL A 100 -0.18 -2.61 2.39
N ILE A 101 0.95 -2.05 2.79
CA ILE A 101 0.98 -1.14 3.92
C ILE A 101 -0.27 -0.28 3.91
N TYR A 102 -0.38 0.54 2.88
CA TYR A 102 -1.53 1.42 2.72
C TYR A 102 -2.84 0.67 3.02
N PHE A 103 -3.16 -0.26 2.14
CA PHE A 103 -4.38 -1.05 2.30
C PHE A 103 -4.65 -1.35 3.77
N LEU A 104 -3.59 -1.71 4.48
CA LEU A 104 -3.71 -2.03 5.88
C LEU A 104 -4.04 -0.75 6.66
N TYR A 105 -3.03 0.08 6.85
CA TYR A 105 -3.21 1.33 7.57
C TYR A 105 -4.58 1.93 7.29
N HIS A 106 -4.82 2.25 6.03
CA HIS A 106 -6.08 2.83 5.62
C HIS A 106 -7.23 2.17 6.40
N PHE A 107 -7.37 0.88 6.19
CA PHE A 107 -8.41 0.12 6.87
C PHE A 107 -8.11 -1.38 6.83
N GLY A 108 -7.23 -1.80 7.73
CA GLY A 108 -6.85 -3.20 7.81
C GLY A 108 -6.49 -3.59 9.25
N PHE A 109 -5.19 -3.71 9.48
CA PHE A 109 -4.70 -4.07 10.79
C PHE A 109 -3.69 -3.05 11.30
N LEU A 110 -2.86 -2.57 10.38
CA LEU A 110 -1.84 -1.58 10.73
C LEU A 110 -2.49 -0.44 11.51
N LYS A 111 -1.78 0.01 12.53
CA LYS A 111 -2.27 1.09 13.36
C LYS A 111 -1.10 1.97 13.80
N ASP A 112 -1.14 3.23 13.36
CA ASP A 112 -0.10 4.17 13.69
C ASP A 112 -0.64 5.20 14.68
N ASN A 113 0.03 5.29 15.82
CA ASN A 113 -0.37 6.23 16.85
C ASN A 113 0.73 6.31 17.91
N ASN A 114 1.64 7.26 17.71
CA ASN A 114 2.73 7.45 18.64
C ASN A 114 3.41 8.79 18.35
N LYS A 115 3.93 8.91 17.15
CA LYS A 115 4.60 10.13 16.74
C LYS A 115 3.66 10.96 15.85
N LYS A 116 3.09 10.28 14.86
CA LYS A 116 2.17 10.94 13.95
C LYS A 116 1.63 9.91 12.95
N GLN A 117 0.67 10.36 12.16
CA GLN A 117 0.07 9.50 11.16
C GLN A 117 0.45 9.96 9.75
N ILE A 118 1.59 10.62 9.67
CA ILE A 118 2.08 11.13 8.40
C ILE A 118 1.99 10.02 7.35
N ILE A 119 2.12 8.79 7.82
CA ILE A 119 2.06 7.64 6.94
C ILE A 119 0.72 7.63 6.21
N LYS A 120 -0.29 8.18 6.88
CA LYS A 120 -1.62 8.23 6.30
C LYS A 120 -1.76 9.52 5.47
N LYS A 121 -1.02 10.54 5.89
CA LYS A 121 -1.05 11.81 5.20
C LYS A 121 -0.22 11.71 3.92
N ALA A 122 0.80 10.87 3.97
CA ALA A 122 1.67 10.67 2.82
C ALA A 122 0.99 9.73 1.83
N TYR A 123 0.84 8.48 2.26
CA TYR A 123 0.22 7.47 1.43
C TYR A 123 -1.02 8.03 0.72
N GLU A 124 -1.74 8.86 1.45
CA GLU A 124 -2.94 9.48 0.91
C GLU A 124 -2.58 10.53 -0.15
N THR A 125 -1.52 11.26 0.14
CA THR A 125 -1.05 12.30 -0.76
C THR A 125 -0.82 11.72 -2.16
N ILE A 126 -0.49 10.44 -2.19
CA ILE A 126 -0.25 9.77 -3.45
C ILE A 126 -1.54 9.12 -3.94
N ALA A 127 -2.06 8.21 -3.13
CA ALA A 127 -3.30 7.53 -3.47
C ALA A 127 -4.33 8.55 -3.96
N ASP A 128 -4.16 9.77 -3.50
CA ASP A 128 -5.06 10.85 -3.87
C ASP A 128 -4.63 11.43 -5.22
N ASN A 129 -3.44 12.03 -5.21
CA ASN A 129 -2.91 12.63 -6.42
C ASN A 129 -2.99 11.61 -7.57
N ILE A 130 -2.58 10.39 -7.27
CA ILE A 130 -2.60 9.33 -8.26
C ILE A 130 -4.04 9.11 -8.73
N ALA A 131 -4.98 9.43 -7.85
CA ALA A 131 -6.38 9.27 -8.16
C ALA A 131 -6.91 10.56 -8.78
N ASP A 132 -5.99 11.49 -9.00
CA ASP A 132 -6.35 12.77 -9.60
C ASP A 132 -6.38 12.63 -11.12
N TYR A 133 -5.39 11.91 -11.64
CA TYR A 133 -5.30 11.69 -13.07
C TYR A 133 -6.02 10.41 -13.48
N LEU A 134 -6.57 9.73 -12.48
CA LEU A 134 -7.29 8.49 -12.73
C LEU A 134 -8.55 8.78 -13.55
N ASN A 135 -9.58 9.21 -12.83
CA ASN A 135 -10.84 9.53 -13.47
C ASN A 135 -11.48 8.26 -14.03
N GLU A 136 -12.30 7.63 -13.21
CA GLU A 136 -12.97 6.40 -13.60
C GLU A 136 -14.29 6.24 -12.85
N ASN A 137 -14.95 7.38 -12.63
CA ASN A 137 -16.22 7.38 -11.92
C ASN A 137 -17.12 6.28 -12.49
N MET A 1 9.19 -11.93 -9.21
CA MET A 1 8.26 -10.84 -9.41
C MET A 1 8.67 -9.61 -8.57
N GLU A 2 9.94 -9.27 -8.66
CA GLU A 2 10.47 -8.13 -7.93
C GLU A 2 10.39 -8.39 -6.43
N GLN A 3 11.32 -9.22 -5.95
CA GLN A 3 11.37 -9.56 -4.55
C GLN A 3 12.24 -10.80 -4.34
N ASN A 4 12.50 -11.10 -3.07
CA ASN A 4 13.30 -12.26 -2.72
C ASN A 4 13.49 -12.30 -1.20
N ASN A 5 13.47 -13.52 -0.67
CA ASN A 5 13.63 -13.71 0.75
C ASN A 5 12.41 -13.16 1.49
N ILE A 6 12.61 -12.84 2.75
CA ILE A 6 11.53 -12.30 3.57
C ILE A 6 10.59 -11.49 2.68
N LYS A 7 11.10 -10.38 2.18
CA LYS A 7 10.31 -9.52 1.31
C LYS A 7 9.41 -10.38 0.43
N GLU A 8 10.03 -11.28 -0.31
CA GLU A 8 9.29 -12.17 -1.20
C GLU A 8 8.19 -12.88 -0.43
N GLN A 9 8.59 -13.53 0.66
CA GLN A 9 7.65 -14.26 1.49
C GLN A 9 6.41 -13.41 1.76
N LEU A 10 6.65 -12.15 2.12
CA LEU A 10 5.57 -11.23 2.41
C LEU A 10 4.72 -11.03 1.15
N ILE A 11 5.41 -10.83 0.04
CA ILE A 11 4.75 -10.63 -1.23
C ILE A 11 3.94 -11.88 -1.58
N SER A 12 4.65 -12.99 -1.70
CA SER A 12 4.02 -14.26 -2.03
C SER A 12 2.59 -14.28 -1.49
N PHE A 13 2.47 -14.09 -0.18
CA PHE A 13 1.17 -14.09 0.47
C PHE A 13 0.19 -13.18 -0.28
N PHE A 14 0.52 -11.89 -0.27
CA PHE A 14 -0.32 -10.90 -0.95
C PHE A 14 -0.44 -11.21 -2.43
N ASN A 15 0.57 -11.90 -2.95
CA ASN A 15 0.58 -12.26 -4.36
C ASN A 15 -0.68 -13.06 -4.69
N GLN A 16 -1.08 -13.90 -3.74
CA GLN A 16 -2.27 -14.71 -3.93
C GLN A 16 -3.52 -13.93 -3.53
N ALA A 17 -3.51 -12.64 -3.84
CA ALA A 17 -4.62 -11.78 -3.53
C ALA A 17 -4.80 -10.75 -4.65
N CYS A 18 -3.94 -9.74 -4.62
CA CYS A 18 -4.00 -8.70 -5.63
C CYS A 18 -2.61 -8.56 -6.25
N SER A 19 -2.58 -8.69 -7.58
CA SER A 19 -1.33 -8.58 -8.31
C SER A 19 -1.47 -7.57 -9.45
N THR A 20 -2.56 -7.71 -10.19
CA THR A 20 -2.83 -6.81 -11.30
C THR A 20 -2.37 -5.40 -10.96
N HIS A 21 -1.98 -4.67 -12.00
CA HIS A 21 -1.52 -3.31 -11.84
C HIS A 21 -2.72 -2.36 -11.80
N GLN A 22 -3.45 -2.34 -12.90
CA GLN A 22 -4.63 -1.49 -13.01
C GLN A 22 -5.44 -1.56 -11.72
N GLU A 23 -5.32 -2.68 -11.03
CA GLU A 23 -6.04 -2.88 -9.79
C GLU A 23 -5.56 -1.87 -8.73
N ARG A 24 -4.25 -1.79 -8.59
CA ARG A 24 -3.65 -0.88 -7.63
C ARG A 24 -4.32 0.50 -7.71
N LEU A 25 -4.32 1.05 -8.91
CA LEU A 25 -4.91 2.35 -9.15
C LEU A 25 -6.39 2.30 -8.75
N ASP A 26 -7.02 1.17 -9.03
CA ASP A 26 -8.41 0.98 -8.70
C ASP A 26 -8.56 0.78 -7.19
N PHE A 27 -7.43 0.62 -6.53
CA PHE A 27 -7.42 0.42 -5.09
C PHE A 27 -7.44 1.76 -4.35
N ILE A 28 -6.36 2.52 -4.55
CA ILE A 28 -6.24 3.82 -3.91
C ILE A 28 -7.61 4.52 -3.91
N CYS A 29 -8.40 4.20 -4.93
CA CYS A 29 -9.72 4.79 -5.06
C CYS A 29 -10.70 3.95 -4.23
N SER A 30 -10.84 2.70 -4.63
CA SER A 30 -11.73 1.79 -3.93
C SER A 30 -11.46 1.84 -2.42
N THR A 31 -10.21 1.58 -2.07
CA THR A 31 -9.82 1.61 -0.67
C THR A 31 -10.55 2.72 0.08
N ARG A 32 -10.67 3.86 -0.58
CA ARG A 32 -11.34 5.00 0.00
C ARG A 32 -12.52 5.43 -0.86
N GLU A 33 -13.25 4.44 -1.34
CA GLU A 33 -14.41 4.70 -2.19
C GLU A 33 -15.21 3.41 -2.38
N SER A 34 -15.67 2.86 -1.26
CA SER A 34 -16.45 1.64 -1.29
C SER A 34 -17.48 1.65 -0.16
N ASP A 35 -17.15 0.90 0.89
CA ASP A 35 -18.03 0.81 2.04
C ASP A 35 -17.30 0.09 3.18
N THR A 36 -16.81 -1.10 2.85
CA THR A 36 -16.10 -1.91 3.83
C THR A 36 -14.70 -2.27 3.31
N PHE A 37 -14.26 -3.46 3.68
CA PHE A 37 -12.96 -3.94 3.25
C PHE A 37 -13.09 -5.03 2.19
N SER A 38 -14.01 -5.95 2.45
CA SER A 38 -14.24 -7.05 1.52
C SER A 38 -15.04 -6.55 0.31
N SER A 39 -15.35 -5.26 0.33
CA SER A 39 -16.09 -4.66 -0.76
C SER A 39 -15.14 -4.19 -1.86
N VAL A 40 -13.89 -4.00 -1.48
CA VAL A 40 -12.87 -3.56 -2.42
C VAL A 40 -12.75 -4.59 -3.54
N ASP A 41 -11.58 -5.22 -3.61
CA ASP A 41 -11.32 -6.22 -4.63
C ASP A 41 -10.49 -7.35 -4.02
N VAL A 42 -9.35 -6.98 -3.47
CA VAL A 42 -8.46 -7.94 -2.86
C VAL A 42 -9.23 -8.75 -1.82
N PRO A 43 -9.02 -10.10 -1.86
CA PRO A 43 -9.69 -10.99 -0.93
C PRO A 43 -9.06 -10.90 0.46
N LEU A 44 -9.90 -11.13 1.47
CA LEU A 44 -9.44 -11.09 2.85
C LEU A 44 -8.75 -12.40 3.20
N GLU A 45 -9.26 -13.47 2.60
CA GLU A 45 -8.71 -14.80 2.84
C GLU A 45 -7.17 -14.72 2.89
N PRO A 46 -6.58 -14.25 1.78
CA PRO A 46 -5.13 -14.12 1.68
C PRO A 46 -4.63 -12.94 2.51
N ILE A 47 -5.25 -11.79 2.27
CA ILE A 47 -4.88 -10.59 2.99
C ILE A 47 -4.71 -10.89 4.47
N LYS A 48 -5.73 -11.54 5.02
CA LYS A 48 -5.71 -11.90 6.43
C LYS A 48 -4.34 -12.51 6.77
N ASN A 49 -3.71 -13.08 5.77
CA ASN A 49 -2.41 -13.69 5.96
C ASN A 49 -1.34 -12.60 5.99
N ILE A 50 -1.46 -11.66 5.08
CA ILE A 50 -0.52 -10.55 4.99
C ILE A 50 -0.80 -9.57 6.13
N ILE A 51 -1.89 -9.82 6.84
CA ILE A 51 -2.27 -8.97 7.94
C ILE A 51 -1.54 -9.42 9.21
N GLU A 52 -1.21 -10.70 9.25
CA GLU A 52 -0.52 -11.26 10.39
C GLU A 52 0.88 -10.65 10.50
N ILE A 53 1.31 -10.01 9.43
CA ILE A 53 2.62 -9.37 9.40
C ILE A 53 2.75 -8.44 10.61
N THR A 54 1.62 -7.88 11.01
CA THR A 54 1.59 -6.97 12.13
C THR A 54 1.09 -7.68 13.39
N LYS A 55 -0.22 -7.65 13.57
CA LYS A 55 -0.84 -8.29 14.72
C LYS A 55 0.02 -8.03 15.96
N ASP A 56 0.45 -6.79 16.10
CA ASP A 56 1.27 -6.40 17.24
C ASP A 56 1.85 -5.01 16.99
N GLU A 57 2.38 -4.43 18.06
CA GLU A 57 2.96 -3.11 17.98
C GLU A 57 4.40 -3.18 17.46
N ASN A 58 5.07 -4.27 17.84
CA ASN A 58 6.45 -4.48 17.42
C ASN A 58 6.54 -4.34 15.89
N GLN A 59 5.72 -5.13 15.21
CA GLN A 59 5.70 -5.11 13.76
C GLN A 59 5.22 -3.75 13.26
N GLN A 60 4.14 -3.28 13.85
CA GLN A 60 3.57 -2.01 13.47
C GLN A 60 4.63 -0.91 13.52
N ILE A 61 5.47 -0.99 14.56
CA ILE A 61 6.54 -0.02 14.74
C ILE A 61 7.50 -0.09 13.54
N GLU A 62 8.09 -1.27 13.36
CA GLU A 62 9.02 -1.48 12.26
C GLU A 62 8.33 -1.20 10.93
N ILE A 63 7.02 -1.42 10.91
CA ILE A 63 6.24 -1.21 9.71
C ILE A 63 6.17 0.29 9.42
N THR A 64 5.94 1.06 10.46
CA THR A 64 5.85 2.50 10.33
C THR A 64 7.08 3.05 9.60
N LYS A 65 8.24 2.75 10.17
CA LYS A 65 9.49 3.21 9.58
C LYS A 65 9.64 2.61 8.18
N ILE A 66 9.13 1.40 8.03
CA ILE A 66 9.21 0.71 6.76
C ILE A 66 8.43 1.50 5.71
N ALA A 67 7.22 1.90 6.08
CA ALA A 67 6.37 2.66 5.19
C ALA A 67 7.09 3.95 4.78
N VAL A 68 7.71 4.57 5.77
CA VAL A 68 8.43 5.82 5.53
C VAL A 68 9.56 5.55 4.51
N ASN A 69 10.20 4.41 4.67
CA ASN A 69 11.28 4.04 3.79
C ASN A 69 10.87 4.31 2.34
N ASN A 70 9.57 4.27 2.11
CA ASN A 70 9.03 4.51 0.78
C ASN A 70 8.53 5.96 0.69
N ILE A 71 7.77 6.35 1.70
CA ILE A 71 7.22 7.69 1.75
C ILE A 71 8.35 8.70 1.59
N LYS A 72 9.43 8.47 2.33
CA LYS A 72 10.58 9.35 2.28
C LYS A 72 11.10 9.41 0.83
N THR A 73 10.94 8.32 0.12
CA THR A 73 11.38 8.24 -1.25
C THR A 73 10.38 8.93 -2.18
N LEU A 74 9.11 8.85 -1.80
CA LEU A 74 8.06 9.46 -2.58
C LEU A 74 8.37 10.95 -2.77
N SER A 75 9.04 11.51 -1.77
CA SER A 75 9.40 12.91 -1.81
C SER A 75 10.55 13.13 -2.81
N SER A 76 10.29 12.75 -4.04
CA SER A 76 11.29 12.89 -5.10
C SER A 76 10.65 12.60 -6.46
N VAL A 77 9.76 11.62 -6.46
CA VAL A 77 9.08 11.23 -7.69
C VAL A 77 8.89 12.47 -8.57
N GLY A 78 9.79 12.60 -9.55
CA GLY A 78 9.73 13.73 -10.46
C GLY A 78 9.92 13.27 -11.90
N ALA A 79 10.74 14.02 -12.63
CA ALA A 79 11.02 13.71 -14.01
C ALA A 79 9.93 14.31 -14.91
N THR A 80 8.69 14.10 -14.49
CA THR A 80 7.55 14.61 -15.23
C THR A 80 6.41 14.98 -14.28
N GLY A 81 6.76 15.74 -13.25
CA GLY A 81 5.78 16.16 -12.27
C GLY A 81 5.85 15.27 -11.02
N GLN A 82 4.99 14.27 -11.00
CA GLN A 82 4.93 13.36 -9.87
C GLN A 82 4.42 11.99 -10.32
N TYR A 83 3.11 11.90 -10.50
CA TYR A 83 2.49 10.66 -10.94
C TYR A 83 3.20 9.45 -10.33
N MET A 84 2.73 9.05 -9.17
CA MET A 84 3.30 7.90 -8.48
C MET A 84 2.90 6.59 -9.16
N ALA A 85 1.71 6.61 -9.73
CA ALA A 85 1.20 5.42 -10.42
C ALA A 85 2.22 4.96 -11.46
N SER A 86 2.74 5.92 -12.21
CA SER A 86 3.71 5.63 -13.23
C SER A 86 5.04 5.21 -12.59
N PHE A 87 5.22 5.63 -11.35
CA PHE A 87 6.42 5.30 -10.62
C PHE A 87 6.26 3.99 -9.84
N PHE A 88 5.69 3.01 -10.51
CA PHE A 88 5.48 1.71 -9.91
C PHE A 88 5.98 0.58 -10.82
N SER A 89 5.70 0.74 -12.11
CA SER A 89 6.11 -0.25 -13.09
C SER A 89 7.57 -0.64 -12.85
N THR A 90 8.40 0.38 -12.66
CA THR A 90 9.82 0.15 -12.42
C THR A 90 10.03 -0.49 -11.06
N ASN A 91 9.74 0.28 -10.01
CA ASN A 91 9.90 -0.20 -8.65
C ASN A 91 8.64 -0.96 -8.24
N SER A 92 8.71 -2.28 -8.37
CA SER A 92 7.60 -3.13 -8.01
C SER A 92 7.68 -3.52 -6.53
N GLU A 93 8.89 -3.89 -6.12
CA GLU A 93 9.12 -4.28 -4.74
C GLU A 93 8.38 -3.34 -3.78
N PRO A 94 8.56 -2.02 -4.04
CA PRO A 94 7.93 -1.01 -3.20
C PRO A 94 6.44 -0.89 -3.54
N ALA A 95 6.16 -0.73 -4.82
CA ALA A 95 4.78 -0.61 -5.28
C ALA A 95 3.95 -1.76 -4.71
N ILE A 96 4.60 -2.92 -4.60
CA ILE A 96 3.94 -4.10 -4.08
C ILE A 96 3.63 -3.89 -2.60
N ILE A 97 4.67 -3.54 -1.85
CA ILE A 97 4.52 -3.30 -0.42
C ILE A 97 3.54 -2.15 -0.19
N PHE A 98 3.69 -1.11 -1.00
CA PHE A 98 2.82 0.05 -0.90
C PHE A 98 1.36 -0.37 -0.72
N CYS A 99 0.85 -1.05 -1.74
CA CYS A 99 -0.53 -1.51 -1.70
C CYS A 99 -0.78 -2.19 -0.35
N VAL A 100 0.08 -3.15 -0.05
CA VAL A 100 -0.03 -3.89 1.20
C VAL A 100 -0.15 -2.90 2.36
N ILE A 101 0.99 -2.30 2.70
CA ILE A 101 1.02 -1.34 3.79
C ILE A 101 -0.17 -0.38 3.66
N TYR A 102 -0.18 0.34 2.56
CA TYR A 102 -1.24 1.30 2.30
C TYR A 102 -2.56 0.81 2.90
N PHE A 103 -3.00 -0.35 2.44
CA PHE A 103 -4.24 -0.94 2.93
C PHE A 103 -4.20 -1.12 4.45
N LEU A 104 -3.11 -1.68 4.92
CA LEU A 104 -2.93 -1.92 6.34
C LEU A 104 -3.26 -0.64 7.10
N TYR A 105 -2.93 0.48 6.49
CA TYR A 105 -3.17 1.78 7.10
C TYR A 105 -4.57 2.29 6.75
N HIS A 106 -4.79 2.47 5.45
CA HIS A 106 -6.09 2.94 4.98
C HIS A 106 -7.21 2.30 5.80
N PHE A 107 -7.24 0.98 5.76
CA PHE A 107 -8.25 0.24 6.50
C PHE A 107 -7.84 -1.23 6.67
N GLY A 108 -6.94 -1.45 7.61
CA GLY A 108 -6.46 -2.80 7.88
C GLY A 108 -6.20 -3.01 9.37
N PHE A 109 -4.93 -3.04 9.73
CA PHE A 109 -4.54 -3.22 11.11
C PHE A 109 -3.57 -2.14 11.56
N LEU A 110 -2.73 -1.72 10.64
CA LEU A 110 -1.75 -0.69 10.92
C LEU A 110 -2.45 0.49 11.61
N LYS A 111 -1.65 1.26 12.35
CA LYS A 111 -2.17 2.41 13.06
C LYS A 111 -1.09 3.48 13.17
N ASP A 112 -1.47 4.70 12.89
CA ASP A 112 -0.54 5.82 12.95
C ASP A 112 -1.31 7.13 12.80
N ASN A 113 -1.51 7.79 13.94
CA ASN A 113 -2.24 9.05 13.96
C ASN A 113 -2.50 9.47 15.40
N ASN A 114 -2.04 10.67 15.73
CA ASN A 114 -2.22 11.19 17.08
C ASN A 114 -1.67 12.62 17.14
N LYS A 115 -0.53 12.81 16.48
CA LYS A 115 0.11 14.11 16.45
C LYS A 115 -0.41 14.91 15.26
N LYS A 116 0.00 14.48 14.07
CA LYS A 116 -0.42 15.14 12.84
C LYS A 116 -0.25 14.17 11.67
N GLN A 117 -0.43 14.72 10.47
CA GLN A 117 -0.30 13.92 9.27
C GLN A 117 0.88 12.96 9.38
N ILE A 118 0.66 11.73 8.96
CA ILE A 118 1.69 10.71 9.01
C ILE A 118 1.60 9.83 7.76
N ILE A 119 2.18 8.64 7.88
CA ILE A 119 2.17 7.70 6.77
C ILE A 119 0.75 7.57 6.22
N LYS A 120 -0.10 6.94 7.02
CA LYS A 120 -1.49 6.74 6.64
C LYS A 120 -1.99 7.98 5.91
N LYS A 121 -1.65 9.13 6.47
CA LYS A 121 -2.06 10.41 5.88
C LYS A 121 -1.38 10.58 4.52
N ALA A 122 -0.06 10.42 4.53
CA ALA A 122 0.71 10.55 3.31
C ALA A 122 0.14 9.61 2.24
N TYR A 123 0.26 8.32 2.52
CA TYR A 123 -0.23 7.31 1.60
C TYR A 123 -1.54 7.76 0.95
N GLU A 124 -2.46 8.21 1.79
CA GLU A 124 -3.76 8.67 1.31
C GLU A 124 -3.61 9.98 0.53
N THR A 125 -2.72 10.83 1.04
CA THR A 125 -2.46 12.11 0.40
C THR A 125 -2.14 11.92 -1.07
N ILE A 126 -1.56 10.76 -1.38
CA ILE A 126 -1.20 10.45 -2.76
C ILE A 126 -2.34 9.68 -3.41
N ALA A 127 -2.72 8.58 -2.77
CA ALA A 127 -3.80 7.75 -3.29
C ALA A 127 -4.92 8.64 -3.80
N ASP A 128 -5.02 9.83 -3.20
CA ASP A 128 -6.04 10.77 -3.59
C ASP A 128 -5.52 11.66 -4.72
N ASN A 129 -4.45 12.38 -4.43
CA ASN A 129 -3.85 13.26 -5.41
C ASN A 129 -3.60 12.48 -6.71
N ILE A 130 -3.26 11.21 -6.54
CA ILE A 130 -3.00 10.35 -7.68
C ILE A 130 -4.30 10.15 -8.48
N ALA A 131 -5.40 10.33 -7.78
CA ALA A 131 -6.72 10.18 -8.40
C ALA A 131 -7.01 11.40 -9.28
N ASP A 132 -6.04 12.30 -9.32
CA ASP A 132 -6.18 13.50 -10.10
C ASP A 132 -5.86 13.20 -11.58
N TYR A 133 -4.72 12.54 -11.77
CA TYR A 133 -4.29 12.18 -13.11
C TYR A 133 -4.41 10.67 -13.34
N LEU A 134 -5.48 10.11 -12.79
CA LEU A 134 -5.73 8.69 -12.93
C LEU A 134 -6.60 8.45 -14.16
N ASN A 135 -7.90 8.66 -13.99
CA ASN A 135 -8.84 8.46 -15.08
C ASN A 135 -10.25 8.80 -14.61
N GLU A 136 -10.63 10.06 -14.83
CA GLU A 136 -11.94 10.52 -14.42
C GLU A 136 -12.35 11.74 -15.26
N ASN A 137 -12.58 11.49 -16.54
CA ASN A 137 -12.98 12.55 -17.45
C ASN A 137 -14.48 12.81 -17.30
N MET A 1 7.72 -11.16 -6.99
CA MET A 1 7.83 -10.79 -8.38
C MET A 1 9.28 -10.60 -8.79
N GLU A 2 10.09 -10.14 -7.84
CA GLU A 2 11.50 -9.91 -8.09
C GLU A 2 12.25 -9.75 -6.76
N GLN A 3 12.40 -10.86 -6.06
CA GLN A 3 13.10 -10.86 -4.79
C GLN A 3 13.31 -12.29 -4.29
N ASN A 4 13.56 -12.41 -3.00
CA ASN A 4 13.79 -13.71 -2.40
C ASN A 4 13.76 -13.57 -0.87
N ASN A 5 13.25 -14.60 -0.22
CA ASN A 5 13.15 -14.61 1.23
C ASN A 5 11.89 -13.87 1.66
N ILE A 6 11.93 -13.33 2.86
CA ILE A 6 10.79 -12.60 3.39
C ILE A 6 10.11 -11.82 2.27
N LYS A 7 10.81 -10.82 1.78
CA LYS A 7 10.29 -10.00 0.70
C LYS A 7 9.48 -10.87 -0.26
N GLU A 8 10.13 -11.93 -0.73
CA GLU A 8 9.49 -12.85 -1.65
C GLU A 8 8.21 -13.41 -1.04
N GLN A 9 8.34 -13.89 0.19
CA GLN A 9 7.22 -14.46 0.90
C GLN A 9 6.05 -13.46 0.93
N LEU A 10 6.39 -12.23 1.27
CA LEU A 10 5.38 -11.18 1.34
C LEU A 10 4.60 -11.14 0.03
N ILE A 11 5.33 -11.28 -1.07
CA ILE A 11 4.72 -11.26 -2.39
C ILE A 11 3.74 -12.43 -2.50
N SER A 12 4.30 -13.63 -2.44
CA SER A 12 3.50 -14.83 -2.54
C SER A 12 2.17 -14.64 -1.81
N PHE A 13 2.26 -14.13 -0.60
CA PHE A 13 1.07 -13.89 0.22
C PHE A 13 0.10 -12.96 -0.51
N PHE A 14 0.31 -11.67 -0.30
CA PHE A 14 -0.53 -10.67 -0.92
C PHE A 14 -0.79 -11.00 -2.39
N ASN A 15 0.17 -11.68 -3.00
CA ASN A 15 0.06 -12.06 -4.38
C ASN A 15 -1.17 -12.95 -4.56
N GLN A 16 -1.43 -13.76 -3.54
CA GLN A 16 -2.57 -14.67 -3.57
C GLN A 16 -3.87 -13.87 -3.43
N ALA A 17 -3.73 -12.59 -3.16
CA ALA A 17 -4.88 -11.72 -3.01
C ALA A 17 -5.13 -10.97 -4.31
N CYS A 18 -4.36 -9.89 -4.49
CA CYS A 18 -4.50 -9.09 -5.69
C CYS A 18 -3.42 -9.53 -6.69
N SER A 19 -3.79 -9.46 -7.97
CA SER A 19 -2.88 -9.86 -9.02
C SER A 19 -2.86 -8.80 -10.12
N THR A 20 -4.06 -8.36 -10.49
CA THR A 20 -4.20 -7.35 -11.52
C THR A 20 -3.07 -6.32 -11.42
N HIS A 21 -2.74 -5.73 -12.57
CA HIS A 21 -1.68 -4.73 -12.61
C HIS A 21 -2.19 -3.42 -12.01
N GLN A 22 -3.42 -3.09 -12.32
CA GLN A 22 -4.03 -1.88 -11.82
C GLN A 22 -4.49 -2.07 -10.37
N GLU A 23 -4.19 -3.26 -9.85
CA GLU A 23 -4.57 -3.58 -8.48
C GLU A 23 -4.24 -2.41 -7.55
N ARG A 24 -3.25 -1.62 -7.96
CA ARG A 24 -2.84 -0.48 -7.17
C ARG A 24 -3.73 0.73 -7.48
N LEU A 25 -3.65 1.19 -8.72
CA LEU A 25 -4.44 2.33 -9.15
C LEU A 25 -5.91 2.05 -8.87
N ASP A 26 -6.24 0.78 -8.75
CA ASP A 26 -7.60 0.37 -8.48
C ASP A 26 -7.85 0.40 -6.96
N PHE A 27 -6.76 0.31 -6.22
CA PHE A 27 -6.84 0.32 -4.77
C PHE A 27 -7.08 1.73 -4.25
N ILE A 28 -6.28 2.67 -4.76
CA ILE A 28 -6.39 4.05 -4.36
C ILE A 28 -7.84 4.51 -4.50
N CYS A 29 -8.52 3.93 -5.49
CA CYS A 29 -9.91 4.27 -5.75
C CYS A 29 -10.79 3.29 -4.97
N SER A 30 -10.61 2.01 -5.28
CA SER A 30 -11.38 0.97 -4.62
C SER A 30 -11.37 1.19 -3.10
N THR A 31 -10.16 1.36 -2.57
CA THR A 31 -9.99 1.58 -1.15
C THR A 31 -10.67 2.88 -0.72
N ARG A 32 -11.12 3.63 -1.72
CA ARG A 32 -11.78 4.90 -1.46
C ARG A 32 -12.99 5.06 -2.39
N GLU A 33 -13.59 3.92 -2.73
CA GLU A 33 -14.75 3.93 -3.61
C GLU A 33 -15.37 2.53 -3.67
N SER A 34 -16.05 2.17 -2.59
CA SER A 34 -16.69 0.87 -2.51
C SER A 34 -17.81 0.90 -1.46
N ASP A 35 -17.52 0.31 -0.31
CA ASP A 35 -18.49 0.26 0.77
C ASP A 35 -17.82 -0.33 2.01
N THR A 36 -17.25 -1.50 1.84
CA THR A 36 -16.58 -2.17 2.95
C THR A 36 -15.15 -2.55 2.55
N PHE A 37 -14.56 -3.45 3.33
CA PHE A 37 -13.21 -3.90 3.07
C PHE A 37 -13.20 -5.24 2.34
N SER A 38 -14.29 -5.96 2.50
CA SER A 38 -14.43 -7.26 1.86
C SER A 38 -14.99 -7.10 0.45
N SER A 39 -15.12 -5.85 0.04
CA SER A 39 -15.64 -5.54 -1.27
C SER A 39 -14.49 -5.17 -2.22
N VAL A 40 -13.48 -4.54 -1.65
CA VAL A 40 -12.33 -4.12 -2.42
C VAL A 40 -11.89 -5.26 -3.34
N ASP A 41 -11.06 -4.92 -4.31
CA ASP A 41 -10.58 -5.90 -5.26
C ASP A 41 -9.44 -6.71 -4.63
N VAL A 42 -9.79 -7.43 -3.58
CA VAL A 42 -8.82 -8.25 -2.87
C VAL A 42 -9.54 -9.06 -1.80
N PRO A 43 -9.20 -10.39 -1.77
CA PRO A 43 -9.80 -11.29 -0.79
C PRO A 43 -9.21 -11.06 0.61
N LEU A 44 -10.07 -11.18 1.60
CA LEU A 44 -9.64 -11.00 2.98
C LEU A 44 -9.01 -12.29 3.50
N GLU A 45 -9.25 -13.36 2.75
CA GLU A 45 -8.72 -14.67 3.11
C GLU A 45 -7.19 -14.60 3.20
N PRO A 46 -6.57 -14.23 2.04
CA PRO A 46 -5.12 -14.12 1.99
C PRO A 46 -4.62 -12.87 2.71
N ILE A 47 -5.32 -11.77 2.47
CA ILE A 47 -4.96 -10.51 3.08
C ILE A 47 -4.82 -10.70 4.60
N LYS A 48 -5.75 -11.49 5.14
CA LYS A 48 -5.74 -11.77 6.57
C LYS A 48 -4.41 -12.44 6.95
N ASN A 49 -3.73 -12.94 5.93
CA ASN A 49 -2.45 -13.60 6.14
C ASN A 49 -1.33 -12.56 6.10
N ILE A 50 -1.53 -11.56 5.26
CA ILE A 50 -0.54 -10.50 5.12
C ILE A 50 -0.77 -9.44 6.21
N ILE A 51 -1.93 -9.52 6.84
CA ILE A 51 -2.28 -8.59 7.90
C ILE A 51 -1.59 -9.01 9.19
N GLU A 52 -1.25 -10.29 9.26
CA GLU A 52 -0.58 -10.83 10.42
C GLU A 52 0.81 -10.23 10.57
N ILE A 53 1.30 -9.69 9.46
CA ILE A 53 2.62 -9.07 9.45
C ILE A 53 2.72 -8.08 10.62
N THR A 54 1.57 -7.53 10.98
CA THR A 54 1.53 -6.56 12.07
C THR A 54 0.92 -7.20 13.32
N LYS A 55 1.01 -8.52 13.37
CA LYS A 55 0.48 -9.26 14.50
C LYS A 55 1.15 -8.78 15.79
N ASP A 56 2.48 -8.88 15.80
CA ASP A 56 3.25 -8.45 16.96
C ASP A 56 3.36 -6.93 16.96
N GLU A 57 3.56 -6.38 18.15
CA GLU A 57 3.68 -4.94 18.30
C GLU A 57 4.97 -4.45 17.64
N ASN A 58 5.99 -5.30 17.69
CA ASN A 58 7.28 -4.97 17.11
C ASN A 58 7.09 -4.67 15.61
N GLN A 59 6.13 -5.37 15.02
CA GLN A 59 5.86 -5.20 13.61
C GLN A 59 5.32 -3.78 13.35
N GLN A 60 4.26 -3.45 14.06
CA GLN A 60 3.65 -2.14 13.91
C GLN A 60 4.72 -1.05 13.85
N ILE A 61 5.65 -1.14 14.81
CA ILE A 61 6.73 -0.17 14.88
C ILE A 61 7.48 -0.15 13.55
N GLU A 62 8.26 -1.20 13.33
CA GLU A 62 9.05 -1.32 12.11
C GLU A 62 8.24 -0.79 10.92
N ILE A 63 7.07 -1.40 10.72
CA ILE A 63 6.20 -1.01 9.63
C ILE A 63 6.21 0.52 9.49
N THR A 64 5.72 1.18 10.54
CA THR A 64 5.66 2.63 10.55
C THR A 64 6.88 3.21 9.82
N LYS A 65 8.00 2.54 9.98
CA LYS A 65 9.24 2.98 9.34
C LYS A 65 9.27 2.47 7.90
N ILE A 66 8.95 1.21 7.75
CA ILE A 66 8.95 0.59 6.43
C ILE A 66 8.05 1.41 5.50
N ALA A 67 7.10 2.12 6.10
CA ALA A 67 6.19 2.95 5.34
C ALA A 67 6.88 4.26 4.97
N VAL A 68 7.51 4.87 5.97
CA VAL A 68 8.21 6.12 5.77
C VAL A 68 9.30 5.93 4.71
N ASN A 69 10.08 4.87 4.91
CA ASN A 69 11.16 4.56 3.98
C ASN A 69 10.70 4.84 2.55
N ASN A 70 9.47 4.43 2.27
CA ASN A 70 8.90 4.63 0.95
C ASN A 70 8.36 6.06 0.84
N ILE A 71 7.45 6.38 1.74
CA ILE A 71 6.85 7.71 1.76
C ILE A 71 7.94 8.76 1.54
N LYS A 72 8.96 8.70 2.38
CA LYS A 72 10.07 9.63 2.28
C LYS A 72 10.51 9.74 0.81
N THR A 73 10.59 8.59 0.16
CA THR A 73 10.99 8.56 -1.23
C THR A 73 9.91 9.19 -2.11
N LEU A 74 8.67 9.02 -1.70
CA LEU A 74 7.55 9.57 -2.44
C LEU A 74 7.71 11.09 -2.55
N SER A 75 8.57 11.63 -1.70
CA SER A 75 8.83 13.06 -1.69
C SER A 75 9.92 13.40 -2.70
N SER A 76 9.77 12.82 -3.89
CA SER A 76 10.73 13.06 -4.96
C SER A 76 10.19 12.50 -6.28
N VAL A 77 10.11 11.18 -6.33
CA VAL A 77 9.62 10.51 -7.52
C VAL A 77 10.20 11.19 -8.76
N GLY A 78 11.40 10.75 -9.13
CA GLY A 78 12.07 11.31 -10.29
C GLY A 78 12.46 12.77 -10.05
N ALA A 79 11.60 13.66 -10.51
CA ALA A 79 11.84 15.08 -10.36
C ALA A 79 10.52 15.83 -10.45
N THR A 80 9.91 15.76 -11.63
CA THR A 80 8.64 16.44 -11.86
C THR A 80 7.92 15.81 -13.07
N GLY A 81 6.63 16.07 -13.13
CA GLY A 81 5.82 15.55 -14.22
C GLY A 81 6.01 14.04 -14.37
N GLN A 82 5.42 13.30 -13.43
CA GLN A 82 5.52 11.86 -13.45
C GLN A 82 4.63 11.25 -12.35
N TYR A 83 3.38 11.03 -12.70
CA TYR A 83 2.44 10.46 -11.75
C TYR A 83 3.10 9.38 -10.89
N MET A 84 2.61 9.28 -9.66
CA MET A 84 3.15 8.30 -8.73
C MET A 84 2.71 6.88 -9.10
N ALA A 85 1.87 6.81 -10.13
CA ALA A 85 1.37 5.53 -10.60
C ALA A 85 2.48 4.79 -11.34
N SER A 86 3.17 5.52 -12.19
CA SER A 86 4.26 4.95 -12.97
C SER A 86 5.35 4.43 -12.02
N PHE A 87 5.79 5.29 -11.13
CA PHE A 87 6.81 4.92 -10.16
C PHE A 87 6.53 3.55 -9.56
N PHE A 88 5.28 3.34 -9.18
CA PHE A 88 4.87 2.09 -8.60
C PHE A 88 4.98 0.94 -9.60
N SER A 89 4.89 1.30 -10.87
CA SER A 89 4.99 0.32 -11.94
C SER A 89 6.44 -0.08 -12.15
N THR A 90 7.29 0.92 -12.29
CA THR A 90 8.72 0.68 -12.51
C THR A 90 9.25 -0.28 -11.45
N ASN A 91 8.83 -0.03 -10.21
CA ASN A 91 9.27 -0.86 -9.10
C ASN A 91 8.05 -1.46 -8.41
N SER A 92 7.78 -2.73 -8.73
CA SER A 92 6.64 -3.42 -8.15
C SER A 92 7.04 -4.07 -6.82
N GLU A 93 8.35 -4.12 -6.59
CA GLU A 93 8.88 -4.70 -5.36
C GLU A 93 8.54 -3.82 -4.18
N PRO A 94 8.87 -2.51 -4.30
CA PRO A 94 8.61 -1.55 -3.24
C PRO A 94 7.12 -1.20 -3.18
N ALA A 95 6.53 -1.06 -4.36
CA ALA A 95 5.12 -0.73 -4.46
C ALA A 95 4.29 -1.83 -3.79
N ILE A 96 4.82 -3.04 -3.85
CA ILE A 96 4.14 -4.18 -3.25
C ILE A 96 4.13 -4.02 -1.72
N ILE A 97 5.33 -4.01 -1.15
CA ILE A 97 5.47 -3.86 0.28
C ILE A 97 4.56 -2.73 0.77
N PHE A 98 4.69 -1.59 0.11
CA PHE A 98 3.89 -0.42 0.46
C PHE A 98 2.40 -0.68 0.20
N CYS A 99 2.15 -1.62 -0.70
CA CYS A 99 0.78 -1.96 -1.05
C CYS A 99 0.08 -2.48 0.21
N VAL A 100 0.82 -3.27 0.97
CA VAL A 100 0.28 -3.84 2.20
C VAL A 100 0.16 -2.73 3.26
N ILE A 101 1.13 -1.83 3.23
CA ILE A 101 1.16 -0.73 4.17
C ILE A 101 -0.17 0.02 4.10
N TYR A 102 -0.37 0.70 2.98
CA TYR A 102 -1.58 1.46 2.77
C TYR A 102 -2.81 0.66 3.21
N PHE A 103 -2.88 -0.57 2.73
CA PHE A 103 -3.99 -1.44 3.05
C PHE A 103 -4.33 -1.36 4.54
N LEU A 104 -3.39 -1.83 5.35
CA LEU A 104 -3.56 -1.82 6.80
C LEU A 104 -4.15 -0.47 7.22
N TYR A 105 -3.44 0.59 6.87
CA TYR A 105 -3.88 1.93 7.20
C TYR A 105 -5.30 2.19 6.70
N HIS A 106 -5.44 2.17 5.39
CA HIS A 106 -6.75 2.40 4.77
C HIS A 106 -7.79 1.54 5.46
N PHE A 107 -7.42 0.29 5.71
CA PHE A 107 -8.33 -0.65 6.35
C PHE A 107 -8.22 -0.54 7.88
N GLY A 108 -7.79 0.63 8.33
CA GLY A 108 -7.64 0.87 9.76
C GLY A 108 -7.07 -0.36 10.46
N PHE A 109 -5.78 -0.59 10.24
CA PHE A 109 -5.11 -1.72 10.85
C PHE A 109 -3.72 -1.33 11.35
N LEU A 110 -2.98 -0.64 10.49
CA LEU A 110 -1.64 -0.21 10.83
C LEU A 110 -1.72 0.89 11.89
N LYS A 111 -0.91 0.75 12.92
CA LYS A 111 -0.88 1.73 14.00
C LYS A 111 -0.08 2.95 13.55
N ASP A 112 -0.38 4.07 14.19
CA ASP A 112 0.30 5.32 13.87
C ASP A 112 -0.05 6.37 14.91
N ASN A 113 0.98 6.95 15.51
CA ASN A 113 0.80 7.97 16.52
C ASN A 113 0.65 9.34 15.84
N ASN A 114 0.22 10.31 16.64
CA ASN A 114 0.04 11.66 16.13
C ASN A 114 -1.30 11.74 15.39
N LYS A 115 -1.40 10.97 14.33
CA LYS A 115 -2.62 10.94 13.53
C LYS A 115 -2.80 12.29 12.83
N LYS A 116 -1.82 12.62 12.00
CA LYS A 116 -1.85 13.88 11.28
C LYS A 116 -0.66 13.94 10.31
N GLN A 117 -0.96 14.31 9.08
CA GLN A 117 0.06 14.40 8.05
C GLN A 117 1.08 13.28 8.22
N ILE A 118 0.60 12.15 8.71
CA ILE A 118 1.46 10.99 8.92
C ILE A 118 1.49 10.14 7.65
N ILE A 119 1.96 8.92 7.80
CA ILE A 119 2.06 8.00 6.68
C ILE A 119 0.69 7.91 5.99
N LYS A 120 -0.24 7.26 6.68
CA LYS A 120 -1.58 7.09 6.15
C LYS A 120 -2.02 8.39 5.47
N LYS A 121 -1.57 9.50 6.05
CA LYS A 121 -1.91 10.80 5.50
C LYS A 121 -1.17 11.02 4.19
N ALA A 122 0.14 10.80 4.23
CA ALA A 122 0.97 10.96 3.06
C ALA A 122 0.41 10.10 1.92
N TYR A 123 0.50 8.79 2.11
CA TYR A 123 0.00 7.85 1.11
C TYR A 123 -1.32 8.33 0.53
N GLU A 124 -2.21 8.76 1.42
CA GLU A 124 -3.51 9.24 1.00
C GLU A 124 -3.37 10.53 0.20
N THR A 125 -2.42 11.35 0.61
CA THR A 125 -2.18 12.62 -0.06
C THR A 125 -1.93 12.38 -1.56
N ILE A 126 -1.33 11.23 -1.84
CA ILE A 126 -1.02 10.88 -3.22
C ILE A 126 -2.23 10.17 -3.84
N ALA A 127 -2.58 9.05 -3.24
CA ALA A 127 -3.71 8.26 -3.71
C ALA A 127 -4.85 9.20 -4.11
N ASP A 128 -4.89 10.34 -3.44
CA ASP A 128 -5.91 11.34 -3.71
C ASP A 128 -5.51 12.17 -4.93
N ASN A 129 -4.28 12.65 -4.89
CA ASN A 129 -3.75 13.46 -5.98
C ASN A 129 -3.71 12.62 -7.25
N ILE A 130 -3.07 11.47 -7.15
CA ILE A 130 -2.96 10.57 -8.28
C ILE A 130 -4.36 10.23 -8.80
N ALA A 131 -5.30 10.18 -7.88
CA ALA A 131 -6.68 9.87 -8.22
C ALA A 131 -7.31 11.07 -8.94
N ASP A 132 -6.53 12.15 -9.01
CA ASP A 132 -6.99 13.37 -9.65
C ASP A 132 -6.75 13.26 -11.16
N TYR A 133 -5.63 12.63 -11.51
CA TYR A 133 -5.29 12.45 -12.91
C TYR A 133 -5.95 11.20 -13.49
N LEU A 134 -6.29 10.28 -12.60
CA LEU A 134 -6.94 9.05 -13.01
C LEU A 134 -8.09 9.37 -13.97
N ASN A 135 -9.20 9.79 -13.38
CA ASN A 135 -10.38 10.13 -14.17
C ASN A 135 -10.70 8.98 -15.12
N GLU A 136 -11.40 7.99 -14.60
CA GLU A 136 -11.79 6.83 -15.38
C GLU A 136 -12.45 5.78 -14.49
N ASN A 137 -13.77 5.85 -14.43
CA ASN A 137 -14.53 4.91 -13.63
C ASN A 137 -15.60 4.25 -14.51
N MET A 1 14.18 -16.24 -10.00
CA MET A 1 13.28 -16.77 -9.00
C MET A 1 13.97 -16.83 -7.63
N GLU A 2 13.81 -15.76 -6.87
CA GLU A 2 14.42 -15.70 -5.55
C GLU A 2 14.22 -14.30 -4.95
N GLN A 3 14.50 -14.20 -3.66
CA GLN A 3 14.37 -12.93 -2.96
C GLN A 3 14.59 -13.13 -1.46
N ASN A 4 14.32 -12.06 -0.72
CA ASN A 4 14.48 -12.11 0.73
C ASN A 4 13.56 -13.19 1.31
N ASN A 5 13.35 -13.11 2.61
CA ASN A 5 12.51 -14.07 3.30
C ASN A 5 11.20 -13.38 3.72
N ILE A 6 11.34 -12.41 4.62
CA ILE A 6 10.19 -11.68 5.10
C ILE A 6 9.47 -11.01 3.92
N LYS A 7 10.12 -10.01 3.36
CA LYS A 7 9.56 -9.29 2.23
C LYS A 7 9.04 -10.29 1.20
N GLU A 8 9.84 -11.33 0.96
CA GLU A 8 9.47 -12.36 0.01
C GLU A 8 8.18 -13.04 0.44
N GLN A 9 8.12 -13.37 1.72
CA GLN A 9 6.94 -14.03 2.28
C GLN A 9 5.68 -13.24 1.93
N LEU A 10 5.81 -11.92 1.98
CA LEU A 10 4.69 -11.05 1.67
C LEU A 10 4.24 -11.30 0.23
N ILE A 11 5.16 -11.10 -0.69
CA ILE A 11 4.88 -11.30 -2.11
C ILE A 11 4.05 -12.57 -2.28
N SER A 12 4.62 -13.67 -1.81
CA SER A 12 3.95 -14.96 -1.91
C SER A 12 2.46 -14.78 -1.65
N PHE A 13 2.13 -14.32 -0.45
CA PHE A 13 0.75 -14.12 -0.07
C PHE A 13 0.05 -13.18 -1.07
N PHE A 14 0.39 -11.91 -0.98
CA PHE A 14 -0.19 -10.91 -1.86
C PHE A 14 -0.35 -11.46 -3.27
N ASN A 15 0.71 -12.10 -3.74
CA ASN A 15 0.70 -12.67 -5.08
C ASN A 15 -0.55 -13.52 -5.27
N GLN A 16 -0.83 -14.33 -4.25
CA GLN A 16 -1.99 -15.20 -4.28
C GLN A 16 -3.24 -14.45 -3.80
N ALA A 17 -3.37 -13.22 -4.27
CA ALA A 17 -4.50 -12.38 -3.89
C ALA A 17 -4.87 -11.47 -5.07
N CYS A 18 -4.03 -10.46 -5.26
CA CYS A 18 -4.25 -9.50 -6.34
C CYS A 18 -3.10 -9.63 -7.34
N SER A 19 -3.48 -9.79 -8.60
CA SER A 19 -2.50 -9.93 -9.66
C SER A 19 -2.50 -8.68 -10.56
N THR A 20 -3.67 -8.41 -11.12
CA THR A 20 -3.83 -7.26 -11.99
C THR A 20 -3.01 -6.08 -11.47
N HIS A 21 -2.65 -5.19 -12.39
CA HIS A 21 -1.88 -4.02 -12.04
C HIS A 21 -2.79 -2.81 -11.92
N GLN A 22 -3.49 -2.51 -13.01
CA GLN A 22 -4.40 -1.39 -13.03
C GLN A 22 -5.26 -1.36 -11.77
N GLU A 23 -5.47 -2.55 -11.22
CA GLU A 23 -6.27 -2.68 -10.01
C GLU A 23 -5.77 -1.73 -8.93
N ARG A 24 -4.45 -1.53 -8.94
CA ARG A 24 -3.82 -0.66 -7.96
C ARG A 24 -4.37 0.77 -8.11
N LEU A 25 -4.16 1.33 -9.30
CA LEU A 25 -4.62 2.67 -9.58
C LEU A 25 -6.12 2.78 -9.27
N ASP A 26 -6.78 1.62 -9.28
CA ASP A 26 -8.20 1.56 -9.01
C ASP A 26 -8.41 1.36 -7.50
N PHE A 27 -7.41 0.77 -6.87
CA PHE A 27 -7.47 0.49 -5.44
C PHE A 27 -7.38 1.80 -4.64
N ILE A 28 -6.29 2.52 -4.88
CA ILE A 28 -6.07 3.78 -4.18
C ILE A 28 -7.39 4.53 -4.07
N CYS A 29 -8.26 4.31 -5.05
CA CYS A 29 -9.55 4.95 -5.07
C CYS A 29 -10.55 4.06 -4.33
N SER A 30 -10.87 2.94 -4.95
CA SER A 30 -11.81 2.00 -4.37
C SER A 30 -11.58 1.90 -2.85
N THR A 31 -10.31 1.76 -2.50
CA THR A 31 -9.93 1.65 -1.10
C THR A 31 -10.82 2.54 -0.24
N ARG A 32 -11.00 3.78 -0.70
CA ARG A 32 -11.82 4.74 0.01
C ARG A 32 -13.04 5.12 -0.83
N GLU A 33 -13.61 4.12 -1.47
CA GLU A 33 -14.78 4.33 -2.31
C GLU A 33 -15.58 3.03 -2.46
N SER A 34 -15.79 2.38 -1.33
CA SER A 34 -16.53 1.12 -1.32
C SER A 34 -17.67 1.19 -0.31
N ASP A 35 -17.47 0.51 0.81
CA ASP A 35 -18.47 0.48 1.86
C ASP A 35 -17.89 -0.21 3.10
N THR A 36 -17.34 -1.39 2.87
CA THR A 36 -16.75 -2.15 3.96
C THR A 36 -15.23 -2.26 3.77
N PHE A 37 -14.81 -2.02 2.54
CA PHE A 37 -13.39 -2.09 2.21
C PHE A 37 -12.94 -3.55 2.05
N SER A 38 -13.44 -4.39 2.94
CA SER A 38 -13.08 -5.80 2.91
C SER A 38 -13.64 -6.45 1.64
N SER A 39 -14.46 -5.69 0.93
CA SER A 39 -15.07 -6.18 -0.30
C SER A 39 -14.17 -5.85 -1.48
N VAL A 40 -13.32 -4.86 -1.28
CA VAL A 40 -12.40 -4.44 -2.33
C VAL A 40 -11.75 -5.68 -2.97
N ASP A 41 -11.27 -5.49 -4.19
CA ASP A 41 -10.63 -6.58 -4.90
C ASP A 41 -9.61 -7.26 -4.00
N VAL A 42 -9.34 -8.52 -4.30
CA VAL A 42 -8.39 -9.29 -3.51
C VAL A 42 -9.13 -10.09 -2.44
N PRO A 43 -8.75 -11.39 -2.33
CA PRO A 43 -9.38 -12.28 -1.36
C PRO A 43 -8.87 -11.97 0.05
N LEU A 44 -9.76 -12.19 1.02
CA LEU A 44 -9.42 -11.95 2.41
C LEU A 44 -8.69 -13.16 2.97
N GLU A 45 -8.75 -14.25 2.22
CA GLU A 45 -8.10 -15.48 2.63
C GLU A 45 -6.59 -15.26 2.79
N PRO A 46 -5.96 -14.77 1.69
CA PRO A 46 -4.52 -14.52 1.71
C PRO A 46 -4.22 -13.24 2.49
N ILE A 47 -4.98 -12.20 2.20
CA ILE A 47 -4.79 -10.92 2.87
C ILE A 47 -4.57 -11.15 4.37
N LYS A 48 -5.51 -11.86 4.96
CA LYS A 48 -5.43 -12.17 6.39
C LYS A 48 -4.02 -12.64 6.72
N ASN A 49 -3.37 -13.22 5.72
CA ASN A 49 -2.01 -13.71 5.90
C ASN A 49 -1.04 -12.53 5.94
N ILE A 50 -1.27 -11.58 5.05
CA ILE A 50 -0.43 -10.40 5.00
C ILE A 50 -0.92 -9.38 6.03
N ILE A 51 -1.84 -9.81 6.86
CA ILE A 51 -2.39 -8.95 7.89
C ILE A 51 -1.74 -9.29 9.23
N GLU A 52 -1.26 -10.52 9.33
CA GLU A 52 -0.62 -10.98 10.55
C GLU A 52 0.87 -10.60 10.53
N ILE A 53 1.21 -9.72 9.61
CA ILE A 53 2.59 -9.27 9.48
C ILE A 53 2.78 -7.99 10.28
N THR A 54 1.66 -7.33 10.56
CA THR A 54 1.68 -6.09 11.32
C THR A 54 0.98 -6.28 12.67
N LYS A 55 0.90 -7.53 13.10
CA LYS A 55 0.25 -7.85 14.36
C LYS A 55 1.15 -7.38 15.51
N ASP A 56 2.23 -8.11 15.72
CA ASP A 56 3.16 -7.78 16.78
C ASP A 56 3.44 -6.27 16.76
N GLU A 57 3.69 -5.73 17.94
CA GLU A 57 3.96 -4.32 18.08
C GLU A 57 5.31 -3.97 17.44
N ASN A 58 6.21 -4.95 17.46
CA ASN A 58 7.53 -4.77 16.89
C ASN A 58 7.41 -4.61 15.37
N GLN A 59 6.42 -5.29 14.81
CA GLN A 59 6.18 -5.21 13.38
C GLN A 59 5.59 -3.86 13.01
N GLN A 60 4.46 -3.55 13.62
CA GLN A 60 3.79 -2.28 13.36
C GLN A 60 4.80 -1.13 13.38
N ILE A 61 5.69 -1.19 14.36
CA ILE A 61 6.70 -0.15 14.51
C ILE A 61 7.63 -0.18 13.30
N GLU A 62 8.45 -1.22 13.24
CA GLU A 62 9.39 -1.38 12.14
C GLU A 62 8.69 -1.12 10.81
N ILE A 63 7.38 -1.33 10.82
CA ILE A 63 6.58 -1.14 9.61
C ILE A 63 6.35 0.36 9.40
N THR A 64 6.04 1.04 10.50
CA THR A 64 5.79 2.47 10.45
C THR A 64 6.94 3.18 9.72
N LYS A 65 8.12 3.09 10.32
CA LYS A 65 9.29 3.72 9.74
C LYS A 65 9.51 3.18 8.32
N ILE A 66 9.22 1.90 8.16
CA ILE A 66 9.38 1.26 6.87
C ILE A 66 8.48 1.95 5.84
N ALA A 67 7.27 2.26 6.27
CA ALA A 67 6.32 2.93 5.40
C ALA A 67 6.92 4.25 4.91
N VAL A 68 7.56 4.95 5.83
CA VAL A 68 8.19 6.23 5.50
C VAL A 68 9.23 6.01 4.41
N ASN A 69 9.94 4.90 4.54
CA ASN A 69 10.98 4.57 3.56
C ASN A 69 10.40 4.67 2.15
N ASN A 70 9.08 4.56 2.08
CA ASN A 70 8.40 4.65 0.79
C ASN A 70 7.96 6.09 0.55
N ILE A 71 7.49 6.72 1.61
CA ILE A 71 7.03 8.10 1.52
C ILE A 71 8.23 9.00 1.24
N LYS A 72 9.25 8.85 2.06
CA LYS A 72 10.46 9.65 1.91
C LYS A 72 11.00 9.49 0.48
N THR A 73 11.04 8.24 0.04
CA THR A 73 11.52 7.94 -1.30
C THR A 73 10.59 8.52 -2.36
N LEU A 74 9.30 8.46 -2.05
CA LEU A 74 8.29 8.96 -2.96
C LEU A 74 8.66 10.38 -3.39
N SER A 75 9.29 11.10 -2.47
CA SER A 75 9.71 12.47 -2.73
C SER A 75 10.84 12.47 -3.75
N SER A 76 10.54 11.96 -4.94
CA SER A 76 11.52 11.91 -6.02
C SER A 76 10.84 11.53 -7.33
N VAL A 77 9.91 10.60 -7.23
CA VAL A 77 9.18 10.13 -8.40
C VAL A 77 8.91 11.32 -9.33
N GLY A 78 9.25 11.13 -10.58
CA GLY A 78 9.05 12.17 -11.58
C GLY A 78 10.10 13.27 -11.43
N ALA A 79 9.78 14.43 -12.02
CA ALA A 79 10.69 15.56 -11.95
C ALA A 79 10.38 16.38 -10.71
N THR A 80 9.11 16.72 -10.55
CA THR A 80 8.67 17.50 -9.40
C THR A 80 7.51 16.80 -8.69
N GLY A 81 7.72 15.53 -8.39
CA GLY A 81 6.70 14.74 -7.72
C GLY A 81 5.32 14.97 -8.34
N GLN A 82 5.13 14.36 -9.50
CA GLN A 82 3.87 14.49 -10.21
C GLN A 82 2.91 13.36 -9.81
N TYR A 83 3.01 12.26 -10.54
CA TYR A 83 2.17 11.11 -10.26
C TYR A 83 2.99 9.93 -9.75
N MET A 84 2.48 9.31 -8.69
CA MET A 84 3.16 8.17 -8.10
C MET A 84 2.94 6.91 -8.93
N ALA A 85 1.87 6.91 -9.70
CA ALA A 85 1.54 5.77 -10.55
C ALA A 85 2.67 5.57 -11.57
N SER A 86 3.13 6.68 -12.11
CA SER A 86 4.21 6.63 -13.10
C SER A 86 5.20 5.53 -12.73
N PHE A 87 5.34 5.31 -11.44
CA PHE A 87 6.27 4.30 -10.94
C PHE A 87 5.60 2.92 -10.94
N PHE A 88 5.63 2.28 -9.77
CA PHE A 88 5.04 0.97 -9.63
C PHE A 88 5.53 0.02 -10.72
N SER A 89 4.86 0.08 -11.86
CA SER A 89 5.22 -0.76 -12.99
C SER A 89 6.74 -0.90 -13.08
N THR A 90 7.42 0.24 -12.93
CA THR A 90 8.87 0.26 -12.99
C THR A 90 9.46 -0.60 -11.87
N ASN A 91 8.94 -0.39 -10.67
CA ASN A 91 9.41 -1.13 -9.51
C ASN A 91 8.21 -1.64 -8.72
N SER A 92 7.89 -2.91 -8.94
CA SER A 92 6.76 -3.53 -8.26
C SER A 92 7.18 -3.98 -6.86
N GLU A 93 8.40 -4.49 -6.79
CA GLU A 93 8.94 -4.97 -5.52
C GLU A 93 8.50 -4.05 -4.38
N PRO A 94 8.75 -2.73 -4.58
CA PRO A 94 8.39 -1.74 -3.58
C PRO A 94 6.88 -1.49 -3.58
N ALA A 95 6.36 -1.23 -4.77
CA ALA A 95 4.94 -0.97 -4.93
C ALA A 95 4.15 -2.08 -4.25
N ILE A 96 4.78 -3.24 -4.14
CA ILE A 96 4.14 -4.39 -3.52
C ILE A 96 4.13 -4.20 -2.00
N ILE A 97 5.32 -4.04 -1.45
CA ILE A 97 5.47 -3.86 -0.01
C ILE A 97 4.64 -2.64 0.42
N PHE A 98 4.70 -1.59 -0.40
CA PHE A 98 3.98 -0.37 -0.12
C PHE A 98 2.47 -0.62 -0.12
N CYS A 99 1.97 -1.07 -1.26
CA CYS A 99 0.55 -1.35 -1.40
C CYS A 99 0.07 -2.05 -0.13
N VAL A 100 0.71 -3.17 0.17
CA VAL A 100 0.36 -3.93 1.36
C VAL A 100 0.21 -2.98 2.55
N ILE A 101 1.17 -2.08 2.67
CA ILE A 101 1.15 -1.11 3.75
C ILE A 101 -0.05 -0.18 3.58
N TYR A 102 -0.27 0.24 2.34
CA TYR A 102 -1.38 1.14 2.03
C TYR A 102 -2.71 0.44 2.30
N PHE A 103 -2.90 -0.69 1.64
CA PHE A 103 -4.13 -1.45 1.80
C PHE A 103 -4.48 -1.63 3.28
N LEU A 104 -3.45 -1.85 4.07
CA LEU A 104 -3.64 -2.04 5.50
C LEU A 104 -4.09 -0.73 6.13
N TYR A 105 -3.13 0.18 6.27
CA TYR A 105 -3.41 1.48 6.86
C TYR A 105 -4.80 1.98 6.44
N HIS A 106 -5.13 1.76 5.18
CA HIS A 106 -6.42 2.18 4.65
C HIS A 106 -7.53 1.55 5.49
N PHE A 107 -7.44 0.24 5.65
CA PHE A 107 -8.44 -0.49 6.41
C PHE A 107 -7.99 -1.93 6.66
N GLY A 108 -6.95 -2.06 7.46
CA GLY A 108 -6.42 -3.38 7.79
C GLY A 108 -6.10 -3.49 9.28
N PHE A 109 -4.81 -3.52 9.58
CA PHE A 109 -4.38 -3.62 10.97
C PHE A 109 -3.34 -2.54 11.30
N LEU A 110 -2.48 -2.27 10.32
CA LEU A 110 -1.45 -1.27 10.50
C LEU A 110 -2.07 0.01 11.08
N LYS A 111 -1.26 0.72 11.84
CA LYS A 111 -1.71 1.96 12.46
C LYS A 111 -0.51 2.87 12.70
N ASP A 112 -0.78 4.17 12.66
CA ASP A 112 0.27 5.15 12.88
C ASP A 112 -0.34 6.40 13.54
N ASN A 113 -0.78 6.22 14.77
CA ASN A 113 -1.37 7.31 15.52
C ASN A 113 -2.59 7.84 14.77
N ASN A 114 -3.15 8.92 15.28
CA ASN A 114 -4.32 9.53 14.66
C ASN A 114 -4.58 10.89 15.31
N LYS A 115 -4.06 11.93 14.68
CA LYS A 115 -4.24 13.28 15.18
C LYS A 115 -3.74 14.28 14.15
N LYS A 116 -2.46 14.18 13.84
CA LYS A 116 -1.85 15.07 12.85
C LYS A 116 -1.41 14.25 11.64
N GLN A 117 -0.70 14.93 10.75
CA GLN A 117 -0.21 14.28 9.54
C GLN A 117 0.71 13.10 9.90
N ILE A 118 0.40 11.95 9.31
CA ILE A 118 1.18 10.76 9.56
C ILE A 118 1.33 9.97 8.25
N ILE A 119 1.62 8.69 8.40
CA ILE A 119 1.79 7.82 7.26
C ILE A 119 0.46 7.70 6.52
N LYS A 120 -0.45 6.95 7.12
CA LYS A 120 -1.76 6.74 6.53
C LYS A 120 -2.23 8.04 5.86
N LYS A 121 -1.82 9.15 6.46
CA LYS A 121 -2.19 10.45 5.93
C LYS A 121 -1.50 10.66 4.58
N ALA A 122 -0.18 10.67 4.62
CA ALA A 122 0.61 10.87 3.42
C ALA A 122 0.19 9.82 2.37
N TYR A 123 0.39 8.56 2.73
CA TYR A 123 0.05 7.47 1.84
C TYR A 123 -1.23 7.78 1.06
N GLU A 124 -2.21 8.32 1.77
CA GLU A 124 -3.48 8.67 1.16
C GLU A 124 -3.33 9.92 0.30
N THR A 125 -2.60 10.89 0.84
CA THR A 125 -2.37 12.14 0.13
C THR A 125 -2.02 11.87 -1.33
N ILE A 126 -1.40 10.72 -1.55
CA ILE A 126 -1.01 10.32 -2.89
C ILE A 126 -2.12 9.47 -3.52
N ALA A 127 -2.35 8.32 -2.90
CA ALA A 127 -3.38 7.41 -3.39
C ALA A 127 -4.60 8.21 -3.83
N ASP A 128 -4.78 9.35 -3.18
CA ASP A 128 -5.91 10.21 -3.49
C ASP A 128 -5.51 11.17 -4.61
N ASN A 129 -4.47 11.94 -4.34
CA ASN A 129 -3.98 12.91 -5.31
C ASN A 129 -3.83 12.22 -6.68
N ILE A 130 -3.24 11.03 -6.65
CA ILE A 130 -3.03 10.27 -7.86
C ILE A 130 -4.38 10.05 -8.56
N ALA A 131 -5.44 10.03 -7.75
CA ALA A 131 -6.77 9.84 -8.28
C ALA A 131 -7.24 11.11 -8.97
N ASP A 132 -6.39 12.12 -8.91
CA ASP A 132 -6.70 13.40 -9.53
C ASP A 132 -6.26 13.38 -10.99
N TYR A 133 -5.27 12.54 -11.26
CA TYR A 133 -4.75 12.40 -12.61
C TYR A 133 -5.40 11.22 -13.34
N LEU A 134 -5.88 10.28 -12.55
CA LEU A 134 -6.53 9.10 -13.10
C LEU A 134 -7.81 9.52 -13.82
N ASN A 135 -8.78 9.95 -13.03
CA ASN A 135 -10.06 10.38 -13.58
C ASN A 135 -10.62 11.51 -12.72
N GLU A 136 -10.82 11.21 -11.44
CA GLU A 136 -11.35 12.18 -10.50
C GLU A 136 -12.82 12.46 -10.81
N ASN A 137 -13.67 11.59 -10.27
CA ASN A 137 -15.11 11.73 -10.47
C ASN A 137 -15.44 11.55 -11.95
N MET A 1 16.27 -19.20 -11.40
CA MET A 1 15.50 -17.96 -11.50
C MET A 1 14.58 -17.80 -10.29
N GLU A 2 15.00 -18.38 -9.19
CA GLU A 2 14.22 -18.32 -7.96
C GLU A 2 14.39 -16.94 -7.29
N GLN A 3 15.51 -16.80 -6.61
CA GLN A 3 15.81 -15.55 -5.93
C GLN A 3 14.62 -15.10 -5.09
N ASN A 4 14.12 -16.03 -4.29
CA ASN A 4 12.98 -15.74 -3.43
C ASN A 4 13.46 -15.47 -2.01
N ASN A 5 12.51 -15.26 -1.12
CA ASN A 5 12.83 -14.99 0.27
C ASN A 5 11.62 -14.36 0.96
N ILE A 6 11.87 -13.79 2.13
CA ILE A 6 10.81 -13.16 2.89
C ILE A 6 10.03 -12.19 1.98
N LYS A 7 10.79 -11.44 1.21
CA LYS A 7 10.20 -10.48 0.29
C LYS A 7 9.28 -11.21 -0.69
N GLU A 8 9.75 -12.37 -1.14
CA GLU A 8 8.99 -13.17 -2.08
C GLU A 8 7.73 -13.71 -1.41
N GLN A 9 7.83 -13.91 -0.11
CA GLN A 9 6.70 -14.41 0.66
C GLN A 9 5.61 -13.35 0.77
N LEU A 10 6.03 -12.10 0.67
CA LEU A 10 5.10 -10.99 0.75
C LEU A 10 4.28 -10.91 -0.52
N ILE A 11 4.97 -11.05 -1.66
CA ILE A 11 4.31 -11.01 -2.95
C ILE A 11 3.28 -12.13 -3.03
N SER A 12 3.78 -13.36 -3.03
CA SER A 12 2.91 -14.52 -3.10
C SER A 12 1.62 -14.27 -2.32
N PHE A 13 1.80 -13.80 -1.10
CA PHE A 13 0.67 -13.52 -0.22
C PHE A 13 -0.27 -12.50 -0.88
N PHE A 14 0.01 -11.23 -0.63
CA PHE A 14 -0.80 -10.16 -1.18
C PHE A 14 -1.15 -10.44 -2.64
N ASN A 15 -0.19 -11.02 -3.35
CA ASN A 15 -0.39 -11.35 -4.75
C ASN A 15 -1.68 -12.15 -4.91
N GLN A 16 -1.93 -13.01 -3.93
CA GLN A 16 -3.12 -13.84 -3.95
C GLN A 16 -4.36 -12.99 -3.69
N ALA A 17 -4.13 -11.72 -3.40
CA ALA A 17 -5.21 -10.80 -3.14
C ALA A 17 -5.37 -9.83 -4.32
N CYS A 18 -4.48 -8.86 -4.37
CA CYS A 18 -4.50 -7.88 -5.44
C CYS A 18 -3.09 -7.78 -6.03
N SER A 19 -2.90 -8.49 -7.13
CA SER A 19 -1.61 -8.50 -7.80
C SER A 19 -1.65 -7.57 -9.02
N THR A 20 -2.60 -7.85 -9.90
CA THR A 20 -2.76 -7.05 -11.11
C THR A 20 -2.52 -5.57 -10.80
N HIS A 21 -2.08 -4.84 -11.82
CA HIS A 21 -1.82 -3.43 -11.68
C HIS A 21 -3.14 -2.67 -11.55
N GLN A 22 -3.91 -2.71 -12.63
CA GLN A 22 -5.20 -2.03 -12.65
C GLN A 22 -5.89 -2.17 -11.30
N GLU A 23 -5.87 -3.39 -10.78
CA GLU A 23 -6.49 -3.66 -9.48
C GLU A 23 -6.01 -2.66 -8.44
N ARG A 24 -4.69 -2.48 -8.40
CA ARG A 24 -4.09 -1.56 -7.45
C ARG A 24 -4.79 -0.20 -7.52
N LEU A 25 -4.68 0.44 -8.68
CA LEU A 25 -5.29 1.73 -8.88
C LEU A 25 -6.78 1.65 -8.54
N ASP A 26 -7.29 0.42 -8.57
CA ASP A 26 -8.70 0.19 -8.27
C ASP A 26 -8.91 0.26 -6.76
N PHE A 27 -7.86 -0.10 -6.02
CA PHE A 27 -7.92 -0.09 -4.57
C PHE A 27 -7.86 1.34 -4.04
N ILE A 28 -6.72 1.98 -4.25
CA ILE A 28 -6.52 3.34 -3.79
C ILE A 28 -7.85 4.10 -3.91
N CYS A 29 -8.59 3.80 -4.96
CA CYS A 29 -9.87 4.44 -5.19
C CYS A 29 -10.92 3.77 -4.30
N SER A 30 -11.08 2.46 -4.52
CA SER A 30 -12.03 1.69 -3.75
C SER A 30 -11.94 2.07 -2.26
N THR A 31 -10.73 1.95 -1.74
CA THR A 31 -10.49 2.27 -0.35
C THR A 31 -11.35 3.46 0.09
N ARG A 32 -11.36 4.48 -0.76
CA ARG A 32 -12.14 5.67 -0.48
C ARG A 32 -13.20 5.89 -1.57
N GLU A 33 -13.68 4.78 -2.10
CA GLU A 33 -14.69 4.82 -3.14
C GLU A 33 -15.25 3.43 -3.40
N SER A 34 -15.40 2.68 -2.32
CA SER A 34 -15.93 1.32 -2.42
C SER A 34 -17.31 1.25 -1.76
N ASP A 35 -17.31 0.87 -0.49
CA ASP A 35 -18.55 0.76 0.26
C ASP A 35 -18.23 0.56 1.74
N THR A 36 -17.40 -0.45 2.01
CA THR A 36 -17.01 -0.76 3.37
C THR A 36 -15.48 -0.67 3.51
N PHE A 37 -14.98 -1.38 4.51
CA PHE A 37 -13.55 -1.40 4.76
C PHE A 37 -13.05 -2.83 4.98
N SER A 38 -13.94 -3.78 4.79
CA SER A 38 -13.61 -5.18 4.96
C SER A 38 -14.22 -6.01 3.83
N SER A 39 -14.44 -5.34 2.70
CA SER A 39 -15.02 -6.00 1.54
C SER A 39 -14.48 -5.35 0.26
N VAL A 40 -13.38 -4.63 0.40
CA VAL A 40 -12.76 -3.96 -0.72
C VAL A 40 -12.42 -4.99 -1.80
N ASP A 41 -12.15 -4.49 -3.00
CA ASP A 41 -11.81 -5.36 -4.11
C ASP A 41 -10.91 -6.50 -3.62
N VAL A 42 -9.81 -6.12 -2.98
CA VAL A 42 -8.88 -7.10 -2.46
C VAL A 42 -9.59 -7.99 -1.45
N PRO A 43 -9.37 -9.32 -1.61
CA PRO A 43 -9.98 -10.30 -0.73
C PRO A 43 -9.30 -10.31 0.64
N LEU A 44 -10.08 -10.61 1.66
CA LEU A 44 -9.57 -10.66 3.01
C LEU A 44 -8.89 -12.02 3.25
N GLU A 45 -9.45 -13.04 2.61
CA GLU A 45 -8.92 -14.38 2.74
C GLU A 45 -7.38 -14.35 2.72
N PRO A 46 -6.84 -13.80 1.60
CA PRO A 46 -5.40 -13.71 1.44
C PRO A 46 -4.82 -12.59 2.30
N ILE A 47 -5.44 -11.42 2.19
CA ILE A 47 -5.00 -10.26 2.96
C ILE A 47 -4.77 -10.68 4.42
N LYS A 48 -5.81 -11.25 5.00
CA LYS A 48 -5.75 -11.70 6.38
C LYS A 48 -4.44 -12.48 6.59
N ASN A 49 -3.92 -13.01 5.50
CA ASN A 49 -2.69 -13.78 5.55
C ASN A 49 -1.51 -12.82 5.67
N ILE A 50 -1.57 -11.76 4.87
CA ILE A 50 -0.51 -10.75 4.88
C ILE A 50 -0.59 -9.94 6.16
N ILE A 51 -1.80 -9.82 6.69
CA ILE A 51 -2.02 -9.07 7.91
C ILE A 51 -1.12 -9.62 9.01
N GLU A 52 -0.77 -10.90 8.87
CA GLU A 52 0.08 -11.55 9.84
C GLU A 52 1.47 -10.90 9.85
N ILE A 53 1.70 -10.06 8.85
CA ILE A 53 2.98 -9.37 8.73
C ILE A 53 3.16 -8.45 9.93
N THR A 54 2.07 -7.81 10.32
CA THR A 54 2.10 -6.90 11.45
C THR A 54 1.43 -7.53 12.67
N LYS A 55 1.39 -8.85 12.65
CA LYS A 55 0.79 -9.60 13.75
C LYS A 55 1.35 -9.09 15.08
N ASP A 56 2.67 -9.07 15.16
CA ASP A 56 3.35 -8.61 16.36
C ASP A 56 3.10 -7.11 16.53
N GLU A 57 3.44 -6.62 17.72
CA GLU A 57 3.26 -5.21 18.02
C GLU A 57 4.50 -4.42 17.59
N ASN A 58 5.66 -4.89 18.03
CA ASN A 58 6.91 -4.24 17.70
C ASN A 58 6.97 -3.97 16.19
N GLN A 59 6.22 -4.80 15.45
CA GLN A 59 6.18 -4.67 14.01
C GLN A 59 5.45 -3.38 13.62
N GLN A 60 4.26 -3.22 14.18
CA GLN A 60 3.45 -2.04 13.89
C GLN A 60 4.29 -0.77 14.05
N ILE A 61 5.05 -0.73 15.14
CA ILE A 61 5.91 0.41 15.41
C ILE A 61 6.96 0.54 14.32
N GLU A 62 7.80 -0.47 14.22
CA GLU A 62 8.85 -0.49 13.22
C GLU A 62 8.26 -0.25 11.83
N ILE A 63 7.01 -0.63 11.69
CA ILE A 63 6.31 -0.46 10.42
C ILE A 63 6.12 1.02 10.14
N THR A 64 5.59 1.72 11.15
CA THR A 64 5.34 3.15 11.02
C THR A 64 6.59 3.85 10.46
N LYS A 65 7.70 3.64 11.15
CA LYS A 65 8.96 4.25 10.74
C LYS A 65 9.36 3.70 9.37
N ILE A 66 9.12 2.42 9.18
CA ILE A 66 9.45 1.76 7.92
C ILE A 66 8.71 2.47 6.77
N ALA A 67 7.43 2.73 7.01
CA ALA A 67 6.61 3.40 6.02
C ALA A 67 7.29 4.71 5.60
N VAL A 68 7.70 5.47 6.61
CA VAL A 68 8.35 6.74 6.37
C VAL A 68 9.53 6.53 5.41
N ASN A 69 10.37 5.55 5.75
CA ASN A 69 11.52 5.25 4.93
C ASN A 69 11.17 5.42 3.45
N ASN A 70 10.11 4.74 3.05
CA ASN A 70 9.65 4.81 1.68
C ASN A 70 8.83 6.10 1.48
N ILE A 71 7.80 6.22 2.30
CA ILE A 71 6.93 7.40 2.22
C ILE A 71 7.78 8.63 1.96
N LYS A 72 8.67 8.93 2.90
CA LYS A 72 9.54 10.08 2.79
C LYS A 72 10.12 10.13 1.37
N THR A 73 10.51 8.98 0.88
CA THR A 73 11.08 8.88 -0.46
C THR A 73 9.99 9.12 -1.51
N LEU A 74 8.80 8.67 -1.19
CA LEU A 74 7.66 8.82 -2.09
C LEU A 74 7.53 10.29 -2.49
N SER A 75 8.12 11.15 -1.66
CA SER A 75 8.07 12.58 -1.91
C SER A 75 9.23 12.99 -2.81
N SER A 76 9.47 12.17 -3.83
CA SER A 76 10.55 12.44 -4.76
C SER A 76 10.45 11.49 -5.96
N VAL A 77 9.22 11.14 -6.29
CA VAL A 77 8.97 10.24 -7.41
C VAL A 77 8.83 11.06 -8.69
N GLY A 78 9.83 10.92 -9.55
CA GLY A 78 9.82 11.63 -10.81
C GLY A 78 9.80 13.15 -10.59
N ALA A 79 10.33 13.87 -11.56
CA ALA A 79 10.38 15.32 -11.48
C ALA A 79 9.06 15.90 -12.00
N THR A 80 8.88 15.78 -13.31
CA THR A 80 7.67 16.28 -13.94
C THR A 80 6.48 15.39 -13.60
N GLY A 81 5.75 15.82 -12.57
CA GLY A 81 4.59 15.07 -12.12
C GLY A 81 4.94 14.14 -10.96
N GLN A 82 4.37 12.94 -11.00
CA GLN A 82 4.61 11.96 -9.95
C GLN A 82 3.95 10.63 -10.32
N TYR A 83 2.64 10.63 -10.32
CA TYR A 83 1.88 9.43 -10.65
C TYR A 83 2.62 8.18 -10.20
N MET A 84 2.43 7.84 -8.93
CA MET A 84 3.08 6.67 -8.36
C MET A 84 2.78 5.43 -9.19
N ALA A 85 1.57 5.37 -9.72
CA ALA A 85 1.17 4.25 -10.54
C ALA A 85 2.28 3.91 -11.53
N SER A 86 2.81 4.95 -12.15
CA SER A 86 3.89 4.77 -13.12
C SER A 86 5.13 4.22 -12.43
N PHE A 87 5.39 4.74 -11.23
CA PHE A 87 6.54 4.30 -10.46
C PHE A 87 6.25 2.99 -9.73
N PHE A 88 5.76 2.02 -10.50
CA PHE A 88 5.44 0.72 -9.94
C PHE A 88 5.84 -0.40 -10.91
N SER A 89 5.52 -0.18 -12.18
CA SER A 89 5.84 -1.16 -13.20
C SER A 89 7.29 -1.62 -13.05
N THR A 90 8.18 -0.64 -12.99
CA THR A 90 9.60 -0.94 -12.84
C THR A 90 9.94 -1.24 -11.38
N ASN A 91 9.27 -0.52 -10.49
CA ASN A 91 9.49 -0.69 -9.07
C ASN A 91 8.27 -1.37 -8.45
N SER A 92 8.19 -2.67 -8.65
CA SER A 92 7.08 -3.45 -8.12
C SER A 92 7.43 -3.96 -6.72
N GLU A 93 8.58 -4.61 -6.64
CA GLU A 93 9.04 -5.17 -5.38
C GLU A 93 8.89 -4.14 -4.26
N PRO A 94 9.37 -2.90 -4.55
CA PRO A 94 9.29 -1.81 -3.59
C PRO A 94 7.85 -1.28 -3.47
N ALA A 95 7.28 -0.97 -4.62
CA ALA A 95 5.93 -0.45 -4.67
C ALA A 95 4.98 -1.46 -4.01
N ILE A 96 5.46 -2.68 -3.88
CA ILE A 96 4.67 -3.74 -3.27
C ILE A 96 4.71 -3.59 -1.76
N ILE A 97 5.88 -3.80 -1.20
CA ILE A 97 6.07 -3.68 0.24
C ILE A 97 5.26 -2.49 0.77
N PHE A 98 5.32 -1.41 0.01
CA PHE A 98 4.61 -0.20 0.39
C PHE A 98 3.10 -0.40 0.25
N CYS A 99 2.71 -0.99 -0.87
CA CYS A 99 1.30 -1.25 -1.14
C CYS A 99 0.68 -1.86 0.11
N VAL A 100 1.29 -2.95 0.55
CA VAL A 100 0.80 -3.65 1.74
C VAL A 100 0.62 -2.64 2.88
N ILE A 101 1.67 -1.88 3.13
CA ILE A 101 1.65 -0.89 4.18
C ILE A 101 0.39 -0.03 4.04
N TYR A 102 0.35 0.72 2.94
CA TYR A 102 -0.79 1.59 2.66
C TYR A 102 -2.10 0.91 3.05
N PHE A 103 -2.21 -0.35 2.66
CA PHE A 103 -3.41 -1.13 2.96
C PHE A 103 -3.59 -1.28 4.47
N LEU A 104 -2.66 -2.00 5.08
CA LEU A 104 -2.72 -2.23 6.51
C LEU A 104 -3.19 -0.96 7.22
N TYR A 105 -2.86 0.17 6.60
CA TYR A 105 -3.23 1.46 7.15
C TYR A 105 -4.66 1.84 6.75
N HIS A 106 -4.94 1.66 5.46
CA HIS A 106 -6.27 1.97 4.94
C HIS A 106 -7.33 1.54 5.95
N PHE A 107 -7.36 0.24 6.20
CA PHE A 107 -8.33 -0.31 7.14
C PHE A 107 -7.95 -1.74 7.54
N GLY A 108 -6.65 -1.96 7.65
CA GLY A 108 -6.14 -3.27 8.03
C GLY A 108 -5.88 -3.34 9.53
N PHE A 109 -4.61 -3.34 9.89
CA PHE A 109 -4.21 -3.40 11.28
C PHE A 109 -3.31 -2.23 11.66
N LEU A 110 -2.49 -1.83 10.70
CA LEU A 110 -1.57 -0.72 10.91
C LEU A 110 -2.33 0.45 11.53
N LYS A 111 -1.70 1.07 12.50
CA LYS A 111 -2.30 2.21 13.19
C LYS A 111 -1.60 3.50 12.73
N ASP A 112 -2.41 4.49 12.42
CA ASP A 112 -1.89 5.77 11.97
C ASP A 112 -2.94 6.86 12.21
N ASN A 113 -2.84 7.48 13.38
CA ASN A 113 -3.77 8.54 13.74
C ASN A 113 -3.60 8.87 15.22
N ASN A 114 -2.50 9.55 15.53
CA ASN A 114 -2.20 9.94 16.89
C ASN A 114 -0.96 10.83 16.91
N LYS A 115 0.17 10.22 16.55
CA LYS A 115 1.43 10.95 16.53
C LYS A 115 2.03 10.85 15.12
N LYS A 116 2.44 9.63 14.77
CA LYS A 116 3.03 9.40 13.47
C LYS A 116 1.97 8.87 12.51
N GLN A 117 1.02 9.73 12.20
CA GLN A 117 -0.07 9.36 11.30
C GLN A 117 0.18 9.92 9.90
N ILE A 118 1.18 10.79 9.82
CA ILE A 118 1.53 11.40 8.55
C ILE A 118 1.63 10.32 7.48
N ILE A 119 1.89 9.10 7.93
CA ILE A 119 2.01 7.98 7.01
C ILE A 119 0.69 7.79 6.26
N LYS A 120 -0.39 8.20 6.92
CA LYS A 120 -1.71 8.09 6.32
C LYS A 120 -2.00 9.33 5.48
N LYS A 121 -1.39 10.44 5.90
CA LYS A 121 -1.57 11.69 5.20
C LYS A 121 -0.77 11.67 3.89
N ALA A 122 0.31 10.91 3.92
CA ALA A 122 1.16 10.79 2.75
C ALA A 122 0.54 9.80 1.76
N TYR A 123 0.48 8.54 2.18
CA TYR A 123 -0.09 7.50 1.34
C TYR A 123 -1.36 8.00 0.66
N GLU A 124 -2.13 8.79 1.39
CA GLU A 124 -3.38 9.34 0.86
C GLU A 124 -3.08 10.42 -0.18
N THR A 125 -2.07 11.22 0.11
CA THR A 125 -1.68 12.30 -0.78
C THR A 125 -1.39 11.75 -2.18
N ILE A 126 -0.99 10.49 -2.21
CA ILE A 126 -0.67 9.84 -3.46
C ILE A 126 -1.91 9.09 -3.97
N ALA A 127 -2.37 8.15 -3.16
CA ALA A 127 -3.54 7.37 -3.50
C ALA A 127 -4.62 8.29 -4.07
N ASP A 128 -4.57 9.54 -3.64
CA ASP A 128 -5.55 10.53 -4.09
C ASP A 128 -5.04 11.17 -5.38
N ASN A 129 -3.91 11.82 -5.29
CA ASN A 129 -3.31 12.47 -6.44
C ASN A 129 -3.29 11.50 -7.63
N ILE A 130 -2.87 10.28 -7.33
CA ILE A 130 -2.80 9.24 -8.34
C ILE A 130 -4.20 9.01 -8.94
N ALA A 131 -5.20 9.28 -8.11
CA ALA A 131 -6.57 9.11 -8.54
C ALA A 131 -7.06 10.40 -9.22
N ASP A 132 -6.14 11.35 -9.33
CA ASP A 132 -6.46 12.62 -9.96
C ASP A 132 -6.28 12.50 -11.48
N TYR A 133 -5.16 11.90 -11.87
CA TYR A 133 -4.85 11.72 -13.27
C TYR A 133 -5.42 10.39 -13.79
N LEU A 134 -6.13 9.71 -12.90
CA LEU A 134 -6.74 8.43 -13.24
C LEU A 134 -7.72 8.63 -14.40
N ASN A 135 -8.94 9.00 -14.04
CA ASN A 135 -9.98 9.23 -15.04
C ASN A 135 -11.28 9.60 -14.33
N GLU A 136 -11.29 10.79 -13.74
CA GLU A 136 -12.46 11.26 -13.04
C GLU A 136 -12.96 10.21 -12.06
N ASN A 137 -12.10 9.88 -11.10
CA ASN A 137 -12.43 8.88 -10.10
C ASN A 137 -11.23 8.66 -9.19
N MET A 1 17.38 -13.50 -7.13
CA MET A 1 16.60 -13.61 -8.35
C MET A 1 15.29 -12.82 -8.23
N GLU A 2 14.54 -13.14 -7.19
CA GLU A 2 13.27 -12.48 -6.96
C GLU A 2 12.87 -12.57 -5.48
N GLN A 3 13.39 -11.62 -4.70
CA GLN A 3 13.11 -11.60 -3.28
C GLN A 3 13.43 -12.95 -2.64
N ASN A 4 13.36 -12.98 -1.32
CA ASN A 4 13.64 -14.20 -0.58
C ASN A 4 13.44 -13.95 0.91
N ASN A 5 12.79 -14.91 1.56
CA ASN A 5 12.53 -14.81 2.98
C ASN A 5 11.25 -13.98 3.20
N ILE A 6 11.18 -13.36 4.37
CA ILE A 6 10.03 -12.55 4.72
C ILE A 6 9.56 -11.78 3.47
N LYS A 7 10.41 -10.87 3.02
CA LYS A 7 10.10 -10.07 1.86
C LYS A 7 9.36 -10.93 0.83
N GLU A 8 9.95 -12.08 0.54
CA GLU A 8 9.36 -13.00 -0.42
C GLU A 8 7.99 -13.48 0.08
N GLN A 9 7.98 -13.96 1.32
CA GLN A 9 6.76 -14.45 1.93
C GLN A 9 5.60 -13.49 1.63
N LEU A 10 5.92 -12.20 1.71
CA LEU A 10 4.92 -11.17 1.46
C LEU A 10 4.45 -11.26 0.02
N ILE A 11 5.38 -11.03 -0.90
CA ILE A 11 5.07 -11.09 -2.32
C ILE A 11 4.11 -12.26 -2.58
N SER A 12 4.60 -13.45 -2.27
CA SER A 12 3.80 -14.66 -2.47
C SER A 12 2.33 -14.38 -2.10
N PHE A 13 2.09 -14.35 -0.79
CA PHE A 13 0.75 -14.10 -0.29
C PHE A 13 0.01 -13.08 -1.17
N PHE A 14 0.50 -11.85 -1.14
CA PHE A 14 -0.09 -10.78 -1.92
C PHE A 14 -0.32 -11.23 -3.37
N ASN A 15 0.67 -11.94 -3.90
CA ASN A 15 0.60 -12.43 -5.27
C ASN A 15 -0.64 -13.31 -5.41
N GLN A 16 -0.84 -14.17 -4.42
CA GLN A 16 -1.98 -15.08 -4.44
C GLN A 16 -3.21 -14.39 -3.85
N ALA A 17 -3.43 -13.15 -4.28
CA ALA A 17 -4.56 -12.39 -3.81
C ALA A 17 -4.96 -11.35 -4.87
N CYS A 18 -4.17 -10.28 -4.94
CA CYS A 18 -4.42 -9.23 -5.91
C CYS A 18 -3.38 -9.33 -7.02
N SER A 19 -3.85 -9.74 -8.19
CA SER A 19 -2.96 -9.89 -9.34
C SER A 19 -3.14 -8.70 -10.28
N THR A 20 -4.39 -8.41 -10.59
CA THR A 20 -4.72 -7.31 -11.48
C THR A 20 -3.74 -6.16 -11.27
N HIS A 21 -3.58 -5.36 -12.32
CA HIS A 21 -2.67 -4.22 -12.25
C HIS A 21 -3.48 -2.95 -11.97
N GLN A 22 -4.03 -2.39 -13.04
CA GLN A 22 -4.82 -1.17 -12.92
C GLN A 22 -5.63 -1.19 -11.62
N GLU A 23 -6.03 -2.40 -11.23
CA GLU A 23 -6.81 -2.56 -10.01
C GLU A 23 -6.28 -1.65 -8.90
N ARG A 24 -4.97 -1.72 -8.71
CA ARG A 24 -4.31 -0.91 -7.69
C ARG A 24 -4.84 0.53 -7.74
N LEU A 25 -4.56 1.18 -8.86
CA LEU A 25 -5.01 2.56 -9.06
C LEU A 25 -6.49 2.67 -8.69
N ASP A 26 -7.17 1.54 -8.77
CA ASP A 26 -8.59 1.49 -8.45
C ASP A 26 -8.76 1.39 -6.93
N PHE A 27 -7.89 0.62 -6.31
CA PHE A 27 -7.93 0.42 -4.88
C PHE A 27 -7.77 1.75 -4.14
N ILE A 28 -6.62 2.38 -4.35
CA ILE A 28 -6.34 3.66 -3.72
C ILE A 28 -7.62 4.47 -3.62
N CYS A 29 -8.47 4.32 -4.63
CA CYS A 29 -9.73 5.03 -4.66
C CYS A 29 -10.79 4.15 -4.00
N SER A 30 -11.19 3.11 -4.71
CA SER A 30 -12.18 2.19 -4.20
C SER A 30 -12.00 2.00 -2.69
N THR A 31 -10.75 2.06 -2.27
CA THR A 31 -10.42 1.90 -0.86
C THR A 31 -10.74 3.18 -0.09
N ARG A 32 -11.92 3.72 -0.34
CA ARG A 32 -12.36 4.93 0.32
C ARG A 32 -13.76 5.33 -0.14
N GLU A 33 -14.03 5.05 -1.41
CA GLU A 33 -15.33 5.36 -1.98
C GLU A 33 -16.28 4.18 -1.82
N SER A 34 -15.97 3.34 -0.85
CA SER A 34 -16.79 2.16 -0.57
C SER A 34 -17.38 2.26 0.84
N ASP A 35 -16.76 1.53 1.75
CA ASP A 35 -17.22 1.51 3.13
C ASP A 35 -16.20 0.78 3.99
N THR A 36 -15.85 -0.43 3.55
CA THR A 36 -14.89 -1.24 4.28
C THR A 36 -13.76 -1.69 3.34
N PHE A 37 -13.28 -2.90 3.59
CA PHE A 37 -12.22 -3.47 2.79
C PHE A 37 -12.67 -4.75 2.08
N SER A 38 -13.42 -5.55 2.83
CA SER A 38 -13.93 -6.81 2.29
C SER A 38 -14.94 -6.53 1.18
N SER A 39 -15.30 -5.25 1.05
CA SER A 39 -16.25 -4.85 0.03
C SER A 39 -15.52 -4.53 -1.28
N VAL A 40 -14.25 -4.18 -1.14
CA VAL A 40 -13.43 -3.85 -2.29
C VAL A 40 -13.22 -5.11 -3.13
N ASP A 41 -11.98 -5.58 -3.13
CA ASP A 41 -11.63 -6.78 -3.88
C ASP A 41 -10.58 -7.58 -3.10
N VAL A 42 -9.83 -8.37 -3.84
CA VAL A 42 -8.79 -9.20 -3.23
C VAL A 42 -9.41 -10.07 -2.14
N PRO A 43 -8.96 -11.36 -2.11
CA PRO A 43 -9.46 -12.30 -1.13
C PRO A 43 -8.87 -12.01 0.26
N LEU A 44 -9.67 -12.27 1.28
CA LEU A 44 -9.24 -12.05 2.65
C LEU A 44 -8.43 -13.25 3.12
N GLU A 45 -8.54 -14.33 2.36
CA GLU A 45 -7.83 -15.56 2.69
C GLU A 45 -6.31 -15.29 2.75
N PRO A 46 -5.78 -14.81 1.60
CA PRO A 46 -4.36 -14.51 1.50
C PRO A 46 -4.02 -13.22 2.25
N ILE A 47 -4.87 -12.22 2.06
CA ILE A 47 -4.66 -10.94 2.71
C ILE A 47 -4.41 -11.16 4.21
N LYS A 48 -5.26 -11.97 4.80
CA LYS A 48 -5.14 -12.28 6.23
C LYS A 48 -3.72 -12.77 6.52
N ASN A 49 -3.06 -13.24 5.46
CA ASN A 49 -1.70 -13.74 5.58
C ASN A 49 -0.73 -12.56 5.63
N ILE A 50 -1.00 -11.57 4.78
CA ILE A 50 -0.16 -10.39 4.72
C ILE A 50 -0.57 -9.42 5.82
N ILE A 51 -1.55 -9.84 6.61
CA ILE A 51 -2.05 -9.03 7.70
C ILE A 51 -1.37 -9.45 9.01
N GLU A 52 -0.87 -10.67 9.00
CA GLU A 52 -0.19 -11.21 10.17
C GLU A 52 1.27 -10.76 10.19
N ILE A 53 1.48 -9.53 9.79
CA ILE A 53 2.82 -8.97 9.75
C ILE A 53 2.90 -7.79 10.73
N THR A 54 1.79 -7.07 10.84
CA THR A 54 1.72 -5.93 11.73
C THR A 54 1.09 -6.33 13.06
N LYS A 55 0.73 -7.59 13.14
CA LYS A 55 0.11 -8.12 14.36
C LYS A 55 1.01 -7.81 15.55
N ASP A 56 2.27 -8.20 15.42
CA ASP A 56 3.25 -7.96 16.47
C ASP A 56 3.30 -6.47 16.80
N GLU A 57 3.97 -6.16 17.90
CA GLU A 57 4.10 -4.78 18.32
C GLU A 57 5.28 -4.11 17.61
N ASN A 58 6.42 -4.77 17.67
CA ASN A 58 7.62 -4.26 17.03
C ASN A 58 7.35 -4.04 15.55
N GLN A 59 6.47 -4.87 15.01
CA GLN A 59 6.11 -4.77 13.60
C GLN A 59 5.46 -3.42 13.31
N GLN A 60 4.29 -3.22 13.91
CA GLN A 60 3.55 -1.99 13.72
C GLN A 60 4.52 -0.79 13.71
N ILE A 61 5.45 -0.83 14.64
CA ILE A 61 6.44 0.24 14.75
C ILE A 61 7.41 0.15 13.58
N GLU A 62 7.95 -1.04 13.38
CA GLU A 62 8.89 -1.27 12.31
C GLU A 62 8.26 -0.89 10.96
N ILE A 63 6.95 -1.01 10.91
CA ILE A 63 6.22 -0.68 9.69
C ILE A 63 6.14 0.84 9.54
N THR A 64 5.86 1.49 10.66
CA THR A 64 5.75 2.94 10.66
C THR A 64 6.93 3.56 9.93
N LYS A 65 8.13 3.28 10.43
CA LYS A 65 9.34 3.80 9.84
C LYS A 65 9.45 3.29 8.39
N ILE A 66 9.14 2.02 8.22
CA ILE A 66 9.20 1.40 6.91
C ILE A 66 8.35 2.22 5.93
N ALA A 67 7.09 2.39 6.29
CA ALA A 67 6.16 3.15 5.45
C ALA A 67 6.80 4.49 5.09
N VAL A 68 7.42 5.10 6.09
CA VAL A 68 8.07 6.39 5.90
C VAL A 68 9.25 6.22 4.96
N ASN A 69 9.89 5.06 5.05
CA ASN A 69 11.03 4.76 4.21
C ASN A 69 10.58 4.67 2.75
N ASN A 70 9.37 4.19 2.56
CA ASN A 70 8.81 4.05 1.23
C ASN A 70 8.10 5.35 0.84
N ILE A 71 7.81 6.16 1.85
CA ILE A 71 7.13 7.42 1.63
C ILE A 71 8.16 8.51 1.34
N LYS A 72 9.15 8.60 2.24
CA LYS A 72 10.20 9.59 2.10
C LYS A 72 10.72 9.57 0.65
N THR A 73 10.58 8.41 0.03
CA THR A 73 11.04 8.25 -1.34
C THR A 73 9.96 8.74 -2.32
N LEU A 74 8.71 8.50 -1.95
CA LEU A 74 7.59 8.92 -2.77
C LEU A 74 7.63 10.44 -2.95
N SER A 75 8.31 11.09 -2.03
CA SER A 75 8.42 12.54 -2.07
C SER A 75 9.43 12.95 -3.15
N SER A 76 10.01 11.94 -3.79
CA SER A 76 10.98 12.18 -4.84
C SER A 76 10.83 11.13 -5.94
N VAL A 77 9.65 11.12 -6.54
CA VAL A 77 9.36 10.16 -7.61
C VAL A 77 9.62 10.83 -8.95
N GLY A 78 10.61 10.30 -9.66
CA GLY A 78 10.98 10.84 -10.96
C GLY A 78 11.32 12.32 -10.87
N ALA A 79 11.13 13.01 -11.99
CA ALA A 79 11.42 14.43 -12.05
C ALA A 79 10.53 15.08 -13.11
N THR A 80 10.48 14.45 -14.26
CA THR A 80 9.67 14.95 -15.37
C THR A 80 8.46 14.04 -15.59
N GLY A 81 7.46 14.20 -14.74
CA GLY A 81 6.25 13.41 -14.84
C GLY A 81 6.51 11.96 -14.44
N GLN A 82 5.82 11.53 -13.39
CA GLN A 82 5.97 10.17 -12.90
C GLN A 82 5.18 9.99 -11.60
N TYR A 83 3.88 9.74 -11.77
CA TYR A 83 3.01 9.55 -10.63
C TYR A 83 3.41 8.30 -9.84
N MET A 84 2.91 8.23 -8.61
CA MET A 84 3.20 7.10 -7.75
C MET A 84 2.75 5.79 -8.38
N ALA A 85 1.91 5.91 -9.40
CA ALA A 85 1.40 4.75 -10.10
C ALA A 85 2.53 4.10 -10.90
N SER A 86 3.17 4.93 -11.72
CA SER A 86 4.26 4.46 -12.54
C SER A 86 5.42 3.98 -11.66
N PHE A 87 5.33 4.33 -10.38
CA PHE A 87 6.36 3.93 -9.43
C PHE A 87 6.04 2.57 -8.81
N PHE A 88 5.55 1.67 -9.65
CA PHE A 88 5.21 0.34 -9.21
C PHE A 88 5.65 -0.72 -10.23
N SER A 89 5.34 -0.44 -11.48
CA SER A 89 5.69 -1.35 -12.56
C SER A 89 7.21 -1.50 -12.64
N THR A 90 7.90 -0.44 -12.24
CA THR A 90 9.36 -0.44 -12.25
C THR A 90 9.90 -1.49 -11.28
N ASN A 91 9.63 -1.26 -10.00
CA ASN A 91 10.09 -2.17 -8.97
C ASN A 91 8.87 -2.73 -8.22
N SER A 92 8.79 -4.05 -8.19
CA SER A 92 7.69 -4.72 -7.52
C SER A 92 8.00 -4.87 -6.02
N GLU A 93 9.24 -5.26 -5.75
CA GLU A 93 9.67 -5.44 -4.38
C GLU A 93 9.06 -4.36 -3.48
N PRO A 94 9.26 -3.08 -3.89
CA PRO A 94 8.73 -1.96 -3.14
C PRO A 94 7.23 -1.82 -3.34
N ALA A 95 6.82 -1.87 -4.60
CA ALA A 95 5.41 -1.76 -4.93
C ALA A 95 4.60 -2.73 -4.06
N ILE A 96 5.28 -3.77 -3.61
CA ILE A 96 4.64 -4.77 -2.77
C ILE A 96 4.54 -4.24 -1.35
N ILE A 97 5.69 -3.94 -0.78
CA ILE A 97 5.74 -3.42 0.58
C ILE A 97 4.94 -2.12 0.66
N PHE A 98 4.83 -1.46 -0.48
CA PHE A 98 4.10 -0.20 -0.55
C PHE A 98 2.59 -0.46 -0.52
N CYS A 99 2.16 -1.36 -1.40
CA CYS A 99 0.75 -1.70 -1.48
C CYS A 99 0.33 -2.35 -0.16
N VAL A 100 0.98 -3.47 0.15
CA VAL A 100 0.68 -4.19 1.37
C VAL A 100 0.45 -3.19 2.51
N ILE A 101 1.41 -2.27 2.64
CA ILE A 101 1.33 -1.26 3.68
C ILE A 101 0.09 -0.40 3.45
N TYR A 102 0.09 0.31 2.34
CA TYR A 102 -1.04 1.17 1.99
C TYR A 102 -2.36 0.54 2.41
N PHE A 103 -2.62 -0.63 1.85
CA PHE A 103 -3.85 -1.35 2.15
C PHE A 103 -3.95 -1.65 3.65
N LEU A 104 -3.00 -2.43 4.14
CA LEU A 104 -2.97 -2.80 5.53
C LEU A 104 -3.74 -1.75 6.35
N TYR A 105 -3.37 -0.49 6.14
CA TYR A 105 -4.01 0.60 6.84
C TYR A 105 -5.50 0.68 6.49
N HIS A 106 -5.77 0.97 5.22
CA HIS A 106 -7.14 1.07 4.75
C HIS A 106 -7.52 -0.21 4.02
N PHE A 107 -7.24 -1.34 4.66
CA PHE A 107 -7.56 -2.63 4.09
C PHE A 107 -7.31 -3.75 5.10
N GLY A 108 -6.06 -3.87 5.51
CA GLY A 108 -5.67 -4.89 6.48
C GLY A 108 -5.94 -4.42 7.91
N PHE A 109 -4.85 -4.10 8.60
CA PHE A 109 -4.96 -3.64 9.98
C PHE A 109 -3.65 -3.00 10.44
N LEU A 110 -3.34 -1.86 9.84
CA LEU A 110 -2.12 -1.14 10.17
C LEU A 110 -2.46 0.01 11.12
N LYS A 111 -1.61 0.18 12.12
CA LYS A 111 -1.80 1.24 13.10
C LYS A 111 -0.64 2.23 13.02
N ASP A 112 -0.99 3.48 12.75
CA ASP A 112 0.01 4.53 12.64
C ASP A 112 -0.69 5.88 12.57
N ASN A 113 -1.47 6.17 13.61
CA ASN A 113 -2.18 7.43 13.68
C ASN A 113 -2.26 7.89 15.13
N ASN A 114 -1.33 8.76 15.49
CA ASN A 114 -1.29 9.29 16.84
C ASN A 114 -0.54 10.63 16.83
N LYS A 115 -0.70 11.36 15.73
CA LYS A 115 -0.05 12.65 15.59
C LYS A 115 -0.57 13.34 14.33
N LYS A 116 -0.59 14.67 14.38
CA LYS A 116 -1.06 15.44 13.25
C LYS A 116 -0.28 15.05 12.00
N GLN A 117 -1.02 14.76 10.94
CA GLN A 117 -0.41 14.35 9.69
C GLN A 117 0.54 13.18 9.91
N ILE A 118 0.04 11.99 9.59
CA ILE A 118 0.83 10.78 9.74
C ILE A 118 0.94 10.07 8.39
N ILE A 119 1.50 8.87 8.44
CA ILE A 119 1.67 8.08 7.23
C ILE A 119 0.37 8.12 6.42
N LYS A 120 -0.68 7.56 7.00
CA LYS A 120 -1.97 7.52 6.34
C LYS A 120 -2.17 8.81 5.54
N LYS A 121 -1.74 9.91 6.15
CA LYS A 121 -1.87 11.21 5.50
C LYS A 121 -1.15 11.18 4.14
N ALA A 122 0.14 10.87 4.20
CA ALA A 122 0.95 10.81 2.99
C ALA A 122 0.29 9.85 2.00
N TYR A 123 0.27 8.58 2.38
CA TYR A 123 -0.34 7.56 1.52
C TYR A 123 -1.69 8.02 0.99
N GLU A 124 -2.31 8.93 1.73
CA GLU A 124 -3.60 9.46 1.33
C GLU A 124 -3.43 10.64 0.37
N THR A 125 -2.39 11.41 0.62
CA THR A 125 -2.09 12.56 -0.22
C THR A 125 -1.67 12.12 -1.62
N ILE A 126 -1.26 10.87 -1.70
CA ILE A 126 -0.83 10.30 -2.97
C ILE A 126 -2.00 9.53 -3.60
N ALA A 127 -2.53 8.60 -2.83
CA ALA A 127 -3.64 7.79 -3.30
C ALA A 127 -4.74 8.70 -3.85
N ASP A 128 -4.76 9.93 -3.34
CA ASP A 128 -5.75 10.90 -3.77
C ASP A 128 -5.19 11.70 -4.95
N ASN A 129 -4.07 12.36 -4.70
CA ASN A 129 -3.41 13.16 -5.73
C ASN A 129 -3.28 12.32 -7.01
N ILE A 130 -2.97 11.05 -6.81
CA ILE A 130 -2.79 10.13 -7.92
C ILE A 130 -4.14 9.95 -8.64
N ALA A 131 -5.20 10.10 -7.86
CA ALA A 131 -6.54 9.95 -8.40
C ALA A 131 -6.98 11.27 -9.06
N ASP A 132 -6.04 12.20 -9.12
CA ASP A 132 -6.30 13.49 -9.72
C ASP A 132 -5.97 13.44 -11.21
N TYR A 133 -5.08 12.52 -11.55
CA TYR A 133 -4.67 12.35 -12.94
C TYR A 133 -5.38 11.15 -13.57
N LEU A 134 -6.02 10.35 -12.72
CA LEU A 134 -6.73 9.18 -13.19
C LEU A 134 -7.78 9.60 -14.23
N ASN A 135 -8.92 10.05 -13.72
CA ASN A 135 -10.00 10.49 -14.58
C ASN A 135 -10.55 9.28 -15.35
N GLU A 136 -11.46 8.57 -14.71
CA GLU A 136 -12.07 7.41 -15.32
C GLU A 136 -13.01 6.72 -14.33
N ASN A 137 -14.08 7.42 -13.98
CA ASN A 137 -15.06 6.90 -13.04
C ASN A 137 -14.35 6.49 -11.75
N MET A 1 8.74 -11.99 -9.76
CA MET A 1 9.40 -13.23 -9.39
C MET A 1 9.91 -13.16 -7.94
N GLU A 2 10.72 -14.15 -7.59
CA GLU A 2 11.28 -14.22 -6.26
C GLU A 2 12.76 -13.83 -6.28
N GLN A 3 13.27 -13.50 -5.10
CA GLN A 3 14.66 -13.11 -4.98
C GLN A 3 14.96 -12.61 -3.55
N ASN A 4 14.39 -13.33 -2.59
CA ASN A 4 14.57 -12.97 -1.20
C ASN A 4 13.95 -14.06 -0.32
N ASN A 5 13.80 -13.74 0.96
CA ASN A 5 13.22 -14.67 1.91
C ASN A 5 12.02 -14.01 2.59
N ILE A 6 12.32 -13.12 3.53
CA ILE A 6 11.27 -12.43 4.25
C ILE A 6 10.42 -11.62 3.27
N LYS A 7 11.04 -10.61 2.68
CA LYS A 7 10.35 -9.76 1.72
C LYS A 7 9.61 -10.65 0.72
N GLU A 8 10.30 -11.67 0.25
CA GLU A 8 9.73 -12.59 -0.72
C GLU A 8 8.49 -13.27 -0.13
N GLN A 9 8.64 -13.75 1.10
CA GLN A 9 7.54 -14.43 1.79
C GLN A 9 6.28 -13.57 1.73
N LEU A 10 6.48 -12.27 1.85
CA LEU A 10 5.37 -11.33 1.82
C LEU A 10 4.70 -11.40 0.44
N ILE A 11 5.53 -11.36 -0.59
CA ILE A 11 5.04 -11.41 -1.95
C ILE A 11 4.14 -12.65 -2.12
N SER A 12 4.73 -13.80 -1.89
CA SER A 12 4.00 -15.05 -2.01
C SER A 12 2.57 -14.87 -1.52
N PHE A 13 2.45 -14.46 -0.27
CA PHE A 13 1.16 -14.25 0.34
C PHE A 13 0.28 -13.35 -0.54
N PHE A 14 0.44 -12.05 -0.34
CA PHE A 14 -0.32 -11.08 -1.11
C PHE A 14 -0.46 -11.52 -2.56
N ASN A 15 0.65 -11.91 -3.15
CA ASN A 15 0.66 -12.36 -4.53
C ASN A 15 -0.56 -13.24 -4.78
N GLN A 16 -0.87 -14.07 -3.80
CA GLN A 16 -2.02 -14.95 -3.90
C GLN A 16 -3.30 -14.23 -3.47
N ALA A 17 -3.42 -12.99 -3.92
CA ALA A 17 -4.58 -12.19 -3.59
C ALA A 17 -4.81 -11.14 -4.68
N CYS A 18 -3.91 -10.17 -4.73
CA CYS A 18 -4.00 -9.11 -5.72
C CYS A 18 -2.58 -8.73 -6.13
N SER A 19 -2.11 -9.37 -7.19
CA SER A 19 -0.78 -9.11 -7.71
C SER A 19 -0.85 -8.12 -8.87
N THR A 20 -2.04 -8.03 -9.46
CA THR A 20 -2.25 -7.12 -10.57
C THR A 20 -1.59 -5.78 -10.30
N HIS A 21 -1.38 -5.03 -11.38
CA HIS A 21 -0.76 -3.72 -11.27
C HIS A 21 -1.84 -2.64 -11.31
N GLN A 22 -2.44 -2.49 -12.49
CA GLN A 22 -3.49 -1.50 -12.68
C GLN A 22 -4.42 -1.48 -11.47
N GLU A 23 -4.63 -2.66 -10.90
CA GLU A 23 -5.50 -2.80 -9.74
C GLU A 23 -5.14 -1.75 -8.69
N ARG A 24 -3.84 -1.49 -8.58
CA ARG A 24 -3.35 -0.51 -7.62
C ARG A 24 -4.02 0.85 -7.84
N LEU A 25 -4.05 1.26 -9.10
CA LEU A 25 -4.64 2.52 -9.47
C LEU A 25 -6.15 2.48 -9.17
N ASP A 26 -6.69 1.27 -9.25
CA ASP A 26 -8.11 1.07 -8.99
C ASP A 26 -8.33 0.87 -7.50
N PHE A 27 -7.23 0.60 -6.80
CA PHE A 27 -7.29 0.38 -5.37
C PHE A 27 -7.28 1.71 -4.61
N ILE A 28 -6.22 2.47 -4.83
CA ILE A 28 -6.07 3.76 -4.18
C ILE A 28 -7.43 4.46 -4.14
N CYS A 29 -8.24 4.16 -5.14
CA CYS A 29 -9.57 4.75 -5.22
C CYS A 29 -10.54 3.91 -4.38
N SER A 30 -10.81 2.71 -4.87
CA SER A 30 -11.70 1.80 -4.18
C SER A 30 -11.42 1.84 -2.67
N THR A 31 -10.13 1.82 -2.34
CA THR A 31 -9.72 1.86 -0.95
C THR A 31 -10.46 2.96 -0.20
N ARG A 32 -10.63 4.08 -0.88
CA ARG A 32 -11.31 5.22 -0.29
C ARG A 32 -12.79 5.22 -0.69
N GLU A 33 -13.28 4.03 -1.01
CA GLU A 33 -14.68 3.88 -1.41
C GLU A 33 -15.23 2.55 -0.89
N SER A 34 -15.15 2.38 0.42
CA SER A 34 -15.64 1.16 1.05
C SER A 34 -15.65 1.33 2.57
N ASP A 35 -16.78 1.81 3.07
CA ASP A 35 -16.93 2.02 4.50
C ASP A 35 -16.78 0.68 5.22
N THR A 36 -17.05 -0.39 4.49
CA THR A 36 -16.95 -1.73 5.05
C THR A 36 -15.53 -2.27 4.87
N PHE A 37 -14.83 -1.72 3.88
CA PHE A 37 -13.48 -2.14 3.59
C PHE A 37 -13.46 -3.48 2.86
N SER A 38 -14.23 -4.41 3.38
CA SER A 38 -14.31 -5.73 2.79
C SER A 38 -14.79 -5.63 1.33
N SER A 39 -15.35 -4.47 1.02
CA SER A 39 -15.84 -4.22 -0.33
C SER A 39 -14.67 -4.05 -1.30
N VAL A 40 -13.54 -3.64 -0.74
CA VAL A 40 -12.35 -3.43 -1.54
C VAL A 40 -12.01 -4.72 -2.30
N ASP A 41 -11.34 -4.55 -3.42
CA ASP A 41 -10.95 -5.69 -4.24
C ASP A 41 -10.08 -6.63 -3.42
N VAL A 42 -9.42 -7.55 -4.12
CA VAL A 42 -8.55 -8.51 -3.47
C VAL A 42 -9.33 -9.27 -2.40
N PRO A 43 -9.04 -10.59 -2.30
CA PRO A 43 -9.72 -11.43 -1.32
C PRO A 43 -9.19 -11.17 0.09
N LEU A 44 -10.07 -11.35 1.06
CA LEU A 44 -9.70 -11.13 2.44
C LEU A 44 -9.00 -12.39 2.98
N GLU A 45 -9.53 -13.54 2.59
CA GLU A 45 -8.97 -14.81 3.03
C GLU A 45 -7.45 -14.70 3.13
N PRO A 46 -6.82 -14.31 1.99
CA PRO A 46 -5.38 -14.17 1.93
C PRO A 46 -4.93 -12.89 2.66
N ILE A 47 -5.54 -11.79 2.28
CA ILE A 47 -5.22 -10.51 2.89
C ILE A 47 -5.23 -10.64 4.41
N LYS A 48 -6.17 -11.44 4.89
CA LYS A 48 -6.29 -11.68 6.32
C LYS A 48 -4.99 -12.30 6.85
N ASN A 49 -4.19 -12.80 5.92
CA ASN A 49 -2.93 -13.43 6.27
C ASN A 49 -1.84 -12.36 6.34
N ILE A 50 -1.90 -11.44 5.38
CA ILE A 50 -0.93 -10.36 5.31
C ILE A 50 -1.31 -9.27 6.31
N ILE A 51 -2.42 -9.51 7.00
CA ILE A 51 -2.90 -8.55 7.99
C ILE A 51 -2.27 -8.87 9.34
N GLU A 52 -1.86 -10.12 9.50
CA GLU A 52 -1.25 -10.56 10.74
C GLU A 52 0.21 -10.11 10.79
N ILE A 53 0.70 -9.67 9.64
CA ILE A 53 2.09 -9.22 9.54
C ILE A 53 2.31 -8.08 10.54
N THR A 54 1.28 -7.28 10.71
CA THR A 54 1.36 -6.15 11.61
C THR A 54 0.67 -6.48 12.94
N LYS A 55 0.54 -7.77 13.19
CA LYS A 55 -0.09 -8.25 14.41
C LYS A 55 0.79 -7.90 15.60
N ASP A 56 2.08 -8.21 15.45
CA ASP A 56 3.03 -7.93 16.51
C ASP A 56 3.38 -6.45 16.52
N GLU A 57 3.79 -5.97 17.67
CA GLU A 57 4.16 -4.57 17.83
C GLU A 57 5.51 -4.30 17.18
N ASN A 58 6.33 -5.34 17.13
CA ASN A 58 7.65 -5.23 16.54
C ASN A 58 7.52 -5.12 15.02
N GLN A 59 6.34 -5.47 14.54
CA GLN A 59 6.07 -5.41 13.10
C GLN A 59 5.55 -4.02 12.72
N GLN A 60 4.46 -3.64 13.34
CA GLN A 60 3.86 -2.34 13.07
C GLN A 60 4.93 -1.25 13.09
N ILE A 61 5.81 -1.35 14.08
CA ILE A 61 6.88 -0.38 14.22
C ILE A 61 7.74 -0.38 12.96
N GLU A 62 8.57 -1.41 12.85
CA GLU A 62 9.44 -1.55 11.71
C GLU A 62 8.71 -1.17 10.42
N ILE A 63 7.40 -1.40 10.43
CA ILE A 63 6.57 -1.10 9.28
C ILE A 63 6.42 0.42 9.17
N THR A 64 6.06 1.04 10.28
CA THR A 64 5.88 2.48 10.32
C THR A 64 7.02 3.18 9.57
N LYS A 65 8.22 2.99 10.09
CA LYS A 65 9.40 3.60 9.48
C LYS A 65 9.51 3.12 8.02
N ILE A 66 9.30 1.83 7.84
CA ILE A 66 9.37 1.25 6.51
C ILE A 66 8.48 2.06 5.55
N ALA A 67 7.26 2.32 6.00
CA ALA A 67 6.32 3.07 5.20
C ALA A 67 6.93 4.42 4.82
N VAL A 68 7.56 5.04 5.81
CA VAL A 68 8.19 6.33 5.60
C VAL A 68 9.40 6.15 4.68
N ASN A 69 10.12 5.06 4.90
CA ASN A 69 11.30 4.77 4.09
C ASN A 69 11.01 5.10 2.63
N ASN A 70 9.74 4.94 2.26
CA ASN A 70 9.33 5.21 0.90
C ASN A 70 8.68 6.60 0.83
N ILE A 71 7.75 6.82 1.76
CA ILE A 71 7.06 8.10 1.83
C ILE A 71 8.07 9.23 1.70
N LYS A 72 9.11 9.14 2.51
CA LYS A 72 10.16 10.15 2.51
C LYS A 72 10.73 10.29 1.10
N THR A 73 10.76 9.17 0.40
CA THR A 73 11.27 9.15 -0.97
C THR A 73 10.21 9.66 -1.94
N LEU A 74 8.97 9.37 -1.61
CA LEU A 74 7.85 9.78 -2.44
C LEU A 74 7.86 11.31 -2.57
N SER A 75 8.60 11.94 -1.67
CA SER A 75 8.68 13.39 -1.68
C SER A 75 9.86 13.83 -2.55
N SER A 76 10.05 13.11 -3.64
CA SER A 76 11.13 13.42 -4.56
C SER A 76 10.94 12.65 -5.87
N VAL A 77 9.68 12.44 -6.21
CA VAL A 77 9.34 11.72 -7.43
C VAL A 77 9.29 12.70 -8.60
N GLY A 78 10.47 13.02 -9.13
CA GLY A 78 10.57 13.95 -10.23
C GLY A 78 9.71 13.48 -11.42
N ALA A 79 9.92 14.14 -12.55
CA ALA A 79 9.18 13.80 -13.76
C ALA A 79 7.90 14.64 -13.81
N THR A 80 7.71 15.30 -14.93
CA THR A 80 6.54 16.14 -15.12
C THR A 80 5.29 15.44 -14.59
N GLY A 81 4.89 15.84 -13.40
CA GLY A 81 3.72 15.27 -12.75
C GLY A 81 4.11 14.37 -11.58
N GLN A 82 3.20 14.25 -10.63
CA GLN A 82 3.45 13.43 -9.46
C GLN A 82 2.53 12.21 -9.46
N TYR A 83 2.59 11.46 -10.55
CA TYR A 83 1.76 10.27 -10.69
C TYR A 83 2.46 9.05 -10.09
N MET A 84 2.35 8.93 -8.78
CA MET A 84 2.96 7.83 -8.07
C MET A 84 2.85 6.53 -8.88
N ALA A 85 1.75 6.42 -9.61
CA ALA A 85 1.51 5.25 -10.43
C ALA A 85 2.79 4.87 -11.17
N SER A 86 3.47 5.89 -11.66
CA SER A 86 4.71 5.68 -12.40
C SER A 86 5.70 4.89 -11.53
N PHE A 87 6.02 5.46 -10.38
CA PHE A 87 6.94 4.82 -9.46
C PHE A 87 6.27 3.65 -8.73
N PHE A 88 5.72 2.75 -9.52
CA PHE A 88 5.05 1.58 -8.97
C PHE A 88 5.05 0.42 -9.97
N SER A 89 4.71 0.75 -11.21
CA SER A 89 4.67 -0.25 -12.26
C SER A 89 6.07 -0.84 -12.48
N THR A 90 7.05 0.05 -12.50
CA THR A 90 8.42 -0.37 -12.70
C THR A 90 8.87 -1.29 -11.56
N ASN A 91 8.87 -0.74 -10.35
CA ASN A 91 9.28 -1.50 -9.19
C ASN A 91 8.04 -2.10 -8.51
N SER A 92 7.81 -3.37 -8.80
CA SER A 92 6.66 -4.07 -8.24
C SER A 92 7.02 -4.62 -6.87
N GLU A 93 8.23 -5.16 -6.76
CA GLU A 93 8.70 -5.72 -5.51
C GLU A 93 8.34 -4.79 -4.35
N PRO A 94 8.80 -3.52 -4.46
CA PRO A 94 8.53 -2.54 -3.43
C PRO A 94 7.08 -2.06 -3.48
N ALA A 95 6.65 -1.71 -4.69
CA ALA A 95 5.29 -1.24 -4.88
C ALA A 95 4.31 -2.27 -4.33
N ILE A 96 4.80 -3.50 -4.19
CA ILE A 96 3.98 -4.57 -3.66
C ILE A 96 3.90 -4.46 -2.14
N ILE A 97 5.05 -4.60 -1.50
CA ILE A 97 5.12 -4.52 -0.05
C ILE A 97 4.33 -3.30 0.42
N PHE A 98 4.48 -2.20 -0.31
CA PHE A 98 3.78 -0.97 0.02
C PHE A 98 2.27 -1.15 -0.11
N CYS A 99 1.88 -1.81 -1.19
CA CYS A 99 0.47 -2.06 -1.45
C CYS A 99 -0.17 -2.62 -0.17
N VAL A 100 0.59 -3.45 0.52
CA VAL A 100 0.13 -4.06 1.75
C VAL A 100 0.00 -2.98 2.83
N ILE A 101 1.02 -2.14 2.90
CA ILE A 101 1.03 -1.06 3.87
C ILE A 101 -0.18 -0.16 3.65
N TYR A 102 -0.30 0.34 2.43
CA TYR A 102 -1.40 1.21 2.08
C TYR A 102 -2.74 0.61 2.52
N PHE A 103 -3.16 -0.42 1.81
CA PHE A 103 -4.41 -1.09 2.11
C PHE A 103 -4.61 -1.21 3.63
N LEU A 104 -3.53 -1.51 4.31
CA LEU A 104 -3.57 -1.65 5.76
C LEU A 104 -3.94 -0.30 6.39
N TYR A 105 -3.00 0.63 6.30
CA TYR A 105 -3.21 1.95 6.86
C TYR A 105 -4.54 2.54 6.37
N HIS A 106 -4.66 2.66 5.07
CA HIS A 106 -5.87 3.20 4.47
C HIS A 106 -7.10 2.67 5.21
N PHE A 107 -7.27 1.35 5.12
CA PHE A 107 -8.39 0.70 5.78
C PHE A 107 -8.47 1.11 7.25
N GLY A 108 -7.63 0.48 8.05
CA GLY A 108 -7.60 0.77 9.49
C GLY A 108 -7.07 -0.42 10.27
N PHE A 109 -5.85 -0.82 9.95
CA PHE A 109 -5.22 -1.95 10.61
C PHE A 109 -3.84 -1.57 11.16
N LEU A 110 -3.02 -1.02 10.27
CA LEU A 110 -1.68 -0.61 10.65
C LEU A 110 -1.77 0.49 11.71
N LYS A 111 -0.82 0.46 12.63
CA LYS A 111 -0.78 1.45 13.69
C LYS A 111 0.54 2.22 13.62
N ASP A 112 0.56 3.35 14.30
CA ASP A 112 1.75 4.20 14.32
C ASP A 112 1.57 5.30 15.37
N ASN A 113 0.88 4.95 16.44
CA ASN A 113 0.63 5.89 17.51
C ASN A 113 0.14 7.21 16.92
N ASN A 114 0.00 8.20 17.78
CA ASN A 114 -0.47 9.51 17.36
C ASN A 114 -1.85 9.37 16.71
N LYS A 115 -2.55 10.48 16.63
CA LYS A 115 -3.87 10.50 16.03
C LYS A 115 -3.87 11.45 14.83
N LYS A 116 -3.22 12.59 15.01
CA LYS A 116 -3.15 13.58 13.95
C LYS A 116 -2.64 12.92 12.68
N GLN A 117 -2.52 13.73 11.63
CA GLN A 117 -2.04 13.24 10.35
C GLN A 117 -0.90 12.24 10.56
N ILE A 118 -0.96 11.16 9.80
CA ILE A 118 0.06 10.12 9.89
C ILE A 118 0.30 9.53 8.49
N ILE A 119 1.06 8.45 8.47
CA ILE A 119 1.37 7.77 7.22
C ILE A 119 0.13 7.76 6.34
N LYS A 120 -0.96 7.27 6.91
CA LYS A 120 -2.22 7.19 6.19
C LYS A 120 -2.49 8.52 5.50
N LYS A 121 -2.30 9.60 6.26
CA LYS A 121 -2.52 10.93 5.72
C LYS A 121 -1.71 11.10 4.43
N ALA A 122 -0.42 10.83 4.54
CA ALA A 122 0.46 10.96 3.40
C ALA A 122 0.06 9.93 2.34
N TYR A 123 0.22 8.67 2.69
CA TYR A 123 -0.13 7.58 1.79
C TYR A 123 -1.41 7.90 1.02
N GLU A 124 -2.36 8.50 1.73
CA GLU A 124 -3.63 8.86 1.13
C GLU A 124 -3.48 10.11 0.27
N THR A 125 -2.68 11.04 0.78
CA THR A 125 -2.43 12.30 0.07
C THR A 125 -2.06 12.02 -1.38
N ILE A 126 -1.44 10.87 -1.60
CA ILE A 126 -1.01 10.47 -2.93
C ILE A 126 -2.14 9.69 -3.60
N ALA A 127 -2.44 8.54 -3.02
CA ALA A 127 -3.49 7.68 -3.55
C ALA A 127 -4.67 8.55 -4.00
N ASP A 128 -4.81 9.68 -3.32
CA ASP A 128 -5.90 10.60 -3.63
C ASP A 128 -5.45 11.54 -4.76
N ASN A 129 -4.29 12.14 -4.56
CA ASN A 129 -3.75 13.06 -5.55
C ASN A 129 -3.63 12.35 -6.89
N ILE A 130 -3.08 11.15 -6.84
CA ILE A 130 -2.91 10.35 -8.05
C ILE A 130 -4.28 10.13 -8.70
N ALA A 131 -5.26 9.87 -7.85
CA ALA A 131 -6.62 9.64 -8.33
C ALA A 131 -7.19 10.94 -8.89
N ASP A 132 -6.45 12.01 -8.69
CA ASP A 132 -6.87 13.32 -9.17
C ASP A 132 -6.57 13.43 -10.66
N TYR A 133 -5.68 12.57 -11.12
CA TYR A 133 -5.30 12.57 -12.53
C TYR A 133 -5.94 11.39 -13.26
N LEU A 134 -5.94 10.24 -12.59
CA LEU A 134 -6.53 9.04 -13.16
C LEU A 134 -7.91 9.36 -13.73
N ASN A 135 -8.86 9.51 -12.83
CA ASN A 135 -10.22 9.82 -13.22
C ASN A 135 -10.79 8.65 -14.03
N GLU A 136 -11.43 7.74 -13.31
CA GLU A 136 -12.02 6.57 -13.94
C GLU A 136 -12.84 5.77 -12.91
N ASN A 137 -13.99 6.34 -12.58
CA ASN A 137 -14.88 5.70 -11.62
C ASN A 137 -14.08 5.31 -10.37
N MET A 1 10.78 -19.85 -5.60
CA MET A 1 11.79 -20.71 -6.19
C MET A 1 13.16 -20.47 -5.54
N GLU A 2 13.52 -19.20 -5.43
CA GLU A 2 14.79 -18.83 -4.82
C GLU A 2 14.90 -17.31 -4.72
N GLN A 3 15.94 -16.88 -4.03
CA GLN A 3 16.18 -15.46 -3.85
C GLN A 3 15.17 -14.88 -2.85
N ASN A 4 15.70 -14.35 -1.75
CA ASN A 4 14.86 -13.76 -0.73
C ASN A 4 13.89 -14.83 -0.20
N ASN A 5 13.27 -14.51 0.93
CA ASN A 5 12.31 -15.42 1.54
C ASN A 5 11.18 -14.62 2.17
N ILE A 6 11.54 -13.85 3.20
CA ILE A 6 10.57 -13.04 3.90
C ILE A 6 9.88 -12.11 2.90
N LYS A 7 10.58 -11.06 2.52
CA LYS A 7 10.05 -10.09 1.57
C LYS A 7 9.35 -10.84 0.43
N GLU A 8 9.99 -11.90 -0.01
CA GLU A 8 9.44 -12.71 -1.09
C GLU A 8 8.09 -13.29 -0.69
N GLN A 9 8.03 -13.77 0.54
CA GLN A 9 6.80 -14.35 1.06
C GLN A 9 5.67 -13.32 1.01
N LEU A 10 6.04 -12.06 1.21
CA LEU A 10 5.07 -10.99 1.21
C LEU A 10 4.49 -10.84 -0.21
N ILE A 11 5.39 -10.88 -1.18
CA ILE A 11 4.98 -10.75 -2.57
C ILE A 11 3.97 -11.85 -2.90
N SER A 12 4.46 -13.08 -2.93
CA SER A 12 3.60 -14.22 -3.24
C SER A 12 2.24 -14.04 -2.57
N PHE A 13 2.27 -13.90 -1.25
CA PHE A 13 1.05 -13.73 -0.49
C PHE A 13 0.13 -12.69 -1.14
N PHE A 14 0.34 -11.44 -0.75
CA PHE A 14 -0.46 -10.35 -1.29
C PHE A 14 -0.67 -10.53 -2.80
N ASN A 15 0.41 -10.86 -3.48
CA ASN A 15 0.36 -11.06 -4.92
C ASN A 15 -0.83 -11.96 -5.26
N GLN A 16 -1.01 -12.99 -4.44
CA GLN A 16 -2.11 -13.93 -4.64
C GLN A 16 -3.39 -13.40 -3.99
N ALA A 17 -3.65 -12.12 -4.24
CA ALA A 17 -4.84 -11.49 -3.69
C ALA A 17 -5.28 -10.34 -4.61
N CYS A 18 -4.46 -9.29 -4.61
CA CYS A 18 -4.75 -8.13 -5.44
C CYS A 18 -4.70 -8.56 -6.90
N SER A 19 -4.17 -7.67 -7.73
CA SER A 19 -4.05 -7.95 -9.15
C SER A 19 -3.08 -6.96 -9.80
N THR A 20 -1.80 -7.16 -9.50
CA THR A 20 -0.76 -6.30 -10.05
C THR A 20 -1.14 -4.83 -9.87
N HIS A 21 -0.29 -3.95 -10.40
CA HIS A 21 -0.52 -2.53 -10.31
C HIS A 21 -1.99 -2.23 -10.58
N GLN A 22 -2.48 -2.76 -11.70
CA GLN A 22 -3.86 -2.56 -12.09
C GLN A 22 -4.76 -2.51 -10.85
N GLU A 23 -4.60 -3.51 -10.00
CA GLU A 23 -5.38 -3.59 -8.78
C GLU A 23 -5.07 -2.40 -7.87
N ARG A 24 -3.78 -2.18 -7.65
CA ARG A 24 -3.34 -1.08 -6.81
C ARG A 24 -4.08 0.20 -7.18
N LEU A 25 -3.98 0.56 -8.45
CA LEU A 25 -4.64 1.77 -8.94
C LEU A 25 -6.15 1.63 -8.74
N ASP A 26 -6.60 0.39 -8.67
CA ASP A 26 -8.02 0.12 -8.47
C ASP A 26 -8.32 0.05 -6.98
N PHE A 27 -7.25 0.03 -6.20
CA PHE A 27 -7.38 -0.04 -4.75
C PHE A 27 -7.46 1.35 -4.14
N ILE A 28 -6.43 2.14 -4.41
CA ILE A 28 -6.37 3.50 -3.90
C ILE A 28 -7.77 4.15 -3.99
N CYS A 29 -8.52 3.69 -4.99
CA CYS A 29 -9.85 4.20 -5.21
C CYS A 29 -10.83 3.42 -4.33
N SER A 30 -11.02 2.16 -4.69
CA SER A 30 -11.91 1.29 -3.94
C SER A 30 -11.70 1.48 -2.45
N THR A 31 -10.46 1.28 -2.02
CA THR A 31 -10.11 1.43 -0.62
C THR A 31 -10.63 2.76 -0.08
N ARG A 32 -10.66 3.75 -0.97
CA ARG A 32 -11.12 5.08 -0.60
C ARG A 32 -12.65 5.14 -0.67
N GLU A 33 -13.20 4.26 -1.47
CA GLU A 33 -14.65 4.19 -1.64
C GLU A 33 -15.19 2.86 -1.14
N SER A 34 -14.68 2.44 0.00
CA SER A 34 -15.10 1.19 0.61
C SER A 34 -14.85 1.22 2.12
N ASP A 35 -15.82 1.78 2.83
CA ASP A 35 -15.73 1.89 4.27
C ASP A 35 -15.36 0.51 4.85
N THR A 36 -15.88 -0.52 4.20
CA THR A 36 -15.60 -1.88 4.65
C THR A 36 -14.34 -2.42 3.98
N PHE A 37 -14.17 -3.73 4.08
CA PHE A 37 -13.00 -4.38 3.50
C PHE A 37 -13.41 -5.42 2.47
N SER A 38 -14.48 -6.14 2.79
CA SER A 38 -14.99 -7.17 1.91
C SER A 38 -15.47 -6.54 0.60
N SER A 39 -15.57 -5.22 0.60
CA SER A 39 -16.02 -4.49 -0.56
C SER A 39 -14.87 -4.37 -1.57
N VAL A 40 -13.66 -4.25 -1.04
CA VAL A 40 -12.48 -4.13 -1.88
C VAL A 40 -12.39 -5.35 -2.81
N ASP A 41 -11.84 -5.11 -3.98
CA ASP A 41 -11.68 -6.18 -4.96
C ASP A 41 -10.85 -7.30 -4.36
N VAL A 42 -9.67 -6.93 -3.88
CA VAL A 42 -8.77 -7.90 -3.28
C VAL A 42 -9.56 -8.78 -2.31
N PRO A 43 -9.23 -10.10 -2.36
CA PRO A 43 -9.90 -11.07 -1.49
C PRO A 43 -9.38 -10.96 -0.06
N LEU A 44 -10.31 -11.14 0.89
CA LEU A 44 -9.97 -11.06 2.29
C LEU A 44 -9.37 -12.39 2.74
N GLU A 45 -9.49 -13.38 1.87
CA GLU A 45 -8.97 -14.71 2.16
C GLU A 45 -7.45 -14.65 2.34
N PRO A 46 -6.75 -14.21 1.26
CA PRO A 46 -5.30 -14.10 1.29
C PRO A 46 -4.86 -12.89 2.11
N ILE A 47 -5.58 -11.79 1.93
CA ILE A 47 -5.28 -10.57 2.65
C ILE A 47 -5.20 -10.87 4.15
N LYS A 48 -6.12 -11.71 4.60
CA LYS A 48 -6.16 -12.08 6.00
C LYS A 48 -4.88 -12.81 6.37
N ASN A 49 -4.14 -13.20 5.35
CA ASN A 49 -2.89 -13.91 5.56
C ASN A 49 -1.75 -12.90 5.67
N ILE A 50 -1.90 -11.80 4.95
CA ILE A 50 -0.89 -10.75 4.96
C ILE A 50 -1.18 -9.78 6.10
N ILE A 51 -2.38 -9.91 6.65
CA ILE A 51 -2.81 -9.05 7.74
C ILE A 51 -2.06 -9.45 9.02
N GLU A 52 -1.63 -10.71 9.05
CA GLU A 52 -0.92 -11.23 10.20
C GLU A 52 0.58 -10.96 10.06
N ILE A 53 0.89 -9.75 9.59
CA ILE A 53 2.28 -9.35 9.40
C ILE A 53 2.62 -8.23 10.41
N THR A 54 1.65 -7.36 10.61
CA THR A 54 1.83 -6.25 11.54
C THR A 54 1.36 -6.63 12.94
N LYS A 55 1.29 -7.93 13.17
CA LYS A 55 0.86 -8.44 14.46
C LYS A 55 1.85 -8.00 15.55
N ASP A 56 3.06 -8.53 15.44
CA ASP A 56 4.10 -8.21 16.39
C ASP A 56 4.24 -6.69 16.50
N GLU A 57 4.41 -6.23 17.73
CA GLU A 57 4.55 -4.81 17.99
C GLU A 57 5.82 -4.26 17.32
N ASN A 58 6.79 -5.15 17.17
CA ASN A 58 8.05 -4.78 16.55
C ASN A 58 7.83 -4.53 15.06
N GLN A 59 6.91 -5.30 14.49
CA GLN A 59 6.59 -5.16 13.08
C GLN A 59 5.90 -3.83 12.81
N GLN A 60 4.89 -3.55 13.62
CA GLN A 60 4.14 -2.31 13.49
C GLN A 60 5.08 -1.11 13.55
N ILE A 61 6.03 -1.19 14.47
CA ILE A 61 7.00 -0.12 14.65
C ILE A 61 7.90 -0.04 13.41
N GLU A 62 8.50 -1.17 13.07
CA GLU A 62 9.38 -1.23 11.92
C GLU A 62 8.61 -0.88 10.65
N ILE A 63 7.30 -1.12 10.69
CA ILE A 63 6.46 -0.83 9.55
C ILE A 63 6.26 0.68 9.45
N THR A 64 5.95 1.29 10.57
CA THR A 64 5.73 2.72 10.63
C THR A 64 6.86 3.46 9.89
N LYS A 65 8.07 3.22 10.34
CA LYS A 65 9.24 3.84 9.75
C LYS A 65 9.37 3.38 8.29
N ILE A 66 9.28 2.07 8.11
CA ILE A 66 9.38 1.49 6.79
C ILE A 66 8.53 2.30 5.82
N ALA A 67 7.32 2.62 6.26
CA ALA A 67 6.39 3.38 5.45
C ALA A 67 7.03 4.72 5.09
N VAL A 68 7.55 5.39 6.11
CA VAL A 68 8.18 6.68 5.93
C VAL A 68 9.41 6.52 5.04
N ASN A 69 10.01 5.35 5.12
CA ASN A 69 11.20 5.05 4.33
C ASN A 69 10.81 5.01 2.85
N ASN A 70 9.61 4.52 2.59
CA ASN A 70 9.11 4.42 1.24
C ASN A 70 8.38 5.71 0.87
N ILE A 71 7.85 6.36 1.88
CA ILE A 71 7.12 7.61 1.69
C ILE A 71 8.12 8.74 1.45
N LYS A 72 9.11 8.82 2.33
CA LYS A 72 10.13 9.84 2.23
C LYS A 72 10.61 9.93 0.78
N THR A 73 10.58 8.79 0.11
CA THR A 73 11.01 8.71 -1.28
C THR A 73 9.94 9.29 -2.20
N LEU A 74 8.69 9.02 -1.84
CA LEU A 74 7.57 9.49 -2.63
C LEU A 74 7.60 11.02 -2.70
N SER A 75 8.39 11.60 -1.80
CA SER A 75 8.53 13.04 -1.75
C SER A 75 9.57 13.51 -2.78
N SER A 76 9.39 13.03 -4.00
CA SER A 76 10.30 13.38 -5.07
C SER A 76 9.74 12.90 -6.42
N VAL A 77 9.80 11.59 -6.62
CA VAL A 77 9.29 11.00 -7.84
C VAL A 77 9.68 11.90 -9.03
N GLY A 78 10.95 11.86 -9.37
CA GLY A 78 11.45 12.66 -10.48
C GLY A 78 11.80 14.07 -10.02
N ALA A 79 10.88 14.99 -10.29
CA ALA A 79 11.07 16.38 -9.90
C ALA A 79 9.96 16.81 -8.95
N THR A 80 8.75 16.84 -9.47
CA THR A 80 7.60 17.23 -8.68
C THR A 80 6.30 16.86 -9.40
N GLY A 81 5.59 15.90 -8.82
CA GLY A 81 4.34 15.44 -9.39
C GLY A 81 4.56 14.83 -10.77
N GLN A 82 4.28 13.54 -10.87
CA GLN A 82 4.43 12.82 -12.12
C GLN A 82 3.86 11.41 -12.00
N TYR A 83 2.54 11.33 -12.07
CA TYR A 83 1.86 10.05 -11.97
C TYR A 83 2.61 9.11 -11.02
N MET A 84 2.21 9.15 -9.77
CA MET A 84 2.83 8.30 -8.76
C MET A 84 2.76 6.82 -9.16
N ALA A 85 1.66 6.47 -9.79
CA ALA A 85 1.45 5.10 -10.23
C ALA A 85 2.69 4.62 -10.99
N SER A 86 3.22 5.51 -11.81
CA SER A 86 4.40 5.19 -12.60
C SER A 86 5.56 4.81 -11.67
N PHE A 87 5.47 5.30 -10.44
CA PHE A 87 6.50 5.03 -9.45
C PHE A 87 6.17 3.76 -8.66
N PHE A 88 5.90 2.69 -9.40
CA PHE A 88 5.56 1.42 -8.78
C PHE A 88 5.82 0.26 -9.74
N SER A 89 5.47 0.48 -11.00
CA SER A 89 5.67 -0.52 -12.02
C SER A 89 7.06 -1.13 -11.90
N THR A 90 8.06 -0.26 -11.93
CA THR A 90 9.45 -0.69 -11.82
C THR A 90 9.76 -1.16 -10.39
N ASN A 91 9.47 -0.26 -9.45
CA ASN A 91 9.71 -0.57 -8.05
C ASN A 91 8.54 -1.37 -7.49
N SER A 92 8.65 -2.68 -7.61
CA SER A 92 7.60 -3.57 -7.12
C SER A 92 7.86 -3.92 -5.65
N GLU A 93 9.09 -4.31 -5.38
CA GLU A 93 9.48 -4.68 -4.03
C GLU A 93 8.82 -3.74 -3.01
N PRO A 94 8.98 -2.41 -3.26
CA PRO A 94 8.41 -1.41 -2.38
C PRO A 94 6.90 -1.29 -2.60
N ALA A 95 6.52 -1.19 -3.86
CA ALA A 95 5.12 -1.08 -4.21
C ALA A 95 4.32 -2.15 -3.48
N ILE A 96 4.88 -3.35 -3.47
CA ILE A 96 4.23 -4.48 -2.81
C ILE A 96 4.05 -4.16 -1.33
N ILE A 97 5.17 -3.85 -0.69
CA ILE A 97 5.15 -3.52 0.73
C ILE A 97 4.27 -2.30 0.95
N PHE A 98 4.70 -1.18 0.39
CA PHE A 98 3.96 0.07 0.52
C PHE A 98 2.46 -0.18 0.37
N CYS A 99 2.11 -1.01 -0.60
CA CYS A 99 0.72 -1.33 -0.84
C CYS A 99 0.12 -1.90 0.44
N VAL A 100 0.67 -3.03 0.87
CA VAL A 100 0.20 -3.67 2.08
C VAL A 100 0.08 -2.65 3.20
N ILE A 101 1.08 -1.77 3.26
CA ILE A 101 1.10 -0.73 4.27
C ILE A 101 -0.17 0.10 4.17
N TYR A 102 -0.44 0.58 2.97
CA TYR A 102 -1.63 1.38 2.72
C TYR A 102 -2.89 0.60 3.02
N PHE A 103 -3.04 -0.52 2.32
CA PHE A 103 -4.20 -1.37 2.49
C PHE A 103 -4.60 -1.45 3.96
N LEU A 104 -3.62 -1.76 4.80
CA LEU A 104 -3.86 -1.87 6.24
C LEU A 104 -4.32 -0.52 6.78
N TYR A 105 -3.39 0.43 6.80
CA TYR A 105 -3.69 1.76 7.28
C TYR A 105 -5.08 2.21 6.83
N HIS A 106 -5.27 2.21 5.52
CA HIS A 106 -6.55 2.62 4.95
C HIS A 106 -7.68 1.85 5.64
N PHE A 107 -7.61 0.53 5.53
CA PHE A 107 -8.62 -0.32 6.13
C PHE A 107 -8.76 -0.05 7.63
N GLY A 108 -7.66 -0.27 8.34
CA GLY A 108 -7.64 -0.06 9.78
C GLY A 108 -7.03 -1.25 10.51
N PHE A 109 -5.74 -1.45 10.26
CA PHE A 109 -5.02 -2.55 10.89
C PHE A 109 -3.68 -2.07 11.43
N LEU A 110 -2.90 -1.46 10.56
CA LEU A 110 -1.59 -0.96 10.93
C LEU A 110 -1.74 0.06 12.06
N LYS A 111 -0.92 -0.12 13.09
CA LYS A 111 -0.96 0.78 14.23
C LYS A 111 0.30 1.65 14.23
N ASP A 112 0.08 2.96 14.25
CA ASP A 112 1.18 3.90 14.25
C ASP A 112 0.88 5.02 15.26
N ASN A 113 1.65 5.03 16.34
CA ASN A 113 1.49 6.03 17.37
C ASN A 113 2.50 7.16 17.16
N ASN A 114 2.09 8.15 16.38
CA ASN A 114 2.95 9.28 16.10
C ASN A 114 2.12 10.56 16.16
N LYS A 115 1.10 10.62 15.31
CA LYS A 115 0.23 11.78 15.26
C LYS A 115 -1.23 11.32 15.16
N LYS A 116 -1.62 10.98 13.95
CA LYS A 116 -2.98 10.52 13.70
C LYS A 116 -3.12 10.14 12.23
N GLN A 117 -2.48 10.93 11.38
CA GLN A 117 -2.52 10.69 9.95
C GLN A 117 -1.13 10.43 9.40
N ILE A 118 -0.25 11.41 9.64
CA ILE A 118 1.13 11.31 9.18
C ILE A 118 1.17 10.49 7.88
N ILE A 119 1.52 9.22 8.04
CA ILE A 119 1.60 8.32 6.91
C ILE A 119 0.24 8.27 6.21
N LYS A 120 -0.74 7.75 6.92
CA LYS A 120 -2.09 7.63 6.39
C LYS A 120 -2.41 8.89 5.57
N LYS A 121 -1.82 10.00 5.99
CA LYS A 121 -2.04 11.27 5.33
C LYS A 121 -1.31 11.26 3.98
N ALA A 122 0.01 11.22 4.06
CA ALA A 122 0.83 11.20 2.86
C ALA A 122 0.32 10.12 1.92
N TYR A 123 0.45 8.87 2.37
CA TYR A 123 0.02 7.74 1.58
C TYR A 123 -1.28 8.06 0.83
N GLU A 124 -2.25 8.58 1.58
CA GLU A 124 -3.54 8.94 1.01
C GLU A 124 -3.39 10.14 0.08
N THR A 125 -2.51 11.05 0.47
CA THR A 125 -2.26 12.25 -0.30
C THR A 125 -1.97 11.90 -1.75
N ILE A 126 -1.42 10.70 -1.94
CA ILE A 126 -1.08 10.22 -3.27
C ILE A 126 -2.27 9.44 -3.84
N ALA A 127 -2.62 8.37 -3.14
CA ALA A 127 -3.73 7.53 -3.57
C ALA A 127 -4.85 8.42 -4.14
N ASP A 128 -4.95 9.62 -3.58
CA ASP A 128 -5.96 10.56 -4.01
C ASP A 128 -5.41 11.38 -5.19
N ASN A 129 -4.37 12.14 -4.90
CA ASN A 129 -3.74 12.97 -5.92
C ASN A 129 -3.59 12.16 -7.21
N ILE A 130 -3.06 10.95 -7.05
CA ILE A 130 -2.84 10.08 -8.19
C ILE A 130 -4.17 9.90 -8.94
N ALA A 131 -5.24 9.82 -8.16
CA ALA A 131 -6.57 9.65 -8.73
C ALA A 131 -6.99 10.95 -9.43
N ASP A 132 -6.16 11.96 -9.28
CA ASP A 132 -6.45 13.26 -9.87
C ASP A 132 -5.99 13.24 -11.33
N TYR A 133 -4.99 12.42 -11.60
CA TYR A 133 -4.45 12.31 -12.95
C TYR A 133 -5.14 11.17 -13.71
N LEU A 134 -5.45 10.11 -12.97
CA LEU A 134 -6.10 8.96 -13.57
C LEU A 134 -7.36 9.41 -14.32
N ASN A 135 -8.44 9.55 -13.56
CA ASN A 135 -9.70 9.98 -14.14
C ASN A 135 -10.75 10.08 -13.04
N GLU A 136 -11.39 8.95 -12.77
CA GLU A 136 -12.42 8.90 -11.74
C GLU A 136 -12.24 7.66 -10.87
N ASN A 137 -10.99 7.23 -10.76
CA ASN A 137 -10.66 6.05 -9.96
C ASN A 137 -9.15 5.85 -9.95
N MET A 1 10.30 -12.46 -8.61
CA MET A 1 10.59 -11.55 -7.50
C MET A 1 12.00 -10.96 -7.64
N GLU A 2 12.39 -10.22 -6.62
CA GLU A 2 13.71 -9.59 -6.62
C GLU A 2 14.71 -10.49 -5.88
N GLN A 3 14.67 -10.42 -4.56
CA GLN A 3 15.58 -11.21 -3.74
C GLN A 3 15.41 -10.83 -2.27
N ASN A 4 15.10 -11.84 -1.46
CA ASN A 4 14.92 -11.63 -0.04
C ASN A 4 14.09 -12.77 0.55
N ASN A 5 13.97 -12.76 1.86
CA ASN A 5 13.20 -13.78 2.55
C ASN A 5 11.84 -13.22 2.95
N ILE A 6 11.88 -12.20 3.79
CA ILE A 6 10.66 -11.57 4.25
C ILE A 6 9.98 -10.85 3.08
N LYS A 7 10.56 -9.71 2.72
CA LYS A 7 10.02 -8.92 1.62
C LYS A 7 9.54 -9.86 0.51
N GLU A 8 10.41 -10.81 0.16
CA GLU A 8 10.09 -11.77 -0.89
C GLU A 8 8.76 -12.45 -0.59
N GLN A 9 8.68 -13.05 0.60
CA GLN A 9 7.47 -13.73 1.02
C GLN A 9 6.26 -12.81 0.87
N LEU A 10 6.41 -11.59 1.39
CA LEU A 10 5.35 -10.61 1.33
C LEU A 10 4.78 -10.58 -0.09
N ILE A 11 5.53 -9.95 -0.98
CA ILE A 11 5.11 -9.83 -2.37
C ILE A 11 4.20 -11.01 -2.72
N SER A 12 4.73 -12.21 -2.53
CA SER A 12 3.99 -13.42 -2.82
C SER A 12 2.51 -13.20 -2.54
N PHE A 13 2.23 -12.80 -1.30
CA PHE A 13 0.86 -12.55 -0.89
C PHE A 13 0.19 -11.52 -1.79
N PHE A 14 -0.69 -10.73 -1.19
CA PHE A 14 -1.40 -9.70 -1.93
C PHE A 14 -1.36 -9.97 -3.43
N ASN A 15 -0.15 -9.94 -3.97
CA ASN A 15 0.04 -10.19 -5.39
C ASN A 15 -0.75 -11.42 -5.81
N GLN A 16 -0.77 -12.41 -4.91
CA GLN A 16 -1.50 -13.64 -5.17
C GLN A 16 -3.00 -13.41 -5.05
N ALA A 17 -3.36 -12.47 -4.18
CA ALA A 17 -4.76 -12.15 -3.97
C ALA A 17 -5.34 -11.54 -5.25
N CYS A 18 -4.93 -10.31 -5.53
CA CYS A 18 -5.40 -9.62 -6.70
C CYS A 18 -5.04 -10.46 -7.94
N SER A 19 -5.09 -9.81 -9.09
CA SER A 19 -4.77 -10.47 -10.34
C SER A 19 -3.98 -9.54 -11.25
N THR A 20 -4.70 -8.76 -12.03
CA THR A 20 -4.08 -7.82 -12.94
C THR A 20 -3.13 -6.89 -12.18
N HIS A 21 -2.51 -5.98 -12.93
CA HIS A 21 -1.58 -5.03 -12.34
C HIS A 21 -2.35 -3.79 -11.89
N GLN A 22 -3.16 -3.28 -12.79
CA GLN A 22 -3.95 -2.09 -12.49
C GLN A 22 -4.67 -2.25 -11.16
N GLU A 23 -4.87 -3.50 -10.77
CA GLU A 23 -5.54 -3.80 -9.52
C GLU A 23 -5.09 -2.83 -8.43
N ARG A 24 -3.80 -2.54 -8.43
CA ARG A 24 -3.23 -1.63 -7.46
C ARG A 24 -3.93 -0.27 -7.53
N LEU A 25 -3.79 0.37 -8.68
CA LEU A 25 -4.40 1.67 -8.90
C LEU A 25 -5.90 1.59 -8.60
N ASP A 26 -6.40 0.37 -8.63
CA ASP A 26 -7.81 0.14 -8.37
C ASP A 26 -8.04 0.08 -6.86
N PHE A 27 -7.00 -0.37 -6.15
CA PHE A 27 -7.08 -0.48 -4.71
C PHE A 27 -7.11 0.91 -4.05
N ILE A 28 -5.98 1.59 -4.16
CA ILE A 28 -5.86 2.93 -3.59
C ILE A 28 -7.20 3.65 -3.72
N CYS A 29 -7.88 3.38 -4.82
CA CYS A 29 -9.17 4.00 -5.07
C CYS A 29 -10.26 3.18 -4.37
N SER A 30 -10.35 1.92 -4.77
CA SER A 30 -11.33 1.01 -4.19
C SER A 30 -11.33 1.17 -2.66
N THR A 31 -10.13 1.20 -2.10
CA THR A 31 -9.98 1.33 -0.66
C THR A 31 -10.80 2.52 -0.16
N ARG A 32 -10.86 3.55 -0.98
CA ARG A 32 -11.60 4.76 -0.63
C ARG A 32 -13.03 4.68 -1.17
N GLU A 33 -13.38 3.49 -1.65
CA GLU A 33 -14.72 3.27 -2.19
C GLU A 33 -15.21 1.87 -1.82
N SER A 34 -15.22 1.60 -0.53
CA SER A 34 -15.68 0.32 -0.03
C SER A 34 -15.82 0.36 1.49
N ASP A 35 -17.02 0.70 1.93
CA ASP A 35 -17.30 0.78 3.35
C ASP A 35 -16.82 -0.49 4.04
N THR A 36 -16.74 -1.56 3.25
CA THR A 36 -16.30 -2.84 3.77
C THR A 36 -14.99 -3.26 3.10
N PHE A 37 -14.64 -4.53 3.30
CA PHE A 37 -13.42 -5.06 2.74
C PHE A 37 -13.72 -6.13 1.67
N SER A 38 -14.92 -6.67 1.76
CA SER A 38 -15.35 -7.70 0.83
C SER A 38 -15.77 -7.06 -0.50
N SER A 39 -15.71 -5.73 -0.53
CA SER A 39 -16.07 -4.99 -1.72
C SER A 39 -14.83 -4.76 -2.59
N VAL A 40 -13.72 -4.46 -1.92
CA VAL A 40 -12.47 -4.22 -2.62
C VAL A 40 -12.19 -5.37 -3.57
N ASP A 41 -11.57 -5.03 -4.69
CA ASP A 41 -11.23 -6.04 -5.70
C ASP A 41 -10.09 -6.91 -5.17
N VAL A 42 -10.41 -7.72 -4.18
CA VAL A 42 -9.43 -8.62 -3.59
C VAL A 42 -10.11 -9.51 -2.55
N PRO A 43 -9.66 -10.79 -2.53
CA PRO A 43 -10.22 -11.77 -1.59
C PRO A 43 -9.71 -11.52 -0.18
N LEU A 44 -10.54 -11.88 0.79
CA LEU A 44 -10.20 -11.71 2.19
C LEU A 44 -9.31 -12.87 2.64
N GLU A 45 -9.67 -14.06 2.18
CA GLU A 45 -8.92 -15.25 2.53
C GLU A 45 -7.43 -14.92 2.63
N PRO A 46 -6.88 -14.39 1.50
CA PRO A 46 -5.47 -14.05 1.46
C PRO A 46 -5.20 -12.75 2.24
N ILE A 47 -5.97 -11.73 1.90
CA ILE A 47 -5.83 -10.44 2.56
C ILE A 47 -5.70 -10.66 4.07
N LYS A 48 -6.69 -11.34 4.62
CA LYS A 48 -6.70 -11.62 6.05
C LYS A 48 -5.33 -12.13 6.48
N ASN A 49 -4.63 -12.73 5.52
CA ASN A 49 -3.30 -13.26 5.79
C ASN A 49 -2.30 -12.10 5.87
N ILE A 50 -2.48 -11.14 4.97
CA ILE A 50 -1.60 -9.98 4.94
C ILE A 50 -1.98 -9.03 6.07
N ILE A 51 -3.01 -9.42 6.81
CA ILE A 51 -3.48 -8.60 7.92
C ILE A 51 -2.82 -9.09 9.22
N GLU A 52 -2.42 -10.35 9.20
CA GLU A 52 -1.78 -10.95 10.35
C GLU A 52 -0.26 -10.77 10.27
N ILE A 53 0.14 -9.69 9.61
CA ILE A 53 1.55 -9.40 9.45
C ILE A 53 1.98 -8.35 10.48
N THR A 54 1.05 -7.46 10.78
CA THR A 54 1.31 -6.40 11.75
C THR A 54 0.74 -6.79 13.11
N LYS A 55 0.59 -8.08 13.31
CA LYS A 55 0.07 -8.60 14.56
C LYS A 55 1.03 -8.23 15.70
N ASP A 56 2.29 -8.64 15.52
CA ASP A 56 3.31 -8.36 16.52
C ASP A 56 3.56 -6.85 16.58
N GLU A 57 4.11 -6.42 17.70
CA GLU A 57 4.41 -5.01 17.90
C GLU A 57 5.76 -4.66 17.26
N ASN A 58 6.61 -5.67 17.16
CA ASN A 58 7.93 -5.48 16.58
C ASN A 58 7.79 -5.30 15.07
N GLN A 59 6.61 -5.63 14.57
CA GLN A 59 6.34 -5.51 13.15
C GLN A 59 5.80 -4.11 12.83
N GLN A 60 4.76 -3.73 13.56
CA GLN A 60 4.15 -2.42 13.35
C GLN A 60 5.21 -1.32 13.43
N ILE A 61 6.17 -1.52 14.33
CA ILE A 61 7.24 -0.56 14.51
C ILE A 61 8.09 -0.49 13.24
N GLU A 62 8.74 -1.61 12.94
CA GLU A 62 9.58 -1.69 11.76
C GLU A 62 8.76 -1.36 10.51
N ILE A 63 7.46 -1.59 10.61
CA ILE A 63 6.57 -1.31 9.49
C ILE A 63 6.42 0.20 9.32
N THR A 64 6.16 0.87 10.43
CA THR A 64 6.00 2.31 10.41
C THR A 64 7.15 2.97 9.64
N LYS A 65 8.36 2.74 10.14
CA LYS A 65 9.54 3.30 9.53
C LYS A 65 9.66 2.77 8.09
N ILE A 66 9.35 1.49 7.94
CA ILE A 66 9.42 0.86 6.63
C ILE A 66 8.52 1.62 5.65
N ALA A 67 7.37 2.04 6.16
CA ALA A 67 6.42 2.78 5.34
C ALA A 67 7.07 4.09 4.86
N VAL A 68 7.75 4.73 5.80
CA VAL A 68 8.43 5.99 5.49
C VAL A 68 9.50 5.74 4.43
N ASN A 69 10.08 4.55 4.49
CA ASN A 69 11.11 4.18 3.54
C ASN A 69 10.63 4.46 2.12
N ASN A 70 9.32 4.50 1.98
CA ASN A 70 8.71 4.76 0.68
C ASN A 70 8.35 6.24 0.58
N ILE A 71 7.85 6.78 1.68
CA ILE A 71 7.48 8.18 1.72
C ILE A 71 8.71 9.05 1.49
N LYS A 72 9.75 8.78 2.28
CA LYS A 72 10.99 9.53 2.16
C LYS A 72 11.47 9.49 0.71
N THR A 73 11.33 8.32 0.10
CA THR A 73 11.75 8.14 -1.27
C THR A 73 10.76 8.81 -2.23
N LEU A 74 9.50 8.80 -1.81
CA LEU A 74 8.44 9.40 -2.62
C LEU A 74 8.72 10.90 -2.78
N SER A 75 9.63 11.39 -1.95
CA SER A 75 9.99 12.80 -1.98
C SER A 75 11.14 13.02 -2.95
N SER A 76 11.10 12.28 -4.05
CA SER A 76 12.14 12.38 -5.07
C SER A 76 11.71 11.63 -6.33
N VAL A 77 10.40 11.63 -6.57
CA VAL A 77 9.86 10.95 -7.73
C VAL A 77 9.80 11.94 -8.90
N GLY A 78 10.45 11.55 -9.99
CA GLY A 78 10.47 12.38 -11.18
C GLY A 78 10.90 13.81 -10.84
N ALA A 79 10.03 14.75 -11.21
CA ALA A 79 10.31 16.15 -10.94
C ALA A 79 9.03 16.96 -11.16
N THR A 80 8.55 16.95 -12.40
CA THR A 80 7.34 17.67 -12.74
C THR A 80 6.16 16.71 -12.85
N GLY A 81 5.78 16.14 -11.72
CA GLY A 81 4.68 15.21 -11.67
C GLY A 81 5.17 13.79 -11.42
N GLN A 82 4.90 12.92 -12.38
CA GLN A 82 5.32 11.53 -12.28
C GLN A 82 4.54 10.83 -11.15
N TYR A 83 3.37 10.32 -11.51
CA TYR A 83 2.54 9.63 -10.55
C TYR A 83 3.25 8.39 -9.99
N MET A 84 3.10 8.21 -8.68
CA MET A 84 3.73 7.08 -8.02
C MET A 84 3.38 5.76 -8.72
N ALA A 85 2.30 5.81 -9.49
CA ALA A 85 1.86 4.63 -10.23
C ALA A 85 2.92 4.25 -11.26
N SER A 86 3.41 5.27 -11.96
CA SER A 86 4.42 5.05 -12.98
C SER A 86 5.67 4.41 -12.35
N PHE A 87 6.05 4.94 -11.19
CA PHE A 87 7.21 4.44 -10.49
C PHE A 87 6.94 3.05 -9.91
N PHE A 88 5.66 2.72 -9.82
CA PHE A 88 5.25 1.43 -9.29
C PHE A 88 5.80 0.28 -10.15
N SER A 89 5.97 0.57 -11.43
CA SER A 89 6.49 -0.42 -12.36
C SER A 89 7.99 -0.62 -12.13
N THR A 90 8.71 0.48 -12.22
CA THR A 90 10.16 0.45 -12.03
C THR A 90 10.49 0.09 -10.57
N ASN A 91 9.65 0.58 -9.68
CA ASN A 91 9.85 0.34 -8.26
C ASN A 91 8.57 -0.29 -7.68
N SER A 92 8.35 -1.54 -8.06
CA SER A 92 7.18 -2.26 -7.59
C SER A 92 7.46 -2.86 -6.21
N GLU A 93 8.72 -3.21 -5.99
CA GLU A 93 9.14 -3.79 -4.72
C GLU A 93 8.55 -2.99 -3.55
N PRO A 94 8.88 -1.67 -3.54
CA PRO A 94 8.40 -0.79 -2.49
C PRO A 94 6.92 -0.44 -2.70
N ALA A 95 6.59 -0.16 -3.95
CA ALA A 95 5.23 0.19 -4.30
C ALA A 95 4.29 -0.95 -3.91
N ILE A 96 4.90 -2.13 -3.72
CA ILE A 96 4.14 -3.31 -3.35
C ILE A 96 3.88 -3.29 -1.84
N ILE A 97 4.96 -3.41 -1.09
CA ILE A 97 4.87 -3.41 0.36
C ILE A 97 3.95 -2.27 0.81
N PHE A 98 4.20 -1.10 0.23
CA PHE A 98 3.41 0.08 0.57
C PHE A 98 1.92 -0.16 0.27
N CYS A 99 1.66 -0.65 -0.93
CA CYS A 99 0.30 -0.92 -1.34
C CYS A 99 -0.44 -1.56 -0.18
N VAL A 100 0.24 -2.49 0.48
CA VAL A 100 -0.34 -3.19 1.61
C VAL A 100 -0.36 -2.25 2.82
N ILE A 101 0.79 -1.69 3.12
CA ILE A 101 0.92 -0.77 4.25
C ILE A 101 -0.25 0.22 4.22
N TYR A 102 -0.61 0.63 3.00
CA TYR A 102 -1.70 1.56 2.82
C TYR A 102 -3.04 0.92 3.18
N PHE A 103 -3.46 -0.01 2.33
CA PHE A 103 -4.72 -0.71 2.54
C PHE A 103 -4.97 -0.94 4.03
N LEU A 104 -3.91 -1.37 4.71
CA LEU A 104 -4.01 -1.65 6.13
C LEU A 104 -4.45 -0.37 6.86
N TYR A 105 -3.55 0.61 6.87
CA TYR A 105 -3.84 1.87 7.52
C TYR A 105 -5.24 2.37 7.18
N HIS A 106 -5.48 2.54 5.89
CA HIS A 106 -6.77 3.01 5.42
C HIS A 106 -7.88 2.24 6.13
N PHE A 107 -7.76 0.92 6.10
CA PHE A 107 -8.74 0.05 6.72
C PHE A 107 -8.67 0.16 8.25
N GLY A 108 -7.51 0.61 8.73
CA GLY A 108 -7.31 0.77 10.16
C GLY A 108 -6.82 -0.54 10.79
N PHE A 109 -5.59 -0.90 10.44
CA PHE A 109 -5.00 -2.12 10.97
C PHE A 109 -3.67 -1.83 11.65
N LEU A 110 -2.78 -1.17 10.90
CA LEU A 110 -1.47 -0.83 11.42
C LEU A 110 -1.63 0.09 12.63
N LYS A 111 -0.64 0.05 13.51
CA LYS A 111 -0.65 0.86 14.71
C LYS A 111 -0.10 2.25 14.38
N ASP A 112 -0.98 3.24 14.40
CA ASP A 112 -0.60 4.60 14.11
C ASP A 112 -1.01 5.51 15.28
N ASN A 113 0.00 6.08 15.92
CA ASN A 113 -0.24 6.95 17.05
C ASN A 113 -1.12 8.12 16.60
N ASN A 114 -2.05 8.49 17.47
CA ASN A 114 -2.96 9.59 17.17
C ASN A 114 -2.20 10.90 17.28
N LYS A 115 -2.14 11.61 16.15
CA LYS A 115 -1.45 12.88 16.10
C LYS A 115 -1.71 13.54 14.75
N LYS A 116 -0.91 14.56 14.46
CA LYS A 116 -1.04 15.27 13.20
C LYS A 116 -0.86 14.31 12.03
N GLN A 117 -0.72 14.87 10.84
CA GLN A 117 -0.54 14.07 9.65
C GLN A 117 0.52 12.99 9.88
N ILE A 118 0.23 11.80 9.41
CA ILE A 118 1.15 10.69 9.55
C ILE A 118 1.20 9.89 8.24
N ILE A 119 1.82 8.72 8.32
CA ILE A 119 1.96 7.87 7.16
C ILE A 119 0.63 7.85 6.39
N LYS A 120 -0.38 7.28 7.03
CA LYS A 120 -1.70 7.19 6.42
C LYS A 120 -2.01 8.51 5.70
N LYS A 121 -1.81 9.60 6.42
CA LYS A 121 -2.07 10.92 5.86
C LYS A 121 -1.30 11.06 4.54
N ALA A 122 -0.01 10.78 4.60
CA ALA A 122 0.84 10.88 3.43
C ALA A 122 0.37 9.86 2.39
N TYR A 123 0.50 8.59 2.75
CA TYR A 123 0.10 7.51 1.86
C TYR A 123 -1.26 7.81 1.22
N GLU A 124 -2.08 8.54 1.96
CA GLU A 124 -3.40 8.90 1.48
C GLU A 124 -3.31 10.07 0.51
N THR A 125 -2.39 10.98 0.81
CA THR A 125 -2.20 12.16 -0.01
C THR A 125 -1.79 11.75 -1.43
N ILE A 126 -1.22 10.56 -1.53
CA ILE A 126 -0.77 10.03 -2.81
C ILE A 126 -1.86 9.13 -3.39
N ALA A 127 -2.19 8.10 -2.62
CA ALA A 127 -3.21 7.15 -3.04
C ALA A 127 -4.40 7.92 -3.63
N ASP A 128 -4.57 9.15 -3.15
CA ASP A 128 -5.65 9.99 -3.63
C ASP A 128 -5.18 10.79 -4.84
N ASN A 129 -4.13 11.57 -4.63
CA ASN A 129 -3.57 12.38 -5.69
C ASN A 129 -3.37 11.53 -6.94
N ILE A 130 -2.80 10.35 -6.72
CA ILE A 130 -2.55 9.43 -7.81
C ILE A 130 -3.86 9.15 -8.55
N ALA A 131 -4.96 9.29 -7.82
CA ALA A 131 -6.27 9.06 -8.39
C ALA A 131 -6.73 10.32 -9.15
N ASP A 132 -5.81 11.27 -9.25
CA ASP A 132 -6.10 12.51 -9.94
C ASP A 132 -6.09 12.26 -11.46
N TYR A 133 -5.19 11.38 -11.87
CA TYR A 133 -5.07 11.04 -13.27
C TYR A 133 -5.70 9.68 -13.58
N LEU A 134 -6.37 9.13 -12.56
CA LEU A 134 -7.02 7.85 -12.71
C LEU A 134 -8.12 7.95 -13.75
N ASN A 135 -9.25 8.51 -13.32
CA ASN A 135 -10.39 8.67 -14.21
C ASN A 135 -11.13 9.96 -13.85
N GLU A 136 -11.52 10.05 -12.58
CA GLU A 136 -12.24 11.22 -12.11
C GLU A 136 -12.38 11.16 -10.58
N ASN A 137 -11.28 10.80 -9.93
CA ASN A 137 -11.27 10.70 -8.48
C ASN A 137 -12.20 9.58 -8.04
#